data_9GU2
#
_entry.id   9GU2
#
_cell.length_a   1.00
_cell.length_b   1.00
_cell.length_c   1.00
_cell.angle_alpha   90.00
_cell.angle_beta   90.00
_cell.angle_gamma   90.00
#
_symmetry.space_group_name_H-M   'P 1'
#
loop_
_entity.id
_entity.type
_entity.pdbx_description
1 polymer 'Acetylcholine receptor subunit alpha'
2 polymer 'Acetylcholine receptor subunit beta'
3 polymer 'Acetylcholine receptor subunit delta'
4 polymer 'Acetylcholine receptor subunit epsilon,Green fluorescent protein'
5 polymer 'Fab35 light chain'
6 polymer 'Fab35 heavy chain'
7 branched alpha-D-mannopyranose-(1-3)-[alpha-D-mannopyranose-(1-6)]alpha-D-mannopyranose-(1-6)-[alpha-D-mannopyranose-(1-3)]beta-D-mannopyranose-(1-4)-2-acetamido-2-deoxy-beta-D-glucopyranose-(1-4)-2-acetamido-2-deoxy-beta-D-glucopyranose
8 branched alpha-D-mannopyranose-(1-6)-beta-D-mannopyranose-(1-4)-2-acetamido-2-deoxy-beta-D-glucopyranose-(1-4)-2-acetamido-2-deoxy-beta-D-glucopyranose
9 branched 2-acetamido-2-deoxy-beta-D-glucopyranose-(1-2)-alpha-D-mannopyranose-(1-3)-[alpha-D-mannopyranose-(1-3)-alpha-D-mannopyranose-(1-6)]beta-D-mannopyranose-(1-4)-2-acetamido-2-deoxy-beta-D-glucopyranose-(1-4)-2-acetamido-2-deoxy-beta-D-glucopyranose
10 branched 2-acetamido-2-deoxy-beta-D-glucopyranose-(1-4)-2-acetamido-2-deoxy-beta-D-glucopyranose
11 non-polymer ACETYLCHOLINE
12 non-polymer 2-acetamido-2-deoxy-beta-D-glucopyranose
13 non-polymer 'COPPER (II) ION'
14 water water
#
loop_
_entity_poly.entity_id
_entity_poly.type
_entity_poly.pdbx_seq_one_letter_code
_entity_poly.pdbx_strand_id
1 'polypeptide(L)'
;SEHETRLVAKLFKDYSSVVRPVEDHRQVVEVTVGLQLIQLINVDEVNQIVTTNVRLKQQWVDYNLKWNPDDYGGVKKIHI
PSEKIWRPDLVLYNNADGDFAIVKFTKVLLQYTGHITWTPPAIFKSYCEIIVTHFPFDEQNCSMKLGTWTYDGSVVAINP
ESDQPDLSNFMESGEWVIKESRGWKHSVTYSCCPDTPYLDITYHFVMQRLPLYFIVNVIIPCLLFSFLTGLVFYLPTDSG
EKMTLSISVLLSLTVFLLVIVELIPSTSSAVPLIGKYMLFTMVFVIASIIITVIVINTHHRSPSTHVMPNWVRKVFIDTI
PNIMFFSTMKRPSREKQDKKIFTEDIDISDISGKPGPPPMGFHSPLIKHPEVKSAIEGIKYIAETMKSDQESNNAAAEWK
YVAMVMDHILLGVFMLVCIIGTLAVFAGRLIELNQQG
;
A,L
2 'polypeptide(L)'
;SEAEGRLREKLFSGYDSSVRPAREVGDRVRVSVGLILAQLISLNEKDEEMSTKVYLDLEWTDYRLSWDPAEHDGIDSLRI
TAESVWLPDVVLLNNNDGNFDVALDISVVVSSDGSVRWQPPGIYRSSCSIQVTYFPFDWQNCTMVFSSYSYDSSEVSLQT
GLGPDGQGHQEIHIHEGTFIENGQWEIIHKPSRLIQPPGDPRGGREGQRQEVIFYLIIRRKPLFYLVNVIAPCILITLLA
IFVFYLPPDAGEKMGLSIFALLTLTVFLLLLADKVPETSLSVPIIIKYLMFTMVLVTFSVILSVVVLNLHHRSPHTHQMP
LWVRQIFIHKLPLYLRLKRPKPERDLMPEPPHCSSPGSGWGRGTDEYFIRKPPSDFLFPKPNRFQPELSAPDLRRFIDGP
NRAVALLPELREVVSSISYIARQLQEQEDHDALKEDWQFVAMVVDRLFLWTFIIFTSVGTLVIFLDATYHLPPPDPFP
;
B
3 'polypeptide(L)'
;LNEEERLIRHLFQEKGYNKELRPVAHKEESVDVALALTLSNLISLKEVEETLTTNVWIEHGWTDNRLKWNAEEFGNISVL
RLPPDMVWLPEIVLENNNDGSFQISYSCNVLVYHYGFVYWLPPAIFRSSCPISVTYFPFDWQNCSLKFSSLKYTAKEITL
SLKQDAKENRTYPVEWIIIDPEGFTENGEWEIVHRPARVNVDPRAPLDSPSRQDITFYLIIRRKPLFYIINILVPCVLIS
FMVNLVFYLPADSGEKTSVAISVLLAQSVFLLLISKRLPATSMAIPLIGKFLLFGMVLVTMVVVICVIVLNIHFRTPSTH
VLSEGVKKLFLETLPELLHMSRPAEDGPSPGALVRRSSSLGYISKAEEYFLLKSRSDLMFEKQSERHGLARRLTTARRPP
ASSEQAQQELFNELKPAVDGANFIVNHMRDQNNYNEEKDSWNRVARTVDRLCLFVVTPVMVVGTAWIFLQGVYNQPPPQP
FPGDPYSYNVQDKRFI
;
D
4 'polypeptide(L)'
;KNEELRLYHHLFNNYDPGSRPVREPEDTVTISLKVTLTNLISLNEKEETLTTSVWIGIDWQDYRLNYSKDDFGGIETLRV
PSELVWLPEIVLENNIDGQFGVAYDANVLVYEGGSVTWLPPAIYRSVCAVEVTYFPFDWQNCSLIFRSQTYNAEEVEFTF
AVDNDGKTINKIDIDTEAYTENGEWAIDFCPGVIRRHHGGATDGPGETDVIYSLIIRRKPLFYVINIIVPCVLISGLVLL
AYFLPAQAGGQKCTVSINVLLAQTVFLFLIAQKIPETSLSVPLLGRFLIFVMVVATLIVMNCVIVLNVSQRTPTTHAMSP
RLRHVLLELLPRLLGSPPPPEAPRAPPVATMVSKGEELFTGVVPILVELDGDVNGHKFSVSGEGEGDATYGKLTLKFICT
TGKLPVPWPTLVTTLTYGVQCFSRYPDHMKQHDFFKSAMPEGYVQERTIFFKDDGNYKTRAEVKFEGDTLVNRIELKGID
FKEDGNILGHKLEYNYNSHNVYIMADKQKNGIKVNFKIRHNIEDGSVQLADHYQQNTPIGDGPVLLPDNHYLSTQSALSK
DPNEKRDHMVLLEFVTAAGITLGMDELYKAPRAASPPRRASSVGLLLRAEELILKKPRSELVFEGQRHRQGTWTAAFCQS
LGAAAPEVRCCVDAVNFVAESTRDQEATGEEVSDWVRMGNALDNICFWAALVLFSVGSSLIFLGAYFNRVPDLPYAPCIQ
P
;
E
5 'polypeptide(L)'
;DIVITQSPSLLSASVGDRVTLTCKGSQNIDNYLAWYQQKLGEAPKLLIYKTNSLQTGIPSRFSGSGSGTDYTLTISSLHS
EDLATYYCYQYINGYTFGTGTKLELKRADAAPTVSIFPPSTEQLATGGASVVCLMNNFYPRDISVKWKIDGTERRDGVLD
SVTDQDSKDSTYSMSSTLSLTKADYESHNLYTCEVVHKTSSSPVVKSFNRNEC
;
C,G
6 'polypeptide(L)'
;EVQLQESGPGLVQPSETLSLTCTVSGFSLTSYSVSWLRQPSGKGPEWMGRMWDDGGTVYNSGLKSRLSISRDTSKNQVFL
KMNSLQTDDTGTYYCTRDERIRAINWFAYWGQGTLVTVSSAETTAPSVYPLAPGTALKSNSMVTLGCLVKGYFPEPVTVT
WNSGALSSGVHTFPAVLQSGLYTLTSSVTVPSSTWPSQTVTCNVAHPGQQHQRWTRKLC
;
F,H
#
loop_
_chem_comp.id
_chem_comp.type
_chem_comp.name
_chem_comp.formula
ACH non-polymer ACETYLCHOLINE 'C7 H16 N O2 1'
BMA D-saccharide, beta linking beta-D-mannopyranose 'C6 H12 O6'
CU non-polymer 'COPPER (II) ION' 'Cu 2'
MAN D-saccharide, alpha linking alpha-D-mannopyranose 'C6 H12 O6'
NAG D-saccharide, beta linking 2-acetamido-2-deoxy-beta-D-glucopyranose 'C8 H15 N O6'
#
# COMPACT_ATOMS: atom_id res chain seq x y z
N SER A 1 -2.60 23.96 -23.33
N SER A 1 -1.89 28.67 -25.56
CA SER A 1 -2.34 25.37 -23.08
CA SER A 1 -1.98 27.24 -25.85
C SER A 1 -0.86 25.63 -22.91
C SER A 1 -0.80 26.50 -25.23
N GLU A 2 -0.25 26.28 -23.91
N GLU A 2 0.16 27.27 -24.70
CA GLU A 2 1.16 26.60 -23.85
CA GLU A 2 1.34 26.69 -24.06
C GLU A 2 1.48 27.50 -22.65
C GLU A 2 1.64 27.43 -22.76
N HIS A 3 0.62 28.49 -22.40
N HIS A 3 0.75 28.36 -22.40
CA HIS A 3 0.80 29.35 -21.24
CA HIS A 3 1.00 29.24 -21.26
C HIS A 3 0.78 28.54 -19.94
C HIS A 3 0.80 28.52 -19.92
N GLU A 4 -0.25 27.69 -19.79
CA GLU A 4 -0.37 26.90 -18.57
C GLU A 4 0.76 25.89 -18.43
N THR A 5 1.21 25.31 -19.54
CA THR A 5 2.35 24.38 -19.47
C THR A 5 3.62 25.11 -19.05
N ARG A 6 3.86 26.29 -19.60
CA ARG A 6 5.03 27.08 -19.20
C ARG A 6 4.94 27.47 -17.72
N LEU A 7 3.76 27.86 -17.27
CA LEU A 7 3.55 28.19 -15.86
C LEU A 7 3.89 27.01 -14.96
N VAL A 8 3.33 25.84 -15.28
CA VAL A 8 3.58 24.65 -14.46
C VAL A 8 5.08 24.30 -14.46
N ALA A 9 5.73 24.43 -15.62
CA ALA A 9 7.16 24.15 -15.69
C ALA A 9 7.98 25.11 -14.83
N LYS A 10 7.62 26.39 -14.85
CA LYS A 10 8.41 27.40 -14.14
C LYS A 10 8.14 27.39 -12.64
N LEU A 11 6.92 27.05 -12.22
CA LEU A 11 6.62 26.97 -10.79
C LEU A 11 7.48 25.92 -10.09
N PHE A 12 7.61 24.75 -10.71
CA PHE A 12 8.19 23.58 -10.05
C PHE A 12 9.62 23.31 -10.47
N LYS A 13 10.29 24.26 -11.14
CA LYS A 13 11.65 24.03 -11.59
C LYS A 13 12.59 23.73 -10.41
N ASP A 14 12.44 24.48 -9.33
CA ASP A 14 13.27 24.27 -8.14
C ASP A 14 12.42 24.27 -6.87
N TYR A 15 11.15 23.89 -6.99
CA TYR A 15 10.27 23.79 -5.83
C TYR A 15 10.70 22.64 -4.93
N SER A 16 10.64 22.87 -3.62
CA SER A 16 10.92 21.84 -2.63
C SER A 16 9.66 21.55 -1.83
N SER A 17 9.20 20.31 -1.86
CA SER A 17 8.06 19.90 -1.07
C SER A 17 8.44 19.48 0.35
N VAL A 18 9.72 19.54 0.69
CA VAL A 18 10.16 19.16 2.03
C VAL A 18 9.94 20.30 3.01
N VAL A 19 10.45 21.48 2.70
CA VAL A 19 10.32 22.63 3.59
C VAL A 19 8.92 23.20 3.52
N ARG A 20 8.53 23.88 4.59
CA ARG A 20 7.21 24.50 4.65
C ARG A 20 7.12 25.67 3.68
N PRO A 21 5.93 25.95 3.15
CA PRO A 21 5.80 27.00 2.14
C PRO A 21 5.72 28.40 2.72
N VAL A 22 6.54 28.70 3.71
CA VAL A 22 6.59 30.03 4.29
C VAL A 22 7.72 30.83 3.64
N GLU A 23 7.63 32.15 3.75
CA GLU A 23 8.73 33.01 3.33
C GLU A 23 9.88 32.97 4.33
N ASP A 24 9.54 32.89 5.62
CA ASP A 24 10.53 32.86 6.69
C ASP A 24 10.14 31.76 7.67
N HIS A 25 11.16 31.04 8.16
CA HIS A 25 10.89 29.86 8.97
C HIS A 25 10.17 30.18 10.26
N ARG A 26 10.28 31.42 10.75
CA ARG A 26 9.56 31.81 11.95
C ARG A 26 8.05 31.96 11.72
N GLN A 27 7.64 32.05 10.46
CA GLN A 27 6.21 32.14 10.16
C GLN A 27 5.53 30.80 10.39
N VAL A 28 4.22 30.85 10.62
CA VAL A 28 3.39 29.67 10.83
C VAL A 28 2.54 29.46 9.59
N VAL A 29 2.56 28.23 9.07
CA VAL A 29 1.63 27.87 8.00
C VAL A 29 0.23 27.76 8.61
N GLU A 30 -0.69 28.59 8.14
CA GLU A 30 -2.06 28.58 8.64
C GLU A 30 -2.93 27.84 7.64
N VAL A 31 -3.46 26.69 8.07
CA VAL A 31 -4.23 25.81 7.19
C VAL A 31 -5.68 25.86 7.64
N THR A 32 -6.57 26.20 6.71
CA THR A 32 -8.00 26.07 6.94
C THR A 32 -8.44 24.65 6.64
N VAL A 33 -9.09 24.01 7.60
CA VAL A 33 -9.48 22.61 7.49
C VAL A 33 -11.00 22.52 7.63
N GLY A 34 -11.66 22.07 6.57
CA GLY A 34 -13.09 21.84 6.60
C GLY A 34 -13.44 20.40 6.29
N LEU A 35 -14.02 19.70 7.25
CA LEU A 35 -14.51 18.35 7.01
C LEU A 35 -15.89 18.39 6.38
N GLN A 36 -16.02 17.78 5.21
CA GLN A 36 -17.32 17.53 4.59
C GLN A 36 -17.67 16.05 4.77
N LEU A 37 -18.85 15.79 5.31
CA LEU A 37 -19.34 14.42 5.46
C LEU A 37 -20.25 14.10 4.28
N ILE A 38 -19.82 13.15 3.46
CA ILE A 38 -20.57 12.81 2.25
C ILE A 38 -21.55 11.67 2.51
N GLN A 39 -21.16 10.69 3.31
CA GLN A 39 -22.03 9.54 3.55
C GLN A 39 -21.61 8.86 4.85
N LEU A 40 -22.60 8.49 5.66
CA LEU A 40 -22.39 7.65 6.84
C LEU A 40 -22.49 6.19 6.39
N ILE A 41 -21.35 5.66 5.95
CA ILE A 41 -21.34 4.34 5.31
C ILE A 41 -21.84 3.26 6.26
N ASN A 42 -21.30 3.24 7.47
CA ASN A 42 -21.66 2.19 8.43
C ASN A 42 -21.40 2.67 9.85
N VAL A 43 -22.24 2.22 10.77
CA VAL A 43 -21.98 2.27 12.20
C VAL A 43 -21.90 0.83 12.69
N ASP A 44 -20.73 0.44 13.20
CA ASP A 44 -20.51 -0.92 13.68
C ASP A 44 -20.53 -0.89 15.20
N GLU A 45 -21.70 -1.15 15.77
CA GLU A 45 -21.83 -1.14 17.23
C GLU A 45 -20.96 -2.21 17.87
N VAL A 46 -20.87 -3.39 17.25
CA VAL A 46 -20.15 -4.51 17.85
C VAL A 46 -18.66 -4.20 17.94
N ASN A 47 -18.07 -3.72 16.85
CA ASN A 47 -16.66 -3.37 16.82
C ASN A 47 -16.39 -1.96 17.32
N GLN A 48 -17.43 -1.17 17.57
CA GLN A 48 -17.28 0.22 18.02
C GLN A 48 -16.48 1.04 17.00
N ILE A 49 -16.83 0.88 15.73
CA ILE A 49 -16.15 1.56 14.62
C ILE A 49 -17.22 2.18 13.73
N VAL A 50 -16.99 3.43 13.33
CA VAL A 50 -17.87 4.14 12.41
C VAL A 50 -17.12 4.37 11.10
N THR A 51 -17.72 3.94 10.00
CA THR A 51 -17.17 4.15 8.66
C THR A 51 -17.92 5.28 7.98
N THR A 52 -17.20 6.29 7.53
CA THR A 52 -17.79 7.47 6.90
C THR A 52 -17.06 7.79 5.61
N ASN A 53 -17.80 8.35 4.66
CA ASN A 53 -17.23 8.91 3.43
C ASN A 53 -17.15 10.41 3.61
N VAL A 54 -15.94 10.97 3.50
CA VAL A 54 -15.69 12.37 3.84
C VAL A 54 -14.83 13.00 2.75
N ARG A 55 -14.83 14.34 2.74
CA ARG A 55 -13.88 15.15 2.01
C ARG A 55 -13.21 16.10 2.99
N LEU A 56 -11.89 16.20 2.94
CA LEU A 56 -11.13 17.11 3.79
C LEU A 56 -10.66 18.29 2.97
N LYS A 57 -11.47 19.34 2.92
CA LYS A 57 -11.06 20.58 2.26
C LYS A 57 -9.96 21.23 3.10
N GLN A 58 -8.73 21.15 2.63
CA GLN A 58 -7.59 21.83 3.23
C GLN A 58 -7.21 23.02 2.37
N GLN A 59 -7.04 24.18 3.00
CA GLN A 59 -6.67 25.41 2.29
C GLN A 59 -5.50 26.06 3.00
N TRP A 60 -4.49 26.45 2.23
CA TRP A 60 -3.35 27.19 2.76
C TRP A 60 -2.71 27.94 1.60
N VAL A 61 -1.85 28.89 1.93
CA VAL A 61 -1.14 29.69 0.95
C VAL A 61 0.28 29.18 0.84
N ASP A 62 0.72 28.89 -0.39
CA ASP A 62 2.11 28.54 -0.67
C ASP A 62 2.81 29.79 -1.21
N TYR A 63 3.79 30.28 -0.45
CA TYR A 63 4.49 31.50 -0.83
C TYR A 63 5.20 31.37 -2.17
N ASN A 64 5.70 30.16 -2.49
CA ASN A 64 6.50 29.97 -3.69
C ASN A 64 5.67 29.77 -4.95
N LEU A 65 4.37 29.51 -4.83
CA LEU A 65 3.54 29.17 -5.98
C LEU A 65 2.71 30.35 -6.47
N LYS A 66 3.11 31.57 -6.17
CA LYS A 66 2.50 32.75 -6.77
C LYS A 66 2.96 32.90 -8.22
N TRP A 67 2.12 33.54 -9.03
CA TRP A 67 2.54 33.99 -10.34
C TRP A 67 1.75 35.23 -10.73
N ASN A 68 2.25 35.92 -11.74
CA ASN A 68 1.55 37.07 -12.31
C ASN A 68 0.67 36.59 -13.47
N PRO A 69 -0.65 36.75 -13.39
CA PRO A 69 -1.52 36.21 -14.46
C PRO A 69 -1.22 36.77 -15.84
N ASP A 70 -0.77 38.02 -15.94
CA ASP A 70 -0.50 38.59 -17.26
C ASP A 70 0.71 37.98 -17.93
N ASP A 71 1.59 37.30 -17.18
CA ASP A 71 2.69 36.56 -17.78
C ASP A 71 2.22 35.31 -18.49
N TYR A 72 1.02 34.82 -18.18
CA TYR A 72 0.54 33.53 -18.66
C TYR A 72 -0.86 33.66 -19.23
N GLY A 73 -1.11 34.72 -20.00
CA GLY A 73 -2.36 34.85 -20.73
C GLY A 73 -3.59 35.04 -19.87
N GLY A 74 -3.41 35.42 -18.61
CA GLY A 74 -4.54 35.59 -17.71
C GLY A 74 -4.98 34.35 -16.98
N VAL A 75 -4.18 33.30 -16.99
CA VAL A 75 -4.46 32.11 -16.18
C VAL A 75 -4.41 32.50 -14.70
N LYS A 76 -5.56 32.44 -14.04
CA LYS A 76 -5.63 32.79 -12.63
C LYS A 76 -5.67 31.58 -11.70
N LYS A 77 -5.98 30.40 -12.23
CA LYS A 77 -5.96 29.18 -11.41
C LYS A 77 -5.58 27.99 -12.28
N ILE A 78 -4.93 27.01 -11.66
CA ILE A 78 -4.53 25.77 -12.32
C ILE A 78 -4.76 24.62 -11.38
N HIS A 79 -4.89 23.42 -11.95
CA HIS A 79 -4.98 22.19 -11.20
C HIS A 79 -3.67 21.43 -11.35
N ILE A 80 -3.09 21.02 -10.22
CA ILE A 80 -1.78 20.36 -10.22
C ILE A 80 -1.84 19.10 -9.36
N PRO A 81 -1.02 18.10 -9.63
CA PRO A 81 -0.98 16.91 -8.76
C PRO A 81 -0.51 17.28 -7.36
N SER A 82 -1.24 16.82 -6.36
CA SER A 82 -0.94 17.17 -4.97
C SER A 82 0.34 16.52 -4.45
N GLU A 83 0.85 15.49 -5.13
CA GLU A 83 2.12 14.90 -4.73
C GLU A 83 3.30 15.83 -5.02
N LYS A 84 3.13 16.80 -5.90
CA LYS A 84 4.21 17.73 -6.22
C LYS A 84 4.52 18.66 -5.06
N ILE A 85 3.50 19.09 -4.34
CA ILE A 85 3.61 20.20 -3.40
C ILE A 85 3.74 19.69 -1.97
N TRP A 86 4.17 20.60 -1.09
CA TRP A 86 4.08 20.37 0.35
C TRP A 86 2.62 20.33 0.76
N ARG A 87 2.30 19.43 1.70
CA ARG A 87 0.95 19.31 2.22
C ARG A 87 0.99 19.13 3.72
N PRO A 88 0.00 19.65 4.44
CA PRO A 88 -0.12 19.33 5.87
C PRO A 88 -0.42 17.85 6.07
N ASP A 89 0.26 17.25 7.04
CA ASP A 89 0.15 15.82 7.30
C ASP A 89 -0.98 15.53 8.31
N LEU A 90 -2.19 15.93 7.94
CA LEU A 90 -3.35 15.67 8.78
C LEU A 90 -3.54 14.16 8.95
N VAL A 91 -3.58 13.72 10.20
CA VAL A 91 -3.76 12.31 10.54
C VAL A 91 -4.99 12.18 11.42
N LEU A 92 -5.81 11.16 11.14
CA LEU A 92 -6.96 10.82 11.99
C LEU A 92 -6.42 10.13 13.24
N TYR A 93 -6.42 10.84 14.36
CA TYR A 93 -5.85 10.32 15.60
C TYR A 93 -6.58 9.08 16.07
N ASN A 94 -7.92 9.07 15.98
CA ASN A 94 -8.73 7.97 16.48
C ASN A 94 -9.07 6.95 15.40
N ASN A 95 -8.19 6.75 14.43
CA ASN A 95 -8.36 5.69 13.45
C ASN A 95 -8.40 4.33 14.15
N ALA A 96 -9.39 3.52 13.80
CA ALA A 96 -9.53 2.19 14.39
C ALA A 96 -8.92 1.10 13.50
N ASP A 97 -9.37 0.99 12.25
CA ASP A 97 -8.78 0.00 11.36
C ASP A 97 -8.66 0.48 9.92
N GLY A 98 -8.72 1.78 9.66
CA GLY A 98 -8.52 2.33 8.33
C GLY A 98 -7.14 2.92 8.15
N ASP A 99 -7.01 3.76 7.13
CA ASP A 99 -5.81 4.55 6.94
C ASP A 99 -5.80 5.74 7.88
N PHE A 100 -4.61 6.07 8.42
CA PHE A 100 -4.48 7.24 9.28
C PHE A 100 -4.57 8.53 8.48
N ALA A 101 -3.84 8.61 7.37
CA ALA A 101 -3.77 9.82 6.57
C ALA A 101 -4.56 9.67 5.28
N ILE A 102 -4.57 10.75 4.49
CA ILE A 102 -5.12 10.72 3.14
C ILE A 102 -4.28 9.80 2.25
N VAL A 103 -4.96 9.01 1.43
CA VAL A 103 -4.29 8.16 0.45
C VAL A 103 -4.72 8.46 -0.98
N LYS A 104 -5.82 9.19 -1.19
CA LYS A 104 -6.27 9.57 -2.53
C LYS A 104 -5.76 10.98 -2.83
N PHE A 105 -4.58 11.06 -3.45
CA PHE A 105 -3.93 12.33 -3.74
C PHE A 105 -4.51 12.95 -5.02
N THR A 106 -5.75 13.41 -4.90
CA THR A 106 -6.39 14.12 -6.00
C THR A 106 -5.68 15.44 -6.28
N LYS A 107 -6.01 16.04 -7.42
CA LYS A 107 -5.35 17.27 -7.84
C LYS A 107 -5.63 18.42 -6.88
N VAL A 108 -4.71 19.37 -6.87
CA VAL A 108 -4.80 20.58 -6.05
C VAL A 108 -5.21 21.74 -6.93
N LEU A 109 -6.20 22.51 -6.48
CA LEU A 109 -6.55 23.78 -7.13
C LEU A 109 -5.61 24.85 -6.62
N LEU A 110 -4.75 25.35 -7.49
CA LEU A 110 -3.79 26.41 -7.16
C LEU A 110 -4.17 27.69 -7.86
N GLN A 111 -4.22 28.78 -7.11
CA GLN A 111 -4.56 30.10 -7.64
C GLN A 111 -3.31 30.98 -7.72
N TYR A 112 -3.40 32.02 -8.56
CA TYR A 112 -2.25 32.87 -8.81
C TYR A 112 -1.74 33.56 -7.55
N THR A 113 -2.58 33.71 -6.53
CA THR A 113 -2.14 34.27 -5.25
C THR A 113 -1.36 33.26 -4.42
N GLY A 114 -1.14 32.05 -4.91
CA GLY A 114 -0.52 31.00 -4.14
C GLY A 114 -1.47 30.22 -3.25
N HIS A 115 -2.74 30.57 -3.21
CA HIS A 115 -3.70 29.88 -2.37
C HIS A 115 -3.98 28.48 -2.93
N ILE A 116 -3.76 27.47 -2.10
CA ILE A 116 -3.98 26.08 -2.48
C ILE A 116 -5.27 25.60 -1.81
N THR A 117 -6.16 24.99 -2.59
CA THR A 117 -7.31 24.28 -2.07
C THR A 117 -7.17 22.81 -2.44
N TRP A 118 -7.13 21.94 -1.43
CA TRP A 118 -7.05 20.50 -1.62
C TRP A 118 -8.24 19.85 -0.96
N THR A 119 -8.98 19.04 -1.72
CA THR A 119 -10.19 18.38 -1.22
C THR A 119 -10.13 16.88 -1.50
N PRO A 120 -9.16 16.18 -0.91
CA PRO A 120 -9.05 14.74 -1.15
C PRO A 120 -10.20 13.99 -0.52
N PRO A 121 -10.65 12.90 -1.13
CA PRO A 121 -11.63 12.03 -0.47
C PRO A 121 -10.95 11.07 0.50
N ALA A 122 -11.71 10.68 1.52
CA ALA A 122 -11.23 9.68 2.45
C ALA A 122 -12.39 8.88 2.99
N ILE A 123 -12.11 7.63 3.36
CA ILE A 123 -13.01 6.81 4.16
C ILE A 123 -12.39 6.67 5.54
N PHE A 124 -13.08 7.18 6.55
CA PHE A 124 -12.57 7.19 7.92
C PHE A 124 -13.28 6.11 8.72
N LYS A 125 -12.52 5.11 9.16
CA LYS A 125 -13.03 4.07 10.05
C LYS A 125 -12.60 4.41 11.48
N SER A 126 -13.22 5.46 12.01
CA SER A 126 -12.83 5.99 13.31
C SER A 126 -13.46 5.17 14.44
N TYR A 127 -12.72 5.08 15.54
CA TYR A 127 -13.26 4.49 16.76
C TYR A 127 -14.34 5.38 17.35
N CYS A 128 -15.43 4.77 17.79
CA CYS A 128 -16.48 5.49 18.51
C CYS A 128 -16.95 4.65 19.69
N GLU A 129 -17.04 5.26 20.86
CA GLU A 129 -17.57 4.60 22.04
C GLU A 129 -19.08 4.45 21.93
N ILE A 130 -19.54 3.30 21.43
CA ILE A 130 -20.96 3.05 21.23
C ILE A 130 -21.63 2.89 22.60
N ILE A 131 -22.49 3.84 22.96
CA ILE A 131 -23.24 3.76 24.21
C ILE A 131 -24.48 2.91 23.96
N VAL A 132 -24.51 1.72 24.55
CA VAL A 132 -25.55 0.74 24.27
C VAL A 132 -26.76 0.86 25.20
N THR A 133 -26.71 1.77 26.18
CA THR A 133 -27.71 1.77 27.26
C THR A 133 -29.13 1.82 26.73
N HIS A 134 -29.41 2.69 25.76
CA HIS A 134 -30.77 2.92 25.29
C HIS A 134 -31.04 2.31 23.92
N PHE A 135 -30.18 1.42 23.45
CA PHE A 135 -30.40 0.76 22.18
C PHE A 135 -31.75 0.05 22.18
N PRO A 136 -32.52 0.13 21.09
CA PRO A 136 -32.22 0.79 19.80
C PRO A 136 -32.64 2.25 19.74
N PHE A 137 -33.16 2.81 20.84
CA PHE A 137 -33.52 4.22 20.87
C PHE A 137 -32.36 5.12 21.24
N ASP A 138 -31.14 4.63 21.05
CA ASP A 138 -29.94 5.30 21.55
C ASP A 138 -29.51 6.41 20.59
N GLU A 139 -28.66 7.29 21.12
CA GLU A 139 -27.99 8.30 20.32
C GLU A 139 -26.49 8.14 20.53
N GLN A 140 -25.73 8.24 19.45
CA GLN A 140 -24.29 7.96 19.48
C GLN A 140 -23.52 9.22 19.15
N ASN A 141 -22.61 9.60 20.05
CA ASN A 141 -21.71 10.72 19.84
C ASN A 141 -20.40 10.15 19.30
N CYS A 142 -20.18 10.31 18.00
CA CYS A 142 -18.98 9.81 17.35
C CYS A 142 -18.19 10.98 16.78
N SER A 143 -16.87 10.89 16.87
CA SER A 143 -16.00 12.02 16.62
C SER A 143 -14.83 11.62 15.73
N MET A 144 -14.16 12.62 15.18
CA MET A 144 -13.01 12.43 14.29
C MET A 144 -11.95 13.46 14.69
N LYS A 145 -10.92 13.00 15.39
CA LYS A 145 -9.84 13.88 15.84
C LYS A 145 -8.80 13.97 14.74
N LEU A 146 -8.73 15.13 14.08
CA LEU A 146 -7.83 15.35 12.96
C LEU A 146 -6.81 16.42 13.33
N GLY A 147 -5.53 16.15 13.03
CA GLY A 147 -4.50 17.15 13.24
C GLY A 147 -3.22 16.77 12.53
N THR A 148 -2.37 17.78 12.34
CA THR A 148 -1.04 17.54 11.77
C THR A 148 -0.23 16.64 12.70
N TRP A 149 0.37 15.60 12.13
CA TRP A 149 1.08 14.62 12.95
C TRP A 149 2.42 15.16 13.42
N THR A 150 3.26 15.61 12.49
CA THR A 150 4.62 15.97 12.84
C THR A 150 4.82 17.46 13.09
N TYR A 151 3.98 18.30 12.52
CA TYR A 151 4.06 19.74 12.73
C TYR A 151 3.24 20.16 13.94
N ASP A 152 3.86 20.91 14.84
CA ASP A 152 3.19 21.40 16.04
C ASP A 152 2.56 22.77 15.77
N GLY A 153 1.78 23.24 16.75
CA GLY A 153 0.99 24.45 16.57
C GLY A 153 1.80 25.71 16.33
N SER A 154 3.06 25.74 16.76
CA SER A 154 3.91 26.89 16.51
C SER A 154 4.53 26.87 15.12
N VAL A 155 4.25 25.84 14.33
CA VAL A 155 4.94 25.61 13.07
C VAL A 155 3.91 25.51 11.95
N VAL A 156 2.86 24.73 12.17
CA VAL A 156 1.69 24.71 11.29
C VAL A 156 0.44 24.81 12.16
N ALA A 157 -0.34 25.86 11.95
CA ALA A 157 -1.60 26.06 12.65
C ALA A 157 -2.76 25.65 11.74
N ILE A 158 -3.66 24.82 12.26
CA ILE A 158 -4.86 24.42 11.54
C ILE A 158 -6.06 25.13 12.17
N ASN A 159 -6.93 25.64 11.32
CA ASN A 159 -8.13 26.35 11.77
C ASN A 159 -9.35 25.76 11.09
N PRO A 160 -10.45 25.55 11.82
CA PRO A 160 -11.65 25.02 11.18
C PRO A 160 -12.25 26.02 10.20
N GLU A 161 -12.67 25.49 9.04
CA GLU A 161 -13.32 26.33 8.04
C GLU A 161 -14.63 26.90 8.57
N SER A 162 -15.42 26.07 9.23
CA SER A 162 -16.65 26.50 9.88
C SER A 162 -16.82 25.69 11.16
N ASP A 163 -17.59 26.23 12.10
CA ASP A 163 -17.77 25.55 13.37
C ASP A 163 -18.59 24.27 13.24
N GLN A 164 -19.20 24.02 12.08
CA GLN A 164 -19.89 22.76 11.84
C GLN A 164 -19.35 22.09 10.58
N PRO A 165 -19.34 20.76 10.54
CA PRO A 165 -19.03 20.05 9.30
C PRO A 165 -19.98 20.43 8.17
N ASP A 166 -19.48 20.35 6.94
CA ASP A 166 -20.28 20.64 5.77
C ASP A 166 -21.13 19.41 5.43
N LEU A 167 -22.43 19.50 5.72
CA LEU A 167 -23.39 18.44 5.43
C LEU A 167 -24.21 18.72 4.17
N SER A 168 -23.81 19.70 3.37
CA SER A 168 -24.60 20.05 2.19
C SER A 168 -24.64 18.91 1.18
N ASN A 169 -23.53 18.18 1.02
CA ASN A 169 -23.46 17.04 0.11
C ASN A 169 -23.77 15.72 0.80
N PHE A 170 -24.23 15.76 2.05
CA PHE A 170 -24.43 14.54 2.83
C PHE A 170 -25.56 13.70 2.25
N MET A 171 -25.23 12.47 1.86
CA MET A 171 -26.23 11.48 1.45
C MET A 171 -26.92 10.97 2.70
N GLU A 172 -28.15 11.44 2.93
CA GLU A 172 -28.83 11.17 4.20
C GLU A 172 -29.00 9.68 4.44
N SER A 173 -28.51 9.22 5.59
CA SER A 173 -28.59 7.81 5.94
C SER A 173 -30.03 7.40 6.22
N GLY A 174 -30.36 6.15 5.89
CA GLY A 174 -31.63 5.57 6.21
C GLY A 174 -31.72 4.91 7.57
N GLU A 175 -30.67 4.99 8.38
CA GLU A 175 -30.68 4.41 9.72
C GLU A 175 -30.37 5.42 10.81
N TRP A 176 -29.62 6.48 10.51
CA TRP A 176 -29.12 7.41 11.51
C TRP A 176 -29.42 8.84 11.09
N VAL A 177 -29.91 9.63 12.03
CA VAL A 177 -30.14 11.06 11.83
C VAL A 177 -29.10 11.83 12.63
N ILE A 178 -28.39 12.74 11.96
CA ILE A 178 -27.41 13.59 12.61
C ILE A 178 -28.17 14.73 13.30
N LYS A 179 -28.32 14.64 14.62
CA LYS A 179 -29.02 15.69 15.35
C LYS A 179 -28.24 16.98 15.36
N GLU A 180 -26.92 16.89 15.56
CA GLU A 180 -26.06 18.06 15.52
C GLU A 180 -24.65 17.63 15.18
N SER A 181 -23.83 18.60 14.77
CA SER A 181 -22.42 18.36 14.51
C SER A 181 -21.66 19.64 14.81
N ARG A 182 -20.42 19.48 15.26
CA ARG A 182 -19.60 20.64 15.63
C ARG A 182 -18.13 20.25 15.56
N GLY A 183 -17.30 21.21 15.17
CA GLY A 183 -15.87 21.02 15.18
C GLY A 183 -15.18 21.92 16.19
N TRP A 184 -14.47 21.32 17.15
CA TRP A 184 -13.75 22.07 18.17
C TRP A 184 -12.25 21.93 17.98
N LYS A 185 -11.56 23.07 17.91
CA LYS A 185 -10.10 23.07 17.88
C LYS A 185 -9.55 22.92 19.29
N HIS A 186 -8.46 22.14 19.40
CA HIS A 186 -7.81 21.90 20.68
C HIS A 186 -6.30 22.05 20.53
N SER A 187 -5.63 22.21 21.67
CA SER A 187 -4.20 22.50 21.69
C SER A 187 -3.53 21.68 22.79
N VAL A 188 -3.79 20.37 22.82
CA VAL A 188 -3.30 19.54 23.91
C VAL A 188 -1.79 19.33 23.79
N THR A 189 -1.17 19.04 24.93
CA THR A 189 0.26 18.76 25.02
C THR A 189 0.47 17.29 25.36
N TYR A 190 1.22 16.60 24.52
CA TYR A 190 1.50 15.18 24.70
C TYR A 190 2.80 14.94 25.45
N SER A 191 2.88 13.78 26.10
CA SER A 191 4.08 13.42 26.85
C SER A 191 5.28 13.21 25.95
N CYS A 192 5.07 12.90 24.67
CA CYS A 192 6.19 12.78 23.74
C CYS A 192 6.94 14.08 23.59
N CYS A 193 6.24 15.18 23.72
CA CYS A 193 6.64 16.43 23.08
C CYS A 193 6.24 17.59 23.98
N PRO A 194 6.74 17.64 25.22
CA PRO A 194 6.16 18.56 26.22
C PRO A 194 6.40 20.03 25.92
N ASP A 195 7.43 20.36 25.15
CA ASP A 195 7.70 21.76 24.87
C ASP A 195 6.71 22.39 23.90
N THR A 196 5.98 21.58 23.13
CA THR A 196 5.17 22.09 22.04
C THR A 196 3.80 21.45 22.03
N PRO A 197 2.74 22.21 22.30
CA PRO A 197 1.39 21.67 22.14
C PRO A 197 1.06 21.40 20.68
N TYR A 198 0.28 20.36 20.45
CA TYR A 198 -0.12 19.96 19.10
C TYR A 198 -1.59 20.25 18.90
N LEU A 199 -1.92 20.94 17.81
CA LEU A 199 -3.29 21.32 17.52
C LEU A 199 -4.04 20.16 16.86
N ASP A 200 -5.33 20.06 17.18
CA ASP A 200 -6.23 19.17 16.49
C ASP A 200 -7.60 19.81 16.40
N ILE A 201 -8.38 19.40 15.41
CA ILE A 201 -9.79 19.75 15.30
C ILE A 201 -10.58 18.46 15.44
N THR A 202 -11.36 18.35 16.51
CA THR A 202 -12.20 17.18 16.74
C THR A 202 -13.60 17.48 16.24
N TYR A 203 -13.90 17.03 15.03
CA TYR A 203 -15.27 17.04 14.54
C TYR A 203 -16.05 15.92 15.19
N HIS A 204 -17.31 16.19 15.53
CA HIS A 204 -18.15 15.17 16.14
C HIS A 204 -19.56 15.27 15.57
N PHE A 205 -20.26 14.14 15.59
CA PHE A 205 -21.62 14.04 15.08
C PHE A 205 -22.46 13.31 16.11
N VAL A 206 -23.57 13.91 16.51
CA VAL A 206 -24.51 13.28 17.45
C VAL A 206 -25.57 12.60 16.61
N MET A 207 -25.33 11.33 16.30
CA MET A 207 -26.27 10.53 15.52
C MET A 207 -27.39 10.01 16.42
N GLN A 208 -28.57 9.89 15.84
CA GLN A 208 -29.69 9.22 16.51
C GLN A 208 -30.23 8.13 15.60
N ARG A 209 -30.44 6.95 16.18
CA ARG A 209 -30.92 5.81 15.42
C ARG A 209 -32.41 5.95 15.11
N LEU A 210 -32.78 5.57 13.89
CA LEU A 210 -34.18 5.40 13.53
C LEU A 210 -34.62 4.00 13.94
N PRO A 211 -35.42 3.87 15.01
CA PRO A 211 -35.61 2.56 15.65
C PRO A 211 -36.56 1.63 14.92
N LEU A 212 -37.22 2.07 13.86
CA LEU A 212 -38.31 1.30 13.26
C LEU A 212 -37.87 -0.10 12.85
N TYR A 213 -36.68 -0.22 12.27
CA TYR A 213 -36.19 -1.53 11.84
C TYR A 213 -36.01 -2.48 13.02
N PHE A 214 -35.44 -1.98 14.12
CA PHE A 214 -35.18 -2.84 15.27
C PHE A 214 -36.43 -3.12 16.08
N ILE A 215 -37.35 -2.16 16.16
CA ILE A 215 -38.61 -2.42 16.85
C ILE A 215 -39.34 -3.59 16.21
N VAL A 216 -39.50 -3.55 14.88
CA VAL A 216 -40.25 -4.58 14.17
C VAL A 216 -39.57 -5.93 14.30
N ASN A 217 -38.28 -5.99 13.98
CA ASN A 217 -37.60 -7.28 13.89
C ASN A 217 -37.13 -7.82 15.25
N VAL A 218 -37.20 -7.03 16.32
CA VAL A 218 -36.72 -7.51 17.61
C VAL A 218 -37.80 -7.33 18.68
N ILE A 219 -38.24 -6.09 18.89
CA ILE A 219 -39.02 -5.76 20.07
C ILE A 219 -40.40 -6.43 20.02
N ILE A 220 -41.09 -6.30 18.90
CA ILE A 220 -42.47 -6.81 18.80
C ILE A 220 -42.54 -8.32 19.06
N PRO A 221 -41.71 -9.17 18.44
CA PRO A 221 -41.73 -10.60 18.82
C PRO A 221 -41.46 -10.84 20.29
N CYS A 222 -40.49 -10.12 20.87
CA CYS A 222 -40.21 -10.27 22.29
C CYS A 222 -41.42 -9.85 23.12
N LEU A 223 -42.13 -8.80 22.71
CA LEU A 223 -43.35 -8.41 23.40
C LEU A 223 -44.40 -9.51 23.32
N LEU A 224 -44.55 -10.12 22.13
CA LEU A 224 -45.50 -11.23 21.99
C LEU A 224 -45.15 -12.38 22.93
N PHE A 225 -43.87 -12.76 22.98
CA PHE A 225 -43.48 -13.87 23.84
C PHE A 225 -43.64 -13.54 25.31
N SER A 226 -43.33 -12.30 25.71
CA SER A 226 -43.53 -11.89 27.09
C SER A 226 -45.01 -11.89 27.47
N PHE A 227 -45.87 -11.50 26.53
CA PHE A 227 -47.30 -11.58 26.77
C PHE A 227 -47.74 -13.03 26.93
N LEU A 228 -47.26 -13.91 26.03
CA LEU A 228 -47.56 -15.33 26.13
C LEU A 228 -47.02 -15.96 27.39
N THR A 229 -46.03 -15.33 28.05
CA THR A 229 -45.48 -15.89 29.27
C THR A 229 -46.52 -16.00 30.37
N GLY A 230 -47.40 -14.99 30.48
CA GLY A 230 -48.45 -15.04 31.48
C GLY A 230 -49.64 -15.87 31.09
N LEU A 231 -49.85 -16.05 29.77
CA LEU A 231 -51.03 -16.77 29.29
C LEU A 231 -51.09 -18.19 29.81
N VAL A 232 -49.95 -18.80 30.13
CA VAL A 232 -49.91 -20.18 30.60
C VAL A 232 -50.79 -20.38 31.83
N PHE A 233 -50.94 -19.34 32.67
CA PHE A 233 -51.73 -19.48 33.88
C PHE A 233 -53.23 -19.50 33.62
N TYR A 234 -53.67 -19.23 32.40
CA TYR A 234 -55.05 -19.47 32.01
C TYR A 234 -55.28 -20.88 31.47
N LEU A 235 -54.23 -21.50 30.95
CA LEU A 235 -54.32 -22.85 30.41
C LEU A 235 -54.48 -23.85 31.55
N PRO A 236 -55.55 -24.66 31.57
CA PRO A 236 -55.70 -25.65 32.64
C PRO A 236 -54.63 -26.73 32.58
N THR A 237 -54.35 -27.31 33.75
CA THR A 237 -53.40 -28.41 33.82
C THR A 237 -53.89 -29.64 33.05
N ASP A 238 -55.21 -29.84 33.00
CA ASP A 238 -55.77 -30.98 32.29
C ASP A 238 -55.43 -30.99 30.81
N SER A 239 -55.03 -29.85 30.25
CA SER A 239 -54.61 -29.82 28.85
C SER A 239 -53.35 -30.67 28.63
N GLY A 240 -52.51 -30.80 29.66
CA GLY A 240 -51.24 -31.48 29.48
C GLY A 240 -50.26 -30.75 28.60
N GLU A 241 -50.42 -29.44 28.42
CA GLU A 241 -49.58 -28.67 27.51
C GLU A 241 -49.05 -27.38 28.11
N LYS A 242 -49.26 -27.13 29.40
CA LYS A 242 -48.75 -25.92 30.03
C LYS A 242 -47.23 -25.85 29.93
N MET A 243 -46.54 -26.97 30.19
CA MET A 243 -45.10 -26.98 30.07
C MET A 243 -44.65 -26.88 28.62
N THR A 244 -45.42 -27.47 27.70
CA THR A 244 -45.12 -27.33 26.28
C THR A 244 -45.12 -25.86 25.87
N LEU A 245 -46.10 -25.08 26.36
CA LEU A 245 -46.12 -23.65 26.11
C LEU A 245 -44.93 -22.95 26.77
N SER A 246 -44.73 -23.21 28.07
CA SER A 246 -43.75 -22.43 28.83
C SER A 246 -42.32 -22.67 28.34
N ILE A 247 -41.96 -23.94 28.09
CA ILE A 247 -40.60 -24.23 27.65
C ILE A 247 -40.37 -23.71 26.23
N SER A 248 -41.39 -23.75 25.37
CA SER A 248 -41.24 -23.19 24.04
C SER A 248 -41.06 -21.68 24.08
N VAL A 249 -41.79 -21.00 24.97
CA VAL A 249 -41.58 -19.57 25.16
C VAL A 249 -40.15 -19.30 25.66
N LEU A 250 -39.68 -20.13 26.59
CA LEU A 250 -38.31 -20.03 27.07
C LEU A 250 -37.31 -20.17 25.92
N LEU A 251 -37.51 -21.16 25.05
CA LEU A 251 -36.61 -21.35 23.93
C LEU A 251 -36.64 -20.17 22.96
N SER A 252 -37.83 -19.65 22.67
CA SER A 252 -37.93 -18.48 21.80
C SER A 252 -37.19 -17.28 22.39
N LEU A 253 -37.36 -17.05 23.69
CA LEU A 253 -36.68 -15.94 24.34
C LEU A 253 -35.17 -16.15 24.36
N THR A 254 -34.73 -17.40 24.51
CA THR A 254 -33.31 -17.71 24.40
C THR A 254 -32.77 -17.39 23.02
N VAL A 255 -33.53 -17.74 21.98
CA VAL A 255 -33.12 -17.44 20.61
C VAL A 255 -33.01 -15.94 20.41
N PHE A 256 -33.98 -15.18 20.92
CA PHE A 256 -33.93 -13.73 20.74
C PHE A 256 -32.83 -13.08 21.58
N LEU A 257 -32.51 -13.66 22.74
CA LEU A 257 -31.34 -13.21 23.48
C LEU A 257 -30.08 -13.44 22.67
N LEU A 258 -29.98 -14.60 22.02
CA LEU A 258 -28.89 -14.85 21.10
C LEU A 258 -28.83 -13.81 19.99
N VAL A 259 -29.99 -13.42 19.46
CA VAL A 259 -30.03 -12.41 18.40
C VAL A 259 -29.47 -11.08 18.90
N ILE A 260 -29.94 -10.63 20.06
CA ILE A 260 -29.56 -9.32 20.58
C ILE A 260 -28.06 -9.26 20.87
N VAL A 261 -27.49 -10.37 21.33
CA VAL A 261 -26.05 -10.42 21.60
C VAL A 261 -25.23 -10.12 20.36
N GLU A 262 -25.75 -10.47 19.17
CA GLU A 262 -25.06 -10.13 17.93
C GLU A 262 -25.18 -8.65 17.57
N LEU A 263 -26.17 -7.95 18.10
CA LEU A 263 -26.43 -6.57 17.72
C LEU A 263 -25.70 -5.56 18.59
N ILE A 264 -25.12 -5.98 19.71
CA ILE A 264 -24.58 -5.04 20.70
C ILE A 264 -23.11 -5.34 20.96
N PRO A 265 -22.30 -4.34 21.27
CA PRO A 265 -20.92 -4.62 21.70
C PRO A 265 -20.89 -5.38 23.01
N SER A 266 -19.92 -6.29 23.13
CA SER A 266 -19.71 -7.05 24.35
C SER A 266 -18.98 -6.25 25.43
N THR A 267 -18.91 -4.93 25.29
CA THR A 267 -18.27 -4.11 26.31
C THR A 267 -19.11 -4.10 27.59
N SER A 268 -18.43 -4.24 28.73
CA SER A 268 -19.09 -4.36 30.02
C SER A 268 -19.38 -3.00 30.66
N SER A 269 -19.36 -1.92 29.89
CA SER A 269 -19.59 -0.59 30.46
C SER A 269 -21.00 -0.47 31.02
N ALA A 270 -22.00 -0.96 30.29
CA ALA A 270 -23.38 -0.91 30.76
C ALA A 270 -24.21 -1.94 30.01
N VAL A 271 -25.29 -2.39 30.65
CA VAL A 271 -26.22 -3.34 30.05
C VAL A 271 -27.25 -2.57 29.22
N PRO A 272 -27.61 -3.04 28.03
CA PRO A 272 -28.67 -2.38 27.27
C PRO A 272 -30.02 -2.53 27.96
N LEU A 273 -30.87 -1.51 27.80
CA LEU A 273 -32.22 -1.61 28.34
C LEU A 273 -32.99 -2.77 27.72
N ILE A 274 -32.75 -3.07 26.44
CA ILE A 274 -33.35 -4.26 25.86
C ILE A 274 -32.71 -5.52 26.45
N GLY A 275 -31.39 -5.49 26.69
CA GLY A 275 -30.75 -6.59 27.38
C GLY A 275 -31.29 -6.79 28.78
N LYS A 276 -31.53 -5.70 29.49
CA LYS A 276 -32.10 -5.76 30.83
C LYS A 276 -33.52 -6.31 30.77
N TYR A 277 -34.30 -5.85 29.79
CA TYR A 277 -35.67 -6.31 29.59
C TYR A 277 -35.69 -7.80 29.31
N MET A 278 -34.75 -8.26 28.46
CA MET A 278 -34.67 -9.68 28.13
C MET A 278 -34.28 -10.51 29.34
N LEU A 279 -33.32 -10.05 30.14
CA LEU A 279 -32.95 -10.77 31.35
C LEU A 279 -34.12 -10.84 32.33
N PHE A 280 -34.82 -9.71 32.52
CA PHE A 280 -36.01 -9.68 33.34
C PHE A 280 -37.05 -10.68 32.84
N THR A 281 -37.30 -10.69 31.53
CA THR A 281 -38.26 -11.62 30.96
C THR A 281 -37.82 -13.06 31.13
N MET A 282 -36.52 -13.32 31.05
CA MET A 282 -36.02 -14.68 31.26
C MET A 282 -36.24 -15.12 32.70
N VAL A 283 -35.95 -14.25 33.65
CA VAL A 283 -36.21 -14.56 35.06
C VAL A 283 -37.70 -14.78 35.28
N PHE A 284 -38.54 -13.94 34.67
CA PHE A 284 -39.98 -14.10 34.78
C PHE A 284 -40.45 -15.43 34.18
N VAL A 285 -39.85 -15.83 33.06
CA VAL A 285 -40.18 -17.11 32.45
C VAL A 285 -39.80 -18.26 33.36
N ILE A 286 -38.60 -18.20 33.95
CA ILE A 286 -38.16 -19.24 34.88
C ILE A 286 -39.11 -19.32 36.08
N ALA A 287 -39.48 -18.17 36.64
CA ALA A 287 -40.42 -18.15 37.75
C ALA A 287 -41.77 -18.73 37.34
N SER A 288 -42.26 -18.35 36.15
CA SER A 288 -43.53 -18.87 35.67
C SER A 288 -43.47 -20.38 35.49
N ILE A 289 -42.34 -20.90 35.01
CA ILE A 289 -42.20 -22.35 34.84
C ILE A 289 -42.20 -23.04 36.19
N ILE A 290 -41.44 -22.50 37.15
CA ILE A 290 -41.39 -23.09 38.50
C ILE A 290 -42.79 -23.12 39.11
N ILE A 291 -43.50 -21.99 39.05
CA ILE A 291 -44.83 -21.92 39.64
C ILE A 291 -45.82 -22.79 38.88
N THR A 292 -45.69 -22.89 37.55
CA THR A 292 -46.52 -23.80 36.77
C THR A 292 -46.31 -25.24 37.21
N VAL A 293 -45.06 -25.64 37.41
CA VAL A 293 -44.76 -26.98 37.90
C VAL A 293 -45.37 -27.20 39.27
N ILE A 294 -45.28 -26.19 40.14
CA ILE A 294 -45.88 -26.30 41.48
C ILE A 294 -47.39 -26.46 41.37
N VAL A 295 -48.03 -25.69 40.49
CA VAL A 295 -49.48 -25.76 40.31
C VAL A 295 -49.88 -27.12 39.76
N ILE A 296 -49.13 -27.65 38.79
CA ILE A 296 -49.42 -28.96 38.24
C ILE A 296 -49.29 -30.04 39.32
N ASN A 297 -48.22 -29.97 40.11
CA ASN A 297 -48.04 -30.93 41.18
C ASN A 297 -49.14 -30.81 42.23
N THR A 298 -49.67 -29.60 42.42
CA THR A 298 -50.80 -29.40 43.32
C THR A 298 -52.07 -30.03 42.75
N HIS A 299 -52.31 -29.86 41.45
CA HIS A 299 -53.49 -30.45 40.82
C HIS A 299 -53.42 -31.97 40.84
N HIS A 300 -52.24 -32.53 40.57
CA HIS A 300 -52.04 -33.97 40.62
C HIS A 300 -51.72 -34.47 42.02
N ARG A 301 -51.73 -33.60 43.03
CA ARG A 301 -51.34 -33.98 44.37
C ARG A 301 -52.32 -35.00 44.94
N SER A 302 -51.80 -36.15 45.35
CA SER A 302 -52.63 -37.18 45.95
C SER A 302 -53.10 -36.74 47.33
N PRO A 303 -54.41 -36.66 47.58
CA PRO A 303 -54.87 -36.15 48.89
C PRO A 303 -54.65 -37.12 50.03
N SER A 304 -54.48 -38.41 49.74
CA SER A 304 -54.26 -39.38 50.82
C SER A 304 -52.89 -39.21 51.45
N THR A 305 -51.87 -38.95 50.65
CA THR A 305 -50.52 -38.75 51.16
C THR A 305 -50.24 -37.31 51.55
N HIS A 306 -50.95 -36.34 50.95
CA HIS A 306 -50.73 -34.92 51.19
C HIS A 306 -52.06 -34.29 51.61
N VAL A 307 -52.37 -34.35 52.90
CA VAL A 307 -53.55 -33.68 53.43
C VAL A 307 -53.43 -32.17 53.26
N MET A 308 -54.53 -31.53 52.91
CA MET A 308 -54.51 -30.09 52.67
C MET A 308 -54.36 -29.34 53.99
N PRO A 309 -53.38 -28.46 54.12
CA PRO A 309 -53.25 -27.66 55.35
C PRO A 309 -54.35 -26.62 55.44
N ASN A 310 -54.65 -26.22 56.68
CA ASN A 310 -55.78 -25.33 56.92
C ASN A 310 -55.60 -23.97 56.26
N TRP A 311 -54.37 -23.45 56.24
CA TRP A 311 -54.15 -22.12 55.68
C TRP A 311 -54.35 -22.08 54.17
N VAL A 312 -53.89 -23.12 53.46
CA VAL A 312 -54.07 -23.15 52.01
C VAL A 312 -55.55 -23.21 51.65
N ARG A 313 -56.31 -24.08 52.33
CA ARG A 313 -57.75 -24.13 52.09
C ARG A 313 -58.41 -22.79 52.42
N LYS A 314 -58.12 -22.26 53.61
CA LYS A 314 -58.74 -21.00 54.04
C LYS A 314 -58.47 -19.88 53.06
N VAL A 315 -57.27 -19.83 52.48
CA VAL A 315 -56.97 -18.81 51.49
C VAL A 315 -57.71 -19.10 50.19
N PHE A 316 -57.37 -20.21 49.55
CA PHE A 316 -57.71 -20.41 48.14
C PHE A 316 -59.14 -20.89 47.89
N ILE A 317 -59.80 -21.49 48.87
CA ILE A 317 -61.20 -21.89 48.72
C ILE A 317 -62.14 -20.83 49.30
N ASP A 318 -61.82 -20.33 50.49
CA ASP A 318 -62.70 -19.38 51.16
C ASP A 318 -62.50 -17.95 50.68
N THR A 319 -61.27 -17.45 50.76
CA THR A 319 -61.02 -16.02 50.60
C THR A 319 -60.84 -15.60 49.15
N ILE A 320 -59.88 -16.22 48.45
CA ILE A 320 -59.46 -15.73 47.14
C ILE A 320 -60.61 -15.69 46.13
N PRO A 321 -61.43 -16.74 45.98
CA PRO A 321 -62.52 -16.66 44.99
C PRO A 321 -63.67 -15.77 45.43
N ASN A 322 -63.85 -15.54 46.73
CA ASN A 322 -64.91 -14.65 47.19
C ASN A 322 -64.50 -13.19 47.09
N ILE A 323 -63.20 -12.88 47.24
CA ILE A 323 -62.72 -11.52 47.14
C ILE A 323 -62.94 -10.97 45.74
N ASN A 393 -62.13 -38.42 45.91
CA ASN A 393 -62.36 -37.68 44.69
C ASN A 393 -62.65 -36.21 44.98
N ASN A 394 -63.45 -35.95 46.01
CA ASN A 394 -63.73 -34.59 46.42
C ASN A 394 -62.46 -33.90 46.93
N ALA A 395 -61.68 -34.61 47.75
CA ALA A 395 -60.43 -34.04 48.25
C ALA A 395 -59.44 -33.78 47.11
N ALA A 396 -59.40 -34.69 46.13
CA ALA A 396 -58.58 -34.45 44.95
C ALA A 396 -59.08 -33.24 44.17
N ALA A 397 -60.40 -33.12 44.02
CA ALA A 397 -60.99 -31.95 43.37
C ALA A 397 -60.70 -30.69 44.17
N GLU A 398 -60.62 -30.79 45.49
CA GLU A 398 -60.24 -29.63 46.30
C GLU A 398 -58.83 -29.17 45.98
N TRP A 399 -57.89 -30.11 45.83
CA TRP A 399 -56.55 -29.74 45.37
C TRP A 399 -56.58 -29.12 43.98
N LYS A 400 -57.41 -29.67 43.09
CA LYS A 400 -57.59 -29.07 41.77
C LYS A 400 -58.22 -27.68 41.88
N TYR A 401 -59.18 -27.52 42.79
CA TYR A 401 -59.79 -26.20 42.99
C TYR A 401 -58.75 -25.19 43.48
N VAL A 402 -57.88 -25.60 44.41
CA VAL A 402 -56.79 -24.74 44.85
C VAL A 402 -55.91 -24.35 43.68
N ALA A 403 -55.50 -25.34 42.87
CA ALA A 403 -54.66 -25.07 41.71
C ALA A 403 -55.35 -24.14 40.72
N MET A 404 -56.67 -24.32 40.54
CA MET A 404 -57.41 -23.43 39.64
C MET A 404 -57.43 -22.00 40.17
N VAL A 405 -57.65 -21.84 41.47
CA VAL A 405 -57.66 -20.50 42.06
C VAL A 405 -56.26 -19.88 42.00
N MET A 406 -55.22 -20.69 42.19
CA MET A 406 -53.86 -20.23 41.95
C MET A 406 -53.71 -19.74 40.51
N ASP A 407 -54.18 -20.55 39.55
CA ASP A 407 -54.11 -20.16 38.14
C ASP A 407 -54.78 -18.82 37.88
N HIS A 408 -55.97 -18.62 38.44
CA HIS A 408 -56.67 -17.34 38.27
C HIS A 408 -55.89 -16.19 38.88
N ILE A 409 -55.35 -16.38 40.09
CA ILE A 409 -54.55 -15.33 40.72
C ILE A 409 -53.29 -15.07 39.91
N LEU A 410 -52.59 -16.14 39.52
CA LEU A 410 -51.32 -16.00 38.83
C LEU A 410 -51.49 -15.36 37.46
N LEU A 411 -52.59 -15.64 36.77
CA LEU A 411 -52.85 -15.00 35.48
C LEU A 411 -52.94 -13.48 35.62
N GLY A 412 -53.73 -13.01 36.57
CA GLY A 412 -53.84 -11.57 36.79
C GLY A 412 -52.50 -10.94 37.15
N VAL A 413 -51.76 -11.58 38.05
CA VAL A 413 -50.46 -11.06 38.46
C VAL A 413 -49.49 -11.02 37.28
N PHE A 414 -49.37 -12.15 36.57
CA PHE A 414 -48.43 -12.22 35.46
C PHE A 414 -48.81 -11.23 34.35
N MET A 415 -50.11 -11.10 34.06
CA MET A 415 -50.52 -10.18 33.00
C MET A 415 -50.25 -8.73 33.39
N LEU A 416 -50.51 -8.37 34.64
CA LEU A 416 -50.29 -6.99 35.08
C LEU A 416 -48.80 -6.68 35.24
N VAL A 417 -48.04 -7.61 35.83
CA VAL A 417 -46.60 -7.41 35.97
C VAL A 417 -45.95 -7.28 34.60
N CYS A 418 -46.43 -8.03 33.61
CA CYS A 418 -45.91 -7.91 32.26
C CYS A 418 -46.15 -6.51 31.71
N ILE A 419 -47.39 -6.02 31.82
CA ILE A 419 -47.71 -4.69 31.30
C ILE A 419 -46.99 -3.61 32.11
N ILE A 420 -46.91 -3.79 33.42
CA ILE A 420 -46.19 -2.84 34.27
C ILE A 420 -44.71 -2.83 33.89
N GLY A 421 -44.11 -4.02 33.73
CA GLY A 421 -42.72 -4.08 33.32
C GLY A 421 -42.49 -3.51 31.94
N THR A 422 -43.39 -3.78 31.00
CA THR A 422 -43.27 -3.22 29.66
C THR A 422 -43.34 -1.70 29.69
N LEU A 423 -44.28 -1.16 30.45
CA LEU A 423 -44.41 0.30 30.55
C LEU A 423 -43.21 0.91 31.27
N ALA A 424 -42.78 0.30 32.37
CA ALA A 424 -41.62 0.79 33.10
C ALA A 424 -40.36 0.76 32.24
N VAL A 425 -40.30 -0.12 31.25
CA VAL A 425 -39.15 -0.21 30.36
C VAL A 425 -39.30 0.79 29.23
N PHE A 426 -40.41 0.72 28.51
CA PHE A 426 -40.64 1.60 27.37
C PHE A 426 -40.82 3.05 27.81
N SER B 1 8.56 -0.29 -37.29
CA SER B 1 7.59 0.79 -37.43
C SER B 1 8.23 2.13 -37.09
N GLU B 2 9.05 2.64 -38.02
CA GLU B 2 9.85 3.82 -37.75
C GLU B 2 9.00 5.08 -37.71
N ALA B 3 8.10 5.24 -38.68
CA ALA B 3 7.26 6.43 -38.75
C ALA B 3 6.37 6.58 -37.53
N GLU B 4 5.87 5.45 -36.99
CA GLU B 4 5.06 5.53 -35.78
C GLU B 4 5.87 6.02 -34.60
N GLY B 5 7.11 5.55 -34.46
CA GLY B 5 7.97 6.06 -33.41
C GLY B 5 8.28 7.54 -33.58
N ARG B 6 8.54 7.97 -34.81
CA ARG B 6 8.81 9.39 -35.05
C ARG B 6 7.60 10.25 -34.70
N LEU B 7 6.42 9.84 -35.14
CA LEU B 7 5.19 10.58 -34.81
C LEU B 7 4.96 10.62 -33.30
N ARG B 8 5.12 9.47 -32.65
CA ARG B 8 4.90 9.40 -31.20
C ARG B 8 5.86 10.31 -30.45
N GLU B 9 7.13 10.35 -30.86
CA GLU B 9 8.09 11.25 -30.23
C GLU B 9 7.75 12.71 -30.53
N LYS B 10 7.28 13.00 -31.74
CA LYS B 10 6.91 14.37 -32.09
C LYS B 10 5.74 14.87 -31.23
N LEU B 11 4.72 14.03 -31.05
CA LEU B 11 3.53 14.48 -30.32
C LEU B 11 3.85 14.81 -28.87
N PHE B 12 4.66 13.99 -28.21
CA PHE B 12 4.93 14.17 -26.79
C PHE B 12 6.13 15.06 -26.49
N SER B 13 6.86 15.50 -27.52
CA SER B 13 7.91 16.49 -27.31
C SER B 13 7.29 17.79 -26.79
N GLY B 14 7.61 18.14 -25.55
CA GLY B 14 7.03 19.32 -24.94
C GLY B 14 5.61 19.16 -24.46
N TYR B 15 5.05 17.95 -24.51
CA TYR B 15 3.71 17.70 -24.02
C TYR B 15 3.70 17.66 -22.49
N ASP B 16 2.54 17.97 -21.91
CA ASP B 16 2.36 17.92 -20.46
C ASP B 16 0.99 17.32 -20.19
N SER B 17 0.97 16.08 -19.69
CA SER B 17 -0.28 15.39 -19.41
C SER B 17 -1.01 15.95 -18.20
N SER B 18 -0.34 16.75 -17.35
CA SER B 18 -1.00 17.34 -16.21
C SER B 18 -1.84 18.57 -16.57
N VAL B 19 -1.66 19.10 -17.78
CA VAL B 19 -2.31 20.33 -18.20
C VAL B 19 -3.44 19.98 -19.16
N ARG B 20 -4.64 20.46 -18.88
CA ARG B 20 -5.77 20.18 -19.73
C ARG B 20 -5.62 20.90 -21.07
N PRO B 21 -6.13 20.30 -22.16
CA PRO B 21 -5.89 20.83 -23.51
C PRO B 21 -6.81 21.98 -23.91
N ALA B 22 -6.97 22.95 -23.01
CA ALA B 22 -7.62 24.20 -23.39
C ALA B 22 -6.69 25.04 -24.24
N ARG B 23 -7.16 25.46 -25.41
CA ARG B 23 -6.33 26.29 -26.27
C ARG B 23 -6.23 27.72 -25.73
N GLU B 24 -7.36 28.39 -25.61
CA GLU B 24 -7.43 29.66 -24.91
C GLU B 24 -7.75 29.42 -23.43
N VAL B 25 -7.46 30.43 -22.61
CA VAL B 25 -7.59 30.27 -21.17
CA VAL B 25 -7.60 30.27 -21.17
C VAL B 25 -9.05 30.05 -20.76
N GLY B 26 -9.99 30.59 -21.53
CA GLY B 26 -11.40 30.39 -21.24
C GLY B 26 -12.02 29.17 -21.85
N ASP B 27 -11.29 28.43 -22.68
CA ASP B 27 -11.86 27.29 -23.38
C ASP B 27 -12.16 26.15 -22.41
N ARG B 28 -13.34 25.56 -22.57
CA ARG B 28 -13.70 24.35 -21.85
C ARG B 28 -13.33 23.12 -22.68
N VAL B 29 -13.11 22.01 -21.99
CA VAL B 29 -12.91 20.72 -22.63
C VAL B 29 -14.20 19.93 -22.54
N ARG B 30 -14.76 19.54 -23.69
CA ARG B 30 -16.00 18.80 -23.74
C ARG B 30 -15.68 17.30 -23.74
N VAL B 31 -16.20 16.59 -22.74
CA VAL B 31 -15.96 15.15 -22.60
C VAL B 31 -17.30 14.45 -22.72
N SER B 32 -17.46 13.65 -23.76
CA SER B 32 -18.63 12.79 -23.90
C SER B 32 -18.46 11.56 -23.02
N VAL B 33 -19.37 11.40 -22.05
CA VAL B 33 -19.33 10.26 -21.14
C VAL B 33 -20.38 9.26 -21.60
N GLY B 34 -19.93 8.12 -22.11
CA GLY B 34 -20.78 6.97 -22.32
C GLY B 34 -20.50 5.89 -21.29
N LEU B 35 -21.47 4.99 -21.12
CA LEU B 35 -21.31 3.86 -20.22
C LEU B 35 -21.79 2.60 -20.91
N ILE B 36 -20.96 1.55 -20.88
CA ILE B 36 -21.32 0.24 -21.38
C ILE B 36 -21.33 -0.72 -20.19
N LEU B 37 -22.47 -1.31 -19.92
CA LEU B 37 -22.61 -2.25 -18.80
C LEU B 37 -22.25 -3.65 -19.28
N ALA B 38 -21.22 -4.23 -18.68
CA ALA B 38 -20.78 -5.58 -19.03
C ALA B 38 -21.41 -6.64 -18.13
N GLN B 39 -21.59 -6.34 -16.85
CA GLN B 39 -22.19 -7.29 -15.93
C GLN B 39 -22.72 -6.55 -14.71
N LEU B 40 -23.99 -6.75 -14.40
CA LEU B 40 -24.53 -6.40 -13.09
C LEU B 40 -24.11 -7.49 -12.12
N ILE B 41 -23.00 -7.26 -11.40
CA ILE B 41 -22.42 -8.32 -10.58
C ILE B 41 -23.38 -8.71 -9.47
N SER B 42 -23.88 -7.73 -8.72
CA SER B 42 -24.80 -8.01 -7.64
C SER B 42 -25.45 -6.71 -7.18
N LEU B 43 -26.55 -6.85 -6.45
CA LEU B 43 -27.10 -5.78 -5.63
C LEU B 43 -27.14 -6.26 -4.19
N ASN B 44 -26.65 -5.43 -3.28
CA ASN B 44 -26.57 -5.78 -1.85
C ASN B 44 -27.52 -4.86 -1.11
N GLU B 45 -28.57 -5.45 -0.52
CA GLU B 45 -29.54 -4.65 0.22
C GLU B 45 -29.00 -4.24 1.59
N LYS B 46 -28.24 -5.11 2.25
CA LYS B 46 -27.68 -4.76 3.55
C LYS B 46 -26.76 -3.56 3.45
N ASP B 47 -25.89 -3.53 2.45
CA ASP B 47 -24.99 -2.41 2.25
C ASP B 47 -25.60 -1.29 1.42
N GLU B 48 -26.78 -1.51 0.84
CA GLU B 48 -27.38 -0.59 -0.12
C GLU B 48 -26.38 -0.25 -1.21
N GLU B 49 -25.80 -1.29 -1.80
CA GLU B 49 -24.67 -1.15 -2.71
C GLU B 49 -24.90 -2.02 -3.93
N MET B 50 -24.67 -1.45 -5.11
CA MET B 50 -24.77 -2.17 -6.37
C MET B 50 -23.38 -2.31 -6.97
N SER B 51 -22.98 -3.55 -7.27
CA SER B 51 -21.70 -3.83 -7.89
C SER B 51 -21.93 -4.11 -9.37
N THR B 52 -21.23 -3.36 -10.22
CA THR B 52 -21.33 -3.52 -11.66
C THR B 52 -19.94 -3.55 -12.27
N LYS B 53 -19.80 -4.30 -13.36
CA LYS B 53 -18.62 -4.25 -14.21
C LYS B 53 -19.01 -3.51 -15.48
N VAL B 54 -18.34 -2.39 -15.75
CA VAL B 54 -18.71 -1.51 -16.85
C VAL B 54 -17.46 -1.14 -17.63
N TYR B 55 -17.69 -0.74 -18.88
CA TYR B 55 -16.71 0.00 -19.67
C TYR B 55 -17.20 1.42 -19.84
N LEU B 56 -16.40 2.38 -19.40
CA LEU B 56 -16.68 3.77 -19.73
C LEU B 56 -16.44 4.01 -21.23
N ASP B 57 -16.96 5.13 -21.72
CA ASP B 57 -16.70 5.55 -23.09
C ASP B 57 -16.48 7.06 -23.06
N LEU B 58 -15.24 7.47 -22.80
CA LEU B 58 -14.88 8.87 -22.68
C LEU B 58 -14.25 9.34 -23.97
N GLU B 59 -14.74 10.45 -24.50
CA GLU B 59 -14.19 11.00 -25.74
C GLU B 59 -14.07 12.51 -25.61
N TRP B 60 -12.92 13.04 -26.03
CA TRP B 60 -12.66 14.46 -26.01
C TRP B 60 -11.64 14.77 -27.10
N THR B 61 -11.45 16.06 -27.37
CA THR B 61 -10.44 16.51 -28.32
C THR B 61 -9.27 17.10 -27.57
N ASP B 62 -8.07 16.60 -27.86
CA ASP B 62 -6.81 17.17 -27.37
C ASP B 62 -6.08 17.72 -28.59
N TYR B 63 -6.13 19.03 -28.78
CA TYR B 63 -5.52 19.66 -29.95
C TYR B 63 -4.03 19.41 -30.01
N ARG B 64 -3.38 19.21 -28.86
CA ARG B 64 -1.94 18.98 -28.84
C ARG B 64 -1.58 17.65 -29.50
N LEU B 65 -2.52 16.70 -29.56
CA LEU B 65 -2.29 15.39 -30.13
C LEU B 65 -2.78 15.28 -31.58
N SER B 66 -3.03 16.41 -32.24
CA SER B 66 -3.38 16.38 -33.66
C SER B 66 -2.12 16.33 -34.52
N TRP B 67 -2.25 15.73 -35.70
CA TRP B 67 -1.18 15.71 -36.68
C TRP B 67 -1.78 15.53 -38.07
N ASP B 68 -0.98 15.85 -39.08
CA ASP B 68 -1.35 15.58 -40.47
C ASP B 68 -0.89 14.17 -40.84
N PRO B 69 -1.82 13.26 -41.10
CA PRO B 69 -1.41 11.88 -41.41
C PRO B 69 -0.58 11.74 -42.67
N ALA B 70 -0.75 12.65 -43.64
CA ALA B 70 0.04 12.57 -44.87
C ALA B 70 1.51 12.89 -44.63
N GLU B 71 1.82 13.65 -43.58
CA GLU B 71 3.21 13.91 -43.22
C GLU B 71 3.83 12.74 -42.47
N HIS B 72 3.02 11.89 -41.87
CA HIS B 72 3.51 10.79 -41.04
C HIS B 72 3.15 9.43 -41.60
N ASP B 73 3.40 9.23 -42.90
CA ASP B 73 3.26 7.92 -43.54
C ASP B 73 1.84 7.38 -43.47
N GLY B 74 0.85 8.27 -43.51
CA GLY B 74 -0.53 7.84 -43.54
C GLY B 74 -1.10 7.32 -42.24
N ILE B 75 -0.38 7.48 -41.13
CA ILE B 75 -0.90 7.03 -39.84
C ILE B 75 -2.06 7.93 -39.46
N ASP B 76 -3.28 7.40 -39.54
CA ASP B 76 -4.49 8.17 -39.29
C ASP B 76 -4.98 8.05 -37.85
N SER B 77 -4.49 7.09 -37.09
CA SER B 77 -4.84 6.97 -35.67
C SER B 77 -3.70 6.30 -34.93
N LEU B 78 -3.66 6.53 -33.62
CA LEU B 78 -2.55 6.05 -32.80
C LEU B 78 -3.11 5.56 -31.46
N ARG B 79 -2.53 4.48 -30.96
CA ARG B 79 -2.91 3.92 -29.67
C ARG B 79 -1.81 4.23 -28.66
N ILE B 80 -2.16 4.90 -27.58
CA ILE B 80 -1.21 5.47 -26.64
C ILE B 80 -1.65 5.10 -25.23
N THR B 81 -0.69 4.71 -24.39
CA THR B 81 -1.00 4.36 -23.01
C THR B 81 -1.58 5.58 -22.28
N ALA B 82 -2.65 5.37 -21.54
CA ALA B 82 -3.46 6.47 -21.02
C ALA B 82 -2.67 7.36 -20.06
N GLU B 83 -1.69 6.79 -19.35
CA GLU B 83 -0.93 7.57 -18.38
C GLU B 83 -0.12 8.69 -19.01
N SER B 84 0.18 8.60 -20.31
CA SER B 84 1.04 9.57 -20.96
C SER B 84 0.28 10.74 -21.58
N VAL B 85 -1.04 10.61 -21.75
CA VAL B 85 -1.85 11.71 -22.24
C VAL B 85 -2.63 12.32 -21.08
N TRP B 86 -3.14 13.52 -21.29
CA TRP B 86 -4.06 14.12 -20.32
C TRP B 86 -5.37 13.36 -20.31
N LEU B 87 -5.80 12.96 -19.12
CA LEU B 87 -7.09 12.31 -18.97
C LEU B 87 -7.99 13.13 -18.07
N PRO B 88 -9.27 13.28 -18.42
CA PRO B 88 -10.22 13.86 -17.47
C PRO B 88 -10.37 12.94 -16.26
N ASP B 89 -10.39 13.54 -15.08
CA ASP B 89 -10.48 12.75 -13.86
C ASP B 89 -11.92 12.37 -13.56
N VAL B 90 -12.60 11.81 -14.55
CA VAL B 90 -13.98 11.36 -14.36
C VAL B 90 -14.00 10.20 -13.38
N VAL B 91 -14.77 10.35 -12.30
CA VAL B 91 -14.81 9.37 -11.23
C VAL B 91 -16.26 9.12 -10.84
N LEU B 92 -16.49 7.97 -10.21
CA LEU B 92 -17.81 7.63 -9.68
C LEU B 92 -17.98 8.34 -8.34
N LEU B 93 -18.77 9.40 -8.33
CA LEU B 93 -18.95 10.19 -7.11
C LEU B 93 -19.71 9.41 -6.05
N ASN B 94 -20.73 8.66 -6.44
CA ASN B 94 -21.59 7.96 -5.50
C ASN B 94 -21.10 6.54 -5.19
N ASN B 95 -19.80 6.28 -5.34
CA ASN B 95 -19.25 4.99 -4.96
C ASN B 95 -19.40 4.77 -3.46
N ASN B 96 -19.48 3.50 -3.07
CA ASN B 96 -19.69 3.13 -1.68
C ASN B 96 -18.44 2.61 -0.99
N ASP B 97 -17.37 2.31 -1.73
CA ASP B 97 -16.19 1.69 -1.17
C ASP B 97 -14.93 2.55 -1.31
N GLY B 98 -15.03 3.75 -1.85
CA GLY B 98 -13.89 4.62 -2.02
C GLY B 98 -13.07 4.39 -3.28
N ASN B 99 -13.51 3.50 -4.17
CA ASN B 99 -12.83 3.27 -5.44
C ASN B 99 -13.43 4.19 -6.49
N PHE B 100 -12.87 5.41 -6.58
CA PHE B 100 -13.31 6.35 -7.60
C PHE B 100 -12.84 5.95 -8.99
N ASP B 101 -11.61 5.48 -9.11
CA ASP B 101 -10.94 5.35 -10.40
C ASP B 101 -11.36 4.06 -11.12
N VAL B 102 -11.00 4.00 -12.41
CA VAL B 102 -11.27 2.82 -13.22
C VAL B 102 -10.33 1.68 -12.83
N ALA B 103 -10.73 0.47 -13.21
CA ALA B 103 -10.00 -0.73 -12.81
C ALA B 103 -8.72 -0.96 -13.59
N LEU B 104 -8.61 -0.44 -14.82
CA LEU B 104 -7.44 -0.72 -15.65
C LEU B 104 -7.24 0.43 -16.62
N ASP B 105 -6.04 1.03 -16.59
CA ASP B 105 -5.68 2.14 -17.48
C ASP B 105 -5.23 1.59 -18.83
N ILE B 106 -6.22 1.11 -19.60
CA ILE B 106 -5.93 0.69 -20.97
C ILE B 106 -5.52 1.89 -21.80
N SER B 107 -4.94 1.60 -22.98
CA SER B 107 -4.48 2.66 -23.86
C SER B 107 -5.66 3.43 -24.45
N VAL B 108 -5.44 4.73 -24.68
CA VAL B 108 -6.39 5.56 -25.41
C VAL B 108 -6.12 5.44 -26.90
N VAL B 109 -7.15 5.72 -27.70
CA VAL B 109 -7.02 5.85 -29.15
C VAL B 109 -7.05 7.33 -29.50
N VAL B 110 -6.01 7.81 -30.19
CA VAL B 110 -5.92 9.20 -30.62
C VAL B 110 -6.06 9.24 -32.14
N SER B 111 -7.04 10.00 -32.61
CA SER B 111 -7.19 10.26 -34.04
C SER B 111 -6.29 11.40 -34.47
N SER B 112 -5.97 11.44 -35.76
CA SER B 112 -5.09 12.47 -36.30
C SER B 112 -5.66 13.87 -36.12
N ASP B 113 -6.98 14.00 -36.04
CA ASP B 113 -7.59 15.30 -35.76
C ASP B 113 -7.53 15.68 -34.29
N GLY B 114 -6.90 14.86 -33.45
CA GLY B 114 -6.82 15.12 -32.03
C GLY B 114 -7.96 14.58 -31.19
N SER B 115 -8.91 13.89 -31.81
CA SER B 115 -9.98 13.25 -31.05
C SER B 115 -9.41 12.07 -30.27
N VAL B 116 -9.54 12.10 -28.95
CA VAL B 116 -9.07 11.03 -28.09
C VAL B 116 -10.28 10.25 -27.58
N ARG B 117 -10.22 8.93 -27.71
CA ARG B 117 -11.27 8.05 -27.20
C ARG B 117 -10.66 7.08 -26.20
N TRP B 118 -11.32 6.94 -25.05
CA TRP B 118 -10.82 6.12 -23.96
C TRP B 118 -11.98 5.28 -23.42
N GLN B 119 -11.76 3.97 -23.33
CA GLN B 119 -12.83 3.08 -22.88
C GLN B 119 -12.38 2.18 -21.74
N PRO B 120 -11.94 2.74 -20.62
CA PRO B 120 -11.36 1.91 -19.56
C PRO B 120 -12.41 1.05 -18.89
N PRO B 121 -12.07 -0.19 -18.54
CA PRO B 121 -12.98 -0.99 -17.72
C PRO B 121 -13.01 -0.50 -16.29
N GLY B 122 -14.19 -0.60 -15.68
CA GLY B 122 -14.34 -0.25 -14.28
C GLY B 122 -15.11 -1.31 -13.51
N ILE B 123 -14.65 -1.59 -12.30
CA ILE B 123 -15.42 -2.30 -11.30
C ILE B 123 -15.88 -1.28 -10.27
N TYR B 124 -17.20 -1.14 -10.11
CA TYR B 124 -17.76 -0.05 -9.32
C TYR B 124 -18.77 -0.61 -8.32
N ARG B 125 -18.76 -0.06 -7.12
CA ARG B 125 -19.72 -0.40 -6.08
C ARG B 125 -20.38 0.90 -5.62
N SER B 126 -21.40 1.32 -6.36
CA SER B 126 -22.10 2.56 -6.05
C SER B 126 -23.12 2.35 -4.95
N SER B 127 -23.38 3.40 -4.19
CA SER B 127 -24.49 3.39 -3.24
C SER B 127 -25.81 3.50 -3.98
N CYS B 128 -26.79 2.71 -3.55
CA CYS B 128 -28.11 2.68 -4.18
C CYS B 128 -29.17 2.59 -3.08
N SER B 129 -30.01 3.62 -2.99
CA SER B 129 -31.10 3.63 -2.02
C SER B 129 -32.11 2.56 -2.38
N ILE B 130 -32.22 1.54 -1.53
CA ILE B 130 -33.04 0.37 -1.82
C ILE B 130 -34.51 0.69 -1.50
N GLN B 131 -35.38 0.46 -2.49
CA GLN B 131 -36.82 0.51 -2.25
C GLN B 131 -37.28 -0.73 -1.49
N VAL B 132 -37.31 -0.63 -0.15
CA VAL B 132 -37.54 -1.81 0.69
C VAL B 132 -38.96 -2.33 0.60
N THR B 133 -39.91 -1.52 0.12
CA THR B 133 -41.32 -1.76 0.40
C THR B 133 -41.82 -3.07 -0.21
N TYR B 134 -41.79 -3.17 -1.54
CA TYR B 134 -42.51 -4.21 -2.27
C TYR B 134 -41.71 -5.50 -2.42
N PHE B 135 -40.72 -5.74 -1.56
CA PHE B 135 -39.96 -6.98 -1.59
C PHE B 135 -40.91 -8.18 -1.47
N PRO B 136 -40.74 -9.24 -2.27
CA PRO B 136 -39.70 -9.45 -3.29
C PRO B 136 -40.09 -9.02 -4.69
N PHE B 137 -41.24 -8.38 -4.87
CA PHE B 137 -41.66 -7.87 -6.18
C PHE B 137 -41.07 -6.49 -6.47
N ASP B 138 -40.11 -6.05 -5.67
CA ASP B 138 -39.63 -4.68 -5.74
C ASP B 138 -38.80 -4.45 -7.01
N TRP B 139 -38.76 -3.20 -7.43
CA TRP B 139 -37.88 -2.74 -8.49
C TRP B 139 -36.97 -1.66 -7.90
N GLN B 140 -35.70 -1.67 -8.31
CA GLN B 140 -34.72 -0.76 -7.75
C GLN B 140 -34.27 0.24 -8.81
N ASN B 141 -34.04 1.46 -8.35
CA ASN B 141 -33.62 2.57 -9.21
C ASN B 141 -32.23 3.03 -8.77
N CYS B 142 -31.22 2.29 -9.24
CA CYS B 142 -29.84 2.58 -8.86
C CYS B 142 -29.22 3.58 -9.83
N THR B 143 -28.32 4.40 -9.31
CA THR B 143 -27.70 5.47 -10.08
C THR B 143 -26.18 5.35 -10.01
N MET B 144 -25.53 5.66 -11.13
CA MET B 144 -24.09 5.83 -11.19
C MET B 144 -23.80 7.26 -11.58
N VAL B 145 -23.16 8.02 -10.70
CA VAL B 145 -22.91 9.43 -10.90
C VAL B 145 -21.44 9.60 -11.28
N PHE B 146 -21.19 9.96 -12.53
CA PHE B 146 -19.84 10.18 -13.02
C PHE B 146 -19.59 11.67 -13.20
N SER B 147 -18.51 12.17 -12.61
CA SER B 147 -18.12 13.55 -12.78
C SER B 147 -16.61 13.67 -12.63
N SER B 148 -16.05 14.71 -13.24
CA SER B 148 -14.68 15.09 -12.95
C SER B 148 -14.57 15.50 -11.49
N TYR B 149 -13.62 14.89 -10.77
CA TYR B 149 -13.46 15.19 -9.36
C TYR B 149 -13.02 16.63 -9.13
N SER B 150 -12.03 17.08 -9.90
CA SER B 150 -11.39 18.37 -9.66
C SER B 150 -11.92 19.49 -10.55
N TYR B 151 -11.88 19.30 -11.86
CA TYR B 151 -12.18 20.39 -12.78
C TYR B 151 -13.63 20.84 -12.65
N ASP B 152 -13.83 22.16 -12.71
CA ASP B 152 -15.15 22.76 -12.62
C ASP B 152 -15.89 22.60 -13.93
N SER B 153 -17.19 22.91 -13.89
CA SER B 153 -17.99 22.95 -15.12
C SER B 153 -17.48 23.99 -16.10
N SER B 154 -16.70 24.97 -15.63
CA SER B 154 -16.08 25.97 -16.50
C SER B 154 -14.76 25.49 -17.09
N GLU B 155 -14.34 24.25 -16.83
CA GLU B 155 -13.08 23.75 -17.33
C GLU B 155 -13.28 22.46 -18.12
N VAL B 156 -14.11 21.57 -17.60
CA VAL B 156 -14.47 20.33 -18.29
C VAL B 156 -15.98 20.23 -18.32
N SER B 157 -16.54 20.22 -19.53
CA SER B 157 -17.98 20.06 -19.73
C SER B 157 -18.25 18.59 -20.07
N LEU B 158 -18.93 17.89 -19.16
CA LEU B 158 -19.36 16.54 -19.43
C LEU B 158 -20.59 16.53 -20.33
N GLN B 159 -20.71 15.47 -21.14
CA GLN B 159 -21.84 15.28 -22.02
C GLN B 159 -22.19 13.80 -22.06
N THR B 160 -23.47 13.52 -22.26
CA THR B 160 -23.89 12.14 -22.53
C THR B 160 -23.45 11.72 -23.92
N GLY B 161 -22.86 10.54 -24.02
CA GLY B 161 -22.38 10.07 -25.31
C GLY B 161 -23.52 9.90 -26.30
N LEU B 162 -23.30 10.37 -27.52
CA LEU B 162 -24.28 10.24 -28.58
C LEU B 162 -24.28 8.82 -29.14
N GLY B 163 -25.35 8.50 -29.87
CA GLY B 163 -25.43 7.25 -30.59
C GLY B 163 -24.50 7.24 -31.79
N PRO B 164 -24.30 6.06 -32.39
CA PRO B 164 -23.37 5.96 -33.53
C PRO B 164 -23.81 6.80 -34.72
N ASP B 165 -25.12 7.04 -34.87
CA ASP B 165 -25.64 7.95 -35.89
C ASP B 165 -25.63 9.40 -35.44
N GLY B 166 -25.04 9.70 -34.29
CA GLY B 166 -25.12 11.02 -33.71
C GLY B 166 -26.41 11.32 -32.98
N GLN B 167 -27.29 10.33 -32.83
CA GLN B 167 -28.52 10.51 -32.09
C GLN B 167 -28.21 10.72 -30.60
N GLY B 168 -29.06 11.51 -29.95
CA GLY B 168 -28.96 11.70 -28.51
C GLY B 168 -29.41 10.48 -27.73
N HIS B 169 -28.80 9.33 -28.01
CA HIS B 169 -29.18 8.06 -27.39
C HIS B 169 -28.64 8.01 -25.96
N GLN B 170 -29.27 8.80 -25.10
CA GLN B 170 -28.86 8.90 -23.70
C GLN B 170 -29.24 7.65 -22.93
N GLU B 171 -28.54 6.55 -23.14
CA GLU B 171 -28.81 5.30 -22.45
C GLU B 171 -27.50 4.62 -22.10
N ILE B 172 -27.55 3.77 -21.07
CA ILE B 172 -26.47 2.83 -20.83
C ILE B 172 -26.42 1.85 -21.99
N HIS B 173 -25.26 1.74 -22.62
CA HIS B 173 -25.11 0.80 -23.72
C HIS B 173 -25.01 -0.62 -23.17
N ILE B 174 -25.75 -1.53 -23.80
CA ILE B 174 -25.72 -2.95 -23.43
C ILE B 174 -25.65 -3.76 -24.73
N HIS B 175 -24.52 -4.43 -24.95
CA HIS B 175 -24.36 -5.33 -26.08
C HIS B 175 -25.08 -6.63 -25.72
N GLU B 176 -26.34 -6.72 -26.14
CA GLU B 176 -27.21 -7.81 -25.69
C GLU B 176 -26.69 -9.18 -26.11
N GLY B 177 -25.82 -9.24 -27.11
CA GLY B 177 -25.24 -10.51 -27.51
C GLY B 177 -24.09 -11.00 -26.64
N THR B 178 -23.58 -10.17 -25.73
CA THR B 178 -22.42 -10.55 -24.94
C THR B 178 -22.59 -10.13 -23.48
N PHE B 179 -23.59 -9.29 -23.20
CA PHE B 179 -23.89 -8.89 -21.83
C PHE B 179 -24.17 -10.10 -20.96
N ILE B 180 -23.57 -10.11 -19.77
CA ILE B 180 -23.71 -11.23 -18.82
C ILE B 180 -25.03 -11.03 -18.09
N GLU B 181 -26.07 -11.72 -18.54
CA GLU B 181 -27.40 -11.57 -17.94
C GLU B 181 -27.38 -11.99 -16.48
N ASN B 182 -27.84 -11.10 -15.61
CA ASN B 182 -27.91 -11.40 -14.19
C ASN B 182 -29.07 -12.36 -13.92
N GLY B 183 -28.84 -13.33 -13.03
CA GLY B 183 -29.85 -14.34 -12.76
C GLY B 183 -30.98 -13.91 -11.87
N GLN B 184 -30.82 -12.80 -11.14
CA GLN B 184 -31.83 -12.35 -10.20
C GLN B 184 -32.49 -11.03 -10.55
N TRP B 185 -31.84 -10.19 -11.35
CA TRP B 185 -32.32 -8.85 -11.65
C TRP B 185 -32.47 -8.67 -13.15
N GLU B 186 -33.57 -8.05 -13.57
CA GLU B 186 -33.83 -7.74 -14.96
C GLU B 186 -33.74 -6.23 -15.17
N ILE B 187 -32.94 -5.82 -16.16
CA ILE B 187 -32.79 -4.41 -16.48
C ILE B 187 -33.96 -3.98 -17.38
N ILE B 188 -34.72 -3.00 -16.92
CA ILE B 188 -35.90 -2.55 -17.67
C ILE B 188 -35.59 -1.23 -18.38
N HIS B 189 -35.21 -0.21 -17.62
CA HIS B 189 -34.82 1.07 -18.18
C HIS B 189 -33.38 1.38 -17.80
N LYS B 190 -32.66 2.02 -18.72
CA LYS B 190 -31.25 2.32 -18.51
C LYS B 190 -30.85 3.69 -19.04
N PRO B 191 -31.60 4.76 -18.71
CA PRO B 191 -31.30 6.06 -19.31
C PRO B 191 -30.07 6.71 -18.70
N SER B 192 -29.61 7.77 -19.36
CA SER B 192 -28.61 8.66 -18.79
C SER B 192 -29.11 10.09 -18.91
N ARG B 193 -28.67 10.94 -17.98
CA ARG B 193 -29.00 12.36 -18.01
C ARG B 193 -27.78 13.18 -17.62
N LEU B 194 -27.49 14.22 -18.38
CA LEU B 194 -26.54 15.23 -17.96
C LEU B 194 -27.21 16.18 -16.98
N ILE B 195 -26.59 16.39 -15.83
CA ILE B 195 -27.13 17.25 -14.78
C ILE B 195 -26.34 18.54 -14.77
N GLN B 196 -27.03 19.65 -14.99
CA GLN B 196 -26.38 20.95 -14.93
C GLN B 196 -26.12 21.36 -13.48
N PRO B 197 -25.06 22.13 -13.24
CA PRO B 197 -24.77 22.56 -11.87
C PRO B 197 -25.89 23.42 -11.32
N PRO B 198 -26.21 23.29 -10.01
CA PRO B 198 -27.24 24.08 -9.34
C PRO B 198 -26.99 25.58 -9.43
N GLY B 207 -17.67 27.45 -9.99
CA GLY B 207 -16.92 26.45 -9.26
C GLY B 207 -17.66 25.15 -9.07
N GLN B 208 -18.93 25.14 -9.48
CA GLN B 208 -19.74 23.94 -9.42
C GLN B 208 -19.41 23.01 -10.59
N ARG B 209 -19.80 21.74 -10.44
CA ARG B 209 -19.44 20.69 -11.37
C ARG B 209 -20.68 20.11 -12.04
N GLN B 210 -20.54 19.75 -13.32
CA GLN B 210 -21.54 18.97 -14.01
C GLN B 210 -21.42 17.50 -13.62
N GLU B 211 -22.54 16.80 -13.69
CA GLU B 211 -22.58 15.36 -13.45
C GLU B 211 -23.34 14.67 -14.57
N VAL B 212 -22.85 13.51 -14.99
CA VAL B 212 -23.59 12.61 -15.86
C VAL B 212 -24.05 11.44 -14.99
N ILE B 213 -25.35 11.25 -14.89
CA ILE B 213 -25.95 10.21 -14.06
C ILE B 213 -26.52 9.13 -14.97
N PHE B 214 -26.11 7.89 -14.75
CA PHE B 214 -26.66 6.74 -15.45
C PHE B 214 -27.59 6.01 -14.50
N TYR B 215 -28.77 5.64 -14.98
CA TYR B 215 -29.81 5.05 -14.16
C TYR B 215 -30.02 3.60 -14.58
N LEU B 216 -29.99 2.70 -13.62
CA LEU B 216 -30.34 1.30 -13.84
C LEU B 216 -31.64 1.02 -13.10
N ILE B 217 -32.72 0.84 -13.84
CA ILE B 217 -34.01 0.46 -13.26
C ILE B 217 -34.11 -1.04 -13.42
N ILE B 218 -33.82 -1.77 -12.34
CA ILE B 218 -33.76 -3.22 -12.36
C ILE B 218 -34.93 -3.77 -11.55
N ARG B 219 -35.63 -4.74 -12.12
CA ARG B 219 -36.74 -5.42 -11.46
C ARG B 219 -36.26 -6.75 -10.92
N ARG B 220 -36.61 -7.05 -9.66
CA ARG B 220 -36.27 -8.34 -9.10
C ARG B 220 -37.11 -9.43 -9.73
N LYS B 221 -36.46 -10.50 -10.18
CA LYS B 221 -37.17 -11.69 -10.62
C LYS B 221 -37.58 -12.49 -9.38
N PRO B 222 -38.88 -12.55 -9.08
CA PRO B 222 -39.33 -12.96 -7.74
C PRO B 222 -39.44 -14.47 -7.51
N LEU B 223 -39.23 -15.30 -8.53
CA LEU B 223 -39.53 -16.73 -8.41
C LEU B 223 -38.77 -17.38 -7.26
N PHE B 224 -37.49 -17.01 -7.08
CA PHE B 224 -36.70 -17.63 -6.03
C PHE B 224 -37.29 -17.37 -4.65
N TYR B 225 -37.73 -16.14 -4.39
CA TYR B 225 -38.25 -15.81 -3.07
C TYR B 225 -39.68 -16.30 -2.87
N LEU B 226 -40.47 -16.35 -3.94
CA LEU B 226 -41.80 -16.95 -3.86
C LEU B 226 -41.72 -18.39 -3.36
N VAL B 227 -40.82 -19.17 -3.94
CA VAL B 227 -40.71 -20.58 -3.60
C VAL B 227 -40.07 -20.78 -2.22
N ASN B 228 -38.96 -20.09 -1.96
CA ASN B 228 -38.18 -20.36 -0.76
C ASN B 228 -38.70 -19.64 0.49
N VAL B 229 -39.48 -18.58 0.34
CA VAL B 229 -39.92 -17.81 1.50
C VAL B 229 -41.44 -17.76 1.59
N ILE B 230 -42.08 -17.19 0.56
CA ILE B 230 -43.49 -16.87 0.64
C ILE B 230 -44.34 -18.14 0.77
N ALA B 231 -44.06 -19.13 -0.07
CA ALA B 231 -44.83 -20.37 -0.01
C ALA B 231 -44.70 -21.10 1.32
N PRO B 232 -43.50 -21.31 1.88
CA PRO B 232 -43.44 -21.89 3.25
C PRO B 232 -44.23 -21.10 4.27
N CYS B 233 -44.14 -19.77 4.23
CA CYS B 233 -44.87 -18.95 5.20
C CYS B 233 -46.38 -19.12 5.02
N ILE B 234 -46.84 -19.21 3.78
CA ILE B 234 -48.27 -19.44 3.52
C ILE B 234 -48.70 -20.79 4.07
N LEU B 235 -47.87 -21.82 3.87
CA LEU B 235 -48.19 -23.15 4.40
C LEU B 235 -48.28 -23.13 5.92
N ILE B 236 -47.31 -22.49 6.57
CA ILE B 236 -47.31 -22.42 8.03
C ILE B 236 -48.52 -21.63 8.52
N THR B 237 -48.86 -20.55 7.82
CA THR B 237 -50.05 -19.78 8.18
C THR B 237 -51.32 -20.62 8.06
N LEU B 238 -51.41 -21.40 6.99
CA LEU B 238 -52.56 -22.29 6.81
C LEU B 238 -52.65 -23.31 7.94
N LEU B 239 -51.52 -23.86 8.36
CA LEU B 239 -51.54 -24.79 9.48
C LEU B 239 -51.93 -24.08 10.77
N ALA B 240 -51.47 -22.85 10.97
CA ALA B 240 -51.88 -22.05 12.12
C ALA B 240 -53.38 -21.79 12.10
N ILE B 241 -53.99 -21.73 10.91
CA ILE B 241 -55.44 -21.58 10.83
C ILE B 241 -56.14 -22.85 11.30
N PHE B 242 -55.69 -24.00 10.82
CA PHE B 242 -56.33 -25.27 11.13
C PHE B 242 -56.24 -25.65 12.60
N VAL B 243 -55.39 -24.97 13.37
CA VAL B 243 -55.33 -25.10 14.82
C VAL B 243 -56.73 -25.08 15.43
N PHE B 244 -57.60 -24.21 14.90
CA PHE B 244 -58.95 -24.07 15.44
C PHE B 244 -59.87 -25.21 15.06
N TYR B 245 -59.45 -26.10 14.16
CA TYR B 245 -60.23 -27.29 13.86
C TYR B 245 -59.80 -28.49 14.69
N LEU B 246 -58.60 -28.48 15.23
CA LEU B 246 -58.10 -29.56 16.08
C LEU B 246 -58.86 -29.58 17.40
N PRO B 247 -59.53 -30.69 17.76
CA PRO B 247 -60.33 -30.68 18.98
C PRO B 247 -59.45 -30.59 20.21
N PRO B 248 -59.96 -30.00 21.30
CA PRO B 248 -59.15 -29.90 22.52
C PRO B 248 -58.72 -31.25 23.10
N ASP B 249 -59.54 -32.29 22.94
CA ASP B 249 -59.23 -33.59 23.53
C ASP B 249 -57.98 -34.22 22.94
N ALA B 250 -57.55 -33.77 21.75
CA ALA B 250 -56.33 -34.33 21.16
C ALA B 250 -55.08 -33.95 21.92
N GLY B 251 -55.09 -32.82 22.62
CA GLY B 251 -53.93 -32.40 23.38
C GLY B 251 -52.73 -31.98 22.55
N GLU B 252 -52.95 -31.62 21.28
CA GLU B 252 -51.87 -31.19 20.40
C GLU B 252 -52.01 -29.73 19.97
N LYS B 253 -52.99 -28.99 20.51
CA LYS B 253 -53.33 -27.68 19.97
C LYS B 253 -52.28 -26.64 20.31
N MET B 254 -51.79 -26.63 21.56
CA MET B 254 -50.68 -25.76 21.92
C MET B 254 -49.43 -26.11 21.13
N GLY B 255 -49.15 -27.40 20.99
CA GLY B 255 -48.05 -27.85 20.16
C GLY B 255 -48.06 -27.23 18.78
N LEU B 256 -49.14 -27.50 18.02
CA LEU B 256 -49.22 -27.02 16.65
C LEU B 256 -49.16 -25.50 16.57
N SER B 257 -49.93 -24.81 17.42
CA SER B 257 -49.98 -23.36 17.34
C SER B 257 -48.62 -22.74 17.66
N ILE B 258 -47.96 -23.23 18.72
CA ILE B 258 -46.66 -22.69 19.10
C ILE B 258 -45.62 -23.00 18.04
N PHE B 259 -45.61 -24.21 17.50
CA PHE B 259 -44.62 -24.54 16.48
C PHE B 259 -44.80 -23.70 15.23
N ALA B 260 -46.06 -23.45 14.84
CA ALA B 260 -46.31 -22.54 13.71
C ALA B 260 -45.79 -21.14 14.00
N LEU B 261 -46.11 -20.61 15.20
CA LEU B 261 -45.65 -19.28 15.56
C LEU B 261 -44.14 -19.19 15.55
N LEU B 262 -43.46 -20.18 16.14
CA LEU B 262 -42.00 -20.18 16.19
C LEU B 262 -41.39 -20.28 14.81
N THR B 263 -41.96 -21.12 13.93
CA THR B 263 -41.41 -21.24 12.59
C THR B 263 -41.58 -19.94 11.81
N LEU B 264 -42.74 -19.29 11.95
CA LEU B 264 -42.91 -17.99 11.31
C LEU B 264 -41.95 -16.95 11.87
N THR B 265 -41.68 -17.00 13.17
CA THR B 265 -40.72 -16.08 13.78
C THR B 265 -39.31 -16.34 13.25
N VAL B 266 -38.96 -17.61 13.06
CA VAL B 266 -37.67 -17.96 12.47
C VAL B 266 -37.56 -17.41 11.06
N PHE B 267 -38.62 -17.58 10.26
CA PHE B 267 -38.63 -17.02 8.92
C PHE B 267 -38.50 -15.50 8.94
N LEU B 268 -39.14 -14.85 9.91
CA LEU B 268 -38.99 -13.41 10.06
C LEU B 268 -37.54 -13.03 10.34
N LEU B 269 -36.91 -13.72 11.30
CA LEU B 269 -35.53 -13.42 11.65
C LEU B 269 -34.59 -13.66 10.47
N LEU B 270 -34.82 -14.73 9.71
CA LEU B 270 -34.01 -14.99 8.54
C LEU B 270 -34.21 -13.91 7.47
N LEU B 271 -35.46 -13.59 7.17
CA LEU B 271 -35.75 -12.60 6.13
C LEU B 271 -35.27 -11.21 6.55
N ALA B 272 -35.27 -10.92 7.85
CA ALA B 272 -34.77 -9.64 8.34
C ALA B 272 -33.32 -9.38 7.93
N ASP B 273 -32.55 -10.44 7.67
CA ASP B 273 -31.20 -10.29 7.14
C ASP B 273 -31.19 -10.10 5.63
N LYS B 274 -32.21 -10.61 4.94
CA LYS B 274 -32.29 -10.41 3.49
C LYS B 274 -32.64 -8.96 3.16
N VAL B 275 -33.65 -8.42 3.83
CA VAL B 275 -34.06 -7.03 3.64
C VAL B 275 -33.00 -6.08 4.18
N PRO B 276 -32.92 -4.85 3.67
CA PRO B 276 -31.96 -3.89 4.22
C PRO B 276 -32.29 -3.48 5.64
N GLU B 277 -31.24 -3.10 6.38
CA GLU B 277 -31.39 -2.66 7.76
C GLU B 277 -31.96 -1.26 7.88
N THR B 278 -32.04 -0.50 6.78
CA THR B 278 -32.61 0.83 6.83
C THR B 278 -34.09 0.78 7.21
N SER B 279 -34.54 1.81 7.93
CA SER B 279 -35.84 1.82 8.57
C SER B 279 -36.74 2.95 8.06
N LEU B 280 -36.49 3.44 6.84
CA LEU B 280 -37.37 4.45 6.26
C LEU B 280 -38.75 3.87 5.93
N SER B 281 -38.85 2.55 5.78
CA SER B 281 -40.13 1.89 5.53
C SER B 281 -39.97 0.42 5.91
N VAL B 282 -41.11 -0.25 6.04
CA VAL B 282 -41.16 -1.67 6.38
C VAL B 282 -41.52 -2.44 5.12
N PRO B 283 -40.77 -3.48 4.76
CA PRO B 283 -41.13 -4.29 3.58
C PRO B 283 -42.53 -4.88 3.72
N ILE B 284 -43.24 -4.94 2.60
CA ILE B 284 -44.61 -5.44 2.61
C ILE B 284 -44.64 -6.90 3.03
N ILE B 285 -43.62 -7.67 2.66
CA ILE B 285 -43.52 -9.05 3.12
C ILE B 285 -43.26 -9.10 4.62
N ILE B 286 -42.48 -8.14 5.15
CA ILE B 286 -42.26 -8.08 6.58
C ILE B 286 -43.54 -7.69 7.31
N LYS B 287 -44.32 -6.78 6.73
CA LYS B 287 -45.62 -6.44 7.28
C LYS B 287 -46.53 -7.67 7.31
N TYR B 288 -46.54 -8.44 6.22
CA TYR B 288 -47.29 -9.69 6.18
C TYR B 288 -46.84 -10.64 7.28
N LEU B 289 -45.54 -10.81 7.44
CA LEU B 289 -45.01 -11.71 8.46
C LEU B 289 -45.42 -11.27 9.86
N MET B 290 -45.31 -9.97 10.14
CA MET B 290 -45.68 -9.46 11.46
C MET B 290 -47.17 -9.63 11.72
N PHE B 291 -48.00 -9.29 10.73
CA PHE B 291 -49.44 -9.51 10.86
C PHE B 291 -49.76 -10.98 11.11
N THR B 292 -49.08 -11.87 10.38
CA THR B 292 -49.29 -13.30 10.57
C THR B 292 -48.86 -13.76 11.97
N MET B 293 -47.73 -13.24 12.46
CA MET B 293 -47.27 -13.61 13.79
C MET B 293 -48.24 -13.14 14.87
N VAL B 294 -48.79 -11.93 14.69
CA VAL B 294 -49.85 -11.46 15.58
C VAL B 294 -51.06 -12.39 15.50
N LEU B 295 -51.42 -12.80 14.28
CA LEU B 295 -52.53 -13.73 14.11
C LEU B 295 -52.30 -15.03 14.86
N VAL B 296 -51.09 -15.59 14.76
CA VAL B 296 -50.81 -16.86 15.44
C VAL B 296 -50.73 -16.66 16.95
N THR B 297 -50.28 -15.49 17.42
CA THR B 297 -50.33 -15.20 18.85
C THR B 297 -51.78 -15.18 19.34
N PHE B 298 -52.66 -14.54 18.58
CA PHE B 298 -54.09 -14.60 18.91
C PHE B 298 -54.61 -16.03 18.82
N SER B 299 -54.11 -16.82 17.87
CA SER B 299 -54.50 -18.22 17.77
C SER B 299 -54.13 -19.00 19.02
N VAL B 300 -52.94 -18.74 19.56
CA VAL B 300 -52.52 -19.38 20.81
C VAL B 300 -53.43 -18.92 21.95
N ILE B 301 -53.68 -17.61 22.03
CA ILE B 301 -54.53 -17.08 23.10
C ILE B 301 -55.91 -17.72 23.05
N LEU B 302 -56.52 -17.76 21.88
CA LEU B 302 -57.87 -18.30 21.74
C LEU B 302 -57.89 -19.81 21.91
N SER B 303 -56.80 -20.51 21.55
CA SER B 303 -56.71 -21.93 21.87
C SER B 303 -56.66 -22.16 23.37
N VAL B 304 -55.93 -21.32 24.09
CA VAL B 304 -55.92 -21.40 25.55
C VAL B 304 -57.32 -21.13 26.11
N VAL B 305 -58.02 -20.16 25.53
CA VAL B 305 -59.39 -19.87 25.96
C VAL B 305 -60.29 -21.08 25.74
N VAL B 306 -60.20 -21.69 24.55
CA VAL B 306 -61.03 -22.86 24.24
C VAL B 306 -60.71 -24.01 25.17
N LEU B 307 -59.43 -24.24 25.45
CA LEU B 307 -59.04 -25.30 26.37
C LEU B 307 -59.54 -25.02 27.79
N ASN B 308 -59.48 -23.76 28.22
CA ASN B 308 -60.00 -23.40 29.53
C ASN B 308 -61.50 -23.59 29.62
N LEU B 309 -62.22 -23.33 28.52
CA LEU B 309 -63.66 -23.58 28.49
C LEU B 309 -63.95 -25.08 28.52
N HIS B 310 -63.17 -25.86 27.77
CA HIS B 310 -63.45 -27.28 27.61
C HIS B 310 -63.32 -28.04 28.93
N HIS B 311 -62.31 -27.70 29.72
CA HIS B 311 -62.03 -28.40 30.97
C HIS B 311 -62.82 -27.86 32.16
N ARG B 312 -63.83 -27.03 31.92
CA ARG B 312 -64.66 -26.54 33.01
C ARG B 312 -65.63 -27.62 33.46
N SER B 313 -66.12 -27.45 34.69
CA SER B 313 -67.05 -28.39 35.30
C SER B 313 -67.85 -27.65 36.36
N PRO B 314 -69.00 -28.17 36.77
CA PRO B 314 -69.78 -27.50 37.82
C PRO B 314 -69.05 -27.41 39.15
N HIS B 315 -68.02 -28.23 39.36
CA HIS B 315 -67.15 -28.04 40.51
C HIS B 315 -66.13 -26.92 40.31
N THR B 316 -66.04 -26.36 39.11
CA THR B 316 -65.06 -25.33 38.81
C THR B 316 -65.75 -24.05 38.32
N HIS B 317 -66.63 -24.18 37.35
CA HIS B 317 -67.36 -23.04 36.80
C HIS B 317 -68.82 -23.43 36.54
N GLN B 318 -69.73 -22.53 36.90
CA GLN B 318 -71.15 -22.71 36.69
C GLN B 318 -71.60 -21.79 35.56
N MET B 319 -72.23 -22.37 34.55
CA MET B 319 -72.46 -21.66 33.29
C MET B 319 -73.48 -20.56 33.47
N PRO B 320 -73.15 -19.31 33.17
CA PRO B 320 -74.13 -18.22 33.30
C PRO B 320 -75.13 -18.23 32.15
N LEU B 321 -76.25 -17.56 32.38
CA LEU B 321 -77.34 -17.56 31.40
C LEU B 321 -76.91 -16.93 30.09
N TRP B 322 -76.12 -15.84 30.14
CA TRP B 322 -75.72 -15.16 28.92
C TRP B 322 -74.78 -16.01 28.07
N VAL B 323 -73.87 -16.76 28.70
CA VAL B 323 -72.94 -17.60 27.94
C VAL B 323 -73.70 -18.68 27.17
N ARG B 324 -74.65 -19.34 27.83
CA ARG B 324 -75.49 -20.31 27.13
C ARG B 324 -76.30 -19.64 26.03
N GLN B 325 -77.01 -18.56 26.38
CA GLN B 325 -77.87 -17.87 25.43
C GLN B 325 -77.13 -17.48 24.16
N ILE B 326 -75.86 -17.09 24.30
CA ILE B 326 -75.08 -16.76 23.11
C ILE B 326 -74.60 -18.02 22.40
N PHE B 327 -73.77 -18.81 23.08
CA PHE B 327 -72.94 -19.82 22.44
C PHE B 327 -73.66 -21.14 22.20
N ILE B 328 -74.93 -21.26 22.59
CA ILE B 328 -75.74 -22.43 22.28
C ILE B 328 -76.89 -22.09 21.34
N HIS B 329 -77.49 -20.92 21.52
CA HIS B 329 -78.60 -20.49 20.67
C HIS B 329 -78.15 -19.77 19.41
N LYS B 330 -77.42 -18.66 19.57
CA LYS B 330 -77.16 -17.80 18.41
C LYS B 330 -76.08 -18.38 17.51
N LEU B 331 -74.87 -18.53 18.04
CA LEU B 331 -73.73 -18.93 17.20
C LEU B 331 -73.92 -20.30 16.54
N PRO B 332 -74.42 -21.34 17.20
CA PRO B 332 -74.65 -22.61 16.48
C PRO B 332 -75.62 -22.48 15.32
N LEU B 333 -76.58 -21.57 15.39
CA LEU B 333 -77.48 -21.36 14.26
C LEU B 333 -76.76 -20.75 13.07
N TYR B 334 -75.82 -19.84 13.32
CA TYR B 334 -75.02 -19.28 12.24
C TYR B 334 -73.95 -20.25 11.75
N LEU B 335 -73.34 -20.99 12.66
CA LEU B 335 -72.27 -21.91 12.33
C LEU B 335 -72.75 -23.28 11.88
N ARG B 336 -74.06 -23.53 11.93
CA ARG B 336 -74.66 -24.82 11.58
C ARG B 336 -74.09 -25.94 12.46
N LEU B 337 -74.21 -25.73 13.77
CA LEU B 337 -73.71 -26.68 14.76
C LEU B 337 -74.86 -27.13 15.66
N LYS B 338 -74.75 -28.34 16.17
CA LYS B 338 -75.78 -28.91 17.04
C LYS B 338 -75.18 -29.93 18.00
N ASP B 431 -71.95 -34.24 34.69
CA ASP B 431 -71.45 -34.66 33.39
C ASP B 431 -72.13 -33.89 32.27
N ALA B 432 -73.43 -33.65 32.44
CA ALA B 432 -74.18 -32.88 31.44
C ALA B 432 -73.67 -31.44 31.36
N LEU B 433 -73.40 -30.82 32.51
CA LEU B 433 -72.86 -29.47 32.50
C LEU B 433 -71.46 -29.43 31.91
N LYS B 434 -70.66 -30.47 32.15
CA LYS B 434 -69.37 -30.59 31.49
C LYS B 434 -69.53 -30.61 29.97
N GLU B 435 -70.50 -31.39 29.47
CA GLU B 435 -70.79 -31.40 28.04
C GLU B 435 -71.22 -30.02 27.55
N ASP B 436 -71.98 -29.30 28.38
CA ASP B 436 -72.39 -27.95 28.01
C ASP B 436 -71.18 -27.04 27.81
N TRP B 437 -70.22 -27.08 28.74
CA TRP B 437 -68.99 -26.33 28.56
C TRP B 437 -68.23 -26.82 27.32
N GLN B 438 -68.20 -28.13 27.10
CA GLN B 438 -67.49 -28.67 25.95
C GLN B 438 -68.17 -28.27 24.65
N PHE B 439 -69.50 -28.27 24.62
CA PHE B 439 -70.22 -27.82 23.43
C PHE B 439 -69.99 -26.33 23.17
N VAL B 440 -70.03 -25.52 24.23
CA VAL B 440 -69.71 -24.11 24.10
C VAL B 440 -68.29 -23.93 23.55
N ALA B 441 -67.34 -24.68 24.11
CA ALA B 441 -65.95 -24.60 23.65
C ALA B 441 -65.85 -24.97 22.17
N MET B 442 -66.55 -26.02 21.76
CA MET B 442 -66.52 -26.43 20.35
C MET B 442 -67.11 -25.34 19.46
N VAL B 443 -68.24 -24.76 19.85
CA VAL B 443 -68.84 -23.68 19.08
C VAL B 443 -67.92 -22.47 19.03
N VAL B 444 -67.33 -22.12 20.18
CA VAL B 444 -66.37 -21.01 20.22
C VAL B 444 -65.15 -21.34 19.37
N ASP B 445 -64.71 -22.59 19.39
CA ASP B 445 -63.60 -23.00 18.53
C ASP B 445 -63.95 -22.83 17.05
N ARG B 446 -65.16 -23.24 16.67
CA ARG B 446 -65.60 -23.08 15.28
C ARG B 446 -65.81 -21.61 14.93
N LEU B 447 -66.29 -20.81 15.88
CA LEU B 447 -66.41 -19.37 15.65
C LEU B 447 -65.06 -18.76 15.31
N PHE B 448 -64.02 -19.08 16.09
CA PHE B 448 -62.69 -18.55 15.82
C PHE B 448 -62.16 -19.05 14.48
N LEU B 449 -62.45 -20.30 14.13
CA LEU B 449 -61.98 -20.85 12.86
C LEU B 449 -62.43 -20.01 11.68
N TRP B 450 -63.74 -19.73 11.59
CA TRP B 450 -64.25 -18.95 10.46
C TRP B 450 -63.75 -17.52 10.50
N THR B 451 -63.78 -16.88 11.67
CA THR B 451 -63.30 -15.51 11.79
C THR B 451 -61.81 -15.43 11.45
N PHE B 452 -61.02 -16.40 11.93
CA PHE B 452 -59.60 -16.40 11.60
C PHE B 452 -59.37 -16.70 10.12
N ILE B 453 -60.21 -17.55 9.53
CA ILE B 453 -60.18 -17.74 8.07
C ILE B 453 -60.40 -16.42 7.36
N ILE B 454 -61.42 -15.66 7.78
CA ILE B 454 -61.74 -14.39 7.12
C ILE B 454 -60.60 -13.40 7.29
N PHE B 455 -60.15 -13.22 8.54
CA PHE B 455 -59.09 -12.25 8.80
C PHE B 455 -57.81 -12.60 8.05
N THR B 456 -57.42 -13.87 8.07
CA THR B 456 -56.17 -14.27 7.42
C THR B 456 -56.28 -14.19 5.91
N SER B 457 -57.33 -14.76 5.33
CA SER B 457 -57.44 -14.82 3.87
C SER B 457 -57.54 -13.42 3.26
N VAL B 458 -58.41 -12.57 3.82
CA VAL B 458 -58.54 -11.21 3.32
C VAL B 458 -57.26 -10.42 3.54
N GLY B 459 -56.73 -10.47 4.76
CA GLY B 459 -55.55 -9.68 5.08
C GLY B 459 -54.35 -10.06 4.24
N THR B 460 -54.08 -11.36 4.12
CA THR B 460 -52.93 -11.81 3.33
C THR B 460 -53.09 -11.47 1.86
N LEU B 461 -54.30 -11.67 1.31
CA LEU B 461 -54.53 -11.36 -0.10
C LEU B 461 -54.35 -9.87 -0.38
N VAL B 462 -54.89 -9.02 0.49
CA VAL B 462 -54.72 -7.57 0.31
C VAL B 462 -53.24 -7.20 0.33
N ILE B 463 -52.49 -7.76 1.27
CA ILE B 463 -51.06 -7.47 1.35
C ILE B 463 -50.34 -8.00 0.12
N PHE B 464 -50.66 -9.22 -0.32
CA PHE B 464 -50.01 -9.79 -1.49
C PHE B 464 -50.37 -9.03 -2.76
N LEU B 465 -51.63 -8.60 -2.89
CA LEU B 465 -52.04 -7.81 -4.05
C LEU B 465 -51.32 -6.47 -4.09
N ASP B 466 -51.19 -5.82 -2.93
CA ASP B 466 -50.49 -4.54 -2.88
C ASP B 466 -49.05 -4.65 -3.35
N ALA B 467 -48.37 -5.76 -3.00
CA ALA B 467 -47.01 -5.98 -3.47
C ALA B 467 -46.96 -6.11 -4.99
N THR B 468 -47.93 -6.81 -5.58
CA THR B 468 -47.90 -7.07 -7.01
C THR B 468 -48.30 -5.84 -7.83
N TYR B 469 -49.17 -4.99 -7.28
CA TYR B 469 -49.71 -3.87 -8.06
C TYR B 469 -48.63 -2.90 -8.49
N HIS B 470 -47.64 -2.64 -7.62
CA HIS B 470 -46.66 -1.58 -7.85
C HIS B 470 -45.56 -2.07 -8.77
N LEU B 471 -45.92 -2.23 -10.04
CA LEU B 471 -44.94 -2.54 -11.07
C LEU B 471 -44.10 -1.29 -11.37
N PRO B 472 -42.85 -1.48 -11.83
CA PRO B 472 -42.04 -0.32 -12.20
C PRO B 472 -42.72 0.49 -13.28
N PRO B 473 -42.57 1.81 -13.26
CA PRO B 473 -43.30 2.67 -14.19
C PRO B 473 -42.80 2.49 -15.61
N PRO B 474 -43.64 2.77 -16.61
CA PRO B 474 -43.19 2.70 -18.00
C PRO B 474 -42.26 3.83 -18.39
N ASP B 475 -42.11 4.86 -17.56
CA ASP B 475 -41.27 6.00 -17.87
C ASP B 475 -40.23 6.13 -16.76
N PRO B 476 -38.93 6.19 -17.10
CA PRO B 476 -37.90 6.26 -16.06
C PRO B 476 -37.92 7.52 -15.23
N PHE B 477 -38.61 8.58 -15.68
CA PHE B 477 -38.67 9.84 -14.96
C PHE B 477 -40.12 10.26 -14.78
N PRO B 478 -40.89 9.56 -13.92
CA PRO B 478 -42.30 9.88 -13.69
C PRO B 478 -42.50 11.23 -13.00
N LEU C 1 33.96 -11.78 -19.46
CA LEU C 1 32.80 -11.10 -20.01
C LEU C 1 31.66 -12.09 -20.22
N ASN C 2 30.52 -11.80 -19.59
CA ASN C 2 29.33 -12.66 -19.74
C ASN C 2 28.66 -12.34 -21.06
N GLU C 3 28.42 -13.37 -21.88
CA GLU C 3 27.82 -13.17 -23.18
C GLU C 3 26.37 -12.71 -23.08
N GLU C 4 25.67 -13.07 -21.99
CA GLU C 4 24.28 -12.63 -21.84
C GLU C 4 24.20 -11.11 -21.71
N GLU C 5 25.12 -10.50 -20.98
CA GLU C 5 25.04 -9.06 -20.79
C GLU C 5 25.40 -8.31 -22.07
N ARG C 6 26.39 -8.81 -22.80
CA ARG C 6 26.71 -8.21 -24.10
C ARG C 6 25.54 -8.36 -25.07
N LEU C 7 24.88 -9.52 -25.05
CA LEU C 7 23.72 -9.74 -25.92
C LEU C 7 22.58 -8.78 -25.57
N ILE C 8 22.31 -8.60 -24.28
CA ILE C 8 21.23 -7.69 -23.89
C ILE C 8 21.58 -6.25 -24.24
N ARG C 9 22.85 -5.86 -24.06
CA ARG C 9 23.27 -4.53 -24.50
C ARG C 9 23.06 -4.37 -25.99
N HIS C 10 23.44 -5.37 -26.78
CA HIS C 10 23.23 -5.31 -28.23
C HIS C 10 21.75 -5.16 -28.57
N LEU C 11 20.90 -5.96 -27.94
CA LEU C 11 19.48 -5.95 -28.28
C LEU C 11 18.80 -4.65 -27.89
N PHE C 12 19.18 -4.05 -26.75
CA PHE C 12 18.39 -2.94 -26.23
C PHE C 12 19.04 -1.57 -26.34
N GLN C 13 20.36 -1.45 -26.13
CA GLN C 13 20.98 -0.14 -26.25
C GLN C 13 21.42 0.16 -27.67
N GLU C 14 22.13 -0.79 -28.29
CA GLU C 14 22.62 -0.57 -29.65
C GLU C 14 21.48 -0.54 -30.65
N LYS C 15 20.59 -1.53 -30.60
CA LYS C 15 19.46 -1.57 -31.52
C LYS C 15 18.37 -0.56 -31.19
N GLY C 16 18.38 0.04 -30.01
CA GLY C 16 17.39 1.04 -29.68
C GLY C 16 15.98 0.51 -29.55
N TYR C 17 15.82 -0.67 -28.95
CA TYR C 17 14.52 -1.30 -28.84
C TYR C 17 13.52 -0.40 -28.12
N ASN C 18 12.33 -0.29 -28.69
CA ASN C 18 11.23 0.49 -28.10
C ASN C 18 10.11 -0.48 -27.75
N LYS C 19 9.84 -0.64 -26.46
CA LYS C 19 8.82 -1.59 -26.00
C LYS C 19 7.40 -1.14 -26.30
N GLU C 20 7.18 0.13 -26.65
CA GLU C 20 5.84 0.62 -26.90
C GLU C 20 5.37 0.42 -28.34
N LEU C 21 6.25 0.01 -29.24
CA LEU C 21 5.92 -0.19 -30.64
C LEU C 21 5.73 -1.68 -30.91
N ARG C 22 4.67 -2.01 -31.65
CA ARG C 22 4.40 -3.41 -31.97
C ARG C 22 5.50 -3.98 -32.85
N PRO C 23 5.81 -5.27 -32.69
CA PRO C 23 6.81 -5.89 -33.56
C PRO C 23 6.30 -6.18 -34.96
N VAL C 24 6.20 -5.15 -35.79
CA VAL C 24 5.71 -5.31 -37.16
C VAL C 24 6.56 -4.45 -38.09
N ALA C 25 6.68 -4.90 -39.34
CA ALA C 25 7.37 -4.10 -40.35
C ALA C 25 6.56 -2.88 -40.73
N HIS C 26 5.24 -3.03 -40.81
CA HIS C 26 4.34 -1.94 -41.18
C HIS C 26 3.17 -1.92 -40.21
N LYS C 27 2.67 -0.72 -39.92
CA LYS C 27 1.56 -0.55 -38.99
C LYS C 27 0.34 -1.36 -39.42
N GLU C 28 0.16 -1.52 -40.74
CA GLU C 28 -0.98 -2.29 -41.24
C GLU C 28 -0.91 -3.76 -40.88
N GLU C 29 0.27 -4.28 -40.53
CA GLU C 29 0.40 -5.66 -40.10
C GLU C 29 -0.09 -5.85 -38.68
N SER C 30 -0.79 -6.95 -38.44
CA SER C 30 -1.15 -7.38 -37.10
C SER C 30 -0.08 -8.31 -36.53
N VAL C 31 0.09 -8.27 -35.21
CA VAL C 31 0.96 -9.21 -34.51
C VAL C 31 0.17 -10.49 -34.23
N ASP C 32 0.64 -11.61 -34.77
CA ASP C 32 0.03 -12.90 -34.49
C ASP C 32 0.47 -13.39 -33.12
N VAL C 33 -0.46 -13.48 -32.18
CA VAL C 33 -0.21 -13.96 -30.83
C VAL C 33 -0.90 -15.30 -30.65
N ALA C 34 -0.16 -16.30 -30.22
CA ALA C 34 -0.70 -17.62 -29.92
C ALA C 34 -0.94 -17.76 -28.42
N LEU C 35 -2.13 -18.18 -28.05
CA LEU C 35 -2.47 -18.41 -26.65
C LEU C 35 -2.79 -19.88 -26.40
N ALA C 36 -2.34 -20.37 -25.25
CA ALA C 36 -2.84 -21.60 -24.67
C ALA C 36 -3.02 -21.39 -23.18
N LEU C 37 -3.91 -22.17 -22.59
CA LEU C 37 -4.16 -22.13 -21.16
C LEU C 37 -3.88 -23.51 -20.58
N THR C 38 -2.94 -23.58 -19.65
CA THR C 38 -2.71 -24.79 -18.87
C THR C 38 -3.44 -24.64 -17.53
N LEU C 39 -4.45 -25.48 -17.32
CA LEU C 39 -5.17 -25.48 -16.04
C LEU C 39 -4.37 -26.27 -15.02
N SER C 40 -3.92 -25.60 -13.97
CA SER C 40 -3.17 -26.25 -12.90
C SER C 40 -4.06 -26.74 -11.77
N ASN C 41 -5.06 -25.95 -11.39
CA ASN C 41 -5.99 -26.36 -10.35
C ASN C 41 -7.27 -25.56 -10.50
N LEU C 42 -8.40 -26.26 -10.57
CA LEU C 42 -9.71 -25.64 -10.42
C LEU C 42 -9.92 -25.42 -8.93
N ILE C 43 -9.58 -24.21 -8.47
CA ILE C 43 -9.56 -23.94 -7.03
C ILE C 43 -10.94 -24.16 -6.42
N SER C 44 -11.96 -23.54 -7.00
CA SER C 44 -13.32 -23.75 -6.55
C SER C 44 -14.28 -23.17 -7.58
N LEU C 45 -15.52 -23.67 -7.56
CA LEU C 45 -16.65 -23.01 -8.20
C LEU C 45 -17.63 -22.63 -7.11
N LYS C 46 -17.75 -21.33 -6.85
CA LYS C 46 -18.67 -20.82 -5.84
C LYS C 46 -20.01 -20.50 -6.51
N GLU C 47 -21.02 -21.33 -6.25
CA GLU C 47 -22.31 -21.13 -6.91
C GLU C 47 -23.00 -19.87 -6.41
N VAL C 48 -22.90 -19.59 -5.11
CA VAL C 48 -23.60 -18.44 -4.54
C VAL C 48 -23.07 -17.15 -5.14
N GLU C 49 -21.75 -17.02 -5.27
CA GLU C 49 -21.15 -15.86 -5.92
C GLU C 49 -21.03 -16.01 -7.43
N GLU C 50 -21.41 -17.15 -7.98
CA GLU C 50 -21.28 -17.45 -9.41
C GLU C 50 -19.87 -17.14 -9.90
N THR C 51 -18.85 -17.56 -9.16
CA THR C 51 -17.48 -17.20 -9.45
C THR C 51 -16.64 -18.47 -9.52
N LEU C 52 -16.00 -18.71 -10.67
CA LEU C 52 -15.04 -19.78 -10.82
C LEU C 52 -13.63 -19.28 -10.53
N THR C 53 -12.94 -19.95 -9.62
CA THR C 53 -11.55 -19.63 -9.31
C THR C 53 -10.66 -20.74 -9.85
N THR C 54 -9.71 -20.38 -10.70
CA THR C 54 -8.82 -21.35 -11.32
C THR C 54 -7.38 -20.86 -11.25
N ASN C 55 -6.47 -21.78 -10.93
CA ASN C 55 -5.04 -21.55 -11.06
C ASN C 55 -4.60 -22.04 -12.44
N VAL C 56 -4.14 -21.11 -13.28
CA VAL C 56 -3.84 -21.41 -14.67
C VAL C 56 -2.51 -20.77 -15.06
N TRP C 57 -1.91 -21.32 -16.12
CA TRP C 57 -0.74 -20.74 -16.77
C TRP C 57 -1.13 -20.37 -18.19
N ILE C 58 -1.02 -19.10 -18.54
CA ILE C 58 -1.38 -18.61 -19.86
C ILE C 58 -0.13 -18.61 -20.74
N GLU C 59 -0.09 -19.50 -21.71
CA GLU C 59 1.04 -19.61 -22.64
C GLU C 59 0.88 -18.59 -23.75
N HIS C 60 1.55 -17.45 -23.61
CA HIS C 60 1.64 -16.48 -24.69
C HIS C 60 2.82 -16.83 -25.59
N GLY C 61 2.64 -16.60 -26.88
CA GLY C 61 3.74 -16.72 -27.83
C GLY C 61 3.59 -15.83 -29.03
N TRP C 62 4.64 -15.06 -29.35
CA TRP C 62 4.63 -14.20 -30.52
C TRP C 62 6.06 -14.00 -30.99
N THR C 63 6.19 -13.52 -32.22
CA THR C 63 7.50 -13.25 -32.82
C THR C 63 7.80 -11.76 -32.74
N ASP C 64 8.98 -11.42 -32.23
CA ASP C 64 9.48 -10.04 -32.21
C ASP C 64 10.85 -10.06 -32.91
N ASN C 65 10.85 -9.76 -34.21
CA ASN C 65 12.08 -9.84 -34.99
C ASN C 65 13.13 -8.83 -34.53
N ARG C 66 12.75 -7.82 -33.76
CA ARG C 66 13.73 -6.91 -33.19
C ARG C 66 14.64 -7.62 -32.19
N LEU C 67 14.17 -8.72 -31.60
CA LEU C 67 14.95 -9.49 -30.63
C LEU C 67 15.64 -10.70 -31.24
N LYS C 68 15.86 -10.69 -32.55
CA LYS C 68 16.67 -11.73 -33.18
C LYS C 68 18.15 -11.49 -32.94
N TRP C 69 18.90 -12.57 -32.81
CA TRP C 69 20.36 -12.49 -32.81
C TRP C 69 20.93 -13.79 -33.36
N ASN C 70 22.16 -13.70 -33.87
CA ASN C 70 22.90 -14.88 -34.28
C ASN C 70 23.54 -15.53 -33.06
N ALA C 71 23.18 -16.79 -32.80
CA ALA C 71 23.68 -17.47 -31.61
C ALA C 71 25.19 -17.59 -31.62
N GLU C 72 25.78 -17.87 -32.79
CA GLU C 72 27.23 -18.01 -32.87
C GLU C 72 27.97 -16.72 -32.54
N GLU C 73 27.33 -15.56 -32.73
CA GLU C 73 27.97 -14.30 -32.41
C GLU C 73 27.97 -13.97 -30.93
N PHE C 74 27.15 -14.66 -30.14
CA PHE C 74 27.03 -14.39 -28.70
C PHE C 74 27.17 -15.67 -27.90
N GLY C 75 28.23 -16.43 -28.18
CA GLY C 75 28.58 -17.57 -27.35
C GLY C 75 27.57 -18.70 -27.34
N ASN C 76 26.77 -18.82 -28.40
CA ASN C 76 25.83 -19.93 -28.58
C ASN C 76 24.62 -19.80 -27.66
N ILE C 77 24.35 -18.61 -27.17
CA ILE C 77 23.13 -18.35 -26.39
C ILE C 77 21.92 -18.57 -27.29
N SER C 78 21.13 -19.60 -27.00
CA SER C 78 19.94 -19.91 -27.77
C SER C 78 18.67 -19.33 -27.17
N VAL C 79 18.64 -19.07 -25.86
CA VAL C 79 17.46 -18.54 -25.20
C VAL C 79 17.90 -17.49 -24.19
N LEU C 80 17.08 -16.47 -24.02
CA LEU C 80 17.35 -15.37 -23.12
C LEU C 80 16.10 -15.06 -22.32
N ARG C 81 16.27 -14.79 -21.03
CA ARG C 81 15.16 -14.55 -20.13
C ARG C 81 15.20 -13.10 -19.66
N LEU C 82 14.12 -12.37 -19.93
CA LEU C 82 14.05 -10.94 -19.72
C LEU C 82 12.83 -10.60 -18.88
N PRO C 83 12.91 -9.56 -18.06
CA PRO C 83 11.71 -9.03 -17.42
C PRO C 83 10.68 -8.62 -18.46
N PRO C 84 9.40 -8.89 -18.21
CA PRO C 84 8.37 -8.46 -19.17
C PRO C 84 8.28 -6.96 -19.33
N ASP C 85 8.79 -6.19 -18.36
CA ASP C 85 8.83 -4.74 -18.49
C ASP C 85 9.74 -4.31 -19.63
N MET C 86 10.72 -5.14 -20.00
CA MET C 86 11.68 -4.76 -21.03
C MET C 86 11.11 -4.89 -22.44
N VAL C 87 10.24 -5.87 -22.67
CA VAL C 87 9.79 -6.18 -24.01
C VAL C 87 8.36 -5.69 -24.20
N TRP C 88 7.98 -5.54 -25.47
CA TRP C 88 6.58 -5.32 -25.82
C TRP C 88 5.74 -6.53 -25.44
N LEU C 89 4.59 -6.29 -24.83
CA LEU C 89 3.66 -7.36 -24.49
C LEU C 89 2.34 -7.17 -25.22
N PRO C 90 1.66 -8.26 -25.57
CA PRO C 90 0.36 -8.12 -26.24
C PRO C 90 -0.75 -7.61 -25.34
N GLU C 91 -0.52 -7.56 -24.03
CA GLU C 91 -1.47 -6.99 -23.07
C GLU C 91 -2.84 -7.67 -23.17
N ILE C 92 -2.83 -8.97 -22.88
CA ILE C 92 -4.02 -9.81 -22.95
C ILE C 92 -4.55 -9.99 -21.54
N VAL C 93 -5.86 -9.79 -21.36
CA VAL C 93 -6.48 -9.78 -20.05
C VAL C 93 -7.69 -10.69 -20.06
N LEU C 94 -8.06 -11.18 -18.87
CA LEU C 94 -9.29 -11.94 -18.71
C LEU C 94 -10.49 -10.99 -18.78
N GLU C 95 -11.24 -11.08 -19.88
CA GLU C 95 -12.34 -10.15 -20.09
C GLU C 95 -13.48 -10.39 -19.11
N ASN C 96 -13.85 -11.65 -18.90
CA ASN C 96 -15.02 -11.97 -18.09
C ASN C 96 -14.70 -12.19 -16.62
N ASN C 97 -13.68 -11.49 -16.11
CA ASN C 97 -13.35 -11.59 -14.70
C ASN C 97 -14.46 -11.00 -13.83
N ASN C 98 -14.57 -11.51 -12.61
CA ASN C 98 -15.63 -11.14 -11.69
C ASN C 98 -15.20 -10.13 -10.65
N ASP C 99 -13.91 -9.77 -10.58
CA ASP C 99 -13.40 -8.97 -9.48
C ASP C 99 -12.46 -7.85 -9.90
N GLY C 100 -12.23 -7.64 -11.18
CA GLY C 100 -11.31 -6.62 -11.64
C GLY C 100 -9.88 -7.06 -11.79
N SER C 101 -9.57 -8.33 -11.51
CA SER C 101 -8.24 -8.88 -11.75
C SER C 101 -8.13 -9.23 -13.23
N PHE C 102 -7.95 -8.20 -14.05
CA PHE C 102 -7.84 -8.39 -15.50
C PHE C 102 -6.53 -9.06 -15.87
N GLN C 103 -5.43 -8.60 -15.30
CA GLN C 103 -4.10 -9.04 -15.69
C GLN C 103 -3.68 -10.30 -14.95
N ILE C 104 -2.64 -10.94 -15.47
CA ILE C 104 -2.05 -12.11 -14.81
C ILE C 104 -1.53 -11.74 -13.41
N SER C 105 -1.48 -12.73 -12.53
CA SER C 105 -1.12 -12.49 -11.14
C SER C 105 0.37 -12.22 -10.97
N TYR C 106 1.22 -13.01 -11.64
CA TYR C 106 2.66 -12.88 -11.55
C TYR C 106 3.25 -12.62 -12.93
N SER C 107 3.94 -11.48 -13.07
CA SER C 107 4.63 -11.12 -14.31
C SER C 107 6.01 -11.78 -14.34
N CYS C 108 6.01 -13.06 -14.69
CA CYS C 108 7.26 -13.81 -14.76
C CYS C 108 8.12 -13.30 -15.91
N ASN C 109 9.38 -13.74 -15.90
CA ASN C 109 10.30 -13.38 -16.98
C ASN C 109 9.78 -13.88 -18.32
N VAL C 110 9.97 -13.06 -19.35
CA VAL C 110 9.77 -13.47 -20.73
C VAL C 110 10.97 -14.28 -21.20
N LEU C 111 10.71 -15.33 -21.98
CA LEU C 111 11.76 -16.08 -22.64
C LEU C 111 11.85 -15.65 -24.10
N VAL C 112 13.02 -15.18 -24.51
CA VAL C 112 13.27 -14.77 -25.89
C VAL C 112 14.25 -15.76 -26.51
N TYR C 113 13.90 -16.27 -27.69
CA TYR C 113 14.74 -17.20 -28.42
C TYR C 113 15.45 -16.48 -29.56
N HIS C 114 16.63 -17.00 -29.92
CA HIS C 114 17.51 -16.31 -30.85
C HIS C 114 16.86 -16.05 -32.20
N TYR C 115 15.94 -16.91 -32.63
CA TYR C 115 15.23 -16.70 -33.89
C TYR C 115 14.05 -15.76 -33.76
N GLY C 116 13.98 -14.99 -32.67
CA GLY C 116 13.00 -13.93 -32.52
C GLY C 116 11.69 -14.32 -31.87
N PHE C 117 11.48 -15.59 -31.57
CA PHE C 117 10.26 -15.99 -30.90
C PHE C 117 10.29 -15.55 -29.45
N VAL C 118 9.19 -14.94 -29.00
CA VAL C 118 9.05 -14.47 -27.63
C VAL C 118 8.02 -15.33 -26.93
N TYR C 119 8.39 -15.85 -25.77
CA TYR C 119 7.59 -16.85 -25.07
C TYR C 119 7.35 -16.39 -23.64
N TRP C 120 6.13 -16.54 -23.17
CA TRP C 120 5.74 -16.04 -21.86
C TRP C 120 4.67 -16.94 -21.28
N LEU C 121 4.92 -17.46 -20.08
CA LEU C 121 4.00 -18.38 -19.42
C LEU C 121 3.70 -17.95 -17.98
N PRO C 122 3.12 -16.77 -17.79
CA PRO C 122 2.84 -16.28 -16.44
C PRO C 122 1.81 -17.15 -15.74
N PRO C 123 1.97 -17.39 -14.44
CA PRO C 123 0.88 -18.01 -13.67
C PRO C 123 -0.15 -16.98 -13.25
N ALA C 124 -1.40 -17.43 -13.15
CA ALA C 124 -2.46 -16.53 -12.73
C ALA C 124 -3.52 -17.31 -11.96
N ILE C 125 -4.10 -16.64 -10.97
CA ILE C 125 -5.34 -17.08 -10.34
C ILE C 125 -6.44 -16.14 -10.81
N PHE C 126 -7.45 -16.71 -11.47
CA PHE C 126 -8.53 -15.92 -12.05
C PHE C 126 -9.85 -16.24 -11.37
N ARG C 127 -10.65 -15.21 -11.15
CA ARG C 127 -12.01 -15.34 -10.64
C ARG C 127 -12.96 -14.85 -11.73
N SER C 128 -13.27 -15.75 -12.66
CA SER C 128 -14.16 -15.44 -13.77
C SER C 128 -15.61 -15.59 -13.36
N SER C 129 -16.49 -14.85 -14.04
CA SER C 129 -17.92 -15.01 -13.84
C SER C 129 -18.41 -16.27 -14.54
N CYS C 130 -19.07 -17.15 -13.79
CA CYS C 130 -19.65 -18.39 -14.32
C CYS C 130 -21.08 -18.51 -13.84
N PRO C 131 -22.06 -18.11 -14.65
CA PRO C 131 -23.46 -18.27 -14.25
C PRO C 131 -23.81 -19.74 -14.06
N ILE C 132 -24.55 -20.01 -12.98
CA ILE C 132 -24.78 -21.37 -12.49
C ILE C 132 -26.16 -21.84 -12.90
N SER C 133 -26.21 -23.02 -13.54
CA SER C 133 -27.48 -23.69 -13.80
C SER C 133 -27.81 -24.58 -12.60
N VAL C 134 -28.64 -24.07 -11.69
CA VAL C 134 -28.98 -24.79 -10.47
C VAL C 134 -30.00 -25.90 -10.69
N THR C 135 -30.54 -26.04 -11.90
CA THR C 135 -31.74 -26.82 -12.12
C THR C 135 -31.62 -28.26 -11.60
N TYR C 136 -30.54 -28.95 -11.98
CA TYR C 136 -30.38 -30.37 -11.68
C TYR C 136 -29.51 -30.63 -10.46
N PHE C 137 -29.21 -29.60 -9.67
CA PHE C 137 -28.39 -29.77 -8.47
C PHE C 137 -29.00 -30.82 -7.56
N PRO C 138 -28.20 -31.73 -6.98
CA PRO C 138 -26.73 -31.79 -7.00
C PRO C 138 -26.14 -32.53 -8.19
N PHE C 139 -26.96 -33.03 -9.12
CA PHE C 139 -26.48 -33.78 -10.26
C PHE C 139 -26.17 -32.87 -11.46
N ASP C 140 -25.85 -31.62 -11.20
CA ASP C 140 -25.69 -30.62 -12.25
C ASP C 140 -24.28 -30.65 -12.84
N TRP C 141 -24.18 -30.13 -14.05
CA TRP C 141 -22.91 -29.82 -14.68
C TRP C 141 -22.89 -28.35 -15.05
N GLN C 142 -21.72 -27.73 -14.95
CA GLN C 142 -21.59 -26.29 -15.07
C GLN C 142 -20.70 -25.94 -16.24
N ASN C 143 -21.19 -25.04 -17.09
CA ASN C 143 -20.48 -24.60 -18.29
C ASN C 143 -19.78 -23.27 -18.03
N CYS C 144 -18.68 -23.35 -17.30
CA CYS C 144 -17.87 -22.16 -17.05
C CYS C 144 -16.96 -21.88 -18.24
N SER C 145 -16.51 -20.63 -18.33
CA SER C 145 -15.61 -20.24 -19.42
C SER C 145 -14.68 -19.13 -18.95
N LEU C 146 -13.54 -19.02 -19.62
CA LEU C 146 -12.61 -17.92 -19.44
C LEU C 146 -12.38 -17.26 -20.79
N LYS C 147 -12.71 -15.98 -20.88
CA LYS C 147 -12.65 -15.23 -22.13
C LYS C 147 -11.46 -14.28 -22.09
N PHE C 148 -10.49 -14.51 -22.98
CA PHE C 148 -9.28 -13.71 -23.04
C PHE C 148 -9.26 -12.85 -24.29
N SER C 149 -9.01 -11.56 -24.11
CA SER C 149 -8.82 -10.64 -25.22
C SER C 149 -7.94 -9.50 -24.75
N SER C 150 -7.35 -8.80 -25.71
CA SER C 150 -6.61 -7.57 -25.42
C SER C 150 -7.55 -6.38 -25.43
N LEU C 151 -7.34 -5.46 -24.48
CA LEU C 151 -8.02 -4.18 -24.48
C LEU C 151 -7.17 -3.04 -25.03
N LYS C 152 -5.84 -3.14 -24.88
CA LYS C 152 -4.97 -2.12 -25.46
C LYS C 152 -4.82 -2.28 -26.97
N TYR C 153 -5.13 -3.46 -27.51
CA TYR C 153 -5.01 -3.71 -28.94
C TYR C 153 -6.29 -4.37 -29.44
N THR C 154 -6.44 -4.36 -30.76
CA THR C 154 -7.63 -4.86 -31.43
C THR C 154 -7.23 -5.77 -32.58
N ALA C 155 -8.24 -6.34 -33.24
CA ALA C 155 -7.99 -7.25 -34.35
C ALA C 155 -7.20 -6.58 -35.48
N LYS C 156 -7.25 -5.24 -35.57
CA LYS C 156 -6.42 -4.55 -36.53
C LYS C 156 -4.96 -4.54 -36.11
N GLU C 157 -4.70 -4.62 -34.80
CA GLU C 157 -3.34 -4.51 -34.26
C GLU C 157 -2.76 -5.84 -33.85
N ILE C 158 -3.56 -6.74 -33.31
CA ILE C 158 -3.11 -8.05 -32.85
C ILE C 158 -4.09 -9.11 -33.34
N THR C 159 -3.55 -10.23 -33.83
CA THR C 159 -4.36 -11.37 -34.21
C THR C 159 -4.18 -12.48 -33.17
N LEU C 160 -5.24 -12.80 -32.45
CA LEU C 160 -5.22 -13.92 -31.52
C LEU C 160 -5.38 -15.24 -32.27
N SER C 161 -4.67 -16.26 -31.81
CA SER C 161 -4.75 -17.58 -32.39
C SER C 161 -4.47 -18.60 -31.29
N LEU C 162 -4.94 -19.82 -31.51
CA LEU C 162 -4.64 -20.91 -30.59
C LEU C 162 -3.21 -21.39 -30.80
N LYS C 163 -2.59 -21.85 -29.72
CA LYS C 163 -1.29 -22.49 -29.80
C LYS C 163 -1.33 -23.66 -30.78
N GLN C 164 -0.38 -23.67 -31.70
CA GLN C 164 -0.19 -24.82 -32.57
C GLN C 164 0.86 -25.76 -31.98
N ASP C 165 0.60 -27.05 -32.12
CA ASP C 165 1.52 -28.09 -31.67
C ASP C 165 1.72 -29.08 -32.80
N ALA C 166 2.78 -29.88 -32.70
CA ALA C 166 3.19 -30.74 -33.81
C ALA C 166 3.29 -32.18 -33.34
N LYS C 167 2.81 -33.09 -34.19
CA LYS C 167 3.02 -34.52 -34.04
C LYS C 167 3.33 -35.11 -35.41
N GLU C 168 4.33 -35.99 -35.46
CA GLU C 168 4.76 -36.61 -36.71
C GLU C 168 5.07 -35.56 -37.77
N ASN C 169 5.68 -34.46 -37.33
CA ASN C 169 6.02 -33.32 -38.18
C ASN C 169 4.81 -32.68 -38.84
N ARG C 170 3.60 -32.97 -38.35
CA ARG C 170 2.39 -32.29 -38.78
C ARG C 170 1.87 -31.43 -37.62
N THR C 171 1.58 -30.17 -37.91
CA THR C 171 1.07 -29.25 -36.91
C THR C 171 -0.45 -29.35 -36.80
N TYR C 172 -0.94 -29.05 -35.60
CA TYR C 172 -2.37 -28.96 -35.33
C TYR C 172 -2.60 -27.89 -34.27
N PRO C 173 -3.75 -27.22 -34.30
CA PRO C 173 -4.07 -26.27 -33.23
C PRO C 173 -4.47 -26.99 -31.94
N VAL C 174 -4.03 -26.44 -30.81
CA VAL C 174 -4.44 -26.93 -29.51
C VAL C 174 -5.80 -26.33 -29.17
N GLU C 175 -6.87 -26.98 -29.60
CA GLU C 175 -8.22 -26.47 -29.45
C GLU C 175 -8.84 -26.89 -28.12
N TRP C 176 -8.00 -27.07 -27.10
CA TRP C 176 -8.48 -27.52 -25.80
C TRP C 176 -7.61 -26.93 -24.70
N ILE C 177 -8.17 -26.87 -23.49
CA ILE C 177 -7.38 -26.49 -22.32
C ILE C 177 -6.33 -27.57 -22.06
N ILE C 178 -5.08 -27.14 -21.93
CA ILE C 178 -3.99 -28.08 -21.64
C ILE C 178 -4.07 -28.49 -20.18
N ILE C 179 -4.04 -29.80 -19.94
CA ILE C 179 -3.91 -30.36 -18.61
C ILE C 179 -2.60 -31.14 -18.57
N ASP C 180 -1.69 -30.72 -17.69
CA ASP C 180 -0.37 -31.33 -17.59
C ASP C 180 -0.35 -32.23 -16.37
N PRO C 181 -0.09 -33.53 -16.52
CA PRO C 181 -0.18 -34.44 -15.37
C PRO C 181 0.81 -34.11 -14.27
N GLU C 182 1.89 -33.41 -14.58
CA GLU C 182 2.82 -32.97 -13.53
C GLU C 182 2.32 -31.71 -12.83
N GLY C 183 1.57 -30.86 -13.53
CA GLY C 183 1.12 -29.61 -12.98
C GLY C 183 -0.31 -29.57 -12.48
N PHE C 184 -1.10 -30.59 -12.80
CA PHE C 184 -2.54 -30.55 -12.59
C PHE C 184 -2.92 -31.25 -11.29
N THR C 185 -3.83 -30.61 -10.55
CA THR C 185 -4.38 -31.15 -9.31
C THR C 185 -5.86 -31.45 -9.52
N GLU C 186 -6.24 -32.71 -9.31
CA GLU C 186 -7.63 -33.12 -9.49
C GLU C 186 -8.51 -32.47 -8.44
N ASN C 187 -9.54 -31.76 -8.88
CA ASN C 187 -10.53 -31.20 -7.95
C ASN C 187 -11.42 -32.32 -7.40
N GLY C 188 -11.74 -32.21 -6.12
CA GLY C 188 -12.51 -33.27 -5.47
C GLY C 188 -14.00 -33.21 -5.71
N GLU C 189 -14.53 -32.09 -6.18
CA GLU C 189 -15.94 -31.97 -6.49
C GLU C 189 -16.26 -32.05 -7.97
N TRP C 190 -15.40 -31.53 -8.83
CA TRP C 190 -15.75 -31.27 -10.23
C TRP C 190 -14.88 -32.11 -11.14
N GLU C 191 -15.51 -32.91 -12.00
CA GLU C 191 -14.84 -33.64 -13.05
C GLU C 191 -14.93 -32.85 -14.36
N ILE C 192 -13.80 -32.62 -15.00
CA ILE C 192 -13.74 -31.87 -16.25
C ILE C 192 -14.17 -32.81 -17.37
N VAL C 193 -15.39 -32.62 -17.87
CA VAL C 193 -15.90 -33.47 -18.94
C VAL C 193 -15.37 -33.01 -20.29
N HIS C 194 -15.51 -31.72 -20.59
CA HIS C 194 -14.96 -31.12 -21.80
C HIS C 194 -14.20 -29.85 -21.44
N ARG C 195 -13.21 -29.53 -22.25
CA ARG C 195 -12.41 -28.34 -22.02
C ARG C 195 -11.99 -27.68 -23.33
N PRO C 196 -12.94 -27.32 -24.18
CA PRO C 196 -12.59 -26.79 -25.50
C PRO C 196 -11.96 -25.41 -25.45
N ALA C 197 -11.34 -25.03 -26.55
CA ALA C 197 -10.87 -23.67 -26.77
C ALA C 197 -11.29 -23.21 -28.16
N ARG C 198 -11.80 -21.99 -28.25
CA ARG C 198 -12.18 -21.38 -29.52
C ARG C 198 -11.63 -19.98 -29.64
N VAL C 199 -11.11 -19.66 -30.82
CA VAL C 199 -10.97 -18.26 -31.21
C VAL C 199 -12.31 -17.78 -31.73
N ASN C 200 -12.88 -16.77 -31.07
CA ASN C 200 -14.15 -16.19 -31.46
C ASN C 200 -13.91 -14.87 -32.18
N VAL C 201 -14.47 -14.73 -33.38
CA VAL C 201 -14.46 -13.49 -34.13
C VAL C 201 -15.90 -13.08 -34.37
N ASP C 202 -16.26 -11.87 -33.95
CA ASP C 202 -17.59 -11.33 -34.16
C ASP C 202 -17.61 -10.55 -35.46
N PRO C 203 -18.24 -11.09 -36.52
CA PRO C 203 -18.11 -10.45 -37.84
C PRO C 203 -18.75 -9.07 -37.91
N ARG C 204 -19.79 -8.81 -37.12
CA ARG C 204 -20.44 -7.50 -37.14
C ARG C 204 -19.66 -6.45 -36.36
N ALA C 205 -18.76 -6.85 -35.47
CA ALA C 205 -17.98 -5.90 -34.71
C ALA C 205 -16.96 -5.21 -35.62
N PRO C 206 -16.74 -3.91 -35.44
CA PRO C 206 -15.75 -3.22 -36.27
C PRO C 206 -14.36 -3.81 -36.09
N LEU C 207 -13.59 -3.78 -37.17
CA LEU C 207 -12.23 -4.33 -37.13
C LEU C 207 -11.36 -3.63 -36.10
N ASP C 208 -11.66 -2.36 -35.80
CA ASP C 208 -10.90 -1.60 -34.80
C ASP C 208 -11.60 -1.57 -33.44
N SER C 209 -12.55 -2.46 -33.22
CA SER C 209 -13.17 -2.58 -31.91
C SER C 209 -12.43 -3.60 -31.06
N PRO C 210 -12.46 -3.46 -29.74
CA PRO C 210 -11.82 -4.47 -28.88
C PRO C 210 -12.58 -5.78 -28.81
N SER C 211 -13.90 -5.76 -29.03
CA SER C 211 -14.74 -6.93 -28.86
C SER C 211 -14.72 -7.86 -30.07
N ARG C 212 -14.06 -7.47 -31.17
CA ARG C 212 -14.15 -8.28 -32.39
C ARG C 212 -13.57 -9.67 -32.21
N GLN C 213 -12.46 -9.80 -31.48
CA GLN C 213 -11.81 -11.09 -31.34
C GLN C 213 -11.56 -11.40 -29.87
N ASP C 214 -11.69 -12.67 -29.53
CA ASP C 214 -11.28 -13.20 -28.24
C ASP C 214 -10.97 -14.67 -28.38
N ILE C 215 -10.22 -15.20 -27.42
CA ILE C 215 -10.05 -16.63 -27.25
C ILE C 215 -10.73 -17.01 -25.94
N THR C 216 -11.73 -17.88 -26.03
CA THR C 216 -12.45 -18.34 -24.85
C THR C 216 -12.11 -19.80 -24.58
N PHE C 217 -11.68 -20.07 -23.36
CA PHE C 217 -11.46 -21.43 -22.87
C PHE C 217 -12.65 -21.82 -22.01
N TYR C 218 -13.21 -23.00 -22.27
CA TYR C 218 -14.41 -23.45 -21.59
C TYR C 218 -14.09 -24.65 -20.71
N LEU C 219 -14.73 -24.70 -19.54
CA LEU C 219 -14.66 -25.84 -18.65
C LEU C 219 -16.07 -26.35 -18.41
N ILE C 220 -16.39 -27.49 -19.02
CA ILE C 220 -17.66 -28.16 -18.81
C ILE C 220 -17.43 -29.20 -17.72
N ILE C 221 -17.73 -28.82 -16.48
CA ILE C 221 -17.38 -29.60 -15.30
C ILE C 221 -18.65 -30.20 -14.71
N ARG C 222 -18.58 -31.48 -14.35
CA ARG C 222 -19.70 -32.18 -13.73
C ARG C 222 -19.43 -32.35 -12.24
N ARG C 223 -20.45 -32.07 -11.43
CA ARG C 223 -20.33 -32.26 -9.99
C ARG C 223 -20.28 -33.73 -9.63
N LYS C 224 -19.37 -34.09 -8.74
CA LYS C 224 -19.35 -35.40 -8.11
C LYS C 224 -20.37 -35.41 -6.98
N PRO C 225 -21.52 -36.06 -7.17
CA PRO C 225 -22.67 -35.83 -6.27
C PRO C 225 -22.70 -36.68 -5.01
N LEU C 226 -21.80 -37.65 -4.87
CA LEU C 226 -21.92 -38.64 -3.80
C LEU C 226 -21.91 -37.97 -2.42
N PHE C 227 -21.11 -36.92 -2.26
CA PHE C 227 -21.10 -36.17 -1.00
C PHE C 227 -22.49 -35.65 -0.67
N TYR C 228 -23.14 -35.00 -1.63
CA TYR C 228 -24.46 -34.42 -1.38
C TYR C 228 -25.52 -35.50 -1.26
N ILE C 229 -25.41 -36.59 -2.02
CA ILE C 229 -26.33 -37.70 -1.87
C ILE C 229 -26.29 -38.24 -0.44
N ILE C 230 -25.07 -38.50 0.06
CA ILE C 230 -24.91 -39.06 1.40
C ILE C 230 -25.40 -38.08 2.45
N ASN C 231 -24.93 -36.82 2.40
CA ASN C 231 -25.11 -35.92 3.53
C ASN C 231 -26.43 -35.16 3.50
N ILE C 232 -27.02 -34.92 2.33
CA ILE C 232 -28.21 -34.09 2.20
C ILE C 232 -29.41 -34.90 1.73
N LEU C 233 -29.30 -35.51 0.53
CA LEU C 233 -30.47 -36.10 -0.11
C LEU C 233 -31.05 -37.24 0.71
N VAL C 234 -30.22 -38.19 1.14
CA VAL C 234 -30.72 -39.35 1.88
C VAL C 234 -31.37 -38.94 3.21
N PRO C 235 -30.74 -38.13 4.07
CA PRO C 235 -31.46 -37.70 5.28
C PRO C 235 -32.75 -36.97 4.99
N CYS C 236 -32.75 -36.07 4.00
CA CYS C 236 -33.95 -35.32 3.68
C CYS C 236 -35.07 -36.23 3.22
N VAL C 237 -34.77 -37.22 2.37
CA VAL C 237 -35.79 -38.14 1.90
C VAL C 237 -36.31 -39.01 3.04
N LEU C 238 -35.39 -39.53 3.86
CA LEU C 238 -35.80 -40.38 4.98
C LEU C 238 -36.71 -39.63 5.94
N ILE C 239 -36.34 -38.40 6.30
CA ILE C 239 -37.18 -37.61 7.20
C ILE C 239 -38.49 -37.23 6.52
N SER C 240 -38.47 -36.98 5.21
CA SER C 240 -39.69 -36.69 4.49
C SER C 240 -40.65 -37.87 4.50
N PHE C 241 -40.14 -39.07 4.22
CA PHE C 241 -40.98 -40.26 4.21
C PHE C 241 -41.49 -40.63 5.59
N MET C 242 -40.87 -40.12 6.65
CA MET C 242 -41.37 -40.33 8.00
C MET C 242 -42.80 -39.83 8.16
N VAL C 243 -43.20 -38.82 7.37
CA VAL C 243 -44.56 -38.30 7.47
C VAL C 243 -45.60 -39.36 7.13
N ASN C 244 -45.21 -40.38 6.36
CA ASN C 244 -46.14 -41.46 6.04
C ASN C 244 -46.51 -42.28 7.25
N LEU C 245 -45.71 -42.25 8.32
CA LEU C 245 -46.04 -42.94 9.56
C LEU C 245 -47.19 -42.28 10.32
N VAL C 246 -47.48 -41.01 10.01
CA VAL C 246 -48.55 -40.30 10.73
C VAL C 246 -49.88 -41.03 10.58
N PHE C 247 -50.15 -41.55 9.39
CA PHE C 247 -51.40 -42.28 9.16
C PHE C 247 -51.46 -43.56 9.99
N TYR C 248 -50.32 -44.24 10.13
CA TYR C 248 -50.29 -45.50 10.86
C TYR C 248 -50.33 -45.29 12.37
N LEU C 249 -49.85 -44.15 12.85
CA LEU C 249 -49.90 -43.86 14.28
C LEU C 249 -51.35 -43.68 14.73
N PRO C 250 -51.77 -44.32 15.82
CA PRO C 250 -53.16 -44.19 16.26
C PRO C 250 -53.50 -42.76 16.65
N ALA C 251 -54.77 -42.40 16.43
CA ALA C 251 -55.26 -41.10 16.86
C ALA C 251 -55.29 -40.95 18.37
N ASP C 252 -55.41 -42.07 19.11
CA ASP C 252 -55.34 -42.03 20.57
C ASP C 252 -53.95 -41.66 21.08
N SER C 253 -52.92 -41.75 20.23
CA SER C 253 -51.57 -41.43 20.67
C SER C 253 -51.40 -39.95 20.97
N GLY C 254 -52.10 -39.09 20.24
CA GLY C 254 -51.95 -37.66 20.41
C GLY C 254 -50.58 -37.14 20.06
N GLU C 255 -49.93 -37.73 19.05
CA GLU C 255 -48.61 -37.30 18.61
C GLU C 255 -48.52 -37.19 17.09
N LYS C 256 -49.63 -37.35 16.38
CA LYS C 256 -49.59 -37.36 14.92
C LYS C 256 -49.27 -35.98 14.35
N THR C 257 -49.92 -34.94 14.90
CA THR C 257 -49.59 -33.58 14.49
C THR C 257 -48.16 -33.24 14.85
N SER C 258 -47.70 -33.70 16.01
CA SER C 258 -46.31 -33.46 16.41
C SER C 258 -45.34 -34.02 15.38
N VAL C 259 -45.57 -35.25 14.93
CA VAL C 259 -44.72 -35.86 13.92
C VAL C 259 -44.78 -35.05 12.63
N ALA C 260 -45.98 -34.75 12.15
CA ALA C 260 -46.13 -34.07 10.87
C ALA C 260 -45.45 -32.69 10.90
N ILE C 261 -45.70 -31.92 11.96
CA ILE C 261 -45.10 -30.59 12.05
C ILE C 261 -43.59 -30.67 12.24
N SER C 262 -43.09 -31.70 12.93
CA SER C 262 -41.64 -31.85 13.06
C SER C 262 -41.01 -32.19 11.71
N VAL C 263 -41.68 -33.01 10.91
CA VAL C 263 -41.19 -33.29 9.57
C VAL C 263 -41.18 -32.01 8.73
N LEU C 264 -42.25 -31.21 8.84
CA LEU C 264 -42.29 -29.95 8.12
C LEU C 264 -41.16 -29.01 8.56
N LEU C 265 -40.90 -28.95 9.86
CA LEU C 265 -39.81 -28.12 10.38
C LEU C 265 -38.45 -28.59 9.85
N ALA C 266 -38.23 -29.91 9.85
CA ALA C 266 -36.98 -30.43 9.31
C ALA C 266 -36.83 -30.12 7.83
N GLN C 267 -37.91 -30.26 7.06
CA GLN C 267 -37.86 -29.91 5.64
C GLN C 267 -37.57 -28.43 5.45
N SER C 268 -38.17 -27.57 6.28
CA SER C 268 -37.87 -26.15 6.22
C SER C 268 -36.40 -25.86 6.52
N VAL C 269 -35.84 -26.55 7.51
CA VAL C 269 -34.42 -26.38 7.83
C VAL C 269 -33.55 -26.81 6.66
N PHE C 270 -33.89 -27.94 6.03
CA PHE C 270 -33.13 -28.38 4.85
C PHE C 270 -33.24 -27.36 3.72
N LEU C 271 -34.43 -26.81 3.50
CA LEU C 271 -34.59 -25.79 2.46
C LEU C 271 -33.77 -24.55 2.78
N LEU C 272 -33.69 -24.18 4.07
CA LEU C 272 -32.81 -23.10 4.48
C LEU C 272 -31.36 -23.40 4.15
N LEU C 273 -30.90 -24.61 4.46
CA LEU C 273 -29.52 -24.99 4.16
C LEU C 273 -29.22 -24.86 2.68
N ILE C 274 -30.05 -25.47 1.83
CA ILE C 274 -29.76 -25.51 0.39
C ILE C 274 -29.84 -24.12 -0.22
N SER C 275 -30.80 -23.30 0.22
CA SER C 275 -30.89 -21.93 -0.28
C SER C 275 -29.66 -21.11 0.09
N LYS C 276 -28.94 -21.49 1.14
CA LYS C 276 -27.64 -20.87 1.42
C LYS C 276 -26.56 -21.37 0.48
N ARG C 277 -26.61 -22.65 0.11
CA ARG C 277 -25.58 -23.24 -0.73
C ARG C 277 -25.73 -22.90 -2.20
N LEU C 278 -26.88 -22.35 -2.61
CA LEU C 278 -27.13 -22.06 -4.00
C LEU C 278 -27.44 -20.59 -4.19
N PRO C 279 -27.12 -20.02 -5.35
CA PRO C 279 -27.44 -18.61 -5.61
C PRO C 279 -28.95 -18.40 -5.70
N ALA C 280 -29.36 -17.16 -5.46
CA ALA C 280 -30.77 -16.80 -5.62
C ALA C 280 -31.14 -16.55 -7.07
N THR C 281 -30.76 -17.46 -7.96
CA THR C 281 -31.12 -17.33 -9.37
C THR C 281 -32.59 -17.68 -9.57
N SER C 282 -33.31 -16.83 -10.28
CA SER C 282 -34.70 -17.06 -10.61
C SER C 282 -34.89 -17.81 -11.91
N MET C 283 -33.80 -18.29 -12.53
CA MET C 283 -33.92 -18.97 -13.82
C MET C 283 -34.67 -20.29 -13.68
N ALA C 284 -34.38 -21.05 -12.63
CA ALA C 284 -35.09 -22.30 -12.38
C ALA C 284 -35.00 -22.64 -10.90
N ILE C 285 -35.97 -23.42 -10.45
CA ILE C 285 -35.93 -23.97 -9.09
C ILE C 285 -34.99 -25.17 -9.08
N PRO C 286 -34.07 -25.26 -8.11
CA PRO C 286 -33.19 -26.43 -8.05
C PRO C 286 -33.97 -27.71 -7.81
N LEU C 287 -33.43 -28.81 -8.31
CA LEU C 287 -34.11 -30.10 -8.25
C LEU C 287 -34.44 -30.46 -6.80
N ILE C 288 -33.45 -30.40 -5.92
CA ILE C 288 -33.70 -30.68 -4.51
C ILE C 288 -34.64 -29.64 -3.91
N GLY C 289 -34.60 -28.41 -4.43
CA GLY C 289 -35.56 -27.41 -3.99
C GLY C 289 -36.98 -27.74 -4.41
N LYS C 290 -37.15 -28.23 -5.64
CA LYS C 290 -38.47 -28.71 -6.08
C LYS C 290 -38.94 -29.86 -5.21
N PHE C 291 -38.05 -30.81 -4.91
CA PHE C 291 -38.40 -31.91 -4.02
C PHE C 291 -38.82 -31.40 -2.65
N LEU C 292 -38.07 -30.44 -2.10
CA LEU C 292 -38.40 -29.91 -0.78
C LEU C 292 -39.75 -29.20 -0.78
N LEU C 293 -40.02 -28.40 -1.81
CA LEU C 293 -41.32 -27.72 -1.89
C LEU C 293 -42.46 -28.73 -2.00
N PHE C 294 -42.31 -29.72 -2.87
CA PHE C 294 -43.31 -30.77 -3.02
C PHE C 294 -43.53 -31.51 -1.71
N GLY C 295 -42.44 -31.85 -1.02
CA GLY C 295 -42.54 -32.54 0.26
C GLY C 295 -43.23 -31.69 1.31
N MET C 296 -42.88 -30.40 1.38
CA MET C 296 -43.52 -29.52 2.35
C MET C 296 -45.01 -29.36 2.07
N VAL C 297 -45.38 -29.27 0.78
CA VAL C 297 -46.80 -29.21 0.44
C VAL C 297 -47.52 -30.48 0.89
N LEU C 298 -46.93 -31.64 0.61
CA LEU C 298 -47.55 -32.89 1.04
C LEU C 298 -47.64 -32.98 2.56
N VAL C 299 -46.60 -32.54 3.26
CA VAL C 299 -46.62 -32.58 4.72
C VAL C 299 -47.70 -31.66 5.27
N THR C 300 -47.86 -30.48 4.67
CA THR C 300 -48.94 -29.59 5.08
C THR C 300 -50.30 -30.25 4.85
N MET C 301 -50.48 -30.89 3.71
CA MET C 301 -51.72 -31.61 3.45
C MET C 301 -51.93 -32.74 4.45
N VAL C 302 -50.85 -33.40 4.86
CA VAL C 302 -50.94 -34.46 5.86
C VAL C 302 -51.29 -33.89 7.23
N VAL C 303 -50.79 -32.70 7.56
CA VAL C 303 -51.20 -32.04 8.81
C VAL C 303 -52.70 -31.76 8.77
N VAL C 304 -53.20 -31.26 7.64
CA VAL C 304 -54.63 -30.99 7.51
C VAL C 304 -55.43 -32.27 7.66
N ILE C 305 -54.98 -33.33 6.98
CA ILE C 305 -55.65 -34.64 7.06
C ILE C 305 -55.66 -35.14 8.49
N CYS C 306 -54.52 -35.05 9.17
CA CYS C 306 -54.42 -35.51 10.56
C CYS C 306 -55.36 -34.72 11.47
N VAL C 307 -55.42 -33.40 11.28
CA VAL C 307 -56.33 -32.59 12.09
C VAL C 307 -57.78 -33.02 11.85
N ILE C 308 -58.14 -33.27 10.59
CA ILE C 308 -59.49 -33.73 10.28
C ILE C 308 -59.76 -35.09 10.92
N VAL C 309 -58.80 -36.01 10.84
CA VAL C 309 -58.95 -37.34 11.41
C VAL C 309 -59.12 -37.26 12.93
N LEU C 310 -58.33 -36.42 13.59
CA LEU C 310 -58.46 -36.26 15.04
C LEU C 310 -59.81 -35.64 15.40
N ASN C 311 -60.26 -34.65 14.63
CA ASN C 311 -61.58 -34.08 14.85
C ASN C 311 -62.65 -35.15 14.76
N ILE C 312 -62.61 -35.96 13.71
CA ILE C 312 -63.58 -37.05 13.54
C ILE C 312 -63.49 -38.03 14.70
N HIS C 313 -62.26 -38.31 15.15
CA HIS C 313 -62.05 -39.32 16.19
C HIS C 313 -62.73 -38.94 17.50
N PHE C 314 -62.67 -37.67 17.87
CA PHE C 314 -63.24 -37.20 19.11
C PHE C 314 -64.66 -36.68 18.96
N ARG C 315 -65.32 -36.94 17.83
CA ARG C 315 -66.71 -36.55 17.67
C ARG C 315 -67.60 -37.36 18.62
N THR C 316 -68.73 -36.77 18.99
CA THR C 316 -69.66 -37.34 19.93
C THR C 316 -71.07 -37.17 19.38
N PRO C 317 -72.00 -38.06 19.76
CA PRO C 317 -73.40 -37.87 19.33
C PRO C 317 -74.07 -36.66 19.94
N SER C 318 -73.50 -36.07 21.00
CA SER C 318 -74.01 -34.81 21.52
C SER C 318 -73.55 -33.61 20.71
N THR C 319 -72.56 -33.79 19.84
CA THR C 319 -71.97 -32.68 19.10
C THR C 319 -71.90 -32.91 17.60
N HIS C 320 -72.12 -34.14 17.12
CA HIS C 320 -72.05 -34.45 15.71
C HIS C 320 -73.10 -35.50 15.38
N VAL C 321 -73.49 -35.54 14.11
CA VAL C 321 -74.47 -36.50 13.62
C VAL C 321 -73.78 -37.45 12.66
N LEU C 322 -73.79 -38.73 12.99
CA LEU C 322 -73.16 -39.76 12.15
C LEU C 322 -74.18 -40.23 11.12
N SER C 323 -74.06 -39.70 9.91
CA SER C 323 -75.00 -40.02 8.85
C SER C 323 -74.86 -41.49 8.43
N GLU C 324 -75.99 -42.06 7.99
CA GLU C 324 -75.99 -43.44 7.53
C GLU C 324 -75.10 -43.65 6.32
N GLY C 325 -75.02 -42.65 5.43
CA GLY C 325 -74.11 -42.74 4.30
C GLY C 325 -72.65 -42.79 4.72
N VAL C 326 -72.28 -41.98 5.72
CA VAL C 326 -70.93 -42.00 6.24
C VAL C 326 -70.60 -43.37 6.83
N LYS C 327 -71.55 -43.96 7.56
CA LYS C 327 -71.34 -45.30 8.09
C LYS C 327 -71.15 -46.31 6.98
N LYS C 328 -72.08 -46.34 6.02
CA LYS C 328 -72.00 -47.29 4.92
C LYS C 328 -70.70 -47.15 4.15
N LEU C 329 -70.18 -45.93 4.03
CA LEU C 329 -68.93 -45.72 3.32
C LEU C 329 -67.72 -46.18 4.12
N PHE C 330 -67.57 -45.67 5.35
CA PHE C 330 -66.32 -45.81 6.09
C PHE C 330 -66.26 -47.02 7.01
N LEU C 331 -67.38 -47.73 7.25
CA LEU C 331 -67.36 -48.90 8.11
C LEU C 331 -67.53 -50.21 7.37
N GLU C 332 -68.31 -50.23 6.29
CA GLU C 332 -68.50 -51.44 5.50
C GLU C 332 -67.54 -51.51 4.32
N THR C 333 -67.63 -50.52 3.42
CA THR C 333 -67.00 -50.63 2.11
C THR C 333 -65.49 -50.39 2.18
N LEU C 334 -65.09 -49.18 2.57
CA LEU C 334 -63.69 -48.80 2.52
C LEU C 334 -62.77 -49.68 3.35
N PRO C 335 -63.05 -49.99 4.62
CA PRO C 335 -62.14 -50.87 5.36
C PRO C 335 -62.00 -52.25 4.75
N GLU C 336 -63.06 -52.78 4.15
CA GLU C 336 -62.94 -54.03 3.39
C GLU C 336 -62.03 -53.84 2.18
N LEU C 337 -62.20 -52.72 1.47
CA LEU C 337 -61.32 -52.43 0.33
C LEU C 337 -59.88 -52.24 0.76
N LEU C 338 -59.66 -51.67 1.95
CA LEU C 338 -58.31 -51.44 2.48
C LEU C 338 -57.80 -52.61 3.29
N HIS C 339 -58.53 -53.73 3.32
CA HIS C 339 -58.12 -54.94 4.02
C HIS C 339 -57.95 -54.70 5.52
N MET C 340 -58.68 -53.72 6.06
CA MET C 340 -58.60 -53.38 7.47
C MET C 340 -59.25 -54.46 8.33
N ASP C 430 -77.90 -45.56 28.66
CA ASP C 430 -77.55 -45.05 27.34
C ASP C 430 -76.04 -44.94 27.19
N GLN C 431 -75.31 -45.28 28.26
CA GLN C 431 -73.85 -45.20 28.22
C GLN C 431 -73.27 -46.16 27.19
N ASN C 432 -73.86 -47.35 27.08
CA ASN C 432 -73.39 -48.31 26.08
C ASN C 432 -73.57 -47.78 24.66
N ASN C 433 -74.72 -47.13 24.39
CA ASN C 433 -74.94 -46.54 23.08
C ASN C 433 -73.95 -45.41 22.80
N TYR C 434 -73.69 -44.56 23.81
CA TYR C 434 -72.72 -43.48 23.63
C TYR C 434 -71.33 -44.02 23.34
N ASN C 435 -70.92 -45.06 24.07
CA ASN C 435 -69.63 -45.69 23.81
C ASN C 435 -69.59 -46.32 22.42
N GLU C 436 -70.70 -46.93 21.99
CA GLU C 436 -70.75 -47.50 20.64
C GLU C 436 -70.60 -46.41 19.58
N GLU C 437 -71.24 -45.26 19.79
CA GLU C 437 -71.08 -44.15 18.85
C GLU C 437 -69.64 -43.64 18.84
N LYS C 438 -69.02 -43.53 20.01
CA LYS C 438 -67.62 -43.13 20.07
C LYS C 438 -66.73 -44.10 19.32
N ASP C 439 -66.96 -45.41 19.53
CA ASP C 439 -66.18 -46.43 18.82
C ASP C 439 -66.41 -46.35 17.31
N SER C 440 -67.65 -46.08 16.90
CA SER C 440 -67.93 -45.92 15.48
C SER C 440 -67.15 -44.74 14.89
N TRP C 441 -67.12 -43.61 15.60
CA TRP C 441 -66.34 -42.47 15.14
C TRP C 441 -64.84 -42.82 15.09
N ASN C 442 -64.36 -43.57 16.08
CA ASN C 442 -62.96 -43.99 16.06
C ASN C 442 -62.66 -44.87 14.85
N ARG C 443 -63.56 -45.80 14.53
CA ARG C 443 -63.37 -46.65 13.36
C ARG C 443 -63.40 -45.85 12.07
N VAL C 444 -64.30 -44.87 11.98
CA VAL C 444 -64.32 -43.97 10.82
C VAL C 444 -62.98 -43.24 10.69
N ALA C 445 -62.47 -42.73 11.82
CA ALA C 445 -61.19 -42.03 11.80
C ALA C 445 -60.06 -42.94 11.34
N ARG C 446 -60.03 -44.17 11.84
CA ARG C 446 -58.99 -45.12 11.43
C ARG C 446 -59.10 -45.47 9.95
N THR C 447 -60.32 -45.63 9.46
CA THR C 447 -60.52 -45.91 8.04
C THR C 447 -60.04 -44.75 7.19
N VAL C 448 -60.35 -43.52 7.59
CA VAL C 448 -59.87 -42.34 6.87
C VAL C 448 -58.35 -42.28 6.91
N ASP C 449 -57.76 -42.61 8.07
CA ASP C 449 -56.31 -42.66 8.19
C ASP C 449 -55.70 -43.62 7.16
N ARG C 450 -56.20 -44.85 7.11
CA ARG C 450 -55.64 -45.82 6.18
C ARG C 450 -55.90 -45.44 4.72
N LEU C 451 -57.08 -44.88 4.42
CA LEU C 451 -57.35 -44.39 3.07
C LEU C 451 -56.37 -43.31 2.66
N CYS C 452 -56.13 -42.34 3.55
CA CYS C 452 -55.18 -41.28 3.25
C CYS C 452 -53.76 -41.81 3.13
N LEU C 453 -53.42 -42.85 3.91
CA LEU C 453 -52.13 -43.51 3.71
C LEU C 453 -52.03 -44.07 2.31
N PHE C 454 -53.02 -44.86 1.90
CA PHE C 454 -53.01 -45.50 0.59
C PHE C 454 -53.02 -44.48 -0.54
N VAL C 455 -53.57 -43.29 -0.29
CA VAL C 455 -53.56 -42.24 -1.31
C VAL C 455 -52.22 -41.53 -1.36
N VAL C 456 -51.74 -41.03 -0.22
CA VAL C 456 -50.63 -40.10 -0.20
C VAL C 456 -49.30 -40.82 -0.36
N THR C 457 -49.12 -41.97 0.29
CA THR C 457 -47.81 -42.64 0.25
C THR C 457 -47.35 -42.95 -1.17
N PRO C 458 -48.16 -43.57 -2.05
CA PRO C 458 -47.68 -43.76 -3.43
C PRO C 458 -47.45 -42.46 -4.17
N VAL C 459 -48.26 -41.43 -3.91
CA VAL C 459 -48.04 -40.13 -4.55
C VAL C 459 -46.69 -39.56 -4.13
N MET C 460 -46.40 -39.59 -2.82
CA MET C 460 -45.11 -39.15 -2.33
C MET C 460 -43.97 -39.91 -2.99
N VAL C 461 -44.07 -41.24 -3.02
CA VAL C 461 -42.99 -42.06 -3.57
C VAL C 461 -42.79 -41.77 -5.04
N VAL C 462 -43.89 -41.68 -5.80
CA VAL C 462 -43.81 -41.46 -7.23
C VAL C 462 -43.20 -40.09 -7.53
N GLY C 463 -43.64 -39.05 -6.81
CA GLY C 463 -43.08 -37.73 -7.04
C GLY C 463 -41.60 -37.66 -6.69
N THR C 464 -41.22 -38.26 -5.57
CA THR C 464 -39.80 -38.31 -5.19
C THR C 464 -38.97 -39.02 -6.25
N ALA C 465 -39.43 -40.20 -6.68
CA ALA C 465 -38.70 -40.96 -7.69
C ALA C 465 -38.62 -40.20 -9.01
N TRP C 466 -39.72 -39.58 -9.44
CA TRP C 466 -39.72 -38.81 -10.67
C TRP C 466 -38.68 -37.69 -10.62
N ILE C 467 -38.70 -36.91 -9.54
CA ILE C 467 -37.77 -35.79 -9.42
C ILE C 467 -36.33 -36.29 -9.43
N PHE C 468 -36.02 -37.27 -8.57
CA PHE C 468 -34.63 -37.70 -8.46
C PHE C 468 -34.15 -38.44 -9.71
N LEU C 469 -35.02 -39.19 -10.39
CA LEU C 469 -34.62 -39.82 -11.65
C LEU C 469 -34.38 -38.79 -12.74
N GLN C 470 -35.24 -37.75 -12.80
CA GLN C 470 -34.98 -36.67 -13.74
C GLN C 470 -33.67 -35.97 -13.45
N GLY C 471 -33.25 -35.95 -12.18
CA GLY C 471 -31.93 -35.43 -11.86
C GLY C 471 -30.80 -36.36 -12.28
N VAL C 472 -30.90 -37.64 -11.93
CA VAL C 472 -29.83 -38.60 -12.17
C VAL C 472 -29.51 -38.71 -13.66
N TYR C 473 -30.54 -38.65 -14.50
CA TYR C 473 -30.33 -38.82 -15.94
C TYR C 473 -29.63 -37.63 -16.57
N ASN C 474 -29.45 -36.52 -15.86
CA ASN C 474 -28.79 -35.35 -16.43
C ASN C 474 -27.32 -35.64 -16.68
N GLN C 475 -26.86 -35.36 -17.88
CA GLN C 475 -25.46 -35.52 -18.26
C GLN C 475 -25.09 -34.41 -19.23
N PRO C 476 -23.83 -34.00 -19.27
CA PRO C 476 -23.40 -33.04 -20.29
C PRO C 476 -23.47 -33.67 -21.66
N PRO C 477 -23.66 -32.86 -22.70
CA PRO C 477 -23.75 -33.39 -24.06
C PRO C 477 -22.43 -34.01 -24.49
N PRO C 478 -22.45 -34.96 -25.43
CA PRO C 478 -21.19 -35.60 -25.84
C PRO C 478 -20.23 -34.67 -26.55
N GLN C 479 -20.71 -33.56 -27.10
CA GLN C 479 -19.84 -32.54 -27.68
C GLN C 479 -19.96 -31.25 -26.90
N PRO C 480 -18.86 -30.48 -26.78
CA PRO C 480 -18.91 -29.27 -25.95
C PRO C 480 -19.86 -28.21 -26.49
N PHE C 481 -19.93 -28.06 -27.81
CA PHE C 481 -20.87 -27.12 -28.42
C PHE C 481 -21.93 -27.89 -29.18
N PRO C 482 -23.21 -27.75 -28.82
CA PRO C 482 -24.26 -28.42 -29.59
C PRO C 482 -24.32 -27.87 -31.01
N GLY C 483 -24.47 -28.79 -31.96
CA GLY C 483 -24.44 -28.45 -33.37
C GLY C 483 -23.06 -28.38 -33.97
N ASP C 484 -22.01 -28.54 -33.17
CA ASP C 484 -20.65 -28.65 -33.69
C ASP C 484 -20.21 -30.10 -33.56
N PRO C 485 -19.89 -30.79 -34.65
CA PRO C 485 -19.52 -32.21 -34.54
C PRO C 485 -18.16 -32.43 -33.88
N TYR C 486 -17.29 -31.43 -33.82
CA TYR C 486 -15.95 -31.62 -33.29
C TYR C 486 -16.00 -31.79 -31.78
N SER C 487 -15.18 -32.71 -31.26
CA SER C 487 -15.16 -33.02 -29.84
C SER C 487 -14.28 -32.09 -29.02
N TYR C 488 -13.32 -31.41 -29.67
CA TYR C 488 -12.33 -30.58 -28.97
C TYR C 488 -11.63 -31.38 -27.88
N ASN C 489 -10.99 -32.46 -28.30
CA ASN C 489 -10.39 -33.43 -27.38
C ASN C 489 -8.99 -33.75 -27.86
N VAL C 490 -8.10 -34.02 -26.89
CA VAL C 490 -6.68 -34.18 -27.20
C VAL C 490 -6.46 -35.31 -28.20
N GLN C 491 -7.26 -36.36 -28.12
CA GLN C 491 -7.11 -37.50 -29.02
C GLN C 491 -7.59 -37.21 -30.43
N ASP C 492 -8.33 -36.13 -30.62
CA ASP C 492 -8.97 -35.81 -31.91
C ASP C 492 -8.23 -34.68 -32.62
N LYS C 493 -6.91 -34.74 -32.61
CA LYS C 493 -6.08 -33.66 -33.16
C LYS C 493 -6.46 -33.36 -34.60
N ARG C 494 -6.85 -32.11 -34.86
CA ARG C 494 -7.38 -31.69 -36.14
C ARG C 494 -6.25 -31.10 -36.99
N PHE C 495 -5.44 -32.01 -37.53
CA PHE C 495 -4.20 -31.65 -38.20
C PHE C 495 -4.46 -30.71 -39.37
N ILE C 496 -3.56 -29.76 -39.56
CA ILE C 496 -3.65 -28.82 -40.68
C ILE C 496 -3.12 -29.47 -41.94
N LYS D 1 15.07 34.52 2.31
CA LYS D 1 14.91 33.12 1.97
C LYS D 1 14.64 32.28 3.21
N ASN D 2 13.95 31.16 3.02
CA ASN D 2 13.61 30.27 4.12
C ASN D 2 14.88 29.55 4.59
N GLU D 3 15.19 29.69 5.89
CA GLU D 3 16.35 29.01 6.45
C GLU D 3 16.19 27.49 6.46
N GLU D 4 14.96 26.99 6.48
CA GLU D 4 14.76 25.55 6.42
C GLU D 4 15.31 24.95 5.13
N LEU D 5 15.28 25.72 4.04
CA LEU D 5 15.81 25.19 2.78
C LEU D 5 17.33 25.12 2.81
N ARG D 6 17.98 26.13 3.38
CA ARG D 6 19.43 26.06 3.57
C ARG D 6 19.81 24.89 4.46
N LEU D 7 19.06 24.70 5.56
CA LEU D 7 19.36 23.60 6.47
C LEU D 7 19.18 22.25 5.77
N TYR D 8 18.08 22.09 5.02
CA TYR D 8 17.84 20.84 4.31
C TYR D 8 18.93 20.54 3.31
N HIS D 9 19.33 21.55 2.52
CA HIS D 9 20.41 21.34 1.55
C HIS D 9 21.72 21.03 2.24
N HIS D 10 22.02 21.71 3.35
CA HIS D 10 23.25 21.46 4.08
C HIS D 10 23.29 20.03 4.61
N LEU D 11 22.18 19.54 5.16
CA LEU D 11 22.15 18.20 5.73
C LEU D 11 22.17 17.12 4.66
N PHE D 12 21.35 17.26 3.62
CA PHE D 12 21.02 16.13 2.75
C PHE D 12 21.66 16.15 1.37
N ASN D 13 22.42 17.19 1.01
CA ASN D 13 23.05 17.19 -0.31
C ASN D 13 24.11 16.10 -0.44
N ASN D 14 24.66 15.61 0.67
CA ASN D 14 25.70 14.59 0.64
C ASN D 14 25.37 13.53 1.70
N TYR D 15 24.13 13.06 1.69
CA TYR D 15 23.65 12.12 2.70
C TYR D 15 23.14 10.86 2.03
N ASP D 16 23.50 9.72 2.59
CA ASP D 16 23.09 8.41 2.07
C ASP D 16 22.25 7.69 3.12
N PRO D 17 20.95 7.53 2.91
CA PRO D 17 20.13 6.79 3.89
C PRO D 17 20.38 5.29 3.90
N GLY D 18 21.18 4.77 2.98
CA GLY D 18 21.47 3.34 2.98
C GLY D 18 22.39 2.94 4.12
N SER D 19 23.45 3.70 4.33
CA SER D 19 24.44 3.35 5.34
C SER D 19 24.01 3.83 6.72
N ARG D 20 24.36 3.05 7.74
CA ARG D 20 24.02 3.39 9.11
C ARG D 20 24.77 4.64 9.57
N PRO D 21 24.22 5.39 10.52
CA PRO D 21 24.94 6.56 11.05
C PRO D 21 26.09 6.20 11.97
N VAL D 22 27.10 5.51 11.44
CA VAL D 22 28.26 5.10 12.22
C VAL D 22 29.52 5.55 11.51
N ARG D 23 30.51 6.00 12.27
CA ARG D 23 31.78 6.41 11.69
C ARG D 23 32.63 5.21 11.32
N GLU D 24 32.54 4.12 12.08
CA GLU D 24 33.19 2.87 11.76
C GLU D 24 32.17 1.75 11.65
N PRO D 25 32.38 0.78 10.77
CA PRO D 25 31.36 -0.26 10.55
C PRO D 25 31.00 -1.05 11.80
N GLU D 26 31.94 -1.23 12.72
CA GLU D 26 31.71 -2.04 13.91
C GLU D 26 30.95 -1.31 15.01
N ASP D 27 30.62 -0.02 14.81
CA ASP D 27 29.84 0.70 15.81
C ASP D 27 28.37 0.30 15.75
N THR D 28 27.77 0.12 16.92
CA THR D 28 26.33 -0.09 17.02
C THR D 28 25.59 1.23 16.98
N VAL D 29 24.46 1.24 16.29
CA VAL D 29 23.50 2.35 16.39
C VAL D 29 22.58 2.05 17.57
N THR D 30 22.65 2.87 18.62
CA THR D 30 21.75 2.73 19.75
C THR D 30 20.41 3.39 19.43
N ILE D 31 19.34 2.61 19.54
CA ILE D 31 17.99 3.08 19.30
C ILE D 31 17.25 3.15 20.63
N SER D 32 16.57 4.27 20.88
CA SER D 32 15.69 4.40 22.02
C SER D 32 14.27 4.12 21.56
N LEU D 33 13.63 3.12 22.16
CA LEU D 33 12.28 2.70 21.79
C LEU D 33 11.30 3.10 22.86
N LYS D 34 10.16 3.68 22.43
CA LYS D 34 9.10 4.08 23.35
C LYS D 34 7.77 3.84 22.62
N VAL D 35 7.25 2.63 22.76
CA VAL D 35 5.95 2.30 22.19
C VAL D 35 4.86 2.89 23.08
N THR D 36 4.02 3.73 22.49
CA THR D 36 2.90 4.35 23.18
C THR D 36 1.60 3.75 22.66
N LEU D 37 0.83 3.13 23.56
CA LEU D 37 -0.42 2.49 23.19
C LEU D 37 -1.54 3.52 23.19
N THR D 38 -2.21 3.67 22.06
CA THR D 38 -3.33 4.60 21.95
C THR D 38 -4.64 3.94 22.36
N ASN D 39 -4.93 2.76 21.81
CA ASN D 39 -6.00 1.93 22.35
C ASN D 39 -5.76 0.48 21.98
N LEU D 40 -6.30 -0.42 22.79
CA LEU D 40 -6.45 -1.82 22.44
C LEU D 40 -7.72 -1.93 21.61
N ILE D 41 -7.57 -2.06 20.28
CA ILE D 41 -8.74 -2.04 19.40
C ILE D 41 -9.64 -3.23 19.69
N SER D 42 -9.06 -4.43 19.71
CA SER D 42 -9.80 -5.63 20.05
C SER D 42 -8.83 -6.77 20.28
N LEU D 43 -9.28 -7.79 21.00
CA LEU D 43 -8.64 -9.10 21.03
C LEU D 43 -9.63 -10.08 20.42
N ASN D 44 -9.35 -10.53 19.20
CA ASN D 44 -10.18 -11.52 18.52
C ASN D 44 -9.71 -12.90 18.95
N GLU D 45 -10.47 -13.54 19.83
CA GLU D 45 -10.07 -14.86 20.31
C GLU D 45 -10.15 -15.89 19.20
N LYS D 46 -11.16 -15.80 18.33
CA LYS D 46 -11.35 -16.80 17.29
C LYS D 46 -10.16 -16.84 16.33
N GLU D 47 -9.64 -15.68 15.94
CA GLU D 47 -8.46 -15.62 15.09
C GLU D 47 -7.17 -15.49 15.88
N GLU D 48 -7.25 -15.35 17.20
CA GLU D 48 -6.08 -15.16 18.06
C GLU D 48 -5.24 -13.97 17.61
N THR D 49 -5.91 -12.88 17.24
CA THR D 49 -5.23 -11.66 16.80
C THR D 49 -5.55 -10.54 17.77
N LEU D 50 -4.50 -9.97 18.38
CA LEU D 50 -4.62 -8.72 19.11
C LEU D 50 -4.43 -7.54 18.16
N THR D 51 -5.40 -6.64 18.12
CA THR D 51 -5.31 -5.43 17.33
C THR D 51 -5.11 -4.24 18.25
N THR D 52 -4.02 -3.49 18.02
CA THR D 52 -3.70 -2.32 18.81
C THR D 52 -3.30 -1.17 17.90
N SER D 53 -3.60 0.05 18.32
CA SER D 53 -3.07 1.26 17.71
C SER D 53 -1.98 1.81 18.61
N VAL D 54 -0.76 1.94 18.07
CA VAL D 54 0.39 2.37 18.85
C VAL D 54 1.13 3.49 18.12
N TRP D 55 1.87 4.26 18.89
CA TRP D 55 2.90 5.15 18.36
C TRP D 55 4.26 4.57 18.71
N ILE D 56 5.12 4.43 17.71
CA ILE D 56 6.42 3.79 17.88
C ILE D 56 7.46 4.90 18.01
N GLY D 57 7.72 5.30 19.25
CA GLY D 57 8.74 6.30 19.51
C GLY D 57 10.12 5.74 19.24
N ILE D 58 10.81 6.28 18.24
CA ILE D 58 12.15 5.83 17.87
C ILE D 58 13.06 7.05 17.85
N ASP D 59 14.08 7.05 18.69
CA ASP D 59 15.06 8.13 18.76
C ASP D 59 16.46 7.55 18.60
N TRP D 60 17.30 8.25 17.85
CA TRP D 60 18.69 7.85 17.69
C TRP D 60 19.51 9.06 17.28
N GLN D 61 20.83 8.91 17.38
CA GLN D 61 21.77 9.93 16.95
C GLN D 61 22.26 9.61 15.54
N ASP D 62 22.19 10.59 14.66
CA ASP D 62 22.76 10.51 13.32
C ASP D 62 23.74 11.67 13.19
N TYR D 63 25.04 11.37 13.29
CA TYR D 63 26.06 12.40 13.25
C TYR D 63 26.08 13.16 11.93
N ARG D 64 25.58 12.54 10.85
CA ARG D 64 25.55 13.21 9.56
C ARG D 64 24.50 14.31 9.51
N LEU D 65 23.47 14.24 10.35
CA LEU D 65 22.43 15.25 10.41
C LEU D 65 22.67 16.27 11.52
N ASN D 66 23.89 16.35 12.03
CA ASN D 66 24.21 17.32 13.07
C ASN D 66 24.21 18.73 12.51
N TYR D 67 23.55 19.64 13.22
CA TYR D 67 23.59 21.06 12.90
C TYR D 67 23.36 21.85 14.18
N SER D 68 23.76 23.11 14.16
CA SER D 68 23.54 24.03 15.27
C SER D 68 22.56 25.10 14.86
N LYS D 69 21.62 25.41 15.77
CA LYS D 69 20.59 26.40 15.47
C LYS D 69 21.18 27.77 15.20
N ASP D 70 22.34 28.08 15.80
CA ASP D 70 22.95 29.39 15.62
C ASP D 70 23.37 29.64 14.18
N ASP D 71 23.68 28.57 13.44
CA ASP D 71 24.09 28.71 12.06
C ASP D 71 22.93 28.78 11.08
N PHE D 72 21.71 28.47 11.52
CA PHE D 72 20.55 28.39 10.64
C PHE D 72 19.36 29.14 11.23
N GLY D 73 19.62 30.37 11.68
CA GLY D 73 18.54 31.26 12.09
C GLY D 73 17.76 30.82 13.30
N GLY D 74 18.29 29.90 14.09
CA GLY D 74 17.59 29.43 15.27
C GLY D 74 16.62 28.29 15.05
N ILE D 75 16.72 27.58 13.93
CA ILE D 75 15.89 26.41 13.71
C ILE D 75 16.31 25.32 14.70
N GLU D 76 15.36 24.86 15.51
CA GLU D 76 15.61 23.81 16.48
C GLU D 76 15.04 22.47 16.08
N THR D 77 14.15 22.43 15.09
CA THR D 77 13.64 21.16 14.57
C THR D 77 13.38 21.31 13.09
N LEU D 78 13.78 20.31 12.32
CA LEU D 78 13.45 20.21 10.90
C LEU D 78 12.64 18.95 10.65
N ARG D 79 11.49 19.10 10.01
CA ARG D 79 10.70 17.96 9.59
C ARG D 79 11.17 17.48 8.22
N VAL D 80 11.49 16.19 8.13
CA VAL D 80 12.01 15.59 6.91
C VAL D 80 11.24 14.31 6.63
N PRO D 81 10.83 14.05 5.39
CA PRO D 81 10.23 12.75 5.07
C PRO D 81 11.14 11.60 5.46
N SER D 82 10.56 10.57 6.08
CA SER D 82 11.34 9.48 6.62
C SER D 82 12.08 8.69 5.55
N GLU D 83 11.62 8.75 4.30
CA GLU D 83 12.32 8.10 3.20
C GLU D 83 13.69 8.71 2.93
N LEU D 84 13.94 9.93 3.41
CA LEU D 84 15.21 10.60 3.15
C LEU D 84 16.29 10.29 4.18
N VAL D 85 15.92 9.87 5.38
CA VAL D 85 16.89 9.54 6.41
C VAL D 85 17.03 8.03 6.53
N TRP D 86 18.15 7.61 7.09
CA TRP D 86 18.32 6.21 7.49
C TRP D 86 17.36 5.87 8.61
N LEU D 87 16.71 4.71 8.50
CA LEU D 87 15.84 4.23 9.55
C LEU D 87 16.27 2.86 10.03
N PRO D 88 16.08 2.53 11.31
CA PRO D 88 16.44 1.21 11.81
C PRO D 88 15.54 0.08 11.30
N GLU D 89 14.47 0.41 10.58
CA GLU D 89 13.57 -0.59 10.00
C GLU D 89 12.97 -1.49 11.07
N ILE D 90 12.51 -0.89 12.17
CA ILE D 90 11.87 -1.65 13.23
C ILE D 90 10.53 -2.18 12.73
N VAL D 91 10.28 -3.47 12.95
CA VAL D 91 9.06 -4.13 12.51
C VAL D 91 8.50 -4.93 13.67
N LEU D 92 7.18 -5.15 13.65
CA LEU D 92 6.54 -6.10 14.56
C LEU D 92 6.75 -7.50 14.02
N GLU D 93 7.58 -8.29 14.70
CA GLU D 93 7.91 -9.62 14.21
C GLU D 93 6.75 -10.59 14.37
N ASN D 94 6.02 -10.50 15.49
CA ASN D 94 4.92 -11.42 15.76
C ASN D 94 3.59 -10.93 15.22
N ASN D 95 3.60 -10.13 14.15
CA ASN D 95 2.37 -9.80 13.45
C ASN D 95 1.77 -11.04 12.80
N ILE D 96 0.51 -10.93 12.39
CA ILE D 96 -0.19 -12.06 11.79
C ILE D 96 -0.76 -11.74 10.41
N ASP D 97 -1.02 -10.48 10.07
CA ASP D 97 -1.54 -10.13 8.75
C ASP D 97 -0.44 -9.82 7.75
N GLY D 98 0.83 -9.86 8.16
CA GLY D 98 1.93 -9.52 7.28
C GLY D 98 2.28 -8.05 7.21
N GLN D 99 1.59 -7.20 7.97
CA GLN D 99 1.92 -5.77 8.07
C GLN D 99 3.05 -5.61 9.07
N PHE D 100 4.29 -5.74 8.59
CA PHE D 100 5.46 -5.58 9.45
C PHE D 100 5.64 -4.12 9.87
N GLY D 101 5.52 -3.19 8.92
CA GLY D 101 5.86 -1.81 9.16
C GLY D 101 4.70 -0.97 9.67
N VAL D 102 4.99 0.32 9.84
CA VAL D 102 4.03 1.25 10.41
C VAL D 102 2.97 1.62 9.36
N ALA D 103 1.84 2.13 9.85
CA ALA D 103 0.71 2.43 8.99
C ALA D 103 0.83 3.77 8.28
N TYR D 104 1.60 4.70 8.85
CA TYR D 104 1.81 6.00 8.21
C TYR D 104 3.29 6.36 8.29
N ASP D 105 3.88 6.70 7.14
CA ASP D 105 5.27 7.11 7.07
C ASP D 105 5.39 8.60 7.43
N ALA D 106 5.19 8.87 8.72
CA ALA D 106 5.30 10.24 9.22
C ALA D 106 6.71 10.79 9.00
N ASN D 107 6.80 12.11 8.90
CA ASN D 107 8.10 12.76 8.84
C ASN D 107 8.92 12.49 10.09
N VAL D 108 10.22 12.34 9.91
CA VAL D 108 11.13 12.36 11.05
C VAL D 108 11.38 13.80 11.48
N LEU D 109 11.74 13.97 12.74
CA LEU D 109 12.16 15.26 13.26
C LEU D 109 13.66 15.22 13.51
N VAL D 110 14.40 16.08 12.82
CA VAL D 110 15.84 16.19 12.97
C VAL D 110 16.10 17.36 13.91
N TYR D 111 16.32 17.06 15.18
CA TYR D 111 16.67 18.11 16.14
C TYR D 111 18.14 18.50 15.98
N GLU D 112 18.45 19.70 16.47
CA GLU D 112 19.83 20.14 16.49
C GLU D 112 20.67 19.24 17.39
N GLY D 113 21.95 19.15 17.07
CA GLY D 113 22.83 18.19 17.73
C GLY D 113 22.82 16.81 17.11
N GLY D 114 22.05 16.58 16.05
CA GLY D 114 22.04 15.32 15.35
C GLY D 114 21.05 14.30 15.86
N SER D 115 20.23 14.65 16.86
CA SER D 115 19.20 13.74 17.33
C SER D 115 18.07 13.65 16.32
N VAL D 116 17.72 12.43 15.93
CA VAL D 116 16.60 12.18 15.03
C VAL D 116 15.49 11.50 15.82
N THR D 117 14.27 11.97 15.63
CA THR D 117 13.10 11.40 16.27
C THR D 117 12.09 10.97 15.22
N TRP D 118 11.54 9.77 15.39
CA TRP D 118 10.44 9.28 14.57
C TRP D 118 9.35 8.75 15.49
N LEU D 119 8.11 9.11 15.20
CA LEU D 119 6.96 8.70 16.01
C LEU D 119 5.77 8.41 15.10
N PRO D 120 5.90 7.44 14.20
CA PRO D 120 4.79 7.13 13.30
C PRO D 120 3.65 6.46 14.05
N PRO D 121 2.42 6.65 13.61
CA PRO D 121 1.32 5.84 14.13
C PRO D 121 1.26 4.50 13.43
N ALA D 122 0.91 3.46 14.20
CA ALA D 122 0.79 2.13 13.64
C ALA D 122 -0.40 1.41 14.25
N ILE D 123 -1.15 0.71 13.40
CA ILE D 123 -2.10 -0.30 13.83
C ILE D 123 -1.48 -1.66 13.58
N TYR D 124 -1.43 -2.49 14.62
CA TYR D 124 -0.78 -3.80 14.55
C TYR D 124 -1.77 -4.89 14.91
N ARG D 125 -1.83 -5.92 14.07
CA ARG D 125 -2.53 -7.16 14.37
C ARG D 125 -1.48 -8.24 14.59
N SER D 126 -1.48 -8.84 15.78
CA SER D 126 -0.36 -9.64 16.23
C SER D 126 -0.86 -10.93 16.86
N VAL D 127 -0.03 -11.96 16.79
CA VAL D 127 -0.39 -13.27 17.32
C VAL D 127 -0.46 -13.20 18.84
N CYS D 128 -1.62 -13.54 19.40
CA CYS D 128 -1.79 -13.67 20.84
C CYS D 128 -2.54 -14.97 21.12
N ALA D 129 -1.81 -16.00 21.55
CA ALA D 129 -2.43 -17.25 21.94
C ALA D 129 -3.35 -17.03 23.14
N VAL D 130 -4.60 -17.48 23.02
CA VAL D 130 -5.64 -17.18 23.98
C VAL D 130 -5.85 -18.41 24.86
N GLU D 131 -5.76 -18.20 26.18
CA GLU D 131 -6.03 -19.26 27.16
C GLU D 131 -7.47 -19.12 27.61
N VAL D 132 -8.35 -19.93 27.02
CA VAL D 132 -9.80 -19.78 27.22
C VAL D 132 -10.31 -20.49 28.46
N THR D 133 -9.42 -21.05 29.28
CA THR D 133 -9.84 -21.95 30.36
C THR D 133 -10.81 -21.27 31.31
N TYR D 134 -10.51 -20.05 31.74
CA TYR D 134 -11.28 -19.36 32.76
C TYR D 134 -12.25 -18.33 32.19
N PHE D 135 -12.55 -18.41 30.90
CA PHE D 135 -13.52 -17.51 30.29
C PHE D 135 -14.85 -17.61 31.03
N PRO D 136 -15.55 -16.49 31.25
CA PRO D 136 -15.24 -15.11 30.85
C PRO D 136 -14.34 -14.36 31.83
N PHE D 137 -13.86 -15.01 32.88
CA PHE D 137 -12.99 -14.35 33.87
C PHE D 137 -11.52 -14.50 33.54
N ASP D 138 -11.18 -14.63 32.27
CA ASP D 138 -9.81 -14.90 31.84
C ASP D 138 -9.01 -13.61 31.71
N TRP D 139 -7.69 -13.76 31.80
CA TRP D 139 -6.75 -12.70 31.47
C TRP D 139 -5.75 -13.25 30.46
N GLN D 140 -5.30 -12.38 29.57
CA GLN D 140 -4.54 -12.80 28.40
C GLN D 140 -3.18 -12.13 28.38
N ASN D 141 -2.14 -12.93 28.18
CA ASN D 141 -0.76 -12.45 28.14
C ASN D 141 -0.33 -12.25 26.68
N CYS D 142 -0.95 -11.26 26.04
CA CYS D 142 -0.55 -10.88 24.69
C CYS D 142 0.80 -10.19 24.71
N SER D 143 1.51 -10.27 23.59
CA SER D 143 2.84 -9.68 23.53
C SER D 143 3.09 -9.06 22.16
N LEU D 144 3.93 -8.03 22.14
CA LEU D 144 4.38 -7.37 20.93
C LEU D 144 5.90 -7.47 20.87
N ILE D 145 6.42 -8.02 19.78
CA ILE D 145 7.85 -8.23 19.62
C ILE D 145 8.35 -7.32 18.52
N PHE D 146 9.19 -6.35 18.88
CA PHE D 146 9.75 -5.38 17.95
C PHE D 146 11.22 -5.69 17.71
N ARG D 147 11.62 -5.70 16.45
CA ARG D 147 13.02 -5.89 16.09
C ARG D 147 13.31 -5.18 14.78
N SER D 148 14.59 -4.94 14.53
CA SER D 148 15.00 -4.47 13.22
C SER D 148 14.86 -5.61 12.21
N GLN D 149 14.22 -5.32 11.07
CA GLN D 149 14.09 -6.31 10.02
C GLN D 149 15.42 -6.60 9.34
N THR D 150 16.33 -5.62 9.32
CA THR D 150 17.56 -5.72 8.56
C THR D 150 18.77 -6.03 9.43
N TYR D 151 19.02 -5.20 10.44
CA TYR D 151 20.30 -5.19 11.13
C TYR D 151 20.29 -6.10 12.37
N ASN D 152 21.41 -6.76 12.61
CA ASN D 152 21.59 -7.60 13.78
C ASN D 152 21.98 -6.75 14.99
N ALA D 153 22.15 -7.44 16.14
CA ALA D 153 22.39 -6.74 17.39
C ALA D 153 23.71 -6.00 17.43
N GLU D 154 24.67 -6.34 16.56
CA GLU D 154 25.94 -5.64 16.51
C GLU D 154 25.93 -4.48 15.52
N GLU D 155 24.83 -4.29 14.79
CA GLU D 155 24.64 -3.16 13.91
C GLU D 155 23.65 -2.15 14.46
N VAL D 156 22.54 -2.61 15.03
CA VAL D 156 21.53 -1.75 15.63
C VAL D 156 21.15 -2.32 16.99
N GLU D 157 21.12 -1.46 18.00
CA GLU D 157 20.91 -1.86 19.39
C GLU D 157 19.74 -1.08 19.96
N PHE D 158 18.81 -1.78 20.61
CA PHE D 158 17.66 -1.13 21.23
C PHE D 158 17.90 -0.83 22.69
N THR D 159 17.34 0.30 23.14
CA THR D 159 17.27 0.67 24.54
C THR D 159 15.91 1.32 24.79
N PHE D 160 15.47 1.28 26.04
CA PHE D 160 14.23 1.95 26.39
C PHE D 160 14.45 3.46 26.56
N ALA D 161 13.41 4.22 26.24
CA ALA D 161 13.45 5.66 26.46
C ALA D 161 13.56 5.97 27.94
N VAL D 162 14.14 7.13 28.24
CA VAL D 162 14.37 7.57 29.62
C VAL D 162 13.43 8.72 29.91
N ASP D 163 12.70 8.61 31.02
CA ASP D 163 11.77 9.66 31.44
C ASP D 163 12.53 10.91 31.87
N ASN D 164 11.78 12.01 32.01
CA ASN D 164 12.38 13.27 32.44
C ASN D 164 13.03 13.15 33.81
N ASP D 165 12.55 12.25 34.66
CA ASP D 165 13.14 12.00 35.96
C ASP D 165 14.37 11.10 35.89
N GLY D 166 14.75 10.63 34.71
CA GLY D 166 15.87 9.74 34.54
C GLY D 166 15.55 8.27 34.66
N LYS D 167 14.32 7.92 34.99
CA LYS D 167 13.90 6.52 35.04
C LYS D 167 13.66 6.00 33.63
N THR D 168 14.19 4.81 33.34
CA THR D 168 13.93 4.17 32.07
C THR D 168 12.49 3.67 32.02
N ILE D 169 11.80 3.97 30.92
CA ILE D 169 10.44 3.49 30.72
C ILE D 169 10.51 2.11 30.11
N ASN D 170 10.74 1.10 30.94
CA ASN D 170 10.79 -0.28 30.48
C ASN D 170 9.39 -0.89 30.41
N LYS D 171 8.47 -0.17 29.80
CA LYS D 171 7.10 -0.63 29.65
C LYS D 171 6.44 0.14 28.52
N ILE D 172 5.27 -0.33 28.09
CA ILE D 172 4.49 0.42 27.14
C ILE D 172 4.04 1.72 27.77
N ASP D 173 4.34 2.84 27.10
CA ASP D 173 3.89 4.14 27.56
C ASP D 173 2.41 4.34 27.26
N ILE D 174 1.72 5.02 28.17
CA ILE D 174 0.32 5.37 27.99
C ILE D 174 0.17 6.86 28.28
N ASP D 175 -0.38 7.60 27.31
CA ASP D 175 -0.55 9.03 27.41
C ASP D 175 -2.03 9.31 27.68
N THR D 176 -2.32 10.03 28.76
CA THR D 176 -3.70 10.32 29.11
C THR D 176 -4.39 11.15 28.05
N GLU D 177 -3.64 11.92 27.26
CA GLU D 177 -4.22 12.73 26.21
C GLU D 177 -4.52 11.93 24.94
N ALA D 178 -4.09 10.67 24.89
CA ALA D 178 -4.27 9.82 23.71
C ALA D 178 -4.98 8.52 24.02
N TYR D 179 -4.76 7.94 25.19
CA TYR D 179 -5.30 6.62 25.50
C TYR D 179 -6.81 6.66 25.63
N THR D 180 -7.49 5.74 24.94
CA THR D 180 -8.91 5.51 25.12
C THR D 180 -9.11 4.11 25.67
N GLU D 181 -9.77 4.01 26.82
CA GLU D 181 -10.00 2.72 27.44
C GLU D 181 -10.83 1.81 26.53
N ASN D 182 -10.42 0.55 26.44
CA ASN D 182 -11.25 -0.47 25.83
C ASN D 182 -12.33 -0.90 26.82
N GLY D 183 -13.55 -1.06 26.31
CA GLY D 183 -14.66 -1.41 27.19
C GLY D 183 -14.76 -2.88 27.52
N GLU D 184 -14.01 -3.73 26.82
CA GLU D 184 -14.02 -5.16 27.05
C GLU D 184 -12.80 -5.66 27.81
N TRP D 185 -11.62 -5.11 27.53
CA TRP D 185 -10.38 -5.58 28.11
C TRP D 185 -9.73 -4.47 28.94
N ALA D 186 -9.52 -4.73 30.22
CA ALA D 186 -8.66 -3.89 31.03
C ALA D 186 -7.20 -4.27 30.81
N ILE D 187 -6.31 -3.31 31.04
CA ILE D 187 -4.87 -3.54 30.92
C ILE D 187 -4.25 -3.37 32.29
N ASP D 188 -3.63 -4.44 32.80
CA ASP D 188 -3.05 -4.43 34.14
C ASP D 188 -1.56 -4.12 34.13
N PHE D 189 -0.80 -4.83 33.30
CA PHE D 189 0.64 -4.63 33.20
C PHE D 189 1.05 -4.65 31.74
N CYS D 190 2.15 -3.97 31.44
CA CYS D 190 2.69 -3.93 30.09
C CYS D 190 4.21 -3.83 30.10
N PRO D 191 4.92 -4.70 30.81
CA PRO D 191 6.37 -4.56 30.90
C PRO D 191 7.05 -4.80 29.56
N GLY D 192 8.19 -4.13 29.36
CA GLY D 192 9.04 -4.36 28.22
C GLY D 192 10.35 -5.00 28.65
N VAL D 193 10.87 -5.90 27.81
CA VAL D 193 12.17 -6.52 28.02
C VAL D 193 12.93 -6.49 26.70
N ILE D 194 14.19 -6.09 26.75
CA ILE D 194 15.08 -6.18 25.58
C ILE D 194 15.78 -7.53 25.64
N ARG D 195 15.38 -8.45 24.77
CA ARG D 195 15.97 -9.77 24.71
C ARG D 195 17.16 -9.79 23.77
N ARG D 196 18.11 -10.67 24.06
CA ARG D 196 19.30 -10.86 23.22
C ARG D 196 19.53 -12.35 23.03
N HIS D 197 19.96 -12.73 21.83
CA HIS D 197 20.11 -14.12 21.46
C HIS D 197 21.40 -14.31 20.68
N HIS D 198 21.85 -15.55 20.60
CA HIS D 198 22.92 -15.90 19.68
C HIS D 198 22.38 -16.00 18.26
N GLY D 199 23.27 -15.84 17.29
CA GLY D 199 22.89 -15.91 15.89
C GLY D 199 22.78 -17.32 15.36
N GLY D 200 23.35 -17.55 14.18
CA GLY D 200 23.35 -18.87 13.60
C GLY D 200 24.19 -19.85 14.41
N ALA D 201 24.01 -21.13 14.08
CA ALA D 201 24.70 -22.20 14.81
C ALA D 201 26.22 -22.09 14.71
N THR D 202 26.71 -21.35 13.71
CA THR D 202 28.14 -21.09 13.57
C THR D 202 28.57 -19.92 14.45
N ASP D 203 27.85 -19.69 15.55
CA ASP D 203 28.07 -18.55 16.44
C ASP D 203 27.94 -17.24 15.69
N GLY D 204 26.83 -17.11 14.94
CA GLY D 204 26.57 -15.94 14.14
C GLY D 204 26.33 -14.70 14.99
N PRO D 205 26.30 -13.54 14.34
CA PRO D 205 26.14 -12.28 15.09
C PRO D 205 24.85 -12.28 15.91
N GLY D 206 24.92 -11.63 17.07
CA GLY D 206 23.81 -11.66 18.00
C GLY D 206 22.57 -11.01 17.42
N GLU D 207 21.41 -11.43 17.95
CA GLU D 207 20.13 -10.85 17.59
C GLU D 207 19.48 -10.24 18.82
N THR D 208 18.67 -9.21 18.60
CA THR D 208 18.04 -8.47 19.69
C THR D 208 16.64 -8.06 19.28
N ASP D 209 15.70 -8.16 20.22
CA ASP D 209 14.33 -7.72 20.00
C ASP D 209 13.77 -7.20 21.31
N VAL D 210 12.78 -6.32 21.22
CA VAL D 210 12.07 -5.79 22.37
C VAL D 210 10.68 -6.42 22.41
N ILE D 211 10.40 -7.12 23.51
CA ILE D 211 9.09 -7.76 23.71
C ILE D 211 8.34 -7.00 24.79
N TYR D 212 7.14 -6.53 24.46
CA TYR D 212 6.23 -5.90 25.41
C TYR D 212 5.12 -6.88 25.71
N SER D 213 4.90 -7.15 26.99
CA SER D 213 3.94 -8.17 27.43
C SER D 213 2.67 -7.47 27.93
N LEU D 214 1.73 -7.24 27.02
CA LEU D 214 0.43 -6.69 27.38
C LEU D 214 -0.35 -7.75 28.16
N ILE D 215 -0.36 -7.62 29.49
CA ILE D 215 -1.17 -8.47 30.34
C ILE D 215 -2.54 -7.79 30.49
N ILE D 216 -3.52 -8.31 29.77
CA ILE D 216 -4.84 -7.71 29.72
C ILE D 216 -5.84 -8.64 30.39
N ARG D 217 -6.91 -8.05 30.93
CA ARG D 217 -7.90 -8.77 31.72
C ARG D 217 -9.29 -8.46 31.18
N ARG D 218 -10.09 -9.50 31.00
CA ARG D 218 -11.45 -9.31 30.51
C ARG D 218 -12.34 -8.70 31.58
N LYS D 219 -13.12 -7.69 31.18
CA LYS D 219 -14.21 -7.18 32.00
C LYS D 219 -15.42 -8.09 31.85
N PRO D 220 -15.72 -8.92 32.85
CA PRO D 220 -16.65 -10.04 32.62
C PRO D 220 -18.12 -9.66 32.68
N LEU D 221 -18.45 -8.44 33.09
CA LEU D 221 -19.83 -8.11 33.45
C LEU D 221 -20.82 -8.39 32.32
N PHE D 222 -20.43 -8.08 31.08
CA PHE D 222 -21.31 -8.35 29.95
C PHE D 222 -21.65 -9.82 29.82
N TYR D 223 -20.64 -10.69 29.92
CA TYR D 223 -20.87 -12.11 29.71
C TYR D 223 -21.59 -12.76 30.89
N VAL D 224 -21.38 -12.27 32.11
CA VAL D 224 -22.12 -12.79 33.25
C VAL D 224 -23.61 -12.60 33.05
N ILE D 225 -24.02 -11.38 32.68
CA ILE D 225 -25.43 -11.08 32.52
C ILE D 225 -26.02 -11.85 31.34
N ASN D 226 -25.34 -11.82 30.19
CA ASN D 226 -25.94 -12.26 28.93
C ASN D 226 -25.66 -13.72 28.59
N ILE D 227 -24.76 -14.40 29.29
CA ILE D 227 -24.45 -15.79 28.98
C ILE D 227 -24.56 -16.65 30.23
N ILE D 228 -23.79 -16.29 31.26
CA ILE D 228 -23.69 -17.14 32.45
C ILE D 228 -25.05 -17.29 33.12
N VAL D 229 -25.72 -16.16 33.39
CA VAL D 229 -27.03 -16.20 34.04
C VAL D 229 -28.07 -16.95 33.20
N PRO D 230 -28.20 -16.72 31.89
CA PRO D 230 -29.08 -17.57 31.09
C PRO D 230 -28.77 -19.05 31.19
N CYS D 231 -27.50 -19.44 31.07
CA CYS D 231 -27.15 -20.86 31.15
C CYS D 231 -27.50 -21.45 32.51
N VAL D 232 -27.26 -20.69 33.58
CA VAL D 232 -27.60 -21.18 34.92
C VAL D 232 -29.11 -21.33 35.07
N LEU D 233 -29.87 -20.34 34.60
CA LEU D 233 -31.33 -20.44 34.67
C LEU D 233 -31.86 -21.63 33.88
N ILE D 234 -31.31 -21.85 32.69
CA ILE D 234 -31.68 -23.03 31.90
C ILE D 234 -31.36 -24.30 32.68
N SER D 235 -30.16 -24.36 33.29
CA SER D 235 -29.77 -25.53 34.05
C SER D 235 -30.66 -25.74 35.26
N GLY D 236 -31.26 -24.67 35.79
CA GLY D 236 -32.20 -24.83 36.88
C GLY D 236 -33.44 -25.61 36.48
N LEU D 237 -33.96 -25.35 35.28
CA LEU D 237 -35.15 -26.05 34.81
C LEU D 237 -34.91 -27.55 34.65
N VAL D 238 -33.65 -27.98 34.55
CA VAL D 238 -33.34 -29.39 34.45
C VAL D 238 -33.87 -30.16 35.65
N LEU D 239 -33.79 -29.57 36.84
CA LEU D 239 -34.19 -30.26 38.06
C LEU D 239 -35.71 -30.30 38.25
N LEU D 240 -36.46 -29.48 37.51
CA LEU D 240 -37.90 -29.39 37.73
C LEU D 240 -38.66 -30.60 37.21
N ALA D 241 -38.07 -31.36 36.29
CA ALA D 241 -38.78 -32.46 35.65
C ALA D 241 -39.22 -33.53 36.65
N TYR D 242 -38.51 -33.66 37.77
CA TYR D 242 -38.89 -34.64 38.78
C TYR D 242 -40.24 -34.32 39.41
N PHE D 243 -40.56 -33.04 39.58
CA PHE D 243 -41.84 -32.67 40.18
C PHE D 243 -43.00 -32.85 39.23
N LEU D 244 -42.74 -33.01 37.94
CA LEU D 244 -43.82 -33.25 36.99
C LEU D 244 -44.41 -34.64 37.20
N PRO D 245 -45.71 -34.82 36.97
CA PRO D 245 -46.36 -36.10 37.28
C PRO D 245 -45.74 -37.26 36.51
N ALA D 246 -45.73 -38.43 37.16
CA ALA D 246 -45.26 -39.67 36.56
C ALA D 246 -46.36 -40.40 35.80
N GLN D 247 -47.32 -39.66 35.25
CA GLN D 247 -48.50 -40.23 34.63
C GLN D 247 -48.78 -39.45 33.36
N ALA D 248 -49.65 -40.02 32.51
CA ALA D 248 -49.95 -39.45 31.21
C ALA D 248 -50.28 -37.97 31.34
N GLY D 249 -49.76 -37.18 30.39
CA GLY D 249 -49.76 -35.74 30.50
C GLY D 249 -48.53 -35.16 31.16
N GLY D 250 -47.75 -35.99 31.85
CA GLY D 250 -46.47 -35.58 32.40
C GLY D 250 -45.42 -35.38 31.35
N GLN D 251 -45.02 -34.13 31.12
CA GLN D 251 -44.10 -33.79 30.04
C GLN D 251 -42.65 -33.89 30.49
N LYS D 252 -42.37 -34.80 31.43
CA LYS D 252 -41.05 -34.88 32.04
C LYS D 252 -39.95 -35.02 31.00
N CYS D 253 -40.10 -36.00 30.10
CA CYS D 253 -39.08 -36.22 29.08
C CYS D 253 -39.06 -35.07 28.07
N THR D 254 -40.23 -34.60 27.66
CA THR D 254 -40.30 -33.46 26.74
C THR D 254 -39.57 -32.25 27.31
N VAL D 255 -39.84 -31.91 28.57
CA VAL D 255 -39.19 -30.77 29.20
C VAL D 255 -37.69 -31.00 29.28
N SER D 256 -37.28 -32.19 29.73
CA SER D 256 -35.85 -32.47 29.88
C SER D 256 -35.11 -32.36 28.56
N ILE D 257 -35.68 -32.93 27.48
CA ILE D 257 -34.99 -32.90 26.20
C ILE D 257 -34.99 -31.49 25.61
N ASN D 258 -36.06 -30.71 25.84
CA ASN D 258 -36.07 -29.34 25.34
C ASN D 258 -35.04 -28.48 26.06
N VAL D 259 -34.89 -28.67 27.37
CA VAL D 259 -33.86 -27.93 28.11
C VAL D 259 -32.47 -28.37 27.67
N LEU D 260 -32.29 -29.66 27.41
CA LEU D 260 -31.03 -30.14 26.85
C LEU D 260 -30.74 -29.47 25.51
N LEU D 261 -31.75 -29.35 24.65
CA LEU D 261 -31.57 -28.67 23.37
C LEU D 261 -31.20 -27.20 23.57
N ALA D 262 -31.84 -26.54 24.53
CA ALA D 262 -31.49 -25.15 24.82
C ALA D 262 -30.04 -25.02 25.27
N GLN D 263 -29.59 -25.93 26.13
CA GLN D 263 -28.19 -25.91 26.57
C GLN D 263 -27.25 -26.23 25.41
N THR D 264 -27.69 -27.07 24.47
CA THR D 264 -26.89 -27.32 23.26
C THR D 264 -26.79 -26.07 22.40
N VAL D 265 -27.88 -25.29 22.31
CA VAL D 265 -27.82 -24.02 21.61
C VAL D 265 -26.84 -23.07 22.27
N PHE D 266 -26.85 -23.03 23.61
CA PHE D 266 -25.87 -22.22 24.32
C PHE D 266 -24.45 -22.72 24.08
N LEU D 267 -24.26 -24.04 23.98
CA LEU D 267 -22.95 -24.59 23.62
C LEU D 267 -22.52 -24.11 22.24
N PHE D 268 -23.46 -24.11 21.28
CA PHE D 268 -23.15 -23.58 19.95
C PHE D 268 -22.74 -22.12 20.01
N LEU D 269 -23.44 -21.33 20.83
CA LEU D 269 -23.08 -19.92 20.97
C LEU D 269 -21.66 -19.76 21.50
N ILE D 270 -21.30 -20.55 22.52
CA ILE D 270 -19.96 -20.47 23.08
C ILE D 270 -18.92 -20.91 22.06
N ALA D 271 -19.22 -21.98 21.31
CA ALA D 271 -18.27 -22.47 20.32
C ALA D 271 -17.97 -21.44 19.24
N GLN D 272 -18.93 -20.56 18.95
CA GLN D 272 -18.68 -19.50 17.97
C GLN D 272 -17.78 -18.41 18.53
N LYS D 273 -18.00 -18.02 19.78
CA LYS D 273 -17.24 -16.93 20.38
C LYS D 273 -15.84 -17.34 20.82
N ILE D 274 -15.56 -18.64 20.90
CA ILE D 274 -14.30 -19.13 21.44
C ILE D 274 -13.54 -19.88 20.35
N PRO D 275 -12.22 -19.70 20.24
CA PRO D 275 -11.46 -20.32 19.15
C PRO D 275 -11.50 -21.84 19.19
N GLU D 276 -11.29 -22.43 18.02
CA GLU D 276 -11.20 -23.88 17.84
C GLU D 276 -9.95 -24.49 18.45
N THR D 277 -9.14 -23.72 19.18
CA THR D 277 -7.94 -24.26 19.79
C THR D 277 -8.28 -25.31 20.84
N SER D 278 -7.51 -26.38 20.86
CA SER D 278 -7.80 -27.54 21.70
C SER D 278 -6.81 -27.68 22.85
N LEU D 279 -6.04 -26.64 23.17
CA LEU D 279 -5.09 -26.73 24.26
C LEU D 279 -5.78 -26.86 25.61
N SER D 280 -7.00 -26.33 25.73
CA SER D 280 -7.78 -26.44 26.95
C SER D 280 -9.24 -26.24 26.61
N VAL D 281 -10.10 -26.66 27.52
CA VAL D 281 -11.55 -26.50 27.40
C VAL D 281 -11.97 -25.38 28.35
N PRO D 282 -12.76 -24.41 27.88
CA PRO D 282 -13.25 -23.37 28.79
C PRO D 282 -14.08 -23.99 29.92
N LEU D 283 -13.92 -23.43 31.12
CA LEU D 283 -14.71 -23.91 32.25
C LEU D 283 -16.20 -23.70 32.04
N LEU D 284 -16.58 -22.62 31.34
CA LEU D 284 -17.97 -22.46 30.96
C LEU D 284 -18.43 -23.57 30.02
N GLY D 285 -17.58 -23.94 29.07
CA GLY D 285 -17.89 -25.07 28.20
C GLY D 285 -17.97 -26.38 28.95
N ARG D 286 -17.05 -26.58 29.91
CA ARG D 286 -17.11 -27.78 30.74
C ARG D 286 -18.39 -27.81 31.56
N PHE D 287 -18.82 -26.66 32.08
CA PHE D 287 -20.09 -26.58 32.80
C PHE D 287 -21.26 -26.93 31.89
N LEU D 288 -21.24 -26.41 30.66
CA LEU D 288 -22.30 -26.74 29.71
C LEU D 288 -22.35 -28.24 29.43
N ILE D 289 -21.18 -28.85 29.19
CA ILE D 289 -21.12 -30.29 28.93
C ILE D 289 -21.63 -31.08 30.14
N PHE D 290 -21.21 -30.66 31.34
CA PHE D 290 -21.66 -31.32 32.56
C PHE D 290 -23.17 -31.24 32.71
N VAL D 291 -23.74 -30.06 32.45
CA VAL D 291 -25.18 -29.90 32.53
C VAL D 291 -25.90 -30.74 31.49
N MET D 292 -25.32 -30.84 30.29
CA MET D 292 -25.92 -31.70 29.26
C MET D 292 -25.92 -33.16 29.69
N VAL D 293 -24.80 -33.63 30.25
CA VAL D 293 -24.74 -34.99 30.76
C VAL D 293 -25.79 -35.21 31.86
N VAL D 294 -25.86 -34.27 32.80
CA VAL D 294 -26.85 -34.35 33.87
C VAL D 294 -28.26 -34.39 33.28
N ALA D 295 -28.53 -33.58 32.26
CA ALA D 295 -29.84 -33.57 31.63
C ALA D 295 -30.16 -34.92 30.98
N THR D 296 -29.18 -35.54 30.33
CA THR D 296 -29.40 -36.88 29.79
C THR D 296 -29.68 -37.89 30.90
N LEU D 297 -29.01 -37.75 32.04
CA LEU D 297 -29.33 -38.61 33.18
C LEU D 297 -30.73 -38.33 33.73
N ILE D 298 -31.17 -37.08 33.68
CA ILE D 298 -32.54 -36.75 34.07
C ILE D 298 -33.53 -37.42 33.13
N VAL D 299 -33.24 -37.40 31.83
CA VAL D 299 -34.08 -38.09 30.86
C VAL D 299 -34.16 -39.57 31.19
N MET D 300 -33.01 -40.19 31.47
CA MET D 300 -32.99 -41.60 31.83
C MET D 300 -33.81 -41.87 33.09
N ASN D 301 -33.67 -41.02 34.10
CA ASN D 301 -34.41 -41.21 35.35
C ASN D 301 -35.90 -41.02 35.14
N CYS D 302 -36.30 -40.05 34.31
CA CYS D 302 -37.71 -39.88 33.98
C CYS D 302 -38.26 -41.10 33.26
N VAL D 303 -37.49 -41.67 32.34
CA VAL D 303 -37.93 -42.87 31.65
C VAL D 303 -38.09 -44.02 32.63
N ILE D 304 -37.14 -44.17 33.55
CA ILE D 304 -37.24 -45.23 34.57
C ILE D 304 -38.47 -45.02 35.45
N VAL D 305 -38.70 -43.78 35.88
CA VAL D 305 -39.84 -43.48 36.75
C VAL D 305 -41.15 -43.77 36.03
N LEU D 306 -41.25 -43.35 34.77
CA LEU D 306 -42.47 -43.62 34.00
C LEU D 306 -42.67 -45.11 33.77
N ASN D 307 -41.58 -45.85 33.55
CA ASN D 307 -41.67 -47.30 33.45
C ASN D 307 -42.23 -47.91 34.72
N VAL D 308 -41.64 -47.57 35.86
CA VAL D 308 -42.06 -48.15 37.14
C VAL D 308 -43.51 -47.78 37.44
N SER D 309 -43.87 -46.51 37.24
CA SER D 309 -45.21 -46.05 37.56
C SER D 309 -46.27 -46.73 36.70
N GLN D 310 -45.97 -46.92 35.41
CA GLN D 310 -46.94 -47.51 34.49
C GLN D 310 -46.91 -49.03 34.48
N ARG D 311 -46.08 -49.66 35.31
CA ARG D 311 -46.11 -51.10 35.44
C ARG D 311 -47.44 -51.55 36.06
N THR D 312 -47.82 -52.79 35.77
CA THR D 312 -49.07 -53.36 36.25
C THR D 312 -48.81 -54.77 36.75
N PRO D 313 -49.60 -55.24 37.73
CA PRO D 313 -49.44 -56.62 38.20
C PRO D 313 -49.79 -57.66 37.14
N THR D 314 -50.59 -57.29 36.14
CA THR D 314 -50.91 -58.21 35.05
C THR D 314 -49.74 -58.45 34.10
N THR D 315 -48.68 -57.64 34.18
CA THR D 315 -47.54 -57.80 33.28
C THR D 315 -46.19 -57.81 33.97
N HIS D 316 -46.06 -57.27 35.18
CA HIS D 316 -44.78 -57.22 35.88
C HIS D 316 -44.95 -57.72 37.31
N ALA D 317 -43.96 -58.48 37.77
CA ALA D 317 -43.89 -58.91 39.16
C ALA D 317 -43.15 -57.86 39.97
N MET D 318 -43.79 -57.35 41.02
CA MET D 318 -43.20 -56.28 41.81
C MET D 318 -41.99 -56.79 42.59
N SER D 319 -40.86 -56.13 42.41
CA SER D 319 -39.65 -56.48 43.15
C SER D 319 -39.85 -56.12 44.62
N PRO D 320 -39.70 -57.07 45.55
CA PRO D 320 -39.90 -56.74 46.96
C PRO D 320 -38.85 -55.78 47.50
N ARG D 321 -37.61 -55.87 47.05
CA ARG D 321 -36.56 -54.99 47.55
C ARG D 321 -36.83 -53.53 47.20
N LEU D 322 -37.06 -53.26 45.91
CA LEU D 322 -37.31 -51.88 45.48
C LEU D 322 -38.62 -51.34 46.05
N ARG D 323 -39.66 -52.19 46.10
CA ARG D 323 -40.93 -51.76 46.68
C ARG D 323 -40.78 -51.38 48.14
N HIS D 324 -40.17 -52.26 48.94
CA HIS D 324 -39.98 -51.96 50.35
C HIS D 324 -39.10 -50.75 50.56
N VAL D 325 -38.05 -50.61 49.74
CA VAL D 325 -37.16 -49.46 49.82
C VAL D 325 -37.96 -48.18 49.62
N LEU D 326 -38.57 -48.04 48.44
CA LEU D 326 -39.28 -46.81 48.10
C LEU D 326 -40.44 -46.54 49.05
N LEU D 327 -41.04 -47.59 49.61
CA LEU D 327 -42.17 -47.40 50.51
C LEU D 327 -41.73 -46.89 51.88
N GLU D 328 -40.74 -47.53 52.50
CA GLU D 328 -40.37 -47.19 53.87
C GLU D 328 -38.93 -46.71 53.99
N LEU D 329 -37.97 -47.44 53.42
CA LEU D 329 -36.57 -47.22 53.76
C LEU D 329 -36.04 -45.89 53.23
N LEU D 330 -36.50 -45.47 52.06
CA LEU D 330 -36.05 -44.20 51.51
C LEU D 330 -36.74 -43.01 52.18
N PRO D 331 -38.07 -42.98 52.33
CA PRO D 331 -38.69 -41.86 53.05
C PRO D 331 -38.21 -41.74 54.49
N ARG D 332 -37.97 -42.85 55.17
CA ARG D 332 -37.52 -42.84 56.56
C ARG D 332 -36.01 -42.78 56.69
N LEU D 333 -35.27 -42.69 55.59
CA LEU D 333 -33.80 -42.67 55.64
C LEU D 333 -33.30 -41.40 56.32
N THR D 668 -56.57 -54.81 41.54
CA THR D 668 -55.29 -54.47 40.93
C THR D 668 -54.93 -53.01 41.22
N GLY D 669 -55.89 -52.25 41.74
CA GLY D 669 -55.65 -50.85 42.02
C GLY D 669 -54.61 -50.63 43.10
N GLU D 670 -54.52 -51.53 44.07
CA GLU D 670 -53.49 -51.42 45.10
C GLU D 670 -52.10 -51.55 44.52
N GLU D 671 -51.91 -52.52 43.60
CA GLU D 671 -50.60 -52.68 42.96
C GLU D 671 -50.23 -51.47 42.11
N VAL D 672 -51.21 -50.93 41.38
CA VAL D 672 -50.96 -49.72 40.59
C VAL D 672 -50.58 -48.55 41.48
N SER D 673 -51.29 -48.40 42.61
CA SER D 673 -50.95 -47.34 43.56
C SER D 673 -49.56 -47.53 44.14
N ASP D 674 -49.18 -48.78 44.42
CA ASP D 674 -47.83 -49.07 44.91
C ASP D 674 -46.79 -48.69 43.86
N TRP D 675 -47.04 -49.02 42.60
CA TRP D 675 -46.13 -48.63 41.52
C TRP D 675 -46.00 -47.12 41.44
N VAL D 676 -47.13 -46.40 41.55
CA VAL D 676 -47.10 -44.94 41.51
C VAL D 676 -46.29 -44.37 42.67
N ARG D 677 -46.51 -44.92 43.87
CA ARG D 677 -45.78 -44.45 45.04
C ARG D 677 -44.27 -44.72 44.90
N MET D 678 -43.91 -45.89 44.37
CA MET D 678 -42.50 -46.18 44.14
C MET D 678 -41.90 -45.22 43.11
N GLY D 679 -42.65 -44.92 42.05
CA GLY D 679 -42.20 -43.92 41.09
C GLY D 679 -41.99 -42.56 41.71
N ASN D 680 -42.92 -42.14 42.57
CA ASN D 680 -42.79 -40.84 43.23
C ASN D 680 -41.59 -40.82 44.16
N ALA D 681 -41.35 -41.90 44.90
CA ALA D 681 -40.18 -41.96 45.78
C ALA D 681 -38.89 -41.93 44.98
N LEU D 682 -38.84 -42.66 43.86
CA LEU D 682 -37.68 -42.61 42.98
C LEU D 682 -37.46 -41.20 42.46
N ASP D 683 -38.55 -40.54 42.03
CA ASP D 683 -38.45 -39.16 41.57
C ASP D 683 -37.86 -38.25 42.65
N ASN D 684 -38.34 -38.38 43.89
CA ASN D 684 -37.85 -37.55 44.98
C ASN D 684 -36.37 -37.79 45.24
N ILE D 685 -35.97 -39.05 45.39
CA ILE D 685 -34.58 -39.35 45.73
C ILE D 685 -33.65 -38.95 44.60
N CYS D 686 -34.06 -39.17 43.34
CA CYS D 686 -33.25 -38.75 42.21
C CYS D 686 -33.20 -37.23 42.10
N PHE D 687 -34.28 -36.54 42.46
CA PHE D 687 -34.25 -35.09 42.51
C PHE D 687 -33.20 -34.60 43.49
N TRP D 688 -33.21 -35.14 44.71
CA TRP D 688 -32.23 -34.70 45.71
C TRP D 688 -30.80 -35.03 45.27
N ALA D 689 -30.58 -36.23 44.73
CA ALA D 689 -29.25 -36.60 44.25
C ALA D 689 -28.78 -35.68 43.14
N ALA D 690 -29.65 -35.43 42.15
CA ALA D 690 -29.29 -34.57 41.03
C ALA D 690 -29.06 -33.14 41.48
N LEU D 691 -29.86 -32.64 42.40
CA LEU D 691 -29.66 -31.29 42.93
C LEU D 691 -28.29 -31.17 43.59
N VAL D 692 -27.95 -32.13 44.45
CA VAL D 692 -26.66 -32.08 45.14
C VAL D 692 -25.52 -32.16 44.14
N LEU D 693 -25.58 -33.11 43.21
CA LEU D 693 -24.52 -33.30 42.23
C LEU D 693 -24.36 -32.06 41.35
N PHE D 694 -25.47 -31.52 40.84
CA PHE D 694 -25.43 -30.32 40.02
C PHE D 694 -24.84 -29.14 40.78
N SER D 695 -25.29 -28.93 42.02
CA SER D 695 -24.79 -27.81 42.81
C SER D 695 -23.29 -27.93 43.02
N VAL D 696 -22.83 -29.13 43.42
CA VAL D 696 -21.40 -29.33 43.65
C VAL D 696 -20.61 -29.09 42.38
N GLY D 697 -21.04 -29.69 41.26
CA GLY D 697 -20.30 -29.53 40.02
C GLY D 697 -20.25 -28.09 39.55
N SER D 698 -21.40 -27.41 39.54
CA SER D 698 -21.44 -26.02 39.11
C SER D 698 -20.58 -25.12 40.01
N SER D 699 -20.63 -25.35 41.32
CA SER D 699 -19.81 -24.56 42.23
C SER D 699 -18.33 -24.78 41.97
N LEU D 700 -17.91 -26.05 41.87
CA LEU D 700 -16.50 -26.34 41.65
C LEU D 700 -16.00 -25.80 40.32
N ILE D 701 -16.83 -25.87 39.28
CA ILE D 701 -16.43 -25.37 37.96
C ILE D 701 -16.26 -23.85 37.99
N PHE D 702 -17.26 -23.13 38.49
CA PHE D 702 -17.19 -21.68 38.49
C PHE D 702 -16.22 -21.15 39.54
N LEU D 703 -15.94 -21.94 40.58
CA LEU D 703 -15.00 -21.48 41.61
C LEU D 703 -13.61 -21.24 41.04
N GLY D 704 -13.18 -22.08 40.09
CA GLY D 704 -11.89 -21.87 39.46
C GLY D 704 -11.81 -20.55 38.71
N ALA D 705 -12.90 -20.16 38.06
CA ALA D 705 -12.91 -18.87 37.37
C ALA D 705 -12.85 -17.70 38.36
N TYR D 706 -13.55 -17.82 39.48
CA TYR D 706 -13.49 -16.78 40.50
C TYR D 706 -12.08 -16.63 41.08
N PHE D 707 -11.39 -17.75 41.29
CA PHE D 707 -10.01 -17.71 41.75
C PHE D 707 -9.04 -17.22 40.69
N ASN D 708 -9.45 -17.14 39.43
CA ASN D 708 -8.55 -16.73 38.34
C ASN D 708 -8.45 -15.20 38.31
N ARG D 709 -7.92 -14.66 39.39
CA ARG D 709 -7.49 -13.27 39.38
C ARG D 709 -6.19 -13.13 38.59
N VAL D 710 -5.94 -11.90 38.12
CA VAL D 710 -4.61 -11.61 37.57
C VAL D 710 -3.57 -11.79 38.67
N PRO D 711 -2.46 -12.48 38.42
CA PRO D 711 -1.48 -12.70 39.48
C PRO D 711 -0.80 -11.41 39.91
N ASP D 712 -0.41 -11.37 41.19
CA ASP D 712 0.40 -10.27 41.68
C ASP D 712 1.79 -10.34 41.08
N LEU D 713 2.23 -9.22 40.50
CA LEU D 713 3.47 -9.19 39.73
C LEU D 713 4.29 -7.98 40.14
N PRO D 714 5.61 -8.05 39.99
CA PRO D 714 6.45 -6.92 40.42
C PRO D 714 6.31 -5.68 39.55
N TYR D 715 5.70 -5.80 38.37
CA TYR D 715 5.63 -4.69 37.44
C TYR D 715 4.75 -3.57 37.97
N ALA D 716 5.09 -2.35 37.58
CA ALA D 716 4.21 -1.21 37.83
C ALA D 716 2.93 -1.36 37.00
N PRO D 717 1.80 -0.87 37.51
CA PRO D 717 0.56 -0.91 36.73
C PRO D 717 0.72 -0.13 35.43
N CYS D 718 0.14 -0.67 34.36
CA CYS D 718 0.33 -0.08 33.04
C CYS D 718 -0.32 1.29 32.95
N ILE D 719 -1.51 1.45 33.53
CA ILE D 719 -2.20 2.73 33.61
C ILE D 719 -2.04 3.28 35.01
N GLN D 720 -1.40 4.44 35.12
CA GLN D 720 -1.15 5.01 36.43
C GLN D 720 -2.46 5.51 37.05
N PRO D 721 -2.67 5.28 38.36
CA PRO D 721 -3.87 5.70 39.07
C PRO D 721 -4.10 7.21 39.02
N SER E 1 33.22 6.72 6.58
CA SER E 1 31.99 7.49 6.66
C SER E 1 31.42 7.72 5.27
N GLU E 2 32.23 7.38 4.27
CA GLU E 2 31.81 7.49 2.87
C GLU E 2 32.20 6.23 2.12
N HIS E 3 32.83 5.28 2.82
CA HIS E 3 33.35 4.10 2.14
C HIS E 3 32.25 3.11 1.79
N GLU E 4 31.22 2.99 2.62
CA GLU E 4 30.12 2.10 2.26
C GLU E 4 29.31 2.65 1.09
N THR E 5 29.14 3.98 1.04
CA THR E 5 28.49 4.60 -0.12
C THR E 5 29.34 4.40 -1.36
N ARG E 6 30.65 4.58 -1.23
CA ARG E 6 31.55 4.33 -2.35
C ARG E 6 31.43 2.89 -2.84
N LEU E 7 31.41 1.93 -1.91
CA LEU E 7 31.28 0.52 -2.27
C LEU E 7 29.99 0.27 -3.04
N VAL E 8 28.87 0.77 -2.53
CA VAL E 8 27.58 0.55 -3.19
C VAL E 8 27.59 1.18 -4.58
N ALA E 9 28.19 2.37 -4.71
CA ALA E 9 28.27 3.00 -6.03
C ALA E 9 29.13 2.20 -7.00
N LYS E 10 30.26 1.68 -6.52
CA LYS E 10 31.16 0.91 -7.39
C LYS E 10 30.52 -0.38 -7.84
N LEU E 11 29.82 -1.07 -6.93
CA LEU E 11 29.19 -2.35 -7.27
C LEU E 11 28.16 -2.19 -8.38
N PHE E 12 27.29 -1.19 -8.27
CA PHE E 12 26.12 -1.09 -9.11
C PHE E 12 26.26 -0.09 -10.26
N LYS E 13 27.47 0.42 -10.51
CA LYS E 13 27.66 1.39 -11.58
C LYS E 13 27.16 0.84 -12.92
N ASP E 14 27.49 -0.41 -13.22
CA ASP E 14 27.04 -1.05 -14.44
C ASP E 14 26.53 -2.46 -14.17
N TYR E 15 26.04 -2.70 -12.95
CA TYR E 15 25.44 -3.98 -12.61
C TYR E 15 24.14 -4.17 -13.39
N SER E 16 23.92 -5.41 -13.83
CA SER E 16 22.69 -5.78 -14.52
C SER E 16 21.93 -6.80 -13.68
N SER E 17 20.71 -6.46 -13.28
CA SER E 17 19.85 -7.40 -12.59
C SER E 17 19.12 -8.34 -13.54
N VAL E 18 19.31 -8.18 -14.85
CA VAL E 18 18.62 -9.03 -15.82
C VAL E 18 19.41 -10.31 -16.04
N VAL E 19 20.73 -10.20 -16.24
CA VAL E 19 21.55 -11.37 -16.50
C VAL E 19 21.74 -12.17 -15.21
N ARG E 20 21.95 -13.47 -15.36
CA ARG E 20 22.26 -14.31 -14.23
C ARG E 20 23.64 -13.97 -13.67
N PRO E 21 23.83 -14.07 -12.35
CA PRO E 21 25.06 -13.61 -11.69
C PRO E 21 26.21 -14.61 -11.75
N VAL E 22 26.55 -15.05 -12.97
CA VAL E 22 27.60 -16.02 -13.17
C VAL E 22 28.68 -15.43 -14.07
N GLU E 23 29.90 -15.96 -13.92
CA GLU E 23 31.01 -15.51 -14.76
C GLU E 23 30.78 -15.87 -16.22
N ASP E 24 30.21 -17.05 -16.48
CA ASP E 24 30.05 -17.58 -17.82
C ASP E 24 28.62 -18.08 -17.96
N HIS E 25 27.98 -17.75 -19.08
CA HIS E 25 26.55 -18.02 -19.24
C HIS E 25 26.23 -19.51 -19.26
N ARG E 26 27.20 -20.36 -19.60
CA ARG E 26 26.99 -21.79 -19.54
C ARG E 26 27.05 -22.34 -18.12
N GLN E 27 27.47 -21.55 -17.15
CA GLN E 27 27.44 -21.98 -15.76
C GLN E 27 26.01 -21.98 -15.23
N VAL E 28 25.81 -22.70 -14.13
CA VAL E 28 24.52 -22.81 -13.47
C VAL E 28 24.56 -22.01 -12.17
N VAL E 29 23.53 -21.21 -11.93
CA VAL E 29 23.39 -20.52 -10.65
C VAL E 29 22.97 -21.53 -9.59
N GLU E 30 23.79 -21.70 -8.56
CA GLU E 30 23.47 -22.58 -7.45
C GLU E 30 22.79 -21.77 -6.36
N VAL E 31 21.50 -22.00 -6.17
CA VAL E 31 20.69 -21.30 -5.18
C VAL E 31 20.34 -22.29 -4.08
N THR E 32 20.59 -21.89 -2.83
CA THR E 32 20.20 -22.67 -1.67
C THR E 32 18.90 -22.11 -1.12
N VAL E 33 17.89 -22.97 -1.00
CA VAL E 33 16.54 -22.55 -0.61
C VAL E 33 16.19 -23.26 0.70
N GLY E 34 15.93 -22.46 1.73
CA GLY E 34 15.50 -23.00 3.01
C GLY E 34 14.20 -22.39 3.47
N LEU E 35 13.13 -23.19 3.51
CA LEU E 35 11.84 -22.73 4.01
C LEU E 35 11.86 -22.74 5.53
N GLN E 36 11.60 -21.58 6.13
CA GLN E 36 11.37 -21.46 7.55
C GLN E 36 9.90 -21.22 7.80
N LEU E 37 9.27 -22.06 8.60
CA LEU E 37 7.84 -21.94 8.92
C LEU E 37 7.70 -21.22 10.25
N ILE E 38 7.13 -20.02 10.21
CA ILE E 38 6.98 -19.20 11.41
C ILE E 38 5.67 -19.49 12.13
N GLN E 39 4.58 -19.67 11.39
CA GLN E 39 3.29 -19.94 12.00
C GLN E 39 2.38 -20.60 10.98
N LEU E 40 1.66 -21.63 11.44
CA LEU E 40 0.53 -22.20 10.69
C LEU E 40 -0.68 -21.34 11.01
N ILE E 41 -0.92 -20.32 10.17
CA ILE E 41 -1.96 -19.33 10.47
C ILE E 41 -3.33 -19.97 10.44
N ASN E 42 -3.64 -20.74 9.40
CA ASN E 42 -4.97 -21.31 9.26
C ASN E 42 -4.90 -22.56 8.40
N VAL E 43 -5.83 -23.48 8.64
CA VAL E 43 -6.04 -24.65 7.79
C VAL E 43 -7.53 -24.65 7.43
N ASP E 44 -7.86 -24.08 6.28
CA ASP E 44 -9.25 -23.95 5.84
C ASP E 44 -9.65 -25.27 5.19
N GLU E 45 -10.36 -26.11 5.96
CA GLU E 45 -10.75 -27.42 5.44
C GLU E 45 -11.77 -27.31 4.32
N VAL E 46 -12.78 -26.45 4.48
CA VAL E 46 -13.86 -26.42 3.49
C VAL E 46 -13.38 -25.84 2.17
N ASN E 47 -12.46 -24.88 2.19
CA ASN E 47 -11.89 -24.34 0.97
C ASN E 47 -10.61 -25.06 0.54
N GLN E 48 -10.09 -25.96 1.38
CA GLN E 48 -8.87 -26.71 1.07
C GLN E 48 -7.69 -25.77 0.82
N ILE E 49 -7.55 -24.76 1.67
CA ILE E 49 -6.47 -23.78 1.56
C ILE E 49 -5.79 -23.68 2.92
N VAL E 50 -4.45 -23.72 2.91
CA VAL E 50 -3.66 -23.62 4.13
C VAL E 50 -2.87 -22.32 4.10
N THR E 51 -3.04 -21.52 5.15
CA THR E 51 -2.37 -20.23 5.27
C THR E 51 -1.21 -20.37 6.24
N THR E 52 -0.01 -20.02 5.79
CA THR E 52 1.20 -20.18 6.58
C THR E 52 2.06 -18.93 6.52
N ASN E 53 2.60 -18.53 7.67
CA ASN E 53 3.60 -17.46 7.72
C ASN E 53 4.97 -18.11 7.63
N VAL E 54 5.73 -17.74 6.60
CA VAL E 54 7.01 -18.37 6.33
C VAL E 54 8.07 -17.30 6.08
N ARG E 55 9.33 -17.72 6.25
CA ARG E 55 10.49 -17.00 5.74
C ARG E 55 11.16 -17.91 4.72
N LEU E 56 11.29 -17.44 3.49
CA LEU E 56 11.87 -18.22 2.39
C LEU E 56 13.31 -17.79 2.19
N LYS E 57 14.19 -18.34 3.03
CA LYS E 57 15.62 -18.04 2.92
C LYS E 57 16.17 -18.51 1.58
N GLN E 58 16.82 -17.59 0.86
CA GLN E 58 17.49 -17.90 -0.39
C GLN E 58 18.93 -17.44 -0.30
N GLN E 59 19.86 -18.31 -0.71
CA GLN E 59 21.28 -18.00 -0.69
C GLN E 59 21.90 -18.33 -2.04
N TRP E 60 22.67 -17.40 -2.58
CA TRP E 60 23.42 -17.64 -3.81
C TRP E 60 24.58 -16.67 -3.86
N VAL E 61 25.55 -16.99 -4.71
CA VAL E 61 26.73 -16.15 -4.90
C VAL E 61 26.54 -15.33 -6.17
N ASP E 62 26.65 -14.01 -6.06
CA ASP E 62 26.66 -13.13 -7.22
C ASP E 62 28.10 -12.86 -7.61
N TYR E 63 28.49 -13.32 -8.79
CA TYR E 63 29.87 -13.17 -9.24
C TYR E 63 30.31 -11.72 -9.31
N ASN E 64 29.40 -10.82 -9.67
CA ASN E 64 29.76 -9.41 -9.88
C ASN E 64 29.74 -8.58 -8.62
N LEU E 65 29.21 -9.09 -7.51
CA LEU E 65 29.09 -8.32 -6.28
C LEU E 65 30.21 -8.61 -5.29
N LYS E 66 31.33 -9.15 -5.75
CA LYS E 66 32.51 -9.27 -4.92
C LYS E 66 33.14 -7.90 -4.69
N TRP E 67 33.81 -7.76 -3.54
CA TRP E 67 34.72 -6.64 -3.34
C TRP E 67 35.84 -7.08 -2.42
N ASN E 68 36.92 -6.29 -2.43
CA ASN E 68 38.04 -6.53 -1.52
C ASN E 68 37.82 -5.74 -0.24
N PRO E 69 37.76 -6.38 0.93
CA PRO E 69 37.48 -5.63 2.16
C PRO E 69 38.51 -4.57 2.48
N ASP E 70 39.77 -4.76 2.09
CA ASP E 70 40.81 -3.78 2.39
C ASP E 70 40.58 -2.48 1.62
N ASP E 71 39.87 -2.53 0.49
CA ASP E 71 39.56 -1.31 -0.24
C ASP E 71 38.56 -0.42 0.49
N TYR E 72 37.82 -0.98 1.44
CA TYR E 72 36.74 -0.26 2.10
C TYR E 72 36.85 -0.41 3.62
N GLY E 73 38.07 -0.37 4.14
CA GLY E 73 38.27 -0.34 5.58
C GLY E 73 37.85 -1.59 6.30
N GLY E 74 37.82 -2.74 5.64
CA GLY E 74 37.41 -3.97 6.26
C GLY E 74 35.92 -4.23 6.30
N VAL E 75 35.13 -3.48 5.54
CA VAL E 75 33.71 -3.76 5.38
C VAL E 75 33.56 -5.13 4.73
N LYS E 76 33.00 -6.09 5.48
CA LYS E 76 32.83 -7.44 4.98
C LYS E 76 31.39 -7.79 4.62
N LYS E 77 30.42 -6.98 5.02
CA LYS E 77 29.03 -7.21 4.65
C LYS E 77 28.30 -5.89 4.58
N ILE E 78 27.31 -5.83 3.67
CA ILE E 78 26.46 -4.66 3.50
C ILE E 78 25.04 -5.13 3.24
N HIS E 79 24.08 -4.25 3.53
CA HIS E 79 22.68 -4.50 3.27
C HIS E 79 22.22 -3.65 2.10
N ILE E 80 21.63 -4.28 1.09
CA ILE E 80 21.22 -3.57 -0.11
C ILE E 80 19.79 -3.99 -0.48
N PRO E 81 19.01 -3.11 -1.12
CA PRO E 81 17.66 -3.49 -1.53
C PRO E 81 17.68 -4.65 -2.52
N SER E 82 16.78 -5.62 -2.32
CA SER E 82 16.72 -6.78 -3.19
C SER E 82 16.24 -6.45 -4.59
N GLU E 83 15.57 -5.32 -4.78
CA GLU E 83 15.11 -4.94 -6.12
C GLU E 83 16.26 -4.59 -7.04
N LYS E 84 17.43 -4.23 -6.50
CA LYS E 84 18.55 -3.85 -7.34
C LYS E 84 19.29 -5.04 -7.92
N ILE E 85 19.24 -6.20 -7.27
CA ILE E 85 20.03 -7.35 -7.66
C ILE E 85 19.16 -8.33 -8.43
N TRP E 86 19.83 -9.25 -9.14
CA TRP E 86 19.15 -10.42 -9.68
C TRP E 86 18.70 -11.33 -8.54
N ARG E 87 17.51 -11.91 -8.70
CA ARG E 87 16.98 -12.83 -7.70
C ARG E 87 16.39 -14.06 -8.39
N PRO E 88 16.45 -15.21 -7.73
CA PRO E 88 15.69 -16.36 -8.22
C PRO E 88 14.18 -16.11 -8.11
N ASP E 89 13.45 -16.47 -9.16
CA ASP E 89 12.01 -16.25 -9.22
C ASP E 89 11.25 -17.47 -8.67
N LEU E 90 11.51 -17.77 -7.41
CA LEU E 90 10.81 -18.87 -6.74
C LEU E 90 9.31 -18.59 -6.70
N VAL E 91 8.53 -19.50 -7.28
CA VAL E 91 7.08 -19.40 -7.32
C VAL E 91 6.48 -20.59 -6.57
N LEU E 92 5.48 -20.33 -5.75
CA LEU E 92 4.68 -21.38 -5.12
C LEU E 92 3.73 -21.95 -6.17
N TYR E 93 4.04 -23.16 -6.66
CA TYR E 93 3.25 -23.75 -7.74
C TYR E 93 1.80 -23.99 -7.31
N ASN E 94 1.61 -24.51 -6.09
CA ASN E 94 0.29 -24.86 -5.61
C ASN E 94 -0.39 -23.72 -4.86
N ASN E 95 -0.10 -22.48 -5.26
CA ASN E 95 -0.81 -21.33 -4.71
C ASN E 95 -2.29 -21.44 -5.01
N ALA E 96 -3.11 -21.15 -3.99
CA ALA E 96 -4.56 -21.21 -4.13
C ALA E 96 -5.19 -19.84 -4.35
N ASP E 97 -4.95 -18.90 -3.44
CA ASP E 97 -5.47 -17.55 -3.64
C ASP E 97 -4.53 -16.45 -3.16
N GLY E 98 -3.29 -16.77 -2.82
CA GLY E 98 -2.30 -15.77 -2.46
C GLY E 98 -1.47 -15.32 -3.64
N ASP E 99 -0.33 -14.71 -3.33
CA ASP E 99 0.65 -14.38 -4.35
C ASP E 99 1.50 -15.58 -4.70
N PHE E 100 1.89 -15.67 -5.99
CA PHE E 100 2.74 -16.77 -6.43
C PHE E 100 4.17 -16.56 -5.96
N ALA E 101 4.75 -15.40 -6.24
CA ALA E 101 6.12 -15.09 -5.87
C ALA E 101 6.18 -14.23 -4.62
N ILE E 102 7.41 -13.99 -4.16
CA ILE E 102 7.64 -13.06 -3.06
C ILE E 102 7.24 -11.66 -3.50
N VAL E 103 6.49 -10.97 -2.63
CA VAL E 103 6.12 -9.58 -2.87
C VAL E 103 6.77 -8.63 -1.88
N LYS E 104 7.20 -9.09 -0.72
CA LYS E 104 7.88 -8.27 0.28
C LYS E 104 9.37 -8.30 -0.01
N PHE E 105 9.84 -7.33 -0.78
CA PHE E 105 11.25 -7.23 -1.18
C PHE E 105 12.05 -6.57 -0.05
N THR E 106 12.32 -7.34 0.99
CA THR E 106 13.24 -6.90 2.03
C THR E 106 14.66 -6.77 1.48
N LYS E 107 15.54 -6.18 2.28
CA LYS E 107 16.95 -6.09 1.91
C LYS E 107 17.64 -7.43 2.03
N VAL E 108 18.57 -7.68 1.13
CA VAL E 108 19.44 -8.85 1.20
C VAL E 108 20.71 -8.49 1.96
N LEU E 109 21.31 -9.49 2.58
CA LEU E 109 22.66 -9.36 3.15
C LEU E 109 23.68 -9.78 2.10
N LEU E 110 24.52 -8.84 1.68
CA LEU E 110 25.57 -9.11 0.70
C LEU E 110 26.92 -9.11 1.40
N GLN E 111 27.72 -10.14 1.14
CA GLN E 111 29.06 -10.27 1.70
C GLN E 111 30.11 -10.03 0.64
N TYR E 112 31.33 -9.72 1.11
CA TYR E 112 32.42 -9.39 0.20
C TYR E 112 32.75 -10.53 -0.75
N THR E 113 32.41 -11.77 -0.39
CA THR E 113 32.59 -12.91 -1.29
C THR E 113 31.55 -12.95 -2.39
N GLY E 114 30.62 -12.00 -2.43
CA GLY E 114 29.51 -12.05 -3.36
C GLY E 114 28.33 -12.88 -2.91
N HIS E 115 28.43 -13.54 -1.75
CA HIS E 115 27.34 -14.36 -1.26
C HIS E 115 26.17 -13.49 -0.81
N ILE E 116 25.00 -13.74 -1.38
CA ILE E 116 23.78 -13.03 -1.03
C ILE E 116 22.91 -13.94 -0.18
N THR E 117 22.44 -13.42 0.95
CA THR E 117 21.41 -14.08 1.75
C THR E 117 20.16 -13.22 1.74
N TRP E 118 19.05 -13.81 1.31
CA TRP E 118 17.76 -13.14 1.26
C TRP E 118 16.74 -13.98 2.01
N THR E 119 16.05 -13.37 2.97
CA THR E 119 15.07 -14.08 3.80
C THR E 119 13.74 -13.33 3.81
N PRO E 120 13.09 -13.17 2.67
CA PRO E 120 11.85 -12.40 2.61
C PRO E 120 10.72 -13.13 3.33
N PRO E 121 9.88 -12.41 4.07
CA PRO E 121 8.68 -13.02 4.61
C PRO E 121 7.62 -13.24 3.54
N ALA E 122 6.79 -14.26 3.76
CA ALA E 122 5.65 -14.49 2.88
C ALA E 122 4.53 -15.15 3.66
N ILE E 123 3.30 -14.89 3.22
CA ILE E 123 2.14 -15.63 3.71
C ILE E 123 1.62 -16.50 2.58
N PHE E 124 2.06 -17.75 2.54
CA PHE E 124 1.62 -18.68 1.49
C PHE E 124 0.24 -19.23 1.82
N LYS E 125 -0.72 -19.00 0.94
CA LYS E 125 -2.04 -19.62 1.01
C LYS E 125 -2.07 -20.75 -0.02
N SER E 126 -1.41 -21.85 0.32
CA SER E 126 -1.26 -22.96 -0.61
C SER E 126 -2.49 -23.87 -0.58
N TYR E 127 -2.72 -24.53 -1.71
CA TYR E 127 -3.75 -25.55 -1.79
C TYR E 127 -3.31 -26.81 -1.07
N CYS E 128 -4.24 -27.42 -0.33
CA CYS E 128 -3.99 -28.71 0.32
C CYS E 128 -5.22 -29.59 0.20
N GLU E 129 -5.00 -30.85 -0.19
CA GLU E 129 -6.08 -31.84 -0.22
C GLU E 129 -6.44 -32.29 1.19
N ILE E 130 -7.50 -31.71 1.75
CA ILE E 130 -7.92 -32.05 3.10
C ILE E 130 -8.61 -33.42 3.07
N ILE E 131 -8.00 -34.41 3.71
CA ILE E 131 -8.58 -35.75 3.78
C ILE E 131 -9.59 -35.78 4.93
N VAL E 132 -10.86 -36.04 4.61
CA VAL E 132 -11.94 -35.90 5.57
C VAL E 132 -12.25 -37.19 6.34
N THR E 133 -11.66 -38.32 5.95
CA THR E 133 -12.13 -39.62 6.44
C THR E 133 -12.07 -39.71 7.97
N HIS E 134 -10.89 -39.47 8.55
CA HIS E 134 -10.70 -39.64 9.97
C HIS E 134 -11.05 -38.39 10.79
N PHE E 135 -11.64 -37.38 10.16
CA PHE E 135 -12.00 -36.16 10.86
C PHE E 135 -12.92 -36.49 12.05
N PRO E 136 -12.73 -35.85 13.20
CA PRO E 136 -11.75 -34.81 13.52
C PRO E 136 -10.43 -35.34 14.08
N PHE E 137 -10.13 -36.63 13.88
CA PHE E 137 -8.86 -37.21 14.29
C PHE E 137 -7.89 -37.35 13.12
N ASP E 138 -8.09 -36.55 12.08
CA ASP E 138 -7.37 -36.72 10.83
C ASP E 138 -5.96 -36.15 10.91
N GLU E 139 -5.03 -36.78 10.19
CA GLU E 139 -3.74 -36.20 9.89
C GLU E 139 -3.78 -35.62 8.48
N GLN E 140 -3.37 -34.36 8.35
CA GLN E 140 -3.32 -33.70 7.04
C GLN E 140 -1.88 -33.59 6.58
N ASN E 141 -1.66 -33.86 5.31
CA ASN E 141 -0.34 -33.77 4.68
C ASN E 141 -0.42 -32.63 3.66
N CYS E 142 0.03 -31.45 4.07
CA CYS E 142 -0.02 -30.26 3.23
C CYS E 142 1.39 -29.89 2.78
N SER E 143 1.50 -29.45 1.54
CA SER E 143 2.81 -29.30 0.89
C SER E 143 2.91 -27.95 0.21
N MET E 144 4.14 -27.56 -0.10
CA MET E 144 4.44 -26.29 -0.75
C MET E 144 5.46 -26.56 -1.84
N LYS E 145 5.01 -26.56 -3.09
CA LYS E 145 5.89 -26.82 -4.24
C LYS E 145 6.50 -25.50 -4.68
N LEU E 146 7.78 -25.31 -4.34
CA LEU E 146 8.50 -24.07 -4.62
C LEU E 146 9.59 -24.33 -5.66
N GLY E 147 9.63 -23.50 -6.69
CA GLY E 147 10.69 -23.61 -7.68
C GLY E 147 10.77 -22.39 -8.56
N THR E 148 11.92 -22.23 -9.21
CA THR E 148 12.11 -21.14 -10.15
C THR E 148 11.17 -21.30 -11.34
N TRP E 149 10.37 -20.26 -11.59
CA TRP E 149 9.34 -20.35 -12.62
C TRP E 149 9.94 -20.40 -14.02
N THR E 150 10.86 -19.48 -14.33
CA THR E 150 11.33 -19.34 -15.70
C THR E 150 12.71 -19.96 -15.93
N TYR E 151 13.55 -19.99 -14.90
CA TYR E 151 14.87 -20.61 -15.03
C TYR E 151 14.76 -22.12 -14.85
N ASP E 152 15.25 -22.88 -15.81
CA ASP E 152 15.23 -24.33 -15.76
C ASP E 152 16.47 -24.87 -15.06
N GLY E 153 16.47 -26.19 -14.83
CA GLY E 153 17.51 -26.81 -14.03
C GLY E 153 18.91 -26.70 -14.60
N SER E 154 19.04 -26.54 -15.91
CA SER E 154 20.35 -26.34 -16.53
C SER E 154 20.83 -24.91 -16.44
N VAL E 155 20.04 -24.02 -15.86
CA VAL E 155 20.29 -22.59 -15.91
C VAL E 155 20.38 -22.03 -14.50
N VAL E 156 19.44 -22.42 -13.63
CA VAL E 156 19.50 -22.11 -12.20
C VAL E 156 19.10 -23.36 -11.44
N ALA E 157 20.04 -23.93 -10.69
CA ALA E 157 19.77 -25.09 -9.86
C ALA E 157 19.49 -24.65 -8.43
N ILE E 158 18.33 -25.02 -7.91
CA ILE E 158 17.96 -24.75 -6.52
C ILE E 158 18.20 -26.01 -5.70
N ASN E 159 18.77 -25.83 -4.51
CA ASN E 159 19.05 -26.94 -3.62
C ASN E 159 18.48 -26.65 -2.24
N PRO E 160 17.92 -27.66 -1.56
CA PRO E 160 17.39 -27.42 -0.22
C PRO E 160 18.50 -27.15 0.78
N GLU E 161 18.25 -26.19 1.67
CA GLU E 161 19.22 -25.88 2.72
C GLU E 161 19.37 -27.04 3.69
N SER E 162 18.27 -27.73 3.99
CA SER E 162 18.30 -28.87 4.88
C SER E 162 17.18 -29.84 4.46
N ASP E 163 17.33 -31.08 4.90
CA ASP E 163 16.31 -32.09 4.58
C ASP E 163 14.95 -31.73 5.13
N GLN E 164 14.90 -30.92 6.20
CA GLN E 164 13.62 -30.56 6.80
C GLN E 164 13.46 -29.06 6.87
N PRO E 165 12.22 -28.56 6.84
CA PRO E 165 11.98 -27.14 7.10
C PRO E 165 12.52 -26.71 8.45
N ASP E 166 12.91 -25.44 8.53
CA ASP E 166 13.38 -24.86 9.79
C ASP E 166 12.17 -24.48 10.64
N LEU E 167 11.89 -25.27 11.67
CA LEU E 167 10.81 -25.02 12.61
C LEU E 167 11.28 -24.37 13.90
N SER E 168 12.53 -23.91 13.96
CA SER E 168 13.07 -23.39 15.21
C SER E 168 12.32 -22.15 15.69
N ASN E 169 11.77 -21.37 14.76
CA ASN E 169 10.98 -20.19 15.10
C ASN E 169 9.48 -20.43 15.01
N PHE E 170 9.06 -21.68 14.88
CA PHE E 170 7.64 -22.00 14.66
C PHE E 170 6.83 -21.66 15.90
N MET E 171 5.86 -20.75 15.74
CA MET E 171 4.89 -20.44 16.79
C MET E 171 3.90 -21.59 16.89
N GLU E 172 3.91 -22.29 18.02
CA GLU E 172 3.10 -23.50 18.18
C GLU E 172 1.62 -23.18 18.01
N SER E 173 0.99 -23.86 17.06
CA SER E 173 -0.43 -23.68 16.82
C SER E 173 -1.26 -24.38 17.89
N GLY E 174 -2.38 -23.77 18.25
CA GLY E 174 -3.30 -24.37 19.19
C GLY E 174 -4.27 -25.38 18.62
N GLU E 175 -4.25 -25.60 17.31
CA GLU E 175 -5.16 -26.54 16.66
C GLU E 175 -4.47 -27.71 15.98
N TRP E 176 -3.24 -27.53 15.51
CA TRP E 176 -2.56 -28.52 14.70
C TRP E 176 -1.15 -28.76 15.23
N VAL E 177 -0.74 -30.03 15.26
CA VAL E 177 0.61 -30.42 15.65
C VAL E 177 1.32 -30.95 14.41
N ILE E 178 2.48 -30.38 14.10
CA ILE E 178 3.30 -30.83 12.97
C ILE E 178 4.06 -32.06 13.43
N LYS E 179 3.56 -33.25 13.08
CA LYS E 179 4.22 -34.48 13.48
C LYS E 179 5.44 -34.78 12.63
N GLU E 180 5.44 -34.36 11.37
CA GLU E 180 6.56 -34.60 10.48
C GLU E 180 6.66 -33.45 9.49
N SER E 181 7.89 -33.15 9.07
CA SER E 181 8.13 -32.22 7.97
C SER E 181 9.37 -32.67 7.22
N ARG E 182 9.38 -32.39 5.92
CA ARG E 182 10.46 -32.85 5.06
C ARG E 182 10.45 -32.02 3.79
N GLY E 183 11.63 -31.88 3.17
CA GLY E 183 11.73 -31.25 1.87
C GLY E 183 12.36 -32.17 0.85
N TRP E 184 11.71 -32.33 -0.30
CA TRP E 184 12.22 -33.17 -1.38
C TRP E 184 12.42 -32.34 -2.63
N LYS E 185 13.62 -32.40 -3.19
CA LYS E 185 13.90 -31.78 -4.48
C LYS E 185 13.49 -32.73 -5.61
N HIS E 186 12.80 -32.19 -6.62
CA HIS E 186 12.40 -32.96 -7.78
C HIS E 186 12.80 -32.23 -9.05
N SER E 187 13.09 -33.01 -10.09
CA SER E 187 13.16 -32.51 -11.46
C SER E 187 12.06 -33.17 -12.28
N VAL E 188 11.26 -32.35 -12.94
CA VAL E 188 10.14 -32.84 -13.74
C VAL E 188 10.12 -32.12 -15.07
N THR E 189 9.56 -32.80 -16.08
CA THR E 189 9.43 -32.24 -17.43
C THR E 189 7.97 -31.88 -17.67
N TYR E 190 7.71 -30.61 -17.95
CA TYR E 190 6.38 -30.13 -18.27
C TYR E 190 6.15 -30.12 -19.79
N SER E 191 4.88 -30.30 -20.17
CA SER E 191 4.53 -30.28 -21.59
C SER E 191 4.80 -28.93 -22.24
N CYS E 192 4.89 -27.86 -21.47
CA CYS E 192 5.28 -26.57 -22.03
C CYS E 192 6.68 -26.63 -22.61
N CYS E 193 7.54 -27.45 -22.03
CA CYS E 193 8.97 -27.21 -22.08
C CYS E 193 9.68 -28.57 -22.13
N PRO E 194 9.42 -29.39 -23.13
CA PRO E 194 9.76 -30.81 -23.03
C PRO E 194 11.26 -31.10 -23.01
N ASP E 195 12.10 -30.20 -23.51
CA ASP E 195 13.53 -30.44 -23.58
C ASP E 195 14.28 -29.97 -22.33
N THR E 196 13.61 -29.30 -21.40
CA THR E 196 14.27 -28.71 -20.24
C THR E 196 13.52 -29.09 -18.97
N PRO E 197 14.05 -29.99 -18.15
CA PRO E 197 13.40 -30.29 -16.88
C PRO E 197 13.54 -29.13 -15.90
N TYR E 198 12.47 -28.88 -15.15
CA TYR E 198 12.43 -27.79 -14.18
C TYR E 198 12.51 -28.34 -12.77
N LEU E 199 13.34 -27.71 -11.95
CA LEU E 199 13.54 -28.14 -10.57
C LEU E 199 12.51 -27.50 -9.65
N ASP E 200 12.11 -28.25 -8.64
CA ASP E 200 11.31 -27.72 -7.55
C ASP E 200 11.71 -28.42 -6.26
N ILE E 201 11.44 -27.75 -5.13
CA ILE E 201 11.52 -28.34 -3.81
C ILE E 201 10.13 -28.33 -3.21
N THR E 202 9.57 -29.51 -2.97
CA THR E 202 8.26 -29.64 -2.34
C THR E 202 8.46 -29.89 -0.85
N TYR E 203 8.34 -28.82 -0.06
CA TYR E 203 8.27 -28.96 1.38
C TYR E 203 6.88 -29.45 1.77
N HIS E 204 6.81 -30.34 2.75
CA HIS E 204 5.53 -30.85 3.20
C HIS E 204 5.52 -30.97 4.72
N PHE E 205 4.33 -30.89 5.29
CA PHE E 205 4.13 -30.93 6.74
C PHE E 205 2.99 -31.87 7.03
N VAL E 206 3.23 -32.86 7.89
CA VAL E 206 2.18 -33.76 8.34
C VAL E 206 1.59 -33.17 9.62
N MET E 207 0.41 -32.56 9.49
CA MET E 207 -0.24 -31.87 10.60
C MET E 207 -1.34 -32.77 11.16
N GLN E 208 -1.30 -33.00 12.46
CA GLN E 208 -2.35 -33.77 13.14
C GLN E 208 -3.24 -32.81 13.92
N ARG E 209 -4.55 -32.92 13.70
CA ARG E 209 -5.50 -32.09 14.42
C ARG E 209 -5.55 -32.47 15.90
N LEU E 210 -5.62 -31.46 16.76
CA LEU E 210 -5.94 -31.68 18.15
C LEU E 210 -7.45 -31.78 18.29
N PRO E 211 -7.99 -32.97 18.63
CA PRO E 211 -9.44 -33.19 18.52
C PRO E 211 -10.26 -32.63 19.65
N LEU E 212 -9.64 -32.12 20.71
CA LEU E 212 -10.37 -31.83 21.95
C LEU E 212 -11.52 -30.85 21.73
N TYR E 213 -11.29 -29.80 20.95
CA TYR E 213 -12.37 -28.84 20.68
C TYR E 213 -13.55 -29.51 19.98
N PHE E 214 -13.27 -30.35 18.99
CA PHE E 214 -14.34 -31.02 18.26
C PHE E 214 -14.95 -32.15 19.08
N ILE E 215 -14.15 -32.80 19.92
CA ILE E 215 -14.70 -33.79 20.85
C ILE E 215 -15.73 -33.12 21.77
N VAL E 216 -15.37 -31.97 22.34
CA VAL E 216 -16.27 -31.28 23.26
C VAL E 216 -17.53 -30.78 22.53
N ASN E 217 -17.34 -30.09 21.40
CA ASN E 217 -18.46 -29.37 20.80
C ASN E 217 -19.28 -30.20 19.82
N VAL E 218 -18.80 -31.37 19.39
CA VAL E 218 -19.55 -32.18 18.43
C VAL E 218 -19.73 -33.59 18.95
N ILE E 219 -18.63 -34.28 19.24
CA ILE E 219 -18.68 -35.72 19.47
C ILE E 219 -19.46 -36.04 20.73
N ILE E 220 -19.18 -35.34 21.83
CA ILE E 220 -19.88 -35.60 23.09
C ILE E 220 -21.38 -35.33 22.97
N PRO E 221 -21.84 -34.19 22.44
CA PRO E 221 -23.29 -34.04 22.20
C PRO E 221 -23.90 -35.10 21.31
N CYS E 222 -23.21 -35.50 20.24
CA CYS E 222 -23.72 -36.55 19.37
C CYS E 222 -23.89 -37.86 20.11
N LEU E 223 -22.92 -38.21 20.96
CA LEU E 223 -23.04 -39.41 21.78
C LEU E 223 -24.19 -39.29 22.77
N LEU E 224 -24.36 -38.11 23.37
CA LEU E 224 -25.43 -37.91 24.34
C LEU E 224 -26.79 -38.10 23.69
N PHE E 225 -27.01 -37.46 22.53
CA PHE E 225 -28.28 -37.63 21.83
C PHE E 225 -28.45 -39.05 21.28
N SER E 226 -27.36 -39.70 20.88
CA SER E 226 -27.43 -41.09 20.45
C SER E 226 -27.91 -41.99 21.59
N PHE E 227 -27.38 -41.78 22.80
CA PHE E 227 -27.81 -42.57 23.94
C PHE E 227 -29.30 -42.43 24.20
N LEU E 228 -29.86 -41.24 23.99
CA LEU E 228 -31.28 -41.02 24.21
C LEU E 228 -32.17 -41.81 23.26
N THR E 229 -31.62 -42.35 22.17
CA THR E 229 -32.43 -43.11 21.22
C THR E 229 -33.02 -44.35 21.87
N GLY E 230 -32.18 -45.17 22.51
CA GLY E 230 -32.63 -46.44 23.04
C GLY E 230 -33.58 -46.34 24.22
N LEU E 231 -33.57 -45.20 24.92
CA LEU E 231 -34.47 -45.01 26.06
C LEU E 231 -35.94 -45.13 25.66
N VAL E 232 -36.26 -44.87 24.39
CA VAL E 232 -37.65 -44.96 23.94
C VAL E 232 -38.23 -46.34 24.17
N PHE E 233 -37.40 -47.39 24.10
CA PHE E 233 -37.91 -48.75 24.24
C PHE E 233 -38.18 -49.13 25.68
N TYR E 234 -37.54 -48.46 26.64
CA TYR E 234 -37.89 -48.63 28.05
C TYR E 234 -39.03 -47.72 28.48
N LEU E 235 -39.19 -46.58 27.82
CA LEU E 235 -40.29 -45.66 28.07
C LEU E 235 -41.61 -46.28 27.64
N PRO E 236 -42.60 -46.38 28.53
CA PRO E 236 -43.86 -47.03 28.16
C PRO E 236 -44.63 -46.24 27.11
N THR E 237 -45.52 -46.96 26.40
CA THR E 237 -46.43 -46.32 25.46
C THR E 237 -47.39 -45.39 26.18
N ASP E 238 -47.85 -45.77 27.38
CA ASP E 238 -48.83 -44.98 28.12
C ASP E 238 -48.30 -43.60 28.52
N SER E 239 -46.97 -43.40 28.49
CA SER E 239 -46.44 -42.07 28.77
C SER E 239 -46.81 -41.07 27.68
N GLY E 240 -46.91 -41.52 26.44
CA GLY E 240 -47.04 -40.63 25.30
C GLY E 240 -45.78 -39.88 24.93
N GLU E 241 -44.68 -40.10 25.65
CA GLU E 241 -43.43 -39.40 25.39
C GLU E 241 -42.55 -40.10 24.37
N LYS E 242 -42.86 -41.36 24.01
CA LYS E 242 -42.04 -42.12 23.08
C LYS E 242 -41.78 -41.33 21.80
N MET E 243 -42.85 -40.86 21.16
CA MET E 243 -42.72 -40.28 19.82
C MET E 243 -42.02 -38.94 19.88
N THR E 244 -42.41 -38.07 20.83
CA THR E 244 -41.74 -36.79 20.98
C THR E 244 -40.26 -36.99 21.27
N LEU E 245 -39.91 -37.95 22.13
CA LEU E 245 -38.52 -38.24 22.43
C LEU E 245 -37.75 -38.65 21.18
N SER E 246 -38.26 -39.64 20.45
CA SER E 246 -37.54 -40.15 19.29
C SER E 246 -37.44 -39.09 18.19
N ILE E 247 -38.49 -38.29 18.00
CA ILE E 247 -38.45 -37.25 16.98
C ILE E 247 -37.47 -36.15 17.37
N SER E 248 -37.41 -35.80 18.67
CA SER E 248 -36.43 -34.80 19.10
C SER E 248 -35.01 -35.31 18.93
N VAL E 249 -34.78 -36.59 19.21
CA VAL E 249 -33.47 -37.19 18.97
C VAL E 249 -33.12 -37.12 17.49
N LEU E 250 -34.08 -37.47 16.63
CA LEU E 250 -33.86 -37.41 15.19
C LEU E 250 -33.52 -35.99 14.75
N LEU E 251 -34.27 -35.01 15.24
CA LEU E 251 -34.02 -33.61 14.87
C LEU E 251 -32.64 -33.15 15.33
N SER E 252 -32.27 -33.47 16.57
CA SER E 252 -30.96 -33.08 17.07
C SER E 252 -29.84 -33.73 16.27
N LEU E 253 -29.99 -35.01 15.94
CA LEU E 253 -28.99 -35.68 15.13
C LEU E 253 -28.89 -35.05 13.74
N THR E 254 -30.02 -34.68 13.15
CA THR E 254 -30.01 -34.00 11.86
C THR E 254 -29.31 -32.66 11.95
N VAL E 255 -29.56 -31.90 13.02
CA VAL E 255 -28.90 -30.62 13.19
C VAL E 255 -27.40 -30.80 13.32
N PHE E 256 -26.97 -31.81 14.07
CA PHE E 256 -25.53 -32.05 14.22
C PHE E 256 -24.89 -32.55 12.94
N LEU E 257 -25.64 -33.29 12.12
CA LEU E 257 -25.14 -33.65 10.79
C LEU E 257 -24.98 -32.40 9.93
N LEU E 258 -25.94 -31.49 9.99
CA LEU E 258 -25.82 -30.21 9.29
C LEU E 258 -24.62 -29.43 9.79
N VAL E 259 -24.30 -29.54 11.08
CA VAL E 259 -23.09 -28.91 11.61
C VAL E 259 -21.86 -29.53 10.98
N ILE E 260 -21.79 -30.87 10.95
CA ILE E 260 -20.63 -31.56 10.42
C ILE E 260 -20.43 -31.24 8.94
N VAL E 261 -21.51 -31.22 8.17
CA VAL E 261 -21.40 -30.95 6.73
C VAL E 261 -20.88 -29.54 6.46
N GLU E 262 -21.06 -28.61 7.40
CA GLU E 262 -20.50 -27.27 7.24
C GLU E 262 -19.00 -27.24 7.56
N LEU E 263 -18.55 -28.09 8.48
CA LEU E 263 -17.14 -28.14 8.86
C LEU E 263 -16.26 -28.88 7.87
N ILE E 264 -16.86 -29.55 6.88
CA ILE E 264 -16.13 -30.49 6.03
C ILE E 264 -16.29 -30.08 4.57
N PRO E 265 -15.23 -30.12 3.77
CA PRO E 265 -15.37 -29.80 2.34
C PRO E 265 -16.29 -30.77 1.63
N SER E 266 -17.05 -30.25 0.68
CA SER E 266 -17.97 -31.03 -0.15
C SER E 266 -17.28 -31.91 -1.17
N THR E 267 -15.95 -32.07 -1.10
CA THR E 267 -15.26 -32.97 -2.02
C THR E 267 -15.75 -34.39 -1.83
N SER E 268 -15.96 -35.08 -2.95
CA SER E 268 -16.60 -36.39 -2.96
C SER E 268 -15.60 -37.53 -3.13
N SER E 269 -14.32 -37.26 -2.91
CA SER E 269 -13.30 -38.31 -3.09
C SER E 269 -13.47 -39.41 -2.04
N ALA E 270 -13.79 -39.04 -0.80
CA ALA E 270 -14.04 -40.03 0.23
C ALA E 270 -15.02 -39.45 1.25
N VAL E 271 -15.80 -40.34 1.85
CA VAL E 271 -16.78 -39.97 2.87
C VAL E 271 -16.07 -39.84 4.21
N PRO E 272 -16.50 -38.94 5.09
CA PRO E 272 -15.97 -38.94 6.46
C PRO E 272 -16.50 -40.14 7.25
N LEU E 273 -15.75 -40.51 8.29
CA LEU E 273 -16.20 -41.60 9.14
C LEU E 273 -17.16 -41.17 10.22
N ILE E 274 -17.01 -39.97 10.78
CA ILE E 274 -18.03 -39.45 11.68
C ILE E 274 -19.31 -39.17 10.91
N GLY E 275 -19.20 -38.67 9.67
CA GLY E 275 -20.38 -38.48 8.86
C GLY E 275 -21.06 -39.79 8.50
N LYS E 276 -20.27 -40.81 8.18
CA LYS E 276 -20.83 -42.14 7.93
C LYS E 276 -21.53 -42.68 9.17
N TYR E 277 -20.90 -42.52 10.34
CA TYR E 277 -21.54 -42.91 11.59
C TYR E 277 -22.84 -42.15 11.83
N MET E 278 -22.84 -40.85 11.52
CA MET E 278 -24.06 -40.05 11.69
C MET E 278 -25.17 -40.53 10.77
N LEU E 279 -24.84 -40.85 9.52
CA LEU E 279 -25.85 -41.39 8.60
C LEU E 279 -26.37 -42.74 9.07
N PHE E 280 -25.47 -43.61 9.53
CA PHE E 280 -25.88 -44.89 10.10
C PHE E 280 -26.81 -44.71 11.29
N THR E 281 -26.47 -43.78 12.18
CA THR E 281 -27.32 -43.49 13.33
C THR E 281 -28.66 -42.91 12.89
N MET E 282 -28.66 -42.10 11.83
CA MET E 282 -29.90 -41.56 11.29
C MET E 282 -30.81 -42.68 10.81
N VAL E 283 -30.26 -43.61 10.04
CA VAL E 283 -31.03 -44.77 9.57
C VAL E 283 -31.54 -45.59 10.74
N PHE E 284 -30.68 -45.79 11.75
CA PHE E 284 -31.07 -46.56 12.94
C PHE E 284 -32.22 -45.89 13.67
N VAL E 285 -32.16 -44.56 13.83
CA VAL E 285 -33.22 -43.84 14.51
C VAL E 285 -34.52 -43.88 13.71
N ILE E 286 -34.42 -43.75 12.38
CA ILE E 286 -35.60 -43.87 11.54
C ILE E 286 -36.25 -45.23 11.71
N ALA E 287 -35.45 -46.29 11.68
CA ALA E 287 -35.99 -47.64 11.88
C ALA E 287 -36.60 -47.79 13.27
N SER E 288 -35.93 -47.22 14.28
CA SER E 288 -36.47 -47.27 15.64
C SER E 288 -37.81 -46.57 15.74
N ILE E 289 -37.96 -45.43 15.05
CA ILE E 289 -39.23 -44.72 15.04
C ILE E 289 -40.30 -45.54 14.34
N ILE E 290 -39.95 -46.16 13.21
CA ILE E 290 -40.89 -47.01 12.49
C ILE E 290 -41.40 -48.13 13.41
N ILE E 291 -40.47 -48.84 14.06
CA ILE E 291 -40.87 -49.95 14.91
C ILE E 291 -41.61 -49.45 16.15
N THR E 292 -41.26 -48.27 16.65
CA THR E 292 -42.01 -47.67 17.75
C THR E 292 -43.45 -47.38 17.34
N VAL E 293 -43.66 -46.91 16.12
CA VAL E 293 -45.02 -46.69 15.63
C VAL E 293 -45.76 -48.02 15.52
N ILE E 294 -45.07 -49.06 15.06
CA ILE E 294 -45.68 -50.40 15.00
C ILE E 294 -46.10 -50.84 16.40
N VAL E 295 -45.21 -50.66 17.38
CA VAL E 295 -45.50 -51.06 18.76
C VAL E 295 -46.69 -50.28 19.31
N ILE E 296 -46.71 -48.97 19.07
CA ILE E 296 -47.81 -48.14 19.59
C ILE E 296 -49.14 -48.57 18.98
N ASN E 297 -49.16 -48.80 17.67
CA ASN E 297 -50.39 -49.25 17.04
C ASN E 297 -50.83 -50.61 17.57
N THR E 298 -49.86 -51.52 17.78
CA THR E 298 -50.17 -52.82 18.35
C THR E 298 -50.77 -52.69 19.74
N HIS E 299 -50.21 -51.80 20.57
CA HIS E 299 -50.70 -51.63 21.93
C HIS E 299 -52.13 -51.13 21.98
N HIS E 300 -52.55 -50.37 20.98
CA HIS E 300 -53.92 -49.86 20.92
C HIS E 300 -54.87 -50.77 20.15
N ARG E 301 -54.38 -51.91 19.64
CA ARG E 301 -55.24 -52.86 18.94
C ARG E 301 -56.26 -53.48 19.88
N VAL E 307 -58.48 -59.74 15.71
CA VAL E 307 -58.17 -61.00 16.39
C VAL E 307 -56.68 -61.31 16.26
N MET E 308 -56.08 -61.68 17.38
CA MET E 308 -54.64 -61.95 17.41
C MET E 308 -54.31 -63.21 16.61
N PRO E 309 -53.41 -63.14 15.64
CA PRO E 309 -53.00 -64.35 14.94
C PRO E 309 -52.15 -65.25 15.83
N ASN E 310 -52.19 -66.55 15.52
CA ASN E 310 -51.53 -67.54 16.38
C ASN E 310 -50.02 -67.32 16.45
N TRP E 311 -49.42 -66.89 15.34
CA TRP E 311 -47.97 -66.72 15.31
C TRP E 311 -47.49 -65.60 16.22
N VAL E 312 -48.26 -64.51 16.30
CA VAL E 312 -47.88 -63.39 17.17
C VAL E 312 -47.88 -63.83 18.63
N ARG E 313 -48.95 -64.51 19.05
CA ARG E 313 -49.00 -65.01 20.42
C ARG E 313 -47.89 -66.02 20.68
N LYS E 314 -47.69 -66.95 19.75
CA LYS E 314 -46.65 -67.98 19.92
C LYS E 314 -45.27 -67.35 20.07
N VAL E 315 -44.99 -66.31 19.29
CA VAL E 315 -43.68 -65.66 19.35
C VAL E 315 -43.55 -64.83 20.61
N PHE E 316 -44.39 -63.81 20.76
CA PHE E 316 -44.15 -62.80 21.78
C PHE E 316 -44.67 -63.20 23.15
N ILE E 317 -45.79 -63.91 23.23
CA ILE E 317 -46.34 -64.29 24.52
C ILE E 317 -45.79 -65.62 25.03
N ASP E 318 -45.51 -66.56 24.14
CA ASP E 318 -44.99 -67.86 24.56
C ASP E 318 -43.48 -67.94 24.46
N THR E 319 -42.94 -67.79 23.25
CA THR E 319 -41.55 -68.11 22.99
C THR E 319 -40.60 -67.13 23.66
N ILE E 320 -40.85 -65.82 23.50
CA ILE E 320 -39.90 -64.82 23.97
C ILE E 320 -39.70 -64.88 25.48
N PRO E 321 -40.74 -64.86 26.33
CA PRO E 321 -40.48 -64.97 27.78
C PRO E 321 -39.91 -66.32 28.19
N ASN E 322 -40.26 -67.40 27.48
CA ASN E 322 -39.69 -68.70 27.80
C ASN E 322 -38.19 -68.73 27.55
N ILE E 323 -37.71 -68.03 26.51
CA ILE E 323 -36.28 -67.93 26.26
C ILE E 323 -35.58 -66.95 27.19
N MET E 324 -36.32 -66.30 28.09
CA MET E 324 -35.73 -65.31 28.99
C MET E 324 -36.49 -65.26 30.32
N ASN E 393 -61.27 -57.05 26.82
CA ASN E 393 -60.18 -56.47 27.59
C ASN E 393 -59.02 -57.45 27.70
N ASN E 394 -59.35 -58.75 27.70
CA ASN E 394 -58.31 -59.77 27.75
C ASN E 394 -57.47 -59.76 26.47
N ALA E 395 -58.13 -59.70 25.31
CA ALA E 395 -57.39 -59.60 24.05
C ALA E 395 -56.63 -58.30 23.96
N ALA E 396 -57.20 -57.20 24.47
CA ALA E 396 -56.47 -55.93 24.50
C ALA E 396 -55.22 -56.04 25.36
N ALA E 397 -55.33 -56.68 26.53
CA ALA E 397 -54.15 -56.90 27.36
C ALA E 397 -53.12 -57.77 26.64
N GLU E 398 -53.58 -58.76 25.89
CA GLU E 398 -52.67 -59.58 25.08
C GLU E 398 -51.92 -58.73 24.07
N TRP E 399 -52.64 -57.84 23.38
CA TRP E 399 -51.98 -56.92 22.44
C TRP E 399 -51.00 -56.00 23.16
N LYS E 400 -51.37 -55.51 24.34
CA LYS E 400 -50.46 -54.70 25.13
C LYS E 400 -49.23 -55.50 25.55
N TYR E 401 -49.42 -56.75 25.95
CA TYR E 401 -48.29 -57.60 26.32
C TYR E 401 -47.36 -57.83 25.14
N VAL E 402 -47.92 -58.06 23.95
CA VAL E 402 -47.09 -58.22 22.75
C VAL E 402 -46.26 -56.97 22.51
N ALA E 403 -46.90 -55.79 22.58
CA ALA E 403 -46.18 -54.54 22.39
C ALA E 403 -45.10 -54.35 23.44
N MET E 404 -45.39 -54.72 24.70
CA MET E 404 -44.39 -54.62 25.75
C MET E 404 -43.19 -55.51 25.48
N VAL E 405 -43.44 -56.75 25.02
CA VAL E 405 -42.34 -57.67 24.73
C VAL E 405 -41.53 -57.17 23.53
N MET E 406 -42.20 -56.58 22.55
CA MET E 406 -41.49 -55.96 21.43
C MET E 406 -40.52 -54.88 21.93
N ASP E 407 -41.00 -54.02 22.83
CA ASP E 407 -40.14 -53.00 23.42
C ASP E 407 -38.93 -53.63 24.11
N HIS E 408 -39.17 -54.68 24.90
CA HIS E 408 -38.08 -55.30 25.65
C HIS E 408 -37.05 -55.94 24.71
N ILE E 409 -37.52 -56.60 23.65
CA ILE E 409 -36.59 -57.21 22.70
C ILE E 409 -35.75 -56.14 22.02
N LEU E 410 -36.39 -55.06 21.57
CA LEU E 410 -35.66 -53.98 20.90
C LEU E 410 -34.68 -53.29 21.83
N LEU E 411 -35.03 -53.15 23.11
CA LEU E 411 -34.13 -52.52 24.07
C LEU E 411 -32.81 -53.29 24.18
N GLY E 412 -32.90 -54.62 24.30
CA GLY E 412 -31.68 -55.42 24.32
C GLY E 412 -30.90 -55.32 23.02
N VAL E 413 -31.60 -55.44 21.89
CA VAL E 413 -30.94 -55.35 20.59
C VAL E 413 -30.26 -53.99 20.44
N PHE E 414 -30.98 -52.92 20.75
CA PHE E 414 -30.42 -51.59 20.56
C PHE E 414 -29.29 -51.29 21.53
N MET E 415 -29.39 -51.77 22.77
CA MET E 415 -28.33 -51.51 23.75
C MET E 415 -27.07 -52.30 23.43
N LEU E 416 -27.22 -53.58 23.08
CA LEU E 416 -26.05 -54.42 22.85
C LEU E 416 -25.31 -54.02 21.59
N VAL E 417 -26.04 -53.81 20.49
CA VAL E 417 -25.39 -53.50 19.22
C VAL E 417 -24.71 -52.14 19.27
N CYS E 418 -25.36 -51.15 19.90
CA CYS E 418 -24.79 -49.82 19.96
C CYS E 418 -23.50 -49.81 20.76
N ILE E 419 -23.47 -50.51 21.90
CA ILE E 419 -22.27 -50.54 22.72
C ILE E 419 -21.15 -51.27 22.00
N ILE E 420 -21.47 -52.32 21.24
CA ILE E 420 -20.45 -53.01 20.45
C ILE E 420 -19.95 -52.11 19.32
N GLY E 421 -20.87 -51.45 18.63
CA GLY E 421 -20.48 -50.52 17.57
C GLY E 421 -19.69 -49.34 18.10
N THR E 422 -20.05 -48.85 19.29
CA THR E 422 -19.32 -47.74 19.89
C THR E 422 -17.88 -48.14 20.19
N LEU E 423 -17.66 -49.39 20.61
CA LEU E 423 -16.30 -49.86 20.87
C LEU E 423 -15.48 -49.89 19.59
N ALA E 424 -16.08 -50.31 18.47
CA ALA E 424 -15.38 -50.27 17.20
C ALA E 424 -15.08 -48.84 16.78
N VAL E 425 -16.02 -47.91 17.01
CA VAL E 425 -15.78 -46.51 16.72
C VAL E 425 -14.64 -45.98 17.59
N PHE E 426 -14.63 -46.34 18.87
CA PHE E 426 -13.56 -45.90 19.77
C PHE E 426 -12.22 -46.47 19.33
N ALA E 427 -12.19 -47.73 18.89
CA ALA E 427 -10.94 -48.32 18.42
C ALA E 427 -10.45 -47.65 17.15
N GLY E 428 -11.37 -47.28 16.24
CA GLY E 428 -10.97 -46.56 15.05
C GLY E 428 -10.49 -45.15 15.32
N ARG E 429 -11.08 -44.49 16.33
CA ARG E 429 -10.65 -43.14 16.69
C ARG E 429 -9.30 -43.15 17.39
N LEU E 430 -8.99 -44.21 18.13
CA LEU E 430 -7.71 -44.32 18.82
C LEU E 430 -6.56 -44.42 17.84
N ASP F 1 45.13 -12.09 5.61
CA ASP F 1 45.04 -12.09 4.15
C ASP F 1 45.67 -13.36 3.58
N ILE F 2 45.45 -13.58 2.28
CA ILE F 2 45.93 -14.79 1.62
C ILE F 2 47.44 -14.71 1.49
N VAL F 3 48.15 -15.61 2.18
CA VAL F 3 49.60 -15.69 2.04
C VAL F 3 49.94 -16.32 0.69
N ILE F 4 50.99 -15.80 0.05
CA ILE F 4 51.39 -16.26 -1.27
C ILE F 4 52.85 -16.68 -1.23
N THR F 5 53.16 -17.80 -1.89
CA THR F 5 54.52 -18.28 -2.05
C THR F 5 54.80 -18.50 -3.52
N GLN F 6 56.07 -18.32 -3.90
CA GLN F 6 56.51 -18.55 -5.27
C GLN F 6 57.66 -19.57 -5.27
N SER F 7 57.75 -20.31 -6.37
CA SER F 7 58.88 -21.20 -6.59
C SER F 7 59.17 -21.24 -8.08
N PRO F 8 60.45 -21.37 -8.48
CA PRO F 8 61.65 -21.28 -7.64
C PRO F 8 61.90 -19.84 -7.19
N SER F 9 62.73 -19.63 -6.16
CA SER F 9 63.13 -18.27 -5.82
C SER F 9 64.05 -17.69 -6.90
N LEU F 10 64.96 -18.51 -7.42
CA LEU F 10 65.83 -18.13 -8.52
C LEU F 10 65.78 -19.23 -9.58
N LEU F 11 65.60 -18.84 -10.83
CA LEU F 11 65.49 -19.79 -11.93
C LEU F 11 66.44 -19.38 -13.05
N SER F 12 67.20 -20.35 -13.55
CA SER F 12 68.10 -20.14 -14.67
C SER F 12 67.60 -20.91 -15.89
N ALA F 13 67.50 -20.22 -17.03
CA ALA F 13 67.07 -20.85 -18.26
C ALA F 13 67.72 -20.15 -19.44
N SER F 14 67.91 -20.89 -20.52
CA SER F 14 68.53 -20.34 -21.72
C SER F 14 67.48 -19.72 -22.63
N VAL F 15 67.93 -18.81 -23.49
CA VAL F 15 67.04 -18.14 -24.44
C VAL F 15 66.32 -19.17 -25.29
N GLY F 16 64.99 -19.04 -25.40
CA GLY F 16 64.16 -19.96 -26.12
C GLY F 16 63.53 -21.06 -25.30
N ASP F 17 64.02 -21.31 -24.09
CA ASP F 17 63.44 -22.34 -23.24
C ASP F 17 62.05 -21.94 -22.77
N ARG F 18 61.17 -22.93 -22.66
CA ARG F 18 59.91 -22.75 -21.94
C ARG F 18 60.18 -22.72 -20.44
N VAL F 19 59.59 -21.75 -19.76
CA VAL F 19 59.66 -21.67 -18.30
C VAL F 19 58.26 -21.52 -17.75
N THR F 20 58.00 -22.14 -16.60
CA THR F 20 56.70 -22.09 -15.95
C THR F 20 56.92 -21.72 -14.48
N LEU F 21 56.77 -20.43 -14.16
CA LEU F 21 56.85 -19.97 -12.80
C LEU F 21 55.56 -20.34 -12.07
N THR F 22 55.69 -20.71 -10.80
CA THR F 22 54.56 -21.17 -10.01
C THR F 22 54.27 -20.22 -8.86
N CYS F 23 52.98 -20.07 -8.57
CA CYS F 23 52.51 -19.20 -7.49
C CYS F 23 51.42 -19.96 -6.76
N LYS F 24 51.53 -20.05 -5.43
CA LYS F 24 50.58 -20.82 -4.63
C LYS F 24 50.17 -20.01 -3.42
N GLY F 25 48.85 -19.91 -3.21
CA GLY F 25 48.33 -19.23 -2.05
C GLY F 25 48.01 -20.17 -0.90
N SER F 26 47.81 -19.58 0.28
CA SER F 26 47.31 -20.32 1.42
C SER F 26 45.80 -20.49 1.39
N GLN F 27 45.09 -19.77 0.52
CA GLN F 27 43.64 -19.83 0.44
C GLN F 27 43.24 -19.75 -1.03
N ASN F 28 41.98 -20.10 -1.28
CA ASN F 28 41.45 -19.98 -2.64
C ASN F 28 41.53 -18.54 -3.11
N ILE F 29 42.32 -18.30 -4.17
CA ILE F 29 42.46 -16.96 -4.73
C ILE F 29 41.39 -16.67 -5.76
N ASP F 30 40.65 -17.69 -6.21
CA ASP F 30 39.50 -17.52 -7.10
C ASP F 30 39.87 -16.80 -8.38
N ASN F 31 41.04 -17.16 -8.93
CA ASN F 31 41.56 -16.65 -10.20
C ASN F 31 41.84 -15.15 -10.18
N TYR F 32 41.66 -14.49 -9.03
CA TYR F 32 42.06 -13.09 -8.89
C TYR F 32 43.54 -12.99 -8.55
N LEU F 33 44.36 -13.50 -9.46
CA LEU F 33 45.81 -13.40 -9.39
C LEU F 33 46.32 -12.63 -10.59
N ALA F 34 47.32 -11.79 -10.37
CA ALA F 34 47.95 -11.06 -11.44
C ALA F 34 49.46 -11.26 -11.39
N TRP F 35 50.10 -11.06 -12.54
CA TRP F 35 51.54 -11.19 -12.69
C TRP F 35 52.09 -9.90 -13.28
N TYR F 36 53.21 -9.44 -12.75
CA TYR F 36 53.87 -8.28 -13.34
C TYR F 36 55.38 -8.54 -13.40
N GLN F 37 56.03 -7.87 -14.35
CA GLN F 37 57.44 -8.03 -14.60
C GLN F 37 58.20 -6.80 -14.11
N GLN F 38 59.16 -7.02 -13.23
CA GLN F 38 59.96 -5.94 -12.66
C GLN F 38 61.42 -6.11 -13.07
N LYS F 39 62.02 -5.03 -13.55
CA LYS F 39 63.44 -4.98 -13.86
C LYS F 39 64.12 -3.96 -12.97
N LEU F 40 65.38 -4.22 -12.64
CA LEU F 40 66.12 -3.35 -11.74
C LEU F 40 66.19 -1.94 -12.31
N GLY F 41 65.68 -0.97 -11.55
CA GLY F 41 65.66 0.41 -11.98
C GLY F 41 64.58 0.78 -12.98
N GLU F 42 63.66 -0.13 -13.27
CA GLU F 42 62.59 0.12 -14.22
C GLU F 42 61.23 -0.04 -13.56
N ALA F 43 60.26 0.70 -14.06
CA ALA F 43 58.90 0.60 -13.55
C ALA F 43 58.36 -0.80 -13.81
N PRO F 44 57.79 -1.47 -12.80
CA PRO F 44 57.18 -2.77 -13.03
C PRO F 44 56.06 -2.69 -14.07
N LYS F 45 55.96 -3.73 -14.89
CA LYS F 45 55.01 -3.79 -15.99
C LYS F 45 54.08 -4.97 -15.77
N LEU F 46 52.77 -4.70 -15.73
CA LEU F 46 51.80 -5.77 -15.58
C LEU F 46 51.79 -6.66 -16.80
N LEU F 47 51.91 -7.97 -16.59
CA LEU F 47 51.82 -8.93 -17.68
C LEU F 47 50.41 -9.50 -17.83
N ILE F 48 49.85 -10.02 -16.74
CA ILE F 48 48.63 -10.81 -16.79
C ILE F 48 47.80 -10.47 -15.56
N TYR F 49 46.47 -10.45 -15.75
CA TYR F 49 45.54 -10.32 -14.64
C TYR F 49 44.42 -11.34 -14.83
N LYS F 50 43.66 -11.56 -13.75
CA LYS F 50 42.63 -12.59 -13.68
C LYS F 50 43.16 -13.94 -14.16
N THR F 51 44.45 -14.16 -13.88
CA THR F 51 45.18 -15.40 -14.09
C THR F 51 45.41 -15.75 -15.56
N ASN F 52 44.66 -15.15 -16.47
CA ASN F 52 44.89 -15.43 -17.89
C ASN F 52 44.62 -14.27 -18.83
N SER F 53 44.19 -13.11 -18.34
CA SER F 53 43.95 -11.97 -19.21
C SER F 53 45.27 -11.29 -19.53
N LEU F 54 45.70 -11.36 -20.78
CA LEU F 54 46.97 -10.77 -21.17
C LEU F 54 46.84 -9.24 -21.24
N GLN F 55 47.77 -8.55 -20.60
CA GLN F 55 47.77 -7.09 -20.64
C GLN F 55 48.08 -6.60 -22.04
N THR F 56 47.41 -5.51 -22.44
CA THR F 56 47.57 -4.98 -23.79
C THR F 56 49.02 -4.60 -24.05
N GLY F 57 49.56 -5.07 -25.18
CA GLY F 57 50.93 -4.81 -25.56
C GLY F 57 51.94 -5.78 -25.01
N ILE F 58 51.53 -6.69 -24.13
CA ILE F 58 52.45 -7.74 -23.66
C ILE F 58 52.61 -8.78 -24.76
N PRO F 59 53.83 -9.25 -25.02
CA PRO F 59 54.03 -10.28 -26.05
C PRO F 59 53.21 -11.53 -25.76
N SER F 60 52.67 -12.13 -26.82
CA SER F 60 51.81 -13.30 -26.69
C SER F 60 52.54 -14.51 -26.14
N ARG F 61 53.88 -14.48 -26.08
CA ARG F 61 54.62 -15.59 -25.48
C ARG F 61 54.31 -15.75 -24.00
N PHE F 62 53.83 -14.71 -23.34
CA PHE F 62 53.38 -14.82 -21.96
C PHE F 62 51.96 -15.38 -21.92
N SER F 63 51.74 -16.35 -21.05
CA SER F 63 50.41 -16.89 -20.81
C SER F 63 50.31 -17.34 -19.37
N GLY F 64 49.09 -17.29 -18.84
CA GLY F 64 48.85 -17.66 -17.46
C GLY F 64 47.84 -18.79 -17.35
N SER F 65 47.96 -19.56 -16.29
CA SER F 65 47.07 -20.69 -16.05
C SER F 65 47.01 -20.97 -14.56
N GLY F 66 45.90 -21.54 -14.12
CA GLY F 66 45.75 -21.94 -12.74
C GLY F 66 44.32 -21.77 -12.27
N SER F 67 44.06 -22.32 -11.09
CA SER F 67 42.76 -22.21 -10.46
C SER F 67 42.91 -22.57 -8.99
N GLY F 68 41.90 -22.21 -8.21
CA GLY F 68 41.91 -22.48 -6.78
C GLY F 68 43.04 -21.79 -6.07
N THR F 69 44.02 -22.56 -5.60
CA THR F 69 45.13 -22.03 -4.82
C THR F 69 46.48 -22.17 -5.51
N ASP F 70 46.54 -22.73 -6.71
CA ASP F 70 47.79 -22.91 -7.44
C ASP F 70 47.68 -22.26 -8.81
N TYR F 71 48.70 -21.49 -9.19
CA TYR F 71 48.69 -20.72 -10.43
C TYR F 71 50.08 -20.78 -11.04
N THR F 72 50.14 -20.55 -12.35
CA THR F 72 51.41 -20.59 -13.07
C THR F 72 51.46 -19.49 -14.12
N LEU F 73 52.67 -18.99 -14.37
CA LEU F 73 52.97 -18.11 -15.48
C LEU F 73 53.89 -18.85 -16.45
N THR F 74 53.48 -18.94 -17.71
CA THR F 74 54.24 -19.62 -18.75
C THR F 74 54.79 -18.62 -19.75
N ILE F 75 56.10 -18.67 -19.99
CA ILE F 75 56.73 -18.02 -21.12
C ILE F 75 57.03 -19.10 -22.15
N SER F 76 56.35 -19.04 -23.31
CA SER F 76 56.43 -20.12 -24.28
C SER F 76 57.82 -20.25 -24.88
N SER F 77 58.52 -19.12 -25.07
CA SER F 77 59.90 -19.16 -25.57
C SER F 77 60.64 -17.98 -24.98
N LEU F 78 61.60 -18.25 -24.10
CA LEU F 78 62.28 -17.20 -23.35
C LEU F 78 63.12 -16.35 -24.28
N HIS F 79 62.84 -15.05 -24.32
CA HIS F 79 63.70 -14.08 -24.98
C HIS F 79 64.68 -13.49 -23.98
N SER F 80 65.75 -12.89 -24.50
CA SER F 80 66.65 -12.12 -23.66
C SER F 80 65.98 -10.90 -23.06
N GLU F 81 64.93 -10.39 -23.70
CA GLU F 81 64.16 -9.29 -23.14
C GLU F 81 63.50 -9.66 -21.81
N ASP F 82 63.26 -10.95 -21.59
CA ASP F 82 62.41 -11.41 -20.49
C ASP F 82 63.19 -11.75 -19.23
N LEU F 83 64.50 -11.48 -19.19
CA LEU F 83 65.29 -11.73 -17.99
C LEU F 83 64.98 -10.65 -16.96
N ALA F 84 64.23 -11.01 -15.92
CA ALA F 84 63.71 -10.03 -14.96
C ALA F 84 63.23 -10.80 -13.74
N THR F 85 62.67 -10.05 -12.77
CA THR F 85 62.02 -10.63 -11.61
C THR F 85 60.52 -10.55 -11.79
N TYR F 86 59.83 -11.66 -11.57
CA TYR F 86 58.40 -11.78 -11.80
C TYR F 86 57.69 -12.00 -10.46
N TYR F 87 56.74 -11.13 -10.15
CA TYR F 87 55.92 -11.24 -8.94
C TYR F 87 54.49 -11.59 -9.31
N CYS F 88 53.94 -12.61 -8.66
CA CYS F 88 52.49 -12.75 -8.62
C CYS F 88 51.93 -11.98 -7.43
N TYR F 89 50.72 -11.48 -7.59
CA TYR F 89 50.03 -10.87 -6.47
C TYR F 89 48.53 -11.13 -6.58
N GLN F 90 47.85 -10.95 -5.45
CA GLN F 90 46.45 -11.32 -5.28
C GLN F 90 45.67 -10.12 -4.80
N TYR F 91 44.46 -9.94 -5.35
CA TYR F 91 43.68 -8.74 -5.06
C TYR F 91 42.21 -9.06 -4.82
N ILE F 92 41.89 -10.26 -4.36
CA ILE F 92 40.52 -10.60 -4.00
C ILE F 92 40.26 -10.39 -2.51
N ASN F 93 41.28 -10.54 -1.67
CA ASN F 93 41.14 -10.33 -0.23
C ASN F 93 42.42 -9.68 0.26
N GLY F 94 42.38 -8.38 0.52
CA GLY F 94 43.58 -7.62 0.71
C GLY F 94 44.42 -7.59 -0.55
N TYR F 95 45.67 -7.16 -0.38
CA TYR F 95 46.68 -7.24 -1.43
C TYR F 95 47.94 -7.88 -0.86
N THR F 96 48.33 -9.01 -1.42
CA THR F 96 49.53 -9.72 -0.99
C THR F 96 50.36 -10.08 -2.21
N PHE F 97 51.67 -10.00 -2.06
CA PHE F 97 52.60 -10.20 -3.16
C PHE F 97 53.49 -11.38 -2.85
N GLY F 98 53.86 -12.13 -3.90
CA GLY F 98 54.86 -13.14 -3.76
C GLY F 98 56.23 -12.55 -3.52
N THR F 99 57.16 -13.40 -3.09
CA THR F 99 58.54 -12.96 -2.90
C THR F 99 59.22 -12.63 -4.22
N GLY F 100 58.69 -13.12 -5.33
CA GLY F 100 59.27 -12.87 -6.65
C GLY F 100 60.24 -13.96 -7.08
N THR F 101 60.22 -14.25 -8.36
CA THR F 101 61.13 -15.21 -8.98
C THR F 101 62.06 -14.46 -9.91
N LYS F 102 63.36 -14.58 -9.67
CA LYS F 102 64.35 -13.90 -10.49
C LYS F 102 64.84 -14.85 -11.57
N LEU F 103 64.81 -14.38 -12.81
CA LEU F 103 65.05 -15.22 -13.99
C LEU F 103 66.33 -14.79 -14.67
N GLU F 104 67.28 -15.71 -14.78
CA GLU F 104 68.61 -15.44 -15.32
C GLU F 104 68.88 -16.36 -16.50
N LEU F 105 69.63 -15.85 -17.47
CA LEU F 105 70.04 -16.67 -18.60
C LEU F 105 71.07 -17.71 -18.17
N LYS F 106 70.87 -18.95 -18.60
CA LYS F 106 71.73 -20.05 -18.16
C LYS F 106 73.13 -19.90 -18.75
N ARG F 107 74.13 -20.31 -17.97
CA ARG F 107 75.53 -20.04 -18.27
C ARG F 107 76.35 -21.28 -17.95
N ALA F 108 77.45 -21.46 -18.69
CA ALA F 108 78.38 -22.53 -18.37
C ALA F 108 79.03 -22.30 -17.02
N ASP F 109 79.20 -23.37 -16.25
CA ASP F 109 79.79 -23.26 -14.93
C ASP F 109 81.24 -22.79 -15.00
N ALA F 110 81.63 -21.93 -14.06
CA ALA F 110 82.98 -21.39 -14.00
C ALA F 110 83.41 -21.30 -12.55
N ALA F 111 84.67 -21.67 -12.29
CA ALA F 111 85.21 -21.56 -10.94
C ALA F 111 85.55 -20.11 -10.62
N PRO F 112 85.30 -19.65 -9.40
CA PRO F 112 85.62 -18.26 -9.04
C PRO F 112 87.13 -18.01 -9.03
N THR F 113 87.50 -16.82 -9.49
CA THR F 113 88.83 -16.29 -9.23
C THR F 113 88.89 -15.80 -7.79
N VAL F 114 89.55 -16.55 -6.93
CA VAL F 114 89.57 -16.28 -5.49
C VAL F 114 90.86 -15.55 -5.13
N SER F 115 90.72 -14.48 -4.34
CA SER F 115 91.86 -13.75 -3.82
C SER F 115 91.53 -13.26 -2.42
N ILE F 116 92.57 -13.05 -1.62
CA ILE F 116 92.44 -12.64 -0.23
C ILE F 116 93.43 -11.52 0.04
N PHE F 117 93.04 -10.56 0.88
CA PHE F 117 93.86 -9.40 1.16
C PHE F 117 93.88 -9.14 2.67
N PRO F 118 95.06 -9.01 3.27
CA PRO F 118 95.14 -8.61 4.68
C PRO F 118 94.79 -7.14 4.85
N PRO F 119 94.45 -6.72 6.07
CA PRO F 119 94.29 -5.28 6.32
C PRO F 119 95.59 -4.52 6.06
N SER F 120 95.51 -3.56 5.14
CA SER F 120 96.70 -2.80 4.76
C SER F 120 97.16 -1.89 5.89
N THR F 121 98.40 -1.41 5.75
CA THR F 121 98.99 -0.53 6.75
C THR F 121 98.11 0.69 7.04
N GLU F 122 97.51 1.27 5.99
CA GLU F 122 96.70 2.47 6.18
C GLU F 122 95.48 2.17 7.04
N GLN F 123 94.84 1.02 6.83
CA GLN F 123 93.72 0.63 7.69
C GLN F 123 94.18 0.39 9.11
N LEU F 124 95.30 -0.32 9.28
CA LEU F 124 95.82 -0.58 10.62
C LEU F 124 96.23 0.71 11.33
N ALA F 125 96.71 1.71 10.57
CA ALA F 125 97.02 3.00 11.16
C ALA F 125 95.77 3.68 11.71
N THR F 126 94.65 3.53 11.01
CA THR F 126 93.35 4.01 11.51
C THR F 126 92.70 3.04 12.49
N GLY F 127 93.37 1.95 12.84
CA GLY F 127 92.82 0.97 13.76
C GLY F 127 91.87 -0.03 13.15
N GLY F 128 91.53 0.11 11.87
CA GLY F 128 90.67 -0.87 11.21
C GLY F 128 91.48 -2.07 10.72
N ALA F 129 90.90 -3.26 10.90
CA ALA F 129 91.58 -4.50 10.56
C ALA F 129 90.66 -5.44 9.79
N SER F 130 89.74 -4.90 9.00
CA SER F 130 88.81 -5.72 8.25
C SER F 130 89.54 -6.52 7.17
N VAL F 131 89.35 -7.83 7.18
CA VAL F 131 89.87 -8.71 6.14
C VAL F 131 88.85 -8.75 5.01
N VAL F 132 89.33 -9.01 3.79
CA VAL F 132 88.47 -9.05 2.62
C VAL F 132 88.87 -10.22 1.74
N CYS F 133 87.88 -10.90 1.17
CA CYS F 133 88.09 -12.03 0.27
C CYS F 133 87.18 -11.87 -0.94
N LEU F 134 87.73 -12.10 -2.13
CA LEU F 134 87.03 -11.82 -3.38
C LEU F 134 86.88 -13.09 -4.20
N MET F 135 85.78 -13.15 -4.97
CA MET F 135 85.47 -14.28 -5.85
C MET F 135 84.87 -13.71 -7.14
N ASN F 136 85.74 -13.46 -8.12
CA ASN F 136 85.32 -12.81 -9.36
C ASN F 136 84.94 -13.83 -10.42
N ASN F 137 83.89 -13.51 -11.18
CA ASN F 137 83.52 -14.20 -12.42
C ASN F 137 83.33 -15.71 -12.19
N PHE F 138 82.30 -16.03 -11.41
CA PHE F 138 81.91 -17.41 -11.19
C PHE F 138 80.44 -17.61 -11.56
N TYR F 139 80.10 -18.84 -11.90
CA TYR F 139 78.73 -19.26 -12.13
C TYR F 139 78.62 -20.73 -11.77
N PRO F 140 77.47 -21.18 -11.23
CA PRO F 140 76.27 -20.42 -10.83
C PRO F 140 76.47 -19.59 -9.57
N ARG F 141 75.43 -18.85 -9.17
CA ARG F 141 75.48 -18.02 -7.97
C ARG F 141 75.59 -18.84 -6.69
N ASP F 142 75.35 -20.15 -6.76
CA ASP F 142 75.47 -21.00 -5.57
C ASP F 142 76.91 -21.01 -5.08
N ILE F 143 77.17 -20.32 -3.97
CA ILE F 143 78.51 -20.20 -3.42
C ILE F 143 78.39 -20.00 -1.92
N SER F 144 79.40 -20.47 -1.19
CA SER F 144 79.47 -20.28 0.25
C SER F 144 80.89 -19.94 0.65
N VAL F 145 81.03 -19.13 1.69
CA VAL F 145 82.32 -18.64 2.15
C VAL F 145 82.42 -18.85 3.65
N LYS F 146 83.58 -19.30 4.11
CA LYS F 146 83.86 -19.45 5.53
C LYS F 146 85.17 -18.78 5.86
N TRP F 147 85.21 -18.09 7.00
CA TRP F 147 86.44 -17.50 7.53
C TRP F 147 86.98 -18.39 8.64
N LYS F 148 88.27 -18.70 8.56
CA LYS F 148 88.98 -19.42 9.62
C LYS F 148 90.19 -18.61 10.05
N ILE F 149 90.34 -18.43 11.36
CA ILE F 149 91.43 -17.61 11.92
C ILE F 149 92.18 -18.47 12.92
N ASP F 150 93.50 -18.57 12.73
CA ASP F 150 94.32 -19.55 13.44
C ASP F 150 93.68 -20.93 13.41
N GLY F 151 93.08 -21.29 12.27
CA GLY F 151 92.35 -22.52 12.13
C GLY F 151 90.96 -22.51 12.75
N THR F 152 90.70 -21.62 13.71
CA THR F 152 89.37 -21.50 14.28
C THR F 152 88.47 -20.66 13.38
N GLU F 153 87.23 -21.11 13.21
CA GLU F 153 86.28 -20.39 12.39
C GLU F 153 85.80 -19.11 13.08
N ARG F 154 85.44 -18.12 12.27
CA ARG F 154 84.91 -16.86 12.76
C ARG F 154 83.65 -16.50 11.99
N ARG F 155 82.66 -15.97 12.69
CA ARG F 155 81.40 -15.60 12.06
C ARG F 155 80.97 -14.19 12.44
N ASP F 156 81.40 -13.72 13.61
CA ASP F 156 81.11 -12.35 14.02
C ASP F 156 81.83 -11.35 13.11
N GLY F 157 81.11 -10.31 12.71
CA GLY F 157 81.66 -9.29 11.84
C GLY F 157 81.76 -9.67 10.37
N VAL F 158 81.30 -10.87 10.01
CA VAL F 158 81.35 -11.29 8.61
C VAL F 158 80.18 -10.68 7.85
N LEU F 159 80.48 -10.12 6.69
CA LEU F 159 79.46 -9.56 5.80
C LEU F 159 79.92 -9.72 4.36
N ASP F 160 78.96 -9.81 3.45
CA ASP F 160 79.27 -10.09 2.06
C ASP F 160 78.14 -9.61 1.17
N SER F 161 78.44 -9.47 -0.12
CA SER F 161 77.46 -9.12 -1.13
C SER F 161 77.88 -9.73 -2.46
N VAL F 162 76.89 -9.93 -3.33
CA VAL F 162 77.11 -10.53 -4.65
C VAL F 162 76.54 -9.63 -5.71
N THR F 163 77.30 -9.41 -6.78
CA THR F 163 76.82 -8.65 -7.92
C THR F 163 75.75 -9.44 -8.68
N ASP F 164 75.03 -8.74 -9.54
CA ASP F 164 74.16 -9.39 -10.51
C ASP F 164 74.99 -10.06 -11.59
N GLN F 165 74.31 -10.72 -12.52
CA GLN F 165 74.99 -11.27 -13.69
C GLN F 165 75.65 -10.18 -14.51
N ASP F 166 76.90 -10.42 -14.90
CA ASP F 166 77.58 -9.53 -15.83
C ASP F 166 76.87 -9.55 -17.18
N SER F 167 76.66 -8.36 -17.76
CA SER F 167 75.90 -8.25 -18.99
C SER F 167 76.59 -8.91 -20.18
N LYS F 168 77.89 -9.19 -20.08
CA LYS F 168 78.63 -9.79 -21.18
C LYS F 168 78.83 -11.29 -21.03
N ASP F 169 79.05 -11.79 -19.81
CA ASP F 169 79.36 -13.20 -19.62
C ASP F 169 78.47 -13.88 -18.59
N SER F 170 77.54 -13.17 -17.96
CA SER F 170 76.55 -13.71 -17.03
C SER F 170 77.17 -14.35 -15.79
N THR F 171 78.48 -14.22 -15.60
CA THR F 171 79.09 -14.71 -14.37
C THR F 171 78.81 -13.76 -13.22
N TYR F 172 78.78 -14.32 -12.02
CA TYR F 172 78.63 -13.52 -10.81
C TYR F 172 79.99 -13.19 -10.21
N SER F 173 80.01 -12.12 -9.42
CA SER F 173 81.17 -11.77 -8.61
C SER F 173 80.72 -11.54 -7.18
N MET F 174 81.51 -12.03 -6.24
CA MET F 174 81.18 -11.93 -4.81
C MET F 174 82.37 -11.36 -4.06
N SER F 175 82.07 -10.50 -3.09
CA SER F 175 83.06 -10.03 -2.12
C SER F 175 82.57 -10.34 -0.72
N SER F 176 83.52 -10.62 0.18
CA SER F 176 83.21 -10.95 1.56
C SER F 176 84.25 -10.32 2.46
N THR F 177 83.83 -9.98 3.68
CA THR F 177 84.67 -9.23 4.60
C THR F 177 84.54 -9.80 6.00
N LEU F 178 85.57 -9.54 6.80
CA LEU F 178 85.57 -9.90 8.23
C LEU F 178 86.12 -8.71 8.99
N SER F 179 85.21 -7.92 9.57
CA SER F 179 85.63 -6.73 10.31
C SER F 179 86.23 -7.12 11.65
N LEU F 180 87.40 -6.55 11.95
CA LEU F 180 88.11 -6.86 13.19
C LEU F 180 88.78 -5.58 13.70
N THR F 181 88.94 -5.51 15.02
CA THR F 181 89.77 -4.48 15.61
C THR F 181 91.24 -4.81 15.46
N LYS F 182 92.08 -3.78 15.54
CA LYS F 182 93.53 -3.98 15.49
C LYS F 182 94.01 -4.92 16.58
N ALA F 183 93.42 -4.81 17.77
CA ALA F 183 93.78 -5.71 18.88
C ALA F 183 93.38 -7.15 18.57
N ASP F 184 92.14 -7.36 18.13
CA ASP F 184 91.69 -8.71 17.81
C ASP F 184 92.47 -9.30 16.64
N TYR F 185 92.77 -8.49 15.62
CA TYR F 185 93.56 -8.96 14.50
C TYR F 185 94.95 -9.40 14.94
N GLU F 186 95.65 -8.53 15.68
CA GLU F 186 97.03 -8.82 16.09
C GLU F 186 97.10 -10.00 17.05
N SER F 187 95.99 -10.34 17.71
CA SER F 187 95.96 -11.52 18.56
C SER F 187 96.08 -12.83 17.77
N HIS F 188 95.99 -12.78 16.45
CA HIS F 188 96.09 -13.97 15.62
C HIS F 188 96.98 -13.67 14.42
N ASN F 189 97.45 -14.73 13.77
CA ASN F 189 98.40 -14.57 12.67
C ASN F 189 97.92 -15.29 11.41
N LEU F 190 97.37 -16.49 11.57
CA LEU F 190 96.88 -17.24 10.42
C LEU F 190 95.48 -16.79 10.04
N TYR F 191 95.30 -16.47 8.77
CA TYR F 191 94.00 -16.15 8.20
C TYR F 191 93.84 -16.88 6.87
N THR F 192 92.65 -17.43 6.63
CA THR F 192 92.38 -18.11 5.38
C THR F 192 90.93 -17.89 4.97
N CYS F 193 90.71 -17.82 3.66
CA CYS F 193 89.38 -17.73 3.07
C CYS F 193 89.04 -19.05 2.39
N GLU F 194 87.89 -19.62 2.75
CA GLU F 194 87.45 -20.90 2.21
C GLU F 194 86.21 -20.67 1.35
N VAL F 195 86.27 -21.06 0.09
CA VAL F 195 85.21 -20.81 -0.89
C VAL F 195 84.66 -22.15 -1.34
N VAL F 196 83.36 -22.35 -1.13
CA VAL F 196 82.67 -23.56 -1.55
C VAL F 196 81.83 -23.23 -2.78
N HIS F 197 81.98 -24.02 -3.83
CA HIS F 197 81.27 -23.77 -5.07
C HIS F 197 81.02 -25.10 -5.78
N LYS F 198 79.96 -25.12 -6.60
CA LYS F 198 79.47 -26.35 -7.19
C LYS F 198 80.44 -26.97 -8.19
N THR F 199 81.42 -26.21 -8.67
CA THR F 199 82.32 -26.71 -9.71
C THR F 199 83.41 -27.62 -9.17
N SER F 200 83.48 -27.83 -7.86
CA SER F 200 84.52 -28.68 -7.29
C SER F 200 83.97 -29.42 -6.08
N SER F 201 84.50 -30.62 -5.86
CA SER F 201 84.16 -31.39 -4.67
C SER F 201 84.91 -30.93 -3.42
N SER F 202 85.95 -30.11 -3.59
CA SER F 202 86.70 -29.57 -2.47
C SER F 202 86.77 -28.05 -2.60
N PRO F 203 86.77 -27.34 -1.47
CA PRO F 203 86.77 -25.87 -1.54
C PRO F 203 88.07 -25.31 -2.08
N VAL F 204 87.97 -24.16 -2.74
CA VAL F 204 89.13 -23.33 -3.03
C VAL F 204 89.50 -22.55 -1.78
N VAL F 205 90.79 -22.52 -1.46
CA VAL F 205 91.28 -21.86 -0.25
C VAL F 205 92.42 -20.93 -0.60
N LYS F 206 92.42 -19.75 0.04
CA LYS F 206 93.52 -18.80 -0.04
C LYS F 206 93.82 -18.32 1.37
N SER F 207 95.08 -17.99 1.63
CA SER F 207 95.49 -17.68 2.98
C SER F 207 96.66 -16.70 2.97
N PHE F 208 96.88 -16.07 4.12
CA PHE F 208 98.07 -15.26 4.35
C PHE F 208 98.46 -15.38 5.82
N ASN F 209 99.72 -15.10 6.11
CA ASN F 209 100.24 -15.07 7.47
C ASN F 209 100.80 -13.69 7.76
N ARG F 210 100.25 -13.05 8.80
CA ARG F 210 100.63 -11.69 9.19
C ARG F 210 100.50 -10.69 8.05
N ASN F 211 101.08 -9.50 8.23
CA ASN F 211 100.99 -8.47 7.21
C ASN F 211 101.80 -8.84 5.98
N GLU F 212 101.38 -8.31 4.83
CA GLU F 212 102.05 -8.57 3.56
C GLU F 212 103.44 -7.95 3.54
N GLU G 1 52.13 6.28 -23.39
CA GLU G 1 51.05 7.21 -23.09
C GLU G 1 50.90 7.41 -21.58
N VAL G 2 50.35 6.41 -20.90
CA VAL G 2 50.18 6.48 -19.46
C VAL G 2 51.54 6.41 -18.79
N GLN G 3 51.84 7.40 -17.95
CA GLN G 3 53.08 7.42 -17.18
C GLN G 3 52.81 7.99 -15.80
N LEU G 4 53.58 7.50 -14.82
CA LEU G 4 53.56 8.01 -13.47
C LEU G 4 54.99 8.19 -12.99
N GLN G 5 55.23 9.26 -12.23
CA GLN G 5 56.57 9.57 -11.74
C GLN G 5 56.49 9.96 -10.27
N GLU G 6 56.99 9.10 -9.39
CA GLU G 6 57.14 9.45 -8.00
C GLU G 6 58.33 10.40 -7.83
N SER G 7 58.19 11.34 -6.89
CA SER G 7 59.29 12.23 -6.53
C SER G 7 59.24 12.52 -5.04
N GLY G 8 60.40 12.83 -4.48
CA GLY G 8 60.52 13.09 -3.06
C GLY G 8 61.95 12.96 -2.58
N PRO G 9 62.16 13.20 -1.29
CA PRO G 9 63.52 13.15 -0.73
C PRO G 9 64.03 11.73 -0.66
N GLY G 10 65.27 11.52 -1.14
CA GLY G 10 65.88 10.21 -1.06
C GLY G 10 66.33 9.83 0.33
N LEU G 11 66.59 10.82 1.20
CA LEU G 11 67.02 10.58 2.56
C LEU G 11 66.16 11.41 3.49
N VAL G 12 65.59 10.77 4.52
CA VAL G 12 64.77 11.43 5.51
C VAL G 12 65.21 10.99 6.90
N GLN G 13 65.25 11.93 7.83
CA GLN G 13 65.60 11.61 9.21
C GLN G 13 64.50 10.77 9.85
N PRO G 14 64.85 9.84 10.74
CA PRO G 14 63.82 9.13 11.52
C PRO G 14 62.95 10.11 12.30
N SER G 15 61.68 9.73 12.44
CA SER G 15 60.66 10.53 13.13
C SER G 15 60.37 11.86 12.43
N GLU G 16 61.00 12.10 11.29
CA GLU G 16 60.56 13.17 10.40
C GLU G 16 59.35 12.67 9.60
N THR G 17 58.80 13.53 8.74
CA THR G 17 57.66 13.18 7.91
C THR G 17 58.11 13.05 6.46
N LEU G 18 57.80 11.90 5.85
CA LEU G 18 58.05 11.71 4.44
C LEU G 18 56.93 12.34 3.62
N SER G 19 57.30 12.96 2.50
CA SER G 19 56.33 13.44 1.53
C SER G 19 56.75 12.99 0.13
N LEU G 20 55.77 12.48 -0.62
CA LEU G 20 55.99 12.03 -1.98
C LEU G 20 54.94 12.62 -2.90
N THR G 21 55.35 12.99 -4.12
CA THR G 21 54.44 13.49 -5.13
C THR G 21 54.45 12.54 -6.33
N CYS G 22 53.31 11.93 -6.61
CA CYS G 22 53.12 11.13 -7.81
C CYS G 22 52.57 12.03 -8.91
N THR G 23 53.43 12.44 -9.84
CA THR G 23 52.99 13.19 -11.00
C THR G 23 52.39 12.26 -12.03
N VAL G 24 51.33 12.72 -12.70
CA VAL G 24 50.51 11.87 -13.55
C VAL G 24 50.38 12.52 -14.92
N SER G 25 50.46 11.70 -15.98
CA SER G 25 50.21 12.16 -17.33
C SER G 25 49.59 11.01 -18.12
N GLY G 26 48.85 11.38 -19.17
CA GLY G 26 48.17 10.42 -20.00
C GLY G 26 46.81 9.99 -19.53
N PHE G 27 46.38 10.41 -18.35
CA PHE G 27 45.04 10.11 -17.86
C PHE G 27 44.67 11.12 -16.79
N SER G 28 43.38 11.16 -16.48
CA SER G 28 42.83 12.10 -15.51
C SER G 28 42.55 11.41 -14.19
N LEU G 29 43.01 12.02 -13.09
CA LEU G 29 42.80 11.45 -11.77
C LEU G 29 41.32 11.32 -11.43
N THR G 30 40.44 12.09 -12.08
CA THR G 30 39.02 12.00 -11.83
C THR G 30 38.39 10.70 -12.32
N SER G 31 39.11 9.90 -13.12
CA SER G 31 38.57 8.68 -13.66
C SER G 31 39.41 7.44 -13.39
N TYR G 32 40.58 7.59 -12.76
CA TYR G 32 41.40 6.45 -12.38
C TYR G 32 41.88 6.63 -10.94
N SER G 33 41.77 5.56 -10.16
CA SER G 33 42.33 5.57 -8.82
C SER G 33 43.85 5.42 -8.87
N VAL G 34 44.51 5.99 -7.87
CA VAL G 34 45.97 5.87 -7.74
C VAL G 34 46.27 5.22 -6.40
N SER G 35 46.88 4.05 -6.43
CA SER G 35 47.34 3.39 -5.21
C SER G 35 48.81 3.69 -4.96
N TRP G 36 49.21 3.56 -3.71
CA TRP G 36 50.61 3.65 -3.31
C TRP G 36 51.10 2.30 -2.82
N LEU G 37 52.22 1.86 -3.34
CA LEU G 37 52.90 0.66 -2.88
C LEU G 37 54.29 1.01 -2.39
N ARG G 38 54.80 0.21 -1.47
CA ARG G 38 56.21 0.28 -1.09
C ARG G 38 56.78 -1.12 -1.01
N GLN G 39 58.07 -1.22 -1.30
CA GLN G 39 58.81 -2.48 -1.23
C GLN G 39 59.96 -2.32 -0.24
N PRO G 40 59.76 -2.70 1.02
CA PRO G 40 60.86 -2.63 1.99
C PRO G 40 62.03 -3.50 1.54
N SER G 41 63.24 -3.05 1.85
CA SER G 41 64.44 -3.71 1.37
C SER G 41 64.51 -5.14 1.89
N GLY G 42 64.61 -6.09 0.98
CA GLY G 42 64.61 -7.50 1.33
C GLY G 42 63.25 -8.10 1.58
N LYS G 43 62.18 -7.41 1.18
CA LYS G 43 60.82 -7.91 1.35
C LYS G 43 60.05 -7.73 0.05
N GLY G 44 58.93 -8.45 -0.05
CA GLY G 44 57.99 -8.25 -1.12
C GLY G 44 57.20 -6.96 -0.96
N PRO G 45 56.62 -6.47 -2.05
CA PRO G 45 55.86 -5.21 -1.98
C PRO G 45 54.65 -5.35 -1.08
N GLU G 46 54.17 -4.20 -0.60
CA GLU G 46 52.95 -4.14 0.18
C GLU G 46 52.13 -2.94 -0.26
N TRP G 47 50.81 -3.08 -0.16
CA TRP G 47 49.90 -1.99 -0.47
C TRP G 47 49.79 -1.04 0.72
N MET G 48 49.97 0.25 0.47
CA MET G 48 49.89 1.28 1.50
C MET G 48 48.54 1.96 1.55
N GLY G 49 47.98 2.32 0.40
CA GLY G 49 46.72 3.01 0.36
C GLY G 49 46.41 3.46 -1.05
N ARG G 50 45.20 3.99 -1.21
CA ARG G 50 44.70 4.37 -2.51
C ARG G 50 44.04 5.75 -2.46
N MET G 51 44.29 6.55 -3.48
CA MET G 51 43.48 7.73 -3.76
C MET G 51 42.39 7.34 -4.76
N TRP G 52 41.13 7.39 -4.32
CA TRP G 52 40.04 7.01 -5.20
C TRP G 52 39.81 8.08 -6.27
N ASP G 53 39.23 7.65 -7.39
CA ASP G 53 38.87 8.58 -8.44
C ASP G 53 37.88 9.63 -7.95
N ASP G 54 36.98 9.25 -7.05
CA ASP G 54 36.03 10.19 -6.45
C ASP G 54 36.66 11.11 -5.43
N GLY G 55 37.96 10.99 -5.19
CA GLY G 55 38.67 11.85 -4.25
C GLY G 55 38.71 11.35 -2.83
N GLY G 56 38.06 10.24 -2.52
CA GLY G 56 38.24 9.60 -1.24
C GLY G 56 39.57 8.87 -1.14
N THR G 57 39.86 8.38 0.06
CA THR G 57 41.09 7.63 0.31
C THR G 57 40.78 6.41 1.16
N VAL G 58 41.70 5.44 1.10
CA VAL G 58 41.68 4.28 1.97
C VAL G 58 43.12 3.89 2.23
N TYR G 59 43.39 3.38 3.43
CA TYR G 59 44.75 3.09 3.85
C TYR G 59 44.86 1.67 4.39
N ASN G 60 46.06 1.10 4.24
CA ASN G 60 46.38 -0.16 4.91
C ASN G 60 46.17 -0.02 6.40
N SER G 61 45.51 -1.01 7.00
CA SER G 61 45.15 -0.92 8.41
C SER G 61 46.38 -0.80 9.30
N GLY G 62 47.52 -1.35 8.88
CA GLY G 62 48.75 -1.18 9.62
C GLY G 62 49.34 0.21 9.52
N LEU G 63 48.96 0.97 8.50
CA LEU G 63 49.51 2.29 8.25
C LEU G 63 48.47 3.41 8.31
N LYS G 64 47.21 3.09 8.61
CA LYS G 64 46.15 4.09 8.56
C LYS G 64 46.45 5.29 9.46
N SER G 65 47.01 5.05 10.64
CA SER G 65 47.32 6.16 11.54
C SER G 65 48.51 6.96 11.05
N ARG G 66 49.44 6.34 10.34
CA ARG G 66 50.67 6.98 9.90
C ARG G 66 50.55 7.67 8.55
N LEU G 67 49.48 7.42 7.79
CA LEU G 67 49.41 7.84 6.40
C LEU G 67 48.32 8.88 6.19
N SER G 68 48.57 9.78 5.25
CA SER G 68 47.54 10.57 4.60
C SER G 68 47.86 10.66 3.13
N ILE G 69 46.81 10.66 2.31
CA ILE G 69 46.94 10.76 0.86
C ILE G 69 46.03 11.88 0.38
N SER G 70 46.52 12.67 -0.58
CA SER G 70 45.76 13.78 -1.13
C SER G 70 46.18 13.95 -2.59
N ARG G 71 45.39 14.74 -3.31
CA ARG G 71 45.64 14.91 -4.74
C ARG G 71 45.31 16.33 -5.15
N ASP G 72 45.84 16.72 -6.30
CA ASP G 72 45.50 17.98 -6.98
C ASP G 72 45.14 17.59 -8.41
N THR G 73 43.84 17.59 -8.71
CA THR G 73 43.39 17.19 -10.04
C THR G 73 43.75 18.22 -11.11
N SER G 74 44.06 19.45 -10.72
CA SER G 74 44.49 20.44 -11.70
C SER G 74 45.93 20.22 -12.11
N LYS G 75 46.79 19.85 -11.17
CA LYS G 75 48.19 19.57 -11.46
C LYS G 75 48.45 18.13 -11.87
N ASN G 76 47.44 17.26 -11.76
CA ASN G 76 47.61 15.82 -11.97
C ASN G 76 48.70 15.26 -11.06
N GLN G 77 48.55 15.51 -9.77
CA GLN G 77 49.50 15.07 -8.76
C GLN G 77 48.76 14.35 -7.64
N VAL G 78 49.36 13.28 -7.14
CA VAL G 78 48.88 12.57 -5.95
C VAL G 78 49.98 12.64 -4.91
N PHE G 79 49.63 13.05 -3.69
CA PHE G 79 50.60 13.27 -2.63
C PHE G 79 50.44 12.21 -1.55
N LEU G 80 51.57 11.62 -1.15
CA LEU G 80 51.65 10.77 0.02
C LEU G 80 52.42 11.49 1.12
N LYS G 81 51.89 11.46 2.33
CA LYS G 81 52.58 11.99 3.50
C LYS G 81 52.55 10.95 4.61
N MET G 82 53.72 10.66 5.18
CA MET G 82 53.85 9.64 6.20
C MET G 82 54.73 10.17 7.32
N ASN G 83 54.28 10.02 8.56
CA ASN G 83 54.99 10.51 9.73
C ASN G 83 55.43 9.33 10.60
N SER G 84 56.09 9.67 11.71
CA SER G 84 56.64 8.66 12.63
C SER G 84 57.51 7.65 11.90
N LEU G 85 58.33 8.16 10.98
CA LEU G 85 59.18 7.29 10.17
C LEU G 85 60.15 6.49 11.04
N GLN G 86 60.47 5.29 10.57
CA GLN G 86 61.38 4.39 11.27
C GLN G 86 62.29 3.72 10.26
N THR G 87 63.35 3.09 10.77
CA THR G 87 64.32 2.42 9.92
C THR G 87 63.65 1.43 8.97
N ASP G 88 62.60 0.75 9.44
CA ASP G 88 61.95 -0.29 8.65
C ASP G 88 61.18 0.28 7.46
N ASP G 89 60.96 1.59 7.40
CA ASP G 89 60.32 2.21 6.25
C ASP G 89 61.23 2.35 5.04
N THR G 90 62.52 2.02 5.17
CA THR G 90 63.46 2.17 4.08
C THR G 90 63.12 1.22 2.95
N GLY G 91 62.87 1.75 1.76
CA GLY G 91 62.51 0.94 0.62
C GLY G 91 62.16 1.80 -0.57
N THR G 92 61.69 1.14 -1.62
CA THR G 92 61.25 1.81 -2.83
C THR G 92 59.75 2.01 -2.80
N TYR G 93 59.31 3.23 -3.06
CA TYR G 93 57.90 3.61 -2.99
C TYR G 93 57.37 3.82 -4.40
N TYR G 94 56.28 3.13 -4.73
CA TYR G 94 55.64 3.21 -6.03
C TYR G 94 54.24 3.80 -5.89
N CYS G 95 53.84 4.60 -6.88
CA CYS G 95 52.44 4.92 -7.08
C CYS G 95 51.96 4.18 -8.32
N THR G 96 50.75 3.62 -8.24
CA THR G 96 50.21 2.80 -9.32
C THR G 96 48.84 3.30 -9.71
N ARG G 97 48.58 3.31 -11.02
CA ARG G 97 47.22 3.49 -11.52
C ARG G 97 46.48 2.17 -11.41
N ASP G 98 45.27 2.22 -10.87
CA ASP G 98 44.49 1.01 -10.62
C ASP G 98 43.42 0.84 -11.70
N GLU G 99 43.39 -0.34 -12.29
CA GLU G 99 42.25 -0.72 -13.13
C GLU G 99 41.13 -1.25 -12.24
N ARG G 100 39.95 -1.44 -12.82
CA ARG G 100 38.83 -1.94 -12.06
C ARG G 100 37.99 -2.89 -12.90
N ILE G 101 37.33 -3.81 -12.21
CA ILE G 101 36.21 -4.56 -12.74
C ILE G 101 35.14 -4.57 -11.64
N ARG G 102 34.05 -3.85 -11.87
CA ARG G 102 33.06 -3.59 -10.84
C ARG G 102 33.72 -3.02 -9.59
N ALA G 103 33.64 -3.73 -8.46
CA ALA G 103 34.24 -3.29 -7.22
C ALA G 103 35.66 -3.78 -7.02
N ILE G 104 36.15 -4.69 -7.86
CA ILE G 104 37.48 -5.27 -7.71
C ILE G 104 38.49 -4.37 -8.39
N ASN G 105 39.63 -4.15 -7.74
CA ASN G 105 40.69 -3.29 -8.26
C ASN G 105 42.00 -4.05 -8.30
N TRP G 106 42.85 -3.68 -9.25
CA TRP G 106 44.20 -4.21 -9.32
C TRP G 106 45.13 -3.18 -9.93
N PHE G 107 46.42 -3.33 -9.65
CA PHE G 107 47.44 -2.39 -10.10
C PHE G 107 47.81 -2.71 -11.54
N ALA G 108 47.52 -1.77 -12.44
CA ALA G 108 47.75 -1.98 -13.87
C ALA G 108 49.05 -1.33 -14.35
N TYR G 109 49.39 -0.15 -13.87
CA TYR G 109 50.60 0.54 -14.26
C TYR G 109 51.36 1.01 -13.02
N TRP G 110 52.68 0.96 -13.09
CA TRP G 110 53.56 1.42 -12.02
C TRP G 110 54.35 2.64 -12.46
N GLY G 111 54.63 3.52 -11.50
CA GLY G 111 55.68 4.49 -11.67
C GLY G 111 57.04 3.85 -11.53
N GLN G 112 58.08 4.63 -11.82
CA GLN G 112 59.44 4.10 -11.74
C GLN G 112 59.88 3.84 -10.31
N GLY G 113 59.23 4.46 -9.34
CA GLY G 113 59.54 4.24 -7.93
C GLY G 113 60.66 5.11 -7.41
N THR G 114 60.48 5.65 -6.20
CA THR G 114 61.49 6.46 -5.53
C THR G 114 62.04 5.69 -4.34
N LEU G 115 63.37 5.53 -4.30
CA LEU G 115 64.02 4.94 -3.14
C LEU G 115 64.02 5.94 -1.98
N VAL G 116 63.45 5.54 -0.86
CA VAL G 116 63.45 6.34 0.36
C VAL G 116 64.27 5.61 1.41
N THR G 117 65.29 6.28 1.94
CA THR G 117 66.13 5.75 3.01
C THR G 117 65.90 6.55 4.28
N VAL G 118 65.60 5.87 5.37
CA VAL G 118 65.38 6.49 6.67
C VAL G 118 66.58 6.16 7.54
N SER G 119 67.44 7.16 7.75
CA SER G 119 68.61 6.97 8.60
C SER G 119 69.04 8.33 9.15
N SER G 120 69.50 8.31 10.41
CA SER G 120 69.96 9.52 11.07
C SER G 120 71.37 9.94 10.67
N ALA G 121 72.14 9.03 10.05
CA ALA G 121 73.55 9.28 9.80
C ALA G 121 73.75 10.50 8.91
N GLU G 122 74.65 11.38 9.32
CA GLU G 122 75.01 12.55 8.55
C GLU G 122 75.97 12.17 7.42
N THR G 123 75.99 12.98 6.36
CA THR G 123 76.86 12.72 5.23
C THR G 123 78.32 12.69 5.66
N THR G 124 79.04 11.65 5.24
CA THR G 124 80.38 11.37 5.75
C THR G 124 81.26 10.92 4.59
N ALA G 125 82.51 11.40 4.59
CA ALA G 125 83.43 11.07 3.52
C ALA G 125 83.94 9.63 3.66
N PRO G 126 84.19 8.95 2.54
CA PRO G 126 84.72 7.58 2.62
C PRO G 126 86.21 7.55 2.93
N SER G 127 86.61 6.50 3.63
CA SER G 127 88.00 6.07 3.63
C SER G 127 88.24 5.10 2.48
N VAL G 128 89.44 5.15 1.91
CA VAL G 128 89.80 4.34 0.74
C VAL G 128 91.10 3.62 1.08
N TYR G 129 90.97 2.40 1.63
CA TYR G 129 92.15 1.62 1.99
C TYR G 129 92.59 0.76 0.81
N PRO G 130 93.89 0.66 0.55
CA PRO G 130 94.36 -0.24 -0.51
C PRO G 130 94.26 -1.70 -0.08
N LEU G 131 94.06 -2.57 -1.08
CA LEU G 131 94.09 -4.01 -0.87
C LEU G 131 95.22 -4.60 -1.71
N ALA G 132 96.11 -5.35 -1.06
CA ALA G 132 97.20 -6.03 -1.73
C ALA G 132 97.37 -7.43 -1.15
N PRO G 133 97.76 -8.40 -1.96
CA PRO G 133 97.80 -9.79 -1.49
C PRO G 133 98.82 -9.98 -0.37
N GLY G 134 98.46 -10.82 0.61
CA GLY G 134 99.32 -11.08 1.73
C GLY G 134 100.45 -12.07 1.48
N THR G 135 100.45 -12.71 0.32
CA THR G 135 101.50 -13.66 -0.03
C THR G 135 101.61 -13.72 -1.55
N ALA G 136 102.83 -13.93 -2.04
CA ALA G 136 103.08 -14.03 -3.48
C ALA G 136 102.67 -15.38 -4.01
N LEU G 137 101.41 -15.77 -3.79
CA LEU G 137 100.92 -17.08 -4.18
C LEU G 137 100.70 -17.21 -5.68
N LYS G 138 100.80 -16.12 -6.44
CA LYS G 138 100.59 -16.20 -7.88
C LYS G 138 101.45 -15.14 -8.57
N SER G 139 101.72 -15.39 -9.85
CA SER G 139 102.51 -14.47 -10.67
C SER G 139 101.98 -14.38 -12.09
N ASN G 140 100.72 -14.76 -12.31
CA ASN G 140 100.16 -14.82 -13.65
C ASN G 140 99.97 -13.42 -14.23
N SER G 141 99.73 -13.38 -15.54
CA SER G 141 99.45 -12.13 -16.24
C SER G 141 98.07 -11.55 -15.92
N MET G 142 97.25 -12.25 -15.13
CA MET G 142 95.94 -11.75 -14.72
C MET G 142 95.76 -12.06 -13.24
N VAL G 143 96.04 -11.07 -12.39
CA VAL G 143 95.85 -11.17 -10.96
C VAL G 143 94.92 -10.04 -10.52
N THR G 144 94.15 -10.30 -9.47
CA THR G 144 93.12 -9.37 -9.03
C THR G 144 93.61 -8.58 -7.82
N LEU G 145 93.45 -7.27 -7.86
CA LEU G 145 93.74 -6.39 -6.74
C LEU G 145 92.63 -5.35 -6.64
N GLY G 146 92.48 -4.77 -5.45
CA GLY G 146 91.35 -3.90 -5.22
C GLY G 146 91.54 -2.83 -4.16
N CYS G 147 90.46 -2.14 -3.81
CA CYS G 147 90.46 -1.12 -2.78
C CYS G 147 89.22 -1.29 -1.90
N LEU G 148 89.37 -0.94 -0.63
CA LEU G 148 88.28 -1.05 0.35
C LEU G 148 87.77 0.35 0.68
N VAL G 149 86.49 0.57 0.45
CA VAL G 149 85.85 1.86 0.70
C VAL G 149 84.86 1.67 1.84
N LYS G 150 85.03 2.45 2.91
CA LYS G 150 84.30 2.20 4.15
C LYS G 150 83.98 3.53 4.83
N GLY G 151 82.85 3.55 5.52
CA GLY G 151 82.48 4.65 6.39
C GLY G 151 81.68 5.77 5.76
N TYR G 152 81.46 5.73 4.44
CA TYR G 152 80.78 6.85 3.80
C TYR G 152 79.27 6.76 4.00
N PHE G 153 78.62 7.90 3.84
CA PHE G 153 77.16 7.98 3.85
C PHE G 153 76.76 9.29 3.18
N PRO G 154 75.62 9.32 2.50
CA PRO G 154 74.83 8.19 1.99
C PRO G 154 75.40 7.65 0.68
N GLU G 155 74.70 6.71 0.04
CA GLU G 155 75.00 6.35 -1.34
C GLU G 155 74.65 7.51 -2.26
N PRO G 156 75.21 7.53 -3.49
CA PRO G 156 76.15 6.58 -4.09
C PRO G 156 77.61 6.91 -3.84
N VAL G 157 78.49 5.92 -4.06
CA VAL G 157 79.93 6.15 -4.20
C VAL G 157 80.36 5.50 -5.51
N THR G 158 81.34 6.10 -6.17
CA THR G 158 81.83 5.60 -7.45
C THR G 158 83.32 5.36 -7.38
N VAL G 159 83.78 4.29 -8.02
CA VAL G 159 85.17 3.89 -8.01
C VAL G 159 85.64 3.72 -9.45
N THR G 160 86.83 4.25 -9.75
CA THR G 160 87.47 4.09 -11.04
C THR G 160 88.95 3.79 -10.81
N TRP G 161 89.59 3.21 -11.83
CA TRP G 161 90.98 2.80 -11.74
C TRP G 161 91.79 3.60 -12.75
N ASN G 162 92.71 4.42 -12.25
CA ASN G 162 93.46 5.37 -13.08
C ASN G 162 92.50 6.20 -13.94
N SER G 163 91.43 6.68 -13.30
CA SER G 163 90.36 7.40 -13.98
C SER G 163 89.83 6.63 -15.19
N GLY G 164 90.06 7.18 -16.39
CA GLY G 164 89.55 6.57 -17.60
C GLY G 164 90.27 5.29 -18.03
N ALA G 165 91.41 4.99 -17.41
CA ALA G 165 92.17 3.79 -17.75
C ALA G 165 91.66 2.54 -17.05
N LEU G 166 90.43 2.55 -16.54
CA LEU G 166 89.93 1.43 -15.76
C LEU G 166 89.72 0.18 -16.62
N SER G 167 89.36 0.36 -17.89
CA SER G 167 89.05 -0.73 -18.81
C SER G 167 87.88 -1.57 -18.32
N SER G 168 87.51 -2.60 -19.10
CA SER G 168 86.36 -3.43 -18.75
C SER G 168 86.64 -4.36 -17.58
N GLY G 169 87.91 -4.60 -17.25
CA GLY G 169 88.26 -5.56 -16.22
C GLY G 169 88.06 -5.07 -14.80
N VAL G 170 86.93 -4.41 -14.54
CA VAL G 170 86.65 -3.81 -13.23
C VAL G 170 85.32 -4.33 -12.73
N HIS G 171 85.25 -4.61 -11.43
CA HIS G 171 84.04 -5.08 -10.78
C HIS G 171 83.75 -4.20 -9.57
N THR G 172 82.45 -4.02 -9.29
CA THR G 172 82.00 -3.11 -8.23
C THR G 172 80.89 -3.82 -7.45
N PHE G 173 81.28 -4.55 -6.40
CA PHE G 173 80.32 -5.26 -5.59
C PHE G 173 79.37 -4.28 -4.89
N PRO G 174 78.12 -4.69 -4.66
CA PRO G 174 77.17 -3.78 -4.01
C PRO G 174 77.62 -3.37 -2.62
N ALA G 175 77.32 -2.13 -2.26
CA ALA G 175 77.66 -1.62 -0.94
C ALA G 175 76.86 -2.34 0.15
N VAL G 176 77.42 -2.35 1.35
CA VAL G 176 76.81 -2.98 2.51
C VAL G 176 76.81 -1.98 3.65
N LEU G 177 75.74 -2.00 4.45
CA LEU G 177 75.62 -1.13 5.61
C LEU G 177 76.07 -1.87 6.87
N GLN G 178 76.97 -1.26 7.62
CA GLN G 178 77.39 -1.77 8.93
C GLN G 178 77.49 -0.60 9.89
N SER G 179 76.94 -0.78 11.09
CA SER G 179 76.95 0.24 12.14
C SER G 179 76.37 1.57 11.65
N GLY G 180 75.40 1.50 10.74
CA GLY G 180 74.77 2.70 10.22
C GLY G 180 75.55 3.43 9.15
N LEU G 181 76.58 2.81 8.58
CA LEU G 181 77.36 3.43 7.51
C LEU G 181 77.69 2.37 6.46
N TYR G 182 78.01 2.85 5.26
CA TYR G 182 78.22 1.97 4.12
C TYR G 182 79.65 1.46 4.07
N THR G 183 79.81 0.28 3.48
CA THR G 183 81.11 -0.26 3.09
C THR G 183 81.00 -0.84 1.69
N LEU G 184 82.02 -0.60 0.87
CA LEU G 184 82.01 -1.06 -0.51
C LEU G 184 83.40 -1.55 -0.89
N THR G 185 83.44 -2.43 -1.89
CA THR G 185 84.70 -2.96 -2.40
C THR G 185 84.66 -2.96 -3.93
N SER G 186 85.84 -2.89 -4.53
CA SER G 186 85.99 -3.00 -5.97
C SER G 186 87.32 -3.68 -6.26
N SER G 187 87.40 -4.32 -7.43
CA SER G 187 88.62 -5.00 -7.83
C SER G 187 88.86 -4.80 -9.32
N VAL G 188 90.13 -4.93 -9.71
CA VAL G 188 90.57 -4.81 -11.09
C VAL G 188 91.53 -5.95 -11.39
N THR G 189 91.53 -6.41 -12.63
CA THR G 189 92.45 -7.45 -13.09
C THR G 189 93.65 -6.80 -13.76
N VAL G 190 94.85 -7.15 -13.27
CA VAL G 190 96.09 -6.51 -13.71
C VAL G 190 97.19 -7.56 -13.79
N PRO G 191 98.19 -7.38 -14.64
CA PRO G 191 99.34 -8.29 -14.63
C PRO G 191 100.12 -8.19 -13.32
N SER G 192 100.65 -9.32 -12.88
CA SER G 192 101.38 -9.37 -11.62
C SER G 192 102.63 -8.50 -11.66
N SER G 193 103.22 -8.29 -12.84
CA SER G 193 104.37 -7.42 -12.97
C SER G 193 103.99 -5.94 -13.10
N THR G 194 102.74 -5.65 -13.46
CA THR G 194 102.33 -4.26 -13.70
C THR G 194 102.02 -3.53 -12.40
N TRP G 195 101.20 -4.13 -11.54
CA TRP G 195 100.73 -3.42 -10.36
C TRP G 195 101.82 -3.01 -9.36
N PRO G 196 102.95 -3.72 -9.22
CA PRO G 196 104.00 -3.20 -8.34
C PRO G 196 104.81 -2.07 -8.95
N SER G 197 104.78 -1.89 -10.27
CA SER G 197 105.61 -0.92 -10.95
C SER G 197 104.82 0.27 -11.50
N GLN G 198 103.70 0.03 -12.17
CA GLN G 198 102.82 1.12 -12.55
C GLN G 198 102.05 1.62 -11.34
N THR G 199 101.78 2.93 -11.32
CA THR G 199 101.03 3.56 -10.23
C THR G 199 99.53 3.28 -10.39
N VAL G 200 99.19 2.00 -10.25
CA VAL G 200 97.80 1.59 -10.33
C VAL G 200 97.05 2.18 -9.15
N THR G 201 96.04 3.00 -9.44
CA THR G 201 95.37 3.79 -8.43
C THR G 201 93.87 3.67 -8.58
N CYS G 202 93.19 3.37 -7.47
CA CYS G 202 91.73 3.43 -7.44
C CYS G 202 91.29 4.86 -7.13
N ASN G 203 90.47 5.42 -8.01
CA ASN G 203 89.94 6.78 -7.85
C ASN G 203 88.50 6.69 -7.39
N VAL G 204 88.19 7.34 -6.28
CA VAL G 204 86.92 7.20 -5.59
C VAL G 204 86.33 8.58 -5.37
N ALA G 205 85.04 8.73 -5.66
CA ALA G 205 84.35 10.00 -5.51
C ALA G 205 83.02 9.75 -4.79
N HIS G 206 82.64 10.71 -3.95
CA HIS G 206 81.42 10.62 -3.16
C HIS G 206 80.61 11.89 -3.34
N PRO G 207 79.61 11.88 -4.23
CA PRO G 207 78.84 13.11 -4.50
C PRO G 207 78.09 13.67 -3.31
N GLY G 208 77.95 12.91 -2.22
CA GLY G 208 77.22 13.42 -1.06
C GLY G 208 77.85 14.66 -0.47
N GLN G 209 79.18 14.77 -0.52
CA GLN G 209 79.84 16.03 -0.22
C GLN G 209 80.98 16.27 -1.21
N GLN G 210 80.76 15.90 -2.47
CA GLN G 210 81.71 16.08 -3.58
C GLN G 210 83.13 15.69 -3.18
N HIS G 211 83.25 14.65 -2.37
CA HIS G 211 84.54 14.20 -1.90
C HIS G 211 85.24 13.36 -2.95
N GLN G 212 86.58 13.38 -2.93
CA GLN G 212 87.39 12.66 -3.90
C GLN G 212 88.64 12.16 -3.21
N ARG G 213 89.06 10.94 -3.58
CA ARG G 213 90.32 10.37 -3.12
C ARG G 213 90.99 9.62 -4.25
N TRP G 214 92.30 9.42 -4.11
CA TRP G 214 93.06 8.49 -4.94
C TRP G 214 93.99 7.70 -4.04
N THR G 215 93.96 6.37 -4.19
CA THR G 215 94.81 5.48 -3.39
C THR G 215 95.59 4.59 -4.33
N ARG G 216 96.92 4.61 -4.20
CA ARG G 216 97.79 3.77 -5.01
C ARG G 216 98.04 2.43 -4.30
N LYS G 217 98.67 1.52 -5.03
CA LYS G 217 98.99 0.21 -4.49
C LYS G 217 100.08 0.32 -3.42
N LEU G 218 99.87 -0.36 -2.29
CA LEU G 218 100.87 -0.43 -1.23
C LEU G 218 100.89 -1.85 -0.69
N CYS G 219 102.10 -2.37 -0.46
CA CYS G 219 102.27 -3.74 0.01
C CYS G 219 103.58 -3.90 0.77
N ASP H 1 -5.75 46.13 -13.07
CA ASP H 1 -4.47 45.98 -12.38
C ASP H 1 -4.36 46.95 -11.21
N ILE H 2 -3.35 46.74 -10.37
CA ILE H 2 -3.13 47.58 -9.20
C ILE H 2 -2.68 48.96 -9.67
N VAL H 3 -3.52 49.97 -9.45
CA VAL H 3 -3.14 51.35 -9.77
C VAL H 3 -2.11 51.85 -8.76
N ILE H 4 -1.12 52.58 -9.24
CA ILE H 4 -0.02 53.07 -8.41
C ILE H 4 0.10 54.57 -8.58
N THR H 5 0.33 55.27 -7.47
CA THR H 5 0.56 56.71 -7.45
C THR H 5 1.85 56.99 -6.70
N GLN H 6 2.54 58.05 -7.12
CA GLN H 6 3.78 58.46 -6.49
C GLN H 6 3.66 59.88 -5.95
N SER H 7 4.38 60.15 -4.87
CA SER H 7 4.51 61.50 -4.33
C SER H 7 5.91 61.66 -3.76
N PRO H 8 6.48 62.87 -3.83
CA PRO H 8 6.00 64.06 -4.55
C PRO H 8 6.08 63.87 -6.07
N SER H 9 5.37 64.68 -6.85
CA SER H 9 5.56 64.65 -8.30
C SER H 9 6.93 65.21 -8.68
N LEU H 10 7.31 66.34 -8.08
CA LEU H 10 8.61 66.93 -8.26
C LEU H 10 9.18 67.27 -6.88
N LEU H 11 10.44 66.87 -6.64
CA LEU H 11 11.08 67.08 -5.36
C LEU H 11 12.43 67.73 -5.57
N SER H 12 12.70 68.79 -4.81
CA SER H 12 13.99 69.47 -4.81
C SER H 12 14.69 69.22 -3.48
N ALA H 13 15.95 68.80 -3.55
CA ALA H 13 16.72 68.51 -2.34
C ALA H 13 18.19 68.84 -2.58
N SER H 14 18.88 69.17 -1.49
CA SER H 14 20.29 69.52 -1.56
C SER H 14 21.17 68.28 -1.47
N VAL H 15 22.37 68.37 -2.05
CA VAL H 15 23.31 67.26 -2.02
C VAL H 15 23.60 66.85 -0.59
N GLY H 16 23.49 65.55 -0.31
CA GLY H 16 23.71 65.02 1.01
C GLY H 16 22.46 64.88 1.87
N ASP H 17 21.33 65.42 1.44
CA ASP H 17 20.09 65.26 2.18
C ASP H 17 19.61 63.81 2.14
N ARG H 18 19.01 63.38 3.24
CA ARG H 18 18.18 62.18 3.24
C ARG H 18 16.82 62.52 2.63
N VAL H 19 16.41 61.75 1.62
CA VAL H 19 15.11 61.93 0.99
C VAL H 19 14.40 60.58 0.91
N THR H 20 13.08 60.63 0.99
CA THR H 20 12.24 59.45 0.83
C THR H 20 11.18 59.72 -0.21
N LEU H 21 11.01 58.77 -1.12
CA LEU H 21 9.97 58.83 -2.15
C LEU H 21 8.91 57.78 -1.83
N THR H 22 7.65 58.19 -1.84
CA THR H 22 6.56 57.33 -1.44
C THR H 22 5.83 56.78 -2.68
N CYS H 23 5.48 55.51 -2.62
CA CYS H 23 4.76 54.82 -3.68
C CYS H 23 3.59 54.09 -3.04
N LYS H 24 2.39 54.32 -3.55
CA LYS H 24 1.18 53.77 -2.96
C LYS H 24 0.34 53.09 -4.02
N GLY H 25 -0.06 51.85 -3.76
CA GLY H 25 -0.94 51.13 -4.65
C GLY H 25 -2.40 51.30 -4.30
N SER H 26 -3.27 50.86 -5.21
CA SER H 26 -4.68 50.75 -4.92
C SER H 26 -5.03 49.43 -4.24
N GLN H 27 -4.10 48.49 -4.19
CA GLN H 27 -4.33 47.17 -3.61
C GLN H 27 -3.04 46.71 -2.94
N ASN H 28 -3.16 45.66 -2.12
CA ASN H 28 -1.98 45.05 -1.52
C ASN H 28 -1.01 44.60 -2.60
N ILE H 29 0.17 45.20 -2.64
CA ILE H 29 1.19 44.85 -3.61
C ILE H 29 2.04 43.66 -3.15
N ASP H 30 1.90 43.25 -1.88
CA ASP H 30 2.52 42.04 -1.36
C ASP H 30 4.05 42.08 -1.50
N ASN H 31 4.62 43.28 -1.30
CA ASN H 31 6.06 43.51 -1.35
C ASN H 31 6.69 43.23 -2.71
N TYR H 32 5.88 42.88 -3.71
CA TYR H 32 6.37 42.74 -5.08
C TYR H 32 6.36 44.11 -5.76
N LEU H 33 7.22 44.98 -5.24
CA LEU H 33 7.40 46.31 -5.80
C LEU H 33 8.88 46.56 -6.05
N ALA H 34 9.18 47.26 -7.13
CA ALA H 34 10.56 47.53 -7.51
C ALA H 34 10.72 49.01 -7.86
N TRP H 35 11.97 49.47 -7.79
CA TRP H 35 12.33 50.85 -8.08
C TRP H 35 13.41 50.87 -9.13
N TYR H 36 13.31 51.78 -10.09
CA TYR H 36 14.35 51.96 -11.07
C TYR H 36 14.57 53.44 -11.33
N GLN H 37 15.79 53.77 -11.74
CA GLN H 37 16.22 55.14 -11.95
C GLN H 37 16.36 55.40 -13.44
N GLN H 38 15.81 56.52 -13.90
CA GLN H 38 15.89 56.93 -15.29
C GLN H 38 16.49 58.32 -15.41
N LYS H 39 17.38 58.49 -16.39
CA LYS H 39 17.97 59.78 -16.70
C LYS H 39 17.74 60.10 -18.17
N LEU H 40 17.65 61.40 -18.47
CA LEU H 40 17.36 61.85 -19.83
C LEU H 40 18.34 61.26 -20.82
N GLY H 41 17.81 60.46 -21.75
CA GLY H 41 18.63 59.85 -22.79
C GLY H 41 19.48 58.69 -22.33
N GLU H 42 19.27 58.18 -21.13
CA GLU H 42 20.05 57.07 -20.60
C GLU H 42 19.14 55.90 -20.28
N ALA H 43 19.69 54.69 -20.42
CA ALA H 43 18.95 53.48 -20.13
C ALA H 43 18.53 53.43 -18.67
N PRO H 44 17.26 53.17 -18.37
CA PRO H 44 16.84 53.04 -16.97
C PRO H 44 17.60 51.93 -16.26
N LYS H 45 17.83 52.13 -14.97
CA LYS H 45 18.63 51.22 -14.15
C LYS H 45 17.81 50.80 -12.93
N LEU H 46 17.69 49.48 -12.73
CA LEU H 46 16.98 48.97 -11.58
C LEU H 46 17.78 49.23 -10.31
N LEU H 47 17.13 49.79 -9.29
CA LEU H 47 17.74 50.03 -8.00
C LEU H 47 17.41 48.93 -6.99
N ILE H 48 16.13 48.63 -6.81
CA ILE H 48 15.66 47.75 -5.75
C ILE H 48 14.52 46.90 -6.29
N TYR H 49 14.44 45.66 -5.81
CA TYR H 49 13.32 44.80 -6.10
C TYR H 49 12.88 44.11 -4.80
N LYS H 50 11.68 43.55 -4.84
CA LYS H 50 11.02 42.94 -3.67
C LYS H 50 11.06 43.90 -2.48
N THR H 51 10.95 45.19 -2.79
CA THR H 51 10.80 46.30 -1.85
C THR H 51 12.05 46.59 -1.02
N ASN H 52 12.96 45.63 -0.91
CA ASN H 52 14.17 45.90 -0.14
C ASN H 52 15.42 45.20 -0.64
N SER H 53 15.35 44.41 -1.72
CA SER H 53 16.55 43.77 -2.25
C SER H 53 17.28 44.75 -3.15
N LEU H 54 18.48 45.17 -2.73
CA LEU H 54 19.26 46.11 -3.51
C LEU H 54 19.83 45.42 -4.75
N GLN H 55 19.69 46.07 -5.90
CA GLN H 55 20.28 45.55 -7.13
C GLN H 55 21.81 45.56 -7.03
N THR H 56 22.44 44.54 -7.60
CA THR H 56 23.88 44.41 -7.51
C THR H 56 24.58 45.61 -8.16
N GLY H 57 25.58 46.14 -7.48
CA GLY H 57 26.34 47.28 -7.96
C GLY H 57 25.69 48.63 -7.70
N ILE H 58 24.49 48.66 -7.14
CA ILE H 58 23.85 49.92 -6.77
C ILE H 58 24.47 50.41 -5.46
N PRO H 59 24.72 51.71 -5.31
CA PRO H 59 25.25 52.22 -4.04
C PRO H 59 24.30 51.91 -2.88
N SER H 60 24.88 51.53 -1.75
CA SER H 60 24.11 51.09 -0.59
C SER H 60 23.33 52.23 0.05
N ARG H 61 23.57 53.47 -0.39
CA ARG H 61 22.77 54.59 0.10
C ARG H 61 21.31 54.47 -0.29
N PHE H 62 21.00 53.74 -1.36
CA PHE H 62 19.63 53.44 -1.70
C PHE H 62 19.10 52.31 -0.82
N SER H 63 17.94 52.53 -0.21
CA SER H 63 17.29 51.50 0.58
C SER H 63 15.79 51.63 0.42
N GLY H 64 15.10 50.49 0.49
CA GLY H 64 13.67 50.44 0.28
C GLY H 64 12.96 49.94 1.52
N SER H 65 11.71 50.36 1.68
CA SER H 65 10.89 49.94 2.79
C SER H 65 9.42 50.00 2.39
N GLY H 66 8.60 49.25 3.12
CA GLY H 66 7.17 49.28 2.88
C GLY H 66 6.50 47.94 3.05
N SER H 67 5.18 47.96 3.15
CA SER H 67 4.38 46.75 3.23
C SER H 67 2.94 47.08 2.86
N GLY H 68 2.18 46.05 2.54
CA GLY H 68 0.80 46.27 2.15
C GLY H 68 0.72 47.10 0.89
N THR H 69 0.10 48.27 1.00
CA THR H 69 -0.12 49.14 -0.15
C THR H 69 0.70 50.42 -0.11
N ASP H 70 1.64 50.54 0.83
CA ASP H 70 2.48 51.73 0.94
C ASP H 70 3.95 51.32 0.96
N TYR H 71 4.76 52.00 0.16
CA TYR H 71 6.17 51.67 0.00
C TYR H 71 6.96 52.95 -0.14
N THR H 72 8.24 52.89 0.26
CA THR H 72 9.10 54.06 0.20
C THR H 72 10.50 53.67 -0.27
N LEU H 73 11.07 54.50 -1.14
CA LEU H 73 12.49 54.46 -1.47
C LEU H 73 13.21 55.56 -0.71
N THR H 74 14.27 55.20 0.00
CA THR H 74 15.07 56.17 0.76
C THR H 74 16.47 56.29 0.15
N ILE H 75 16.88 57.52 -0.13
CA ILE H 75 18.26 57.85 -0.43
C ILE H 75 18.86 58.53 0.79
N SER H 76 19.75 57.84 1.49
CA SER H 76 20.25 58.34 2.77
C SER H 76 21.25 59.47 2.60
N SER H 77 21.86 59.61 1.44
CA SER H 77 22.82 60.69 1.21
C SER H 77 22.83 61.08 -0.27
N LEU H 78 22.01 62.06 -0.64
CA LEU H 78 21.85 62.46 -2.02
C LEU H 78 23.16 62.93 -2.65
N HIS H 79 23.69 62.15 -3.60
CA HIS H 79 24.81 62.60 -4.39
C HIS H 79 24.31 63.41 -5.60
N SER H 80 25.22 64.18 -6.18
CA SER H 80 24.90 64.91 -7.40
C SER H 80 24.55 63.98 -8.56
N GLU H 81 25.09 62.76 -8.56
CA GLU H 81 24.76 61.78 -9.60
C GLU H 81 23.39 61.16 -9.43
N ASP H 82 22.75 61.35 -8.27
CA ASP H 82 21.46 60.73 -7.99
C ASP H 82 20.27 61.58 -8.44
N LEU H 83 20.53 62.73 -9.07
CA LEU H 83 19.45 63.58 -9.58
C LEU H 83 18.87 62.95 -10.84
N ALA H 84 17.64 62.47 -10.75
CA ALA H 84 17.03 61.70 -11.83
C ALA H 84 15.54 61.55 -11.52
N THR H 85 14.83 60.86 -12.41
CA THR H 85 13.44 60.48 -12.19
C THR H 85 13.39 59.04 -11.71
N TYR H 86 12.62 58.79 -10.65
CA TYR H 86 12.52 57.49 -10.03
C TYR H 86 11.10 56.95 -10.19
N TYR H 87 10.96 55.78 -10.80
CA TYR H 87 9.68 55.12 -10.96
C TYR H 87 9.64 53.89 -10.07
N CYS H 88 8.57 53.75 -9.30
CA CYS H 88 8.22 52.46 -8.74
C CYS H 88 7.33 51.69 -9.71
N TYR H 89 7.43 50.36 -9.67
CA TYR H 89 6.51 49.55 -10.45
C TYR H 89 6.23 48.25 -9.71
N GLN H 90 5.13 47.61 -10.11
CA GLN H 90 4.58 46.44 -9.44
C GLN H 90 4.46 45.31 -10.44
N TYR H 91 4.79 44.10 -10.00
CA TYR H 91 4.85 42.97 -10.92
C TYR H 91 4.24 41.70 -10.32
N ILE H 92 3.35 41.83 -9.34
CA ILE H 92 2.63 40.68 -8.81
C ILE H 92 1.27 40.50 -9.50
N ASN H 93 0.70 41.56 -10.04
CA ASN H 93 -0.58 41.48 -10.75
C ASN H 93 -0.52 42.46 -11.90
N GLY H 94 -0.31 41.94 -13.11
CA GLY H 94 0.01 42.80 -14.23
C GLY H 94 1.35 43.47 -14.05
N TYR H 95 1.53 44.56 -14.81
CA TYR H 95 2.70 45.42 -14.68
C TYR H 95 2.25 46.86 -14.74
N THR H 96 2.26 47.54 -13.60
CA THR H 96 1.87 48.94 -13.53
C THR H 96 3.02 49.76 -13.00
N PHE H 97 3.16 50.97 -13.53
CA PHE H 97 4.26 51.86 -13.20
C PHE H 97 3.70 53.14 -12.58
N GLY H 98 4.43 53.68 -11.62
CA GLY H 98 4.10 54.99 -11.11
C GLY H 98 4.35 56.08 -12.15
N THR H 99 3.82 57.27 -11.85
CA THR H 99 4.04 58.40 -12.73
C THR H 99 5.48 58.88 -12.69
N GLY H 100 6.24 58.52 -11.66
CA GLY H 100 7.62 58.94 -11.53
C GLY H 100 7.80 60.20 -10.73
N THR H 101 8.83 60.22 -9.88
CA THR H 101 9.19 61.40 -9.11
C THR H 101 10.49 61.96 -9.67
N LYS H 102 10.46 63.23 -10.07
CA LYS H 102 11.63 63.90 -10.62
C LYS H 102 12.38 64.60 -9.49
N LEU H 103 13.68 64.35 -9.40
CA LEU H 103 14.48 64.80 -8.28
C LEU H 103 15.55 65.76 -8.78
N GLU H 104 15.55 66.98 -8.25
CA GLU H 104 16.44 68.04 -8.69
C GLU H 104 17.17 68.63 -7.49
N LEU H 105 18.37 69.15 -7.74
CA LEU H 105 19.14 69.77 -6.67
C LEU H 105 18.52 71.11 -6.29
N LYS H 106 18.43 71.36 -4.99
CA LYS H 106 17.79 72.58 -4.50
C LYS H 106 18.62 73.81 -4.86
N ARG H 107 17.94 74.87 -5.28
CA ARG H 107 18.56 76.05 -5.84
C ARG H 107 18.03 77.30 -5.13
N ALA H 108 18.90 78.29 -4.96
CA ALA H 108 18.47 79.58 -4.44
C ALA H 108 17.46 80.23 -5.38
N ASP H 109 16.50 80.92 -4.81
CA ASP H 109 15.43 81.54 -5.60
C ASP H 109 15.99 82.55 -6.58
N ALA H 110 15.39 82.61 -7.76
CA ALA H 110 15.74 83.60 -8.78
C ALA H 110 14.47 84.09 -9.46
N ALA H 111 14.36 85.40 -9.64
CA ALA H 111 13.23 85.97 -10.36
C ALA H 111 13.41 85.76 -11.86
N PRO H 112 12.33 85.51 -12.60
CA PRO H 112 12.45 85.35 -14.06
C PRO H 112 12.83 86.65 -14.74
N THR H 113 13.77 86.55 -15.68
CA THR H 113 14.02 87.63 -16.62
C THR H 113 12.94 87.62 -17.70
N VAL H 114 11.87 88.36 -17.48
CA VAL H 114 10.73 88.35 -18.38
C VAL H 114 10.99 89.31 -19.54
N SER H 115 10.61 88.89 -20.75
CA SER H 115 10.68 89.75 -21.92
C SER H 115 9.62 89.31 -22.91
N ILE H 116 9.25 90.23 -23.80
CA ILE H 116 8.21 89.99 -24.79
C ILE H 116 8.70 90.50 -26.14
N PHE H 117 8.26 89.82 -27.21
CA PHE H 117 8.68 90.18 -28.55
C PHE H 117 7.45 90.20 -29.46
N PRO H 118 7.22 91.29 -30.18
CA PRO H 118 6.15 91.31 -31.19
C PRO H 118 6.48 90.42 -32.37
N PRO H 119 5.47 89.95 -33.10
CA PRO H 119 5.75 89.33 -34.41
C PRO H 119 6.39 90.32 -35.37
N SER H 120 7.62 90.03 -35.77
CA SER H 120 8.36 90.93 -36.65
C SER H 120 7.68 91.04 -38.02
N THR H 121 7.97 92.14 -38.71
CA THR H 121 7.38 92.37 -40.04
C THR H 121 7.82 91.31 -41.03
N GLU H 122 9.00 90.71 -40.83
CA GLU H 122 9.40 89.57 -41.64
C GLU H 122 8.43 88.40 -41.47
N GLN H 123 7.94 88.20 -40.25
CA GLN H 123 6.89 87.20 -40.02
C GLN H 123 5.55 87.68 -40.57
N LEU H 124 5.19 88.94 -40.30
CA LEU H 124 3.92 89.47 -40.77
C LEU H 124 3.81 89.44 -42.28
N ALA H 125 4.94 89.54 -42.99
CA ALA H 125 4.91 89.42 -44.44
C ALA H 125 4.43 88.05 -44.90
N THR H 126 4.61 87.01 -44.08
CA THR H 126 4.10 85.68 -44.38
C THR H 126 2.65 85.50 -43.95
N GLY H 127 2.07 86.45 -43.23
CA GLY H 127 0.77 86.30 -42.63
C GLY H 127 0.75 85.64 -41.27
N GLY H 128 1.87 85.09 -40.82
CA GLY H 128 1.94 84.60 -39.45
C GLY H 128 2.22 85.74 -38.47
N ALA H 129 1.61 85.65 -37.30
CA ALA H 129 1.70 86.71 -36.30
C ALA H 129 1.85 86.12 -34.90
N SER H 130 2.64 85.06 -34.78
CA SER H 130 2.84 84.42 -33.49
C SER H 130 3.65 85.32 -32.56
N VAL H 131 3.04 85.71 -31.44
CA VAL H 131 3.74 86.45 -30.41
C VAL H 131 4.47 85.48 -29.49
N VAL H 132 5.56 85.95 -28.87
CA VAL H 132 6.38 85.10 -28.02
C VAL H 132 6.78 85.88 -26.78
N CYS H 133 6.80 85.18 -25.63
CA CYS H 133 7.18 85.76 -24.36
C CYS H 133 8.10 84.78 -23.63
N LEU H 134 9.18 85.30 -23.05
CA LEU H 134 10.22 84.47 -22.47
C LEU H 134 10.42 84.80 -21.00
N MET H 135 10.83 83.80 -20.22
CA MET H 135 11.12 83.94 -18.80
C MET H 135 12.33 83.06 -18.50
N ASN H 136 13.51 83.68 -18.45
CA ASN H 136 14.77 82.96 -18.36
C ASN H 136 15.29 82.91 -16.94
N ASN H 137 15.88 81.77 -16.59
CA ASN H 137 16.66 81.58 -15.36
C ASN H 137 15.86 81.92 -14.11
N PHE H 138 14.62 81.43 -14.05
CA PHE H 138 13.84 81.54 -12.84
C PHE H 138 13.94 80.25 -12.01
N TYR H 139 13.69 80.38 -10.72
CA TYR H 139 13.54 79.24 -9.83
C TYR H 139 12.64 79.66 -8.68
N PRO H 140 11.78 78.75 -8.18
CA PRO H 140 11.51 77.38 -8.64
C PRO H 140 10.77 77.33 -9.98
N ARG H 141 10.52 76.11 -10.48
CA ARG H 141 9.83 75.95 -11.75
C ARG H 141 8.36 76.34 -11.67
N ASP H 142 7.82 76.53 -10.47
CA ASP H 142 6.43 76.94 -10.31
C ASP H 142 6.21 78.33 -10.90
N ILE H 143 5.51 78.39 -12.03
CA ILE H 143 5.26 79.66 -12.71
C ILE H 143 3.97 79.53 -13.50
N SER H 144 3.25 80.64 -13.64
CA SER H 144 2.03 80.68 -14.42
C SER H 144 2.06 81.92 -15.31
N VAL H 145 1.56 81.76 -16.53
CA VAL H 145 1.65 82.80 -17.56
C VAL H 145 0.27 82.98 -18.18
N LYS H 146 -0.11 84.24 -18.41
CA LYS H 146 -1.36 84.59 -19.06
C LYS H 146 -1.09 85.61 -20.14
N TRP H 147 -1.75 85.44 -21.28
CA TRP H 147 -1.69 86.41 -22.38
C TRP H 147 -2.89 87.34 -22.32
N LYS H 148 -2.63 88.63 -22.47
CA LYS H 148 -3.69 89.63 -22.55
C LYS H 148 -3.45 90.50 -23.78
N ILE H 149 -4.53 90.77 -24.52
CA ILE H 149 -4.45 91.51 -25.78
C ILE H 149 -5.51 92.60 -25.76
N ASP H 150 -5.09 93.84 -26.00
CA ASP H 150 -5.92 95.03 -25.79
C ASP H 150 -6.62 94.96 -24.43
N GLY H 151 -5.91 94.47 -23.42
CA GLY H 151 -6.49 94.23 -22.11
C GLY H 151 -7.35 93.00 -21.99
N THR H 152 -7.86 92.47 -23.10
CA THR H 152 -8.64 91.24 -23.06
C THR H 152 -7.71 90.03 -22.96
N GLU H 153 -8.05 89.11 -22.09
CA GLU H 153 -7.27 87.88 -21.95
C GLU H 153 -7.50 86.95 -23.14
N ARG H 154 -6.47 86.19 -23.48
CA ARG H 154 -6.51 85.25 -24.59
C ARG H 154 -6.02 83.88 -24.13
N ARG H 155 -6.67 82.83 -24.62
CA ARG H 155 -6.27 81.47 -24.28
C ARG H 155 -6.11 80.62 -25.53
N ASP H 156 -6.86 80.93 -26.58
CA ASP H 156 -6.70 80.24 -27.86
C ASP H 156 -5.34 80.54 -28.46
N GLY H 157 -4.67 79.49 -28.95
CA GLY H 157 -3.37 79.62 -29.56
C GLY H 157 -2.21 79.73 -28.58
N VAL H 158 -2.46 79.69 -27.28
CA VAL H 158 -1.40 79.80 -26.28
C VAL H 158 -0.66 78.48 -26.20
N LEU H 159 0.67 78.55 -26.16
CA LEU H 159 1.51 77.37 -25.97
C LEU H 159 2.73 77.78 -25.18
N ASP H 160 3.38 76.80 -24.56
CA ASP H 160 4.57 77.08 -23.77
C ASP H 160 5.37 75.80 -23.57
N SER H 161 6.65 75.99 -23.21
CA SER H 161 7.52 74.88 -22.85
C SER H 161 8.56 75.40 -21.87
N VAL H 162 9.12 74.49 -21.08
CA VAL H 162 10.08 74.83 -20.04
C VAL H 162 11.30 73.91 -20.18
N THR H 163 12.49 74.51 -20.12
CA THR H 163 13.72 73.73 -20.08
C THR H 163 13.86 73.02 -18.74
N ASP H 164 14.72 72.01 -18.71
CA ASP H 164 15.12 71.37 -17.46
C ASP H 164 16.04 72.31 -16.67
N GLN H 165 16.51 71.81 -15.53
CA GLN H 165 17.52 72.54 -14.77
C GLN H 165 18.77 72.79 -15.61
N ASP H 166 19.24 74.03 -15.58
CA ASP H 166 20.49 74.37 -16.26
C ASP H 166 21.65 73.61 -15.64
N SER H 167 22.53 73.07 -16.50
CA SER H 167 23.64 72.24 -16.02
C SER H 167 24.61 73.02 -15.15
N LYS H 168 24.59 74.35 -15.20
CA LYS H 168 25.52 75.16 -14.43
C LYS H 168 24.90 75.89 -13.24
N ASP H 169 23.63 76.32 -13.36
CA ASP H 169 23.00 77.10 -12.30
C ASP H 169 21.68 76.51 -11.82
N SER H 170 21.19 75.44 -12.44
CA SER H 170 20.01 74.69 -12.01
C SER H 170 18.73 75.51 -12.04
N THR H 171 18.77 76.72 -12.58
CA THR H 171 17.53 77.46 -12.79
C THR H 171 16.78 76.90 -14.00
N TYR H 172 15.58 77.41 -14.21
CA TYR H 172 14.74 76.98 -15.32
C TYR H 172 14.51 78.14 -16.27
N SER H 173 14.35 77.81 -17.55
CA SER H 173 14.01 78.79 -18.58
C SER H 173 12.72 78.35 -19.26
N MET H 174 11.83 79.31 -19.50
CA MET H 174 10.52 79.01 -20.06
C MET H 174 10.27 79.91 -21.26
N SER H 175 9.66 79.35 -22.30
CA SER H 175 9.17 80.12 -23.43
C SER H 175 7.65 79.95 -23.52
N SER H 176 7.00 80.98 -24.06
CA SER H 176 5.56 80.95 -24.26
C SER H 176 5.25 81.68 -25.57
N THR H 177 4.19 81.21 -26.24
CA THR H 177 3.86 81.72 -27.57
C THR H 177 2.36 81.93 -27.66
N LEU H 178 1.97 82.81 -28.58
CA LEU H 178 0.56 83.06 -28.90
C LEU H 178 0.47 83.18 -30.42
N SER H 179 0.05 82.10 -31.07
CA SER H 179 -0.07 82.09 -32.52
C SER H 179 -1.31 82.86 -32.94
N LEU H 180 -1.15 83.76 -33.92
CA LEU H 180 -2.24 84.61 -34.38
C LEU H 180 -2.14 84.77 -35.89
N THR H 181 -3.29 85.01 -36.52
CA THR H 181 -3.31 85.44 -37.91
C THR H 181 -2.96 86.92 -38.01
N LYS H 182 -2.53 87.33 -39.22
CA LYS H 182 -2.25 88.74 -39.47
C LYS H 182 -3.48 89.61 -39.20
N ALA H 183 -4.66 89.12 -39.60
CA ALA H 183 -5.89 89.85 -39.33
C ALA H 183 -6.17 89.95 -37.84
N ASP H 184 -6.01 88.83 -37.12
CA ASP H 184 -6.25 88.85 -35.68
C ASP H 184 -5.25 89.74 -34.95
N TYR H 185 -3.98 89.73 -35.38
CA TYR H 185 -2.98 90.60 -34.78
C TYR H 185 -3.31 92.07 -35.04
N GLU H 186 -3.58 92.41 -36.31
CA GLU H 186 -3.87 93.80 -36.67
C GLU H 186 -5.17 94.30 -36.06
N SER H 187 -6.08 93.40 -35.66
CA SER H 187 -7.31 93.80 -34.99
C SER H 187 -7.06 94.42 -33.62
N HIS H 188 -5.85 94.30 -33.07
CA HIS H 188 -5.55 94.85 -31.76
C HIS H 188 -4.18 95.52 -31.82
N ASN H 189 -3.89 96.30 -30.79
CA ASN H 189 -2.62 97.03 -30.73
C ASN H 189 -1.87 96.83 -29.43
N LEU H 190 -2.57 96.77 -28.30
CA LEU H 190 -1.91 96.52 -27.02
C LEU H 190 -1.70 95.03 -26.82
N TYR H 191 -0.47 94.65 -26.45
CA TYR H 191 -0.13 93.28 -26.10
C TYR H 191 0.71 93.30 -24.83
N THR H 192 0.45 92.35 -23.93
CA THR H 192 1.22 92.26 -22.71
C THR H 192 1.35 90.81 -22.29
N CYS H 193 2.46 90.51 -21.60
CA CYS H 193 2.73 89.18 -21.07
C CYS H 193 2.78 89.27 -19.54
N GLU H 194 1.96 88.47 -18.88
CA GLU H 194 1.86 88.48 -17.42
C GLU H 194 2.41 87.17 -16.88
N VAL H 195 3.38 87.27 -15.97
CA VAL H 195 4.06 86.11 -15.41
C VAL H 195 3.94 86.18 -13.89
N VAL H 196 3.39 85.13 -13.29
CA VAL H 196 3.26 85.03 -11.84
C VAL H 196 4.33 84.05 -11.34
N HIS H 197 5.07 84.47 -10.32
CA HIS H 197 6.13 83.64 -9.77
C HIS H 197 6.24 83.89 -8.27
N LYS H 198 6.75 82.88 -7.55
CA LYS H 198 6.74 82.90 -6.09
C LYS H 198 7.63 84.00 -5.50
N THR H 199 8.55 84.56 -6.28
CA THR H 199 9.45 85.57 -5.76
C THR H 199 8.80 86.93 -5.58
N SER H 200 7.55 87.10 -6.01
CA SER H 200 6.85 88.37 -5.88
C SER H 200 5.38 88.11 -5.57
N SER H 201 4.80 89.00 -4.76
CA SER H 201 3.37 88.92 -4.46
C SER H 201 2.51 89.39 -5.63
N SER H 202 3.10 90.13 -6.58
CA SER H 202 2.39 90.59 -7.76
C SER H 202 3.10 90.12 -9.02
N PRO H 203 2.35 89.84 -10.09
CA PRO H 203 2.99 89.33 -11.31
C PRO H 203 3.86 90.37 -11.98
N VAL H 204 4.92 89.89 -12.63
CA VAL H 204 5.71 90.71 -13.54
C VAL H 204 4.97 90.82 -14.86
N VAL H 205 5.02 92.01 -15.47
CA VAL H 205 4.34 92.28 -16.73
C VAL H 205 5.31 92.94 -17.69
N LYS H 206 5.24 92.52 -18.96
CA LYS H 206 5.99 93.13 -20.05
C LYS H 206 5.04 93.34 -21.22
N SER H 207 5.10 94.51 -21.84
CA SER H 207 4.13 94.89 -22.85
C SER H 207 4.80 95.64 -23.98
N PHE H 208 4.11 95.68 -25.12
CA PHE H 208 4.51 96.50 -26.26
C PHE H 208 3.26 97.01 -26.96
N ASN H 209 3.42 98.10 -27.70
CA ASN H 209 2.34 98.67 -28.50
C ASN H 209 2.76 98.68 -29.97
N ARG H 210 1.96 98.04 -30.82
CA ARG H 210 2.22 97.95 -32.26
C ARG H 210 3.57 97.34 -32.58
N ASN H 211 3.96 97.39 -33.85
CA ASN H 211 5.22 96.80 -34.28
C ASN H 211 6.40 97.57 -33.72
N GLU H 212 7.52 96.86 -33.54
CA GLU H 212 8.73 97.45 -32.99
C GLU H 212 9.32 98.49 -33.93
N GLU I 1 28.36 44.65 -18.47
CA GLU I 1 28.29 43.38 -19.18
C GLU I 1 26.99 43.27 -19.97
N VAL I 2 25.87 43.14 -19.25
CA VAL I 2 24.57 43.01 -19.91
C VAL I 2 24.23 44.31 -20.60
N GLN I 3 23.94 44.24 -21.90
CA GLN I 3 23.54 45.41 -22.66
C GLN I 3 22.46 45.02 -23.65
N LEU I 4 21.53 45.95 -23.88
CA LEU I 4 20.49 45.82 -24.89
C LEU I 4 20.41 47.11 -25.68
N GLN I 5 20.20 46.99 -26.99
CA GLN I 5 20.16 48.15 -27.87
C GLN I 5 19.00 48.00 -28.84
N GLU I 6 17.94 48.78 -28.63
CA GLU I 6 16.85 48.87 -29.59
C GLU I 6 17.29 49.62 -30.82
N SER I 7 16.70 49.27 -31.96
CA SER I 7 16.89 50.02 -33.19
C SER I 7 15.63 49.93 -34.03
N GLY I 8 15.43 50.93 -34.88
CA GLY I 8 14.27 50.99 -35.73
C GLY I 8 14.02 52.36 -36.30
N PRO I 9 12.92 52.52 -37.05
CA PRO I 9 12.64 53.81 -37.68
C PRO I 9 12.19 54.85 -36.67
N GLY I 10 12.71 56.07 -36.83
CA GLY I 10 12.27 57.16 -35.97
C GLY I 10 10.89 57.67 -36.32
N LEU I 11 10.52 57.64 -37.60
CA LEU I 11 9.21 58.07 -38.06
C LEU I 11 8.50 56.92 -38.76
N VAL I 12 7.22 56.74 -38.45
CA VAL I 12 6.35 55.80 -39.15
C VAL I 12 5.00 56.47 -39.38
N GLN I 13 4.39 56.16 -40.52
CA GLN I 13 3.08 56.73 -40.81
C GLN I 13 1.98 55.95 -40.11
N PRO I 14 0.85 56.59 -39.80
CA PRO I 14 -0.28 55.87 -39.23
C PRO I 14 -0.76 54.75 -40.14
N SER I 15 -1.29 53.70 -39.52
CA SER I 15 -1.79 52.50 -40.19
C SER I 15 -0.72 51.73 -40.93
N GLU I 16 0.53 52.19 -40.87
CA GLU I 16 1.66 51.41 -41.37
C GLU I 16 2.04 50.39 -40.30
N THR I 17 3.19 49.72 -40.47
CA THR I 17 3.64 48.71 -39.54
C THR I 17 5.01 49.08 -39.00
N LEU I 18 5.23 48.87 -37.72
CA LEU I 18 6.48 49.18 -37.05
C LEU I 18 7.26 47.90 -36.78
N SER I 19 8.56 47.95 -36.99
CA SER I 19 9.46 46.86 -36.63
C SER I 19 10.64 47.42 -35.84
N LEU I 20 10.96 46.76 -34.73
CA LEU I 20 12.08 47.12 -33.89
C LEU I 20 12.94 45.90 -33.64
N THR I 21 14.26 46.10 -33.60
CA THR I 21 15.21 45.04 -33.31
C THR I 21 15.91 45.35 -32.00
N CYS I 22 15.79 44.45 -31.03
CA CYS I 22 16.54 44.52 -29.78
C CYS I 22 17.77 43.63 -29.91
N THR I 23 18.93 44.24 -30.14
CA THR I 23 20.18 43.50 -30.12
C THR I 23 20.60 43.23 -28.67
N VAL I 24 21.18 42.06 -28.45
CA VAL I 24 21.51 41.59 -27.11
C VAL I 24 22.98 41.18 -27.08
N SER I 25 23.65 41.53 -25.98
CA SER I 25 25.01 41.07 -25.74
C SER I 25 25.21 40.92 -24.23
N GLY I 26 26.16 40.06 -23.87
CA GLY I 26 26.45 39.76 -22.49
C GLY I 26 25.61 38.65 -21.88
N PHE I 27 24.60 38.16 -22.59
CA PHE I 27 23.81 37.02 -22.12
C PHE I 27 23.14 36.37 -23.31
N SER I 28 22.64 35.16 -23.09
CA SER I 28 22.00 34.37 -24.13
C SER I 28 20.49 34.42 -23.99
N LEU I 29 19.80 34.66 -25.10
CA LEU I 29 18.34 34.71 -25.10
C LEU I 29 17.72 33.40 -24.64
N THR I 30 18.44 32.29 -24.79
CA THR I 30 17.90 30.99 -24.38
C THR I 30 17.82 30.83 -22.87
N SER I 31 18.38 31.76 -22.10
CA SER I 31 18.36 31.65 -20.64
C SER I 31 17.84 32.90 -19.94
N TYR I 32 17.50 33.96 -20.68
CA TYR I 32 16.87 35.14 -20.09
C TYR I 32 15.72 35.59 -20.97
N SER I 33 14.57 35.85 -20.35
CA SER I 33 13.44 36.40 -21.08
C SER I 33 13.68 37.88 -21.40
N VAL I 34 13.12 38.32 -22.52
CA VAL I 34 13.20 39.71 -22.94
C VAL I 34 11.78 40.26 -23.06
N SER I 35 11.47 41.28 -22.26
CA SER I 35 10.20 41.97 -22.36
C SER I 35 10.35 43.24 -23.18
N TRP I 36 9.24 43.70 -23.73
CA TRP I 36 9.17 44.99 -24.41
C TRP I 36 8.28 45.94 -23.62
N LEU I 37 8.80 47.13 -23.33
CA LEU I 37 8.04 48.20 -22.71
C LEU I 37 7.98 49.39 -23.66
N ARG I 38 6.91 50.16 -23.57
CA ARG I 38 6.84 51.46 -24.22
C ARG I 38 6.39 52.51 -23.21
N GLN I 39 6.91 53.71 -23.38
CA GLN I 39 6.51 54.88 -22.59
C GLN I 39 5.82 55.89 -23.50
N PRO I 40 4.50 55.88 -23.59
CA PRO I 40 3.81 56.89 -24.40
C PRO I 40 4.10 58.30 -23.89
N SER I 41 4.08 59.26 -24.82
CA SER I 41 4.46 60.63 -24.49
C SER I 41 3.55 61.18 -23.40
N GLY I 42 4.16 61.60 -22.29
CA GLY I 42 3.41 62.13 -21.18
C GLY I 42 2.69 61.09 -20.34
N LYS I 43 3.10 59.83 -20.41
CA LYS I 43 2.48 58.76 -19.64
C LYS I 43 3.56 57.90 -19.01
N GLY I 44 3.16 57.15 -17.98
CA GLY I 44 4.01 56.13 -17.42
C GLY I 44 4.17 54.95 -18.36
N PRO I 45 5.24 54.18 -18.18
CA PRO I 45 5.48 53.02 -19.06
C PRO I 45 4.37 51.99 -18.94
N GLU I 46 4.27 51.14 -19.95
CA GLU I 46 3.37 49.99 -19.91
C GLU I 46 4.07 48.79 -20.53
N TRP I 47 3.75 47.61 -20.00
CA TRP I 47 4.31 46.38 -20.51
C TRP I 47 3.54 45.92 -21.75
N MET I 48 4.28 45.64 -22.83
CA MET I 48 3.68 45.22 -24.10
C MET I 48 3.70 43.72 -24.29
N GLY I 49 4.80 43.06 -23.97
CA GLY I 49 4.90 41.64 -24.17
C GLY I 49 6.29 41.15 -23.84
N ARG I 50 6.43 39.82 -23.86
CA ARG I 50 7.67 39.18 -23.48
C ARG I 50 8.03 38.08 -24.47
N MET I 51 9.32 37.98 -24.79
CA MET I 51 9.89 36.82 -25.46
C MET I 51 10.49 35.93 -24.38
N TRP I 52 9.90 34.75 -24.17
CA TRP I 52 10.39 33.85 -23.15
C TRP I 52 11.72 33.22 -23.58
N ASP I 53 12.50 32.81 -22.58
CA ASP I 53 13.76 32.11 -22.87
C ASP I 53 13.51 30.81 -23.64
N ASP I 54 12.40 30.13 -23.34
CA ASP I 54 12.03 28.93 -24.07
C ASP I 54 11.48 29.23 -25.46
N GLY I 55 11.42 30.50 -25.87
CA GLY I 55 10.97 30.87 -27.19
C GLY I 55 9.49 31.12 -27.33
N GLY I 56 8.70 30.88 -26.28
CA GLY I 56 7.32 31.29 -26.29
C GLY I 56 7.17 32.79 -26.17
N THR I 57 5.93 33.25 -26.36
CA THR I 57 5.62 34.68 -26.26
C THR I 57 4.34 34.87 -25.48
N VAL I 58 4.26 36.01 -24.79
CA VAL I 58 3.04 36.48 -24.14
C VAL I 58 2.93 37.97 -24.40
N TYR I 59 1.71 38.45 -24.60
CA TYR I 59 1.47 39.83 -24.96
C TYR I 59 0.49 40.48 -23.99
N ASN I 60 0.62 41.79 -23.85
CA ASN I 60 -0.42 42.57 -23.17
C ASN I 60 -1.75 42.35 -23.86
N SER I 61 -2.78 42.02 -23.07
CA SER I 61 -4.07 41.66 -23.65
C SER I 61 -4.68 42.79 -24.46
N GLY I 62 -4.34 44.05 -24.17
CA GLY I 62 -4.81 45.14 -24.99
C GLY I 62 -4.14 45.25 -26.34
N LEU I 63 -2.93 44.69 -26.47
CA LEU I 63 -2.16 44.78 -27.69
C LEU I 63 -1.92 43.43 -28.35
N LYS I 64 -2.49 42.35 -27.83
CA LYS I 64 -2.20 41.01 -28.34
C LYS I 64 -2.49 40.89 -29.83
N SER I 65 -3.61 41.47 -30.28
CA SER I 65 -3.95 41.41 -31.70
C SER I 65 -2.98 42.25 -32.54
N ARG I 66 -2.48 43.35 -31.99
CA ARG I 66 -1.63 44.27 -32.73
C ARG I 66 -0.16 43.88 -32.74
N LEU I 67 0.24 42.92 -31.93
CA LEU I 67 1.66 42.67 -31.67
C LEU I 67 2.07 41.27 -32.11
N SER I 68 3.33 41.15 -32.52
CA SER I 68 4.03 39.88 -32.60
C SER I 68 5.47 40.10 -32.18
N ILE I 69 6.05 39.10 -31.53
CA ILE I 69 7.45 39.13 -31.12
C ILE I 69 8.13 37.86 -31.59
N SER I 70 9.35 38.00 -32.10
CA SER I 70 10.14 36.87 -32.55
C SER I 70 11.60 37.14 -32.19
N ARG I 71 12.43 36.10 -32.31
CA ARG I 71 13.83 36.23 -31.92
C ARG I 71 14.69 35.38 -32.84
N ASP I 72 15.97 35.72 -32.88
CA ASP I 72 17.00 34.92 -33.53
C ASP I 72 18.08 34.65 -32.49
N THR I 73 18.12 33.42 -31.96
CA THR I 73 19.08 33.09 -30.93
C THR I 73 20.52 33.05 -31.42
N SER I 74 20.72 32.88 -32.74
CA SER I 74 22.08 32.91 -33.27
C SER I 74 22.62 34.33 -33.33
N LYS I 75 21.79 35.29 -33.74
CA LYS I 75 22.19 36.69 -33.79
C LYS I 75 22.05 37.39 -32.45
N ASN I 76 21.39 36.77 -31.47
CA ASN I 76 21.02 37.40 -30.21
C ASN I 76 20.24 38.69 -30.45
N GLN I 77 19.14 38.54 -31.18
CA GLN I 77 18.25 39.65 -31.51
C GLN I 77 16.82 39.28 -31.18
N VAL I 78 16.07 40.27 -30.68
CA VAL I 78 14.64 40.13 -30.43
C VAL I 78 13.92 41.18 -31.28
N PHE I 79 12.90 40.74 -32.02
CA PHE I 79 12.19 41.61 -32.95
C PHE I 79 10.78 41.86 -32.46
N LEU I 80 10.38 43.13 -32.42
CA LEU I 80 9.01 43.53 -32.16
C LEU I 80 8.39 44.04 -33.46
N LYS I 81 7.18 43.56 -33.76
CA LYS I 81 6.42 44.05 -34.90
C LYS I 81 5.02 44.44 -34.46
N MET I 82 4.57 45.60 -34.94
CA MET I 82 3.27 46.13 -34.57
C MET I 82 2.60 46.71 -35.80
N ASN I 83 1.29 46.49 -35.93
CA ASN I 83 0.51 47.01 -37.03
C ASN I 83 -0.64 47.86 -36.49
N SER I 84 -1.47 48.36 -37.41
CA SER I 84 -2.60 49.23 -37.09
C SER I 84 -2.15 50.42 -36.24
N LEU I 85 -0.99 50.98 -36.59
CA LEU I 85 -0.39 52.04 -35.79
C LEU I 85 -1.28 53.28 -35.77
N GLN I 86 -1.21 54.01 -34.67
CA GLN I 86 -1.96 55.24 -34.48
C GLN I 86 -1.10 56.22 -33.69
N THR I 87 -1.51 57.49 -33.72
CA THR I 87 -0.70 58.55 -33.12
C THR I 87 -0.44 58.30 -31.64
N ASP I 88 -1.38 57.65 -30.94
CA ASP I 88 -1.19 57.35 -29.53
C ASP I 88 0.01 56.44 -29.28
N ASP I 89 0.44 55.67 -30.28
CA ASP I 89 1.59 54.78 -30.14
C ASP I 89 2.92 55.52 -30.09
N THR I 90 2.93 56.84 -30.27
CA THR I 90 4.18 57.59 -30.26
C THR I 90 4.76 57.61 -28.85
N GLY I 91 5.97 57.10 -28.72
CA GLY I 91 6.64 57.08 -27.42
C GLY I 91 7.97 56.37 -27.53
N THR I 92 8.66 56.30 -26.38
CA THR I 92 9.91 55.57 -26.30
C THR I 92 9.64 54.09 -26.04
N TYR I 93 10.24 53.24 -26.86
CA TYR I 93 10.09 51.80 -26.75
C TYR I 93 11.35 51.18 -26.17
N TYR I 94 11.20 50.38 -25.13
CA TYR I 94 12.30 49.73 -24.45
C TYR I 94 12.18 48.21 -24.59
N CYS I 95 13.32 47.55 -24.74
CA CYS I 95 13.41 46.12 -24.50
C CYS I 95 14.20 45.87 -23.23
N THR I 96 13.73 44.94 -22.42
CA THR I 96 14.32 44.70 -21.11
C THR I 96 14.62 43.22 -20.93
N ARG I 97 15.76 42.92 -20.31
CA ARG I 97 16.00 41.57 -19.80
C ARG I 97 15.23 41.40 -18.50
N ASP I 98 14.54 40.27 -18.37
CA ASP I 98 13.71 40.01 -17.21
C ASP I 98 14.40 39.01 -16.28
N GLU I 99 14.54 39.38 -15.02
CA GLU I 99 14.95 38.44 -14.00
C GLU I 99 13.76 37.60 -13.58
N ARG I 100 14.03 36.53 -12.83
CA ARG I 100 12.94 35.68 -12.36
C ARG I 100 13.25 35.17 -10.96
N ILE I 101 12.18 34.89 -10.23
CA ILE I 101 12.22 34.03 -9.05
C ILE I 101 10.97 33.15 -9.11
N ARG I 102 11.17 31.84 -9.17
CA ARG I 102 10.10 30.90 -9.46
C ARG I 102 9.34 31.34 -10.70
N ALA I 103 8.03 31.58 -10.57
CA ALA I 103 7.21 32.06 -11.67
C ALA I 103 7.15 33.58 -11.77
N ILE I 104 7.65 34.29 -10.78
CA ILE I 104 7.56 35.75 -10.76
C ILE I 104 8.67 36.35 -11.61
N ASN I 105 8.34 37.37 -12.39
CA ASN I 105 9.30 38.04 -13.26
C ASN I 105 9.28 39.54 -12.99
N TRP I 106 10.42 40.18 -13.20
CA TRP I 106 10.51 41.63 -13.14
C TRP I 106 11.62 42.11 -14.09
N PHE I 107 11.51 43.36 -14.50
CA PHE I 107 12.47 43.96 -15.43
C PHE I 107 13.73 44.34 -14.67
N ALA I 108 14.87 43.78 -15.06
CA ALA I 108 16.12 43.98 -14.35
C ALA I 108 17.10 44.89 -15.08
N TYR I 109 17.14 44.85 -16.41
CA TYR I 109 17.97 45.74 -17.20
C TYR I 109 17.17 46.30 -18.36
N TRP I 110 17.34 47.59 -18.63
CA TRP I 110 16.67 48.25 -19.73
C TRP I 110 17.66 48.54 -20.86
N GLY I 111 17.14 48.55 -22.08
CA GLY I 111 17.86 49.15 -23.19
C GLY I 111 17.77 50.66 -23.15
N GLN I 112 18.55 51.29 -24.03
CA GLN I 112 18.56 52.75 -24.09
C GLN I 112 17.26 53.32 -24.65
N GLY I 113 16.47 52.49 -25.32
CA GLY I 113 15.18 52.92 -25.83
C GLY I 113 15.26 53.66 -27.16
N THR I 114 14.30 53.39 -28.04
CA THR I 114 14.19 54.07 -29.32
C THR I 114 12.92 54.89 -29.35
N LEU I 115 13.05 56.18 -29.63
CA LEU I 115 11.88 57.04 -29.80
C LEU I 115 11.21 56.73 -31.13
N VAL I 116 9.95 56.33 -31.09
CA VAL I 116 9.13 56.10 -32.27
C VAL I 116 8.08 57.19 -32.35
N THR I 117 8.01 57.86 -33.50
CA THR I 117 7.01 58.90 -33.76
C THR I 117 6.07 58.42 -34.86
N VAL I 118 4.78 58.40 -34.55
CA VAL I 118 3.75 57.99 -35.51
C VAL I 118 3.11 59.27 -36.04
N SER I 119 3.48 59.66 -37.26
CA SER I 119 2.94 60.86 -37.87
C SER I 119 3.05 60.74 -39.38
N SER I 120 2.03 61.26 -40.08
CA SER I 120 2.01 61.29 -41.54
C SER I 120 2.72 62.50 -42.13
N ALA I 121 3.13 63.46 -41.30
CA ALA I 121 3.66 64.71 -41.81
C ALA I 121 4.96 64.50 -42.58
N GLU I 122 5.12 65.27 -43.65
CA GLU I 122 6.32 65.24 -44.47
C GLU I 122 7.36 66.22 -43.94
N THR I 123 8.63 65.91 -44.19
CA THR I 123 9.72 66.76 -43.74
C THR I 123 9.60 68.16 -44.34
N THR I 124 9.80 69.17 -43.51
CA THR I 124 9.54 70.56 -43.87
C THR I 124 10.61 71.45 -43.24
N ALA I 125 11.05 72.46 -44.00
CA ALA I 125 12.08 73.36 -43.50
C ALA I 125 11.49 74.38 -42.53
N PRO I 126 12.26 74.80 -41.53
CA PRO I 126 11.77 75.83 -40.60
C PRO I 126 11.86 77.22 -41.20
N SER I 127 10.90 78.06 -40.83
CA SER I 127 11.06 79.50 -40.96
C SER I 127 11.75 80.07 -39.74
N VAL I 128 12.58 81.09 -39.95
CA VAL I 128 13.35 81.69 -38.86
C VAL I 128 13.02 83.17 -38.76
N TYR I 129 12.01 83.51 -37.97
CA TYR I 129 11.59 84.89 -37.83
C TYR I 129 12.45 85.59 -36.77
N PRO I 130 12.82 86.85 -37.01
CA PRO I 130 13.57 87.59 -35.98
C PRO I 130 12.67 87.98 -34.82
N LEU I 131 13.21 87.93 -33.61
CA LEU I 131 12.52 88.39 -32.41
C LEU I 131 13.34 89.51 -31.79
N ALA I 132 12.72 90.68 -31.66
CA ALA I 132 13.33 91.84 -31.02
C ALA I 132 12.27 92.55 -30.19
N PRO I 133 12.68 93.20 -29.10
CA PRO I 133 11.69 93.86 -28.23
C PRO I 133 11.02 95.02 -28.95
N GLY I 134 9.77 95.29 -28.55
CA GLY I 134 9.00 96.36 -29.17
C GLY I 134 9.58 97.74 -28.94
N THR I 135 10.33 97.93 -27.86
CA THR I 135 11.04 99.18 -27.62
C THR I 135 12.23 98.90 -26.72
N ALA I 136 13.33 99.62 -26.97
CA ALA I 136 14.50 99.56 -26.09
C ALA I 136 14.23 100.35 -24.82
N LEU I 137 13.31 99.86 -24.00
CA LEU I 137 12.78 100.64 -22.87
C LEU I 137 13.79 100.84 -21.75
N LYS I 138 14.90 100.10 -21.74
CA LYS I 138 15.92 100.28 -20.72
C LYS I 138 17.29 99.99 -21.29
N SER I 139 18.29 100.70 -20.77
CA SER I 139 19.67 100.52 -21.19
C SER I 139 20.33 99.38 -20.42
N ASN I 140 19.69 98.22 -20.40
CA ASN I 140 20.21 97.09 -19.65
C ASN I 140 21.56 96.65 -20.19
N SER I 141 22.43 96.20 -19.28
CA SER I 141 23.76 95.74 -19.68
C SER I 141 23.67 94.55 -20.63
N MET I 142 22.60 93.76 -20.53
CA MET I 142 22.28 92.76 -21.55
C MET I 142 20.77 92.67 -21.69
N VAL I 143 20.33 92.43 -22.91
CA VAL I 143 18.92 92.28 -23.22
C VAL I 143 18.71 90.96 -23.96
N THR I 144 17.67 90.23 -23.60
CA THR I 144 17.36 88.98 -24.27
C THR I 144 16.74 89.25 -25.64
N LEU I 145 17.31 88.62 -26.66
CA LEU I 145 16.74 88.62 -28.00
C LEU I 145 16.82 87.20 -28.56
N GLY I 146 15.93 86.89 -29.50
CA GLY I 146 15.73 85.51 -29.88
C GLY I 146 15.35 85.35 -31.33
N CYS I 147 15.10 84.09 -31.70
CA CYS I 147 14.60 83.73 -33.02
C CYS I 147 13.50 82.69 -32.86
N LEU I 148 12.50 82.75 -33.74
CA LEU I 148 11.38 81.82 -33.73
C LEU I 148 11.58 80.79 -34.84
N VAL I 149 11.62 79.52 -34.47
CA VAL I 149 11.88 78.43 -35.41
C VAL I 149 10.61 77.61 -35.55
N LYS I 150 9.79 77.95 -36.54
CA LYS I 150 8.41 77.46 -36.64
C LYS I 150 8.19 76.79 -37.98
N GLY I 151 7.40 75.71 -37.97
CA GLY I 151 6.94 75.07 -39.19
C GLY I 151 7.76 73.89 -39.67
N TYR I 152 8.77 73.47 -38.91
CA TYR I 152 9.65 72.42 -39.38
C TYR I 152 9.15 71.05 -38.96
N PHE I 153 9.62 70.02 -39.68
CA PHE I 153 9.34 68.64 -39.36
C PHE I 153 10.37 67.77 -40.04
N PRO I 154 10.76 66.63 -39.44
CA PRO I 154 10.56 66.24 -38.05
C PRO I 154 11.60 66.87 -37.13
N GLU I 155 11.67 66.43 -35.88
CA GLU I 155 12.81 66.72 -35.02
C GLU I 155 14.04 65.97 -35.51
N PRO I 156 15.24 66.44 -35.16
CA PRO I 156 15.57 67.66 -34.40
C PRO I 156 15.75 68.89 -35.26
N VAL I 157 15.86 70.06 -34.64
CA VAL I 157 16.37 71.26 -35.27
C VAL I 157 17.50 71.81 -34.41
N THR I 158 18.57 72.28 -35.06
CA THR I 158 19.73 72.80 -34.36
C THR I 158 19.77 74.32 -34.53
N VAL I 159 20.01 75.02 -33.42
CA VAL I 159 20.02 76.48 -33.42
C VAL I 159 21.30 76.95 -32.73
N THR I 160 21.99 77.90 -33.36
CA THR I 160 23.20 78.49 -32.82
C THR I 160 23.17 79.99 -33.09
N TRP I 161 24.04 80.72 -32.39
CA TRP I 161 24.08 82.17 -32.49
C TRP I 161 25.48 82.61 -32.88
N ASN I 162 25.60 83.24 -34.04
CA ASN I 162 26.90 83.56 -34.64
C ASN I 162 27.82 82.34 -34.65
N SER I 163 27.26 81.21 -35.11
CA SER I 163 27.93 79.93 -35.08
C SER I 163 28.50 79.61 -33.70
N GLY I 164 29.83 79.59 -33.59
CA GLY I 164 30.49 79.25 -32.34
C GLY I 164 30.46 80.34 -31.28
N ALA I 165 30.03 81.55 -31.64
CA ALA I 165 29.99 82.67 -30.70
C ALA I 165 28.72 82.70 -29.85
N LEU I 166 28.00 81.59 -29.77
CA LEU I 166 26.73 81.58 -29.04
C LEU I 166 26.93 81.80 -27.55
N SER I 167 28.00 81.23 -26.98
CA SER I 167 28.29 81.28 -25.55
C SER I 167 27.17 80.62 -24.73
N SER I 168 27.40 80.51 -23.42
CA SER I 168 26.42 79.90 -22.53
C SER I 168 25.18 80.75 -22.32
N GLY I 169 25.18 82.00 -22.79
CA GLY I 169 24.03 82.86 -22.63
C GLY I 169 22.91 82.60 -23.62
N VAL I 170 22.67 81.33 -23.93
CA VAL I 170 21.68 80.92 -24.91
C VAL I 170 20.84 79.80 -24.31
N HIS I 171 19.54 79.85 -24.57
CA HIS I 171 18.62 78.79 -24.19
C HIS I 171 17.90 78.26 -25.43
N THR I 172 17.60 76.95 -25.41
CA THR I 172 16.85 76.29 -26.48
C THR I 172 15.65 75.59 -25.84
N PHE I 173 14.57 76.34 -25.65
CA PHE I 173 13.36 75.78 -25.05
C PHE I 173 12.83 74.63 -25.89
N PRO I 174 12.29 73.58 -25.27
CA PRO I 174 11.85 72.41 -26.03
C PRO I 174 10.78 72.75 -27.06
N ALA I 175 10.85 72.05 -28.19
CA ALA I 175 9.90 72.27 -29.28
C ALA I 175 8.49 71.83 -28.86
N VAL I 176 7.50 72.39 -29.56
CA VAL I 176 6.10 72.09 -29.32
C VAL I 176 5.43 71.79 -30.67
N LEU I 177 4.64 70.73 -30.70
CA LEU I 177 3.86 70.40 -31.89
C LEU I 177 2.63 71.30 -31.98
N GLN I 178 2.39 71.86 -33.16
CA GLN I 178 1.16 72.57 -33.46
C GLN I 178 0.72 72.22 -34.87
N SER I 179 -0.54 71.82 -35.02
CA SER I 179 -1.13 71.49 -36.32
C SER I 179 -0.29 70.48 -37.09
N GLY I 180 0.34 69.54 -36.38
CA GLY I 180 1.13 68.50 -37.01
C GLY I 180 2.54 68.90 -37.38
N LEU I 181 3.04 70.03 -36.89
CA LEU I 181 4.41 70.44 -37.15
C LEU I 181 5.01 71.05 -35.88
N TYR I 182 6.33 71.06 -35.82
CA TYR I 182 7.05 71.52 -34.64
C TYR I 182 7.31 73.02 -34.71
N THR I 183 7.39 73.65 -33.54
CA THR I 183 7.84 75.01 -33.38
C THR I 183 8.82 75.08 -32.22
N LEU I 184 9.91 75.80 -32.41
CA LEU I 184 10.94 75.93 -31.39
C LEU I 184 11.33 77.40 -31.23
N THR I 185 11.79 77.74 -30.03
CA THR I 185 12.25 79.08 -29.72
C THR I 185 13.65 79.01 -29.10
N SER I 186 14.44 80.05 -29.38
CA SER I 186 15.76 80.22 -28.77
C SER I 186 15.98 81.69 -28.50
N SER I 187 16.85 81.98 -27.54
CA SER I 187 17.15 83.37 -27.20
C SER I 187 18.62 83.51 -26.84
N VAL I 188 19.14 84.72 -27.03
CA VAL I 188 20.51 85.06 -26.67
C VAL I 188 20.47 86.32 -25.81
N THR I 189 21.48 86.46 -24.96
CA THR I 189 21.65 87.66 -24.14
C THR I 189 22.75 88.52 -24.74
N VAL I 190 22.42 89.76 -25.06
CA VAL I 190 23.34 90.65 -25.77
C VAL I 190 23.16 92.08 -25.22
N PRO I 191 24.20 92.91 -25.27
CA PRO I 191 24.06 94.28 -24.75
C PRO I 191 23.03 95.08 -25.52
N SER I 192 22.37 96.00 -24.82
CA SER I 192 21.31 96.79 -25.42
C SER I 192 21.80 97.66 -26.55
N SER I 193 23.06 98.11 -26.49
CA SER I 193 23.64 98.88 -27.58
C SER I 193 24.19 98.02 -28.72
N THR I 194 24.51 96.75 -28.44
CA THR I 194 25.14 95.90 -29.44
C THR I 194 24.12 95.37 -30.45
N TRP I 195 23.00 94.83 -29.98
CA TRP I 195 22.06 94.18 -30.88
C TRP I 195 21.43 95.07 -31.94
N PRO I 196 21.21 96.38 -31.73
CA PRO I 196 20.67 97.19 -32.84
C PRO I 196 21.70 97.55 -33.90
N SER I 197 22.99 97.32 -33.65
CA SER I 197 24.04 97.77 -34.55
C SER I 197 24.90 96.62 -35.05
N GLN I 198 25.34 95.73 -34.18
CA GLN I 198 26.09 94.56 -34.61
C GLN I 198 25.16 93.51 -35.20
N THR I 199 25.66 92.77 -36.18
CA THR I 199 24.89 91.74 -36.86
C THR I 199 24.77 90.47 -36.01
N VAL I 200 24.18 90.64 -34.83
CA VAL I 200 23.90 89.50 -33.97
C VAL I 200 22.89 88.60 -34.66
N THR I 201 23.30 87.37 -34.97
CA THR I 201 22.55 86.52 -35.87
C THR I 201 22.41 85.12 -35.28
N CYS I 202 21.20 84.58 -35.34
CA CYS I 202 20.94 83.19 -35.03
C CYS I 202 21.14 82.34 -36.27
N ASN I 203 21.79 81.19 -36.09
CA ASN I 203 22.03 80.24 -37.17
C ASN I 203 21.24 78.97 -36.89
N VAL I 204 20.41 78.56 -37.84
CA VAL I 204 19.47 77.47 -37.67
C VAL I 204 19.61 76.52 -38.86
N ALA I 205 19.60 75.22 -38.57
CA ALA I 205 19.71 74.20 -39.61
C ALA I 205 18.79 73.03 -39.26
N HIS I 206 18.40 72.30 -40.30
CA HIS I 206 17.43 71.22 -40.13
C HIS I 206 17.89 69.96 -40.87
N PRO I 207 18.35 68.94 -40.14
CA PRO I 207 18.87 67.74 -40.81
C PRO I 207 17.84 66.99 -41.64
N GLY I 208 16.55 67.22 -41.43
CA GLY I 208 15.54 66.50 -42.18
C GLY I 208 15.57 66.78 -43.67
N GLN I 209 15.97 67.99 -44.07
CA GLN I 209 16.17 68.29 -45.48
C GLN I 209 17.39 69.18 -45.70
N GLN I 210 18.40 69.07 -44.82
CA GLN I 210 19.66 69.81 -44.95
C GLN I 210 19.43 71.32 -45.14
N HIS I 211 18.40 71.84 -44.49
CA HIS I 211 18.07 73.24 -44.61
C HIS I 211 18.98 74.09 -43.74
N GLN I 212 19.20 75.34 -44.17
CA GLN I 212 20.01 76.28 -43.42
C GLN I 212 19.44 77.68 -43.57
N ARG I 213 19.40 78.41 -42.46
CA ARG I 213 19.02 79.82 -42.48
C ARG I 213 19.87 80.60 -41.49
N TRP I 214 19.93 81.91 -41.69
CA TRP I 214 20.50 82.84 -40.72
C TRP I 214 19.64 84.11 -40.70
N THR I 215 19.34 84.59 -39.50
CA THR I 215 18.51 85.78 -39.33
C THR I 215 19.17 86.70 -38.31
N ARG I 216 19.42 87.95 -38.71
CA ARG I 216 19.98 88.94 -37.81
C ARG I 216 18.90 89.50 -36.90
N LYS I 217 19.30 90.41 -36.00
CA LYS I 217 18.39 91.11 -35.12
C LYS I 217 18.16 92.52 -35.65
N LEU I 218 16.90 92.90 -35.79
CA LEU I 218 16.53 94.24 -36.26
C LEU I 218 15.23 94.67 -35.59
N CYS I 219 15.02 95.98 -35.56
CA CYS I 219 13.81 96.53 -34.96
C CYS I 219 13.33 97.76 -35.74
C1 NAG J . -19.94 14.82 21.82
C2 NAG J . -20.36 15.94 22.78
C3 NAG J . -19.47 17.14 22.53
C4 NAG J . -18.00 16.74 22.69
C5 NAG J . -17.70 15.56 21.77
C6 NAG J . -16.30 15.02 21.93
C7 NAG J . -22.81 15.63 23.00
C8 NAG J . -24.14 16.23 22.65
N2 NAG J . -21.74 16.31 22.56
O3 NAG J . -19.87 18.11 23.45
O4 NAG J . -17.18 17.80 22.26
O5 NAG J . -18.59 14.50 22.05
O6 NAG J . -16.15 13.83 21.19
O7 NAG J . -22.73 14.60 23.66
C1 NAG J . -16.90 18.74 23.31
C2 NAG J . -15.51 19.33 23.08
C3 NAG J . -15.26 20.40 24.14
C4 NAG J . -16.37 21.44 24.07
C5 NAG J . -17.71 20.74 24.29
C6 NAG J . -18.90 21.67 24.21
C7 NAG J . -14.07 17.57 22.14
C8 NAG J . -13.01 16.55 22.49
N2 NAG J . -14.51 18.31 23.17
O3 NAG J . -14.01 20.96 23.87
O4 NAG J . -16.13 22.37 25.09
O5 NAG J . -17.86 19.77 23.27
O6 NAG J . -20.07 20.93 24.03
O7 NAG J . -14.47 17.70 21.00
C1 BMA J . -15.79 23.62 24.44
C2 BMA J . -16.06 24.76 25.40
C3 BMA J . -15.68 26.06 24.68
C4 BMA J . -14.20 25.99 24.26
C5 BMA J . -13.96 24.76 23.40
C6 BMA J . -12.50 24.54 23.03
O2 BMA J . -15.31 24.56 26.57
O3 BMA J . -15.97 27.13 25.54
O4 BMA J . -13.90 27.17 23.54
O5 BMA J . -14.42 23.61 24.09
O6 BMA J . -11.80 24.38 24.23
C1 MAN J . -10.39 24.31 23.99
C2 MAN J . -9.73 23.90 25.30
C3 MAN J . -10.03 24.99 26.32
C4 MAN J . -9.44 26.30 25.84
C5 MAN J . -10.07 26.64 24.49
C6 MAN J . -9.45 27.88 23.86
O2 MAN J . -8.35 23.77 25.04
O3 MAN J . -9.56 24.57 27.59
O4 MAN J . -9.73 27.28 26.82
O5 MAN J . -9.90 25.56 23.58
O6 MAN J . -8.55 28.43 24.78
C1 MAN J . -10.71 24.08 28.32
C2 MAN J . -10.83 24.88 29.62
C3 MAN J . -9.72 24.52 30.59
C4 MAN J . -9.67 23.02 30.82
C5 MAN J . -9.50 22.32 29.46
C6 MAN J . -9.56 20.82 29.59
O2 MAN J . -12.10 24.63 30.15
O3 MAN J . -9.95 25.22 31.80
O4 MAN J . -8.60 22.74 31.69
O5 MAN J . -10.56 22.71 28.60
O6 MAN J . -9.20 20.24 28.37
C1 MAN J . -7.86 29.56 24.23
C2 MAN J . -7.26 29.18 22.88
C3 MAN J . -5.93 28.41 22.95
C4 MAN J . -5.14 28.48 24.26
C5 MAN J . -6.05 28.81 25.46
C6 MAN J . -5.26 29.17 26.71
O2 MAN J . -7.12 30.39 22.14
O3 MAN J . -5.14 28.90 21.89
O4 MAN J . -4.54 27.22 24.44
O5 MAN J . -6.85 29.93 25.12
O6 MAN J . -5.79 28.45 27.79
C1 MAN J . -17.40 27.21 25.74
C2 MAN J . -17.88 28.58 25.28
C3 MAN J . -17.26 29.68 26.14
C4 MAN J . -17.51 29.40 27.62
C5 MAN J . -17.05 27.97 27.96
C6 MAN J . -17.42 27.59 29.38
O2 MAN J . -19.28 28.57 25.36
O3 MAN J . -17.83 30.90 25.74
O4 MAN J . -16.76 30.36 28.35
O5 MAN J . -17.70 27.05 27.10
O6 MAN J . -16.89 26.31 29.66
C1 NAG K . -34.70 7.29 -10.29
C2 NAG K . -36.04 7.84 -10.78
C3 NAG K . -35.75 9.11 -11.56
C4 NAG K . -35.08 10.10 -10.62
C5 NAG K . -33.82 9.46 -10.02
C6 NAG K . -33.12 10.33 -9.00
C7 NAG K . -37.86 6.28 -11.23
C8 NAG K . -38.41 5.27 -12.21
N2 NAG K . -36.70 6.86 -11.59
O3 NAG K . -36.96 9.60 -12.08
O4 NAG K . -34.78 11.27 -11.35
O5 NAG K . -34.18 8.25 -9.39
O6 NAG K . -32.29 9.54 -8.19
O7 NAG K . -38.45 6.54 -10.19
C1 NAG K . -35.62 12.33 -10.85
C2 NAG K . -34.86 13.66 -10.95
C3 NAG K . -35.74 14.76 -10.39
C4 NAG K . -37.06 14.80 -11.15
C5 NAG K . -37.72 13.41 -11.11
C6 NAG K . -38.96 13.33 -11.97
C7 NAG K . -32.41 13.44 -10.87
C8 NAG K . -31.23 13.39 -9.95
N2 NAG K . -33.60 13.58 -10.27
O3 NAG K . -35.04 15.97 -10.51
O4 NAG K . -37.88 15.77 -10.53
O5 NAG K . -36.81 12.43 -11.60
O6 NAG K . -38.73 13.96 -13.21
O7 NAG K . -32.28 13.36 -12.08
C1 BMA K . -38.11 16.84 -11.47
C2 BMA K . -39.26 17.69 -10.95
C3 BMA K . -39.47 18.89 -11.90
C4 BMA K . -38.16 19.65 -12.17
C5 BMA K . -37.02 18.71 -12.55
C6 BMA K . -35.67 19.40 -12.64
O2 BMA K . -38.95 18.10 -9.64
O3 BMA K . -40.45 19.71 -11.31
O4 BMA K . -38.42 20.56 -13.22
O5 BMA K . -36.96 17.64 -11.61
O6 BMA K . -35.42 20.01 -11.39
C1 MAN K . -34.34 20.96 -11.56
C2 MAN K . -33.80 21.31 -10.17
C3 MAN K . -34.85 22.10 -9.37
C4 MAN K . -35.32 23.31 -10.16
C5 MAN K . -35.82 22.85 -11.53
C6 MAN K . -36.20 24.03 -12.41
O2 MAN K . -32.62 22.06 -10.36
O3 MAN K . -34.25 22.47 -8.15
O4 MAN K . -36.34 23.93 -9.40
O5 MAN K . -34.81 22.13 -12.20
O6 MAN K . -37.18 23.61 -13.34
C1 NAG L . -21.13 -23.54 -23.07
C2 NAG L . -21.92 -24.30 -24.15
C3 NAG L . -21.48 -23.81 -25.52
C4 NAG L . -21.59 -22.29 -25.60
C5 NAG L . -20.81 -21.65 -24.46
C6 NAG L . -20.94 -20.14 -24.42
C7 NAG L . -22.61 -26.61 -23.61
C8 NAG L . -23.97 -26.04 -23.25
N2 NAG L . -21.69 -25.70 -24.02
O3 NAG L . -22.33 -24.43 -26.44
O4 NAG L . -21.04 -21.92 -26.84
O5 NAG L . -21.29 -22.15 -23.23
O6 NAG L . -20.64 -19.68 -23.12
O7 NAG L . -22.37 -27.80 -23.52
C1 NAG L . -22.13 -21.49 -27.69
C2 NAG L . -21.60 -20.45 -28.67
C3 NAG L . -22.77 -20.02 -29.56
C4 NAG L . -23.31 -21.25 -30.28
C5 NAG L . -23.75 -22.26 -29.22
C6 NAG L . -24.30 -23.56 -29.78
C7 NAG L . -19.73 -19.01 -27.94
C8 NAG L . -18.83 -19.93 -28.73
N2 NAG L . -21.04 -19.32 -27.97
O3 NAG L . -22.30 -19.06 -30.46
O4 NAG L . -24.39 -20.81 -31.06
O5 NAG L . -22.62 -22.59 -28.43
O6 NAG L . -23.56 -23.94 -30.92
O7 NAG L . -19.29 -18.05 -27.33
C1 BMA L . -24.13 -21.15 -32.45
C2 BMA L . -25.43 -20.87 -33.21
C3 BMA L . -25.18 -21.14 -34.71
C4 BMA L . -23.94 -20.40 -35.23
C5 BMA L . -22.73 -20.56 -34.32
C6 BMA L . -21.61 -19.59 -34.69
O2 BMA L . -25.80 -19.54 -32.96
O3 BMA L . -26.35 -20.74 -35.37
O4 BMA L . -23.67 -20.92 -36.53
O5 BMA L . -23.08 -20.36 -32.96
O6 BMA L . -22.27 -18.41 -35.11
C1 MAN L . -27.15 -21.91 -35.67
C2 MAN L . -27.98 -21.60 -36.93
C3 MAN L . -28.96 -20.49 -36.62
C4 MAN L . -29.84 -20.87 -35.43
C5 MAN L . -28.95 -21.23 -34.23
C6 MAN L . -29.76 -21.78 -33.08
O2 MAN L . -28.63 -22.78 -37.31
O3 MAN L . -29.72 -20.25 -37.78
O4 MAN L . -30.67 -19.76 -35.14
O5 MAN L . -28.01 -22.23 -34.60
O6 MAN L . -29.10 -22.91 -32.55
C1 NAG L . -27.66 -23.82 -37.59
C2 NAG L . -28.39 -25.16 -37.56
C3 NAG L . -27.38 -26.27 -37.84
C4 NAG L . -26.66 -26.00 -39.15
C5 NAG L . -26.05 -24.59 -39.13
C6 NAG L . -25.39 -24.21 -40.44
C7 NAG L . -30.36 -25.15 -36.08
C8 NAG L . -30.82 -25.41 -34.68
N2 NAG L . -29.05 -25.36 -36.30
O3 NAG L . -28.09 -27.48 -37.89
O4 NAG L . -25.66 -26.98 -39.29
O5 NAG L . -27.06 -23.64 -38.86
O6 NAG L . -26.27 -24.47 -41.51
O7 NAG L . -31.13 -24.75 -36.95
C1 MAN L . -21.41 -17.27 -34.97
C2 MAN L . -22.32 -16.05 -34.95
C3 MAN L . -23.08 -16.04 -36.27
C4 MAN L . -22.10 -15.94 -37.43
C5 MAN L . -21.10 -17.11 -37.34
C6 MAN L . -19.97 -16.95 -38.33
O2 MAN L . -21.49 -14.92 -34.81
O3 MAN L . -24.01 -14.98 -36.23
O4 MAN L . -22.86 -15.99 -38.61
O5 MAN L . -20.52 -17.18 -36.04
O6 MAN L . -18.87 -17.71 -37.89
C1 MAN L . -25.31 -15.54 -35.91
C2 MAN L . -26.35 -14.83 -36.78
C3 MAN L . -26.42 -13.36 -36.39
C4 MAN L . -26.68 -13.22 -34.90
C5 MAN L . -25.64 -14.02 -34.11
C6 MAN L . -25.97 -14.05 -32.63
O2 MAN L . -27.57 -15.49 -36.55
O3 MAN L . -27.43 -12.76 -37.17
O4 MAN L . -26.63 -11.84 -34.60
O5 MAN L . -25.61 -15.36 -34.56
O6 MAN L . -27.19 -14.71 -32.44
C1 NAG M . 27.58 18.90 16.23
C2 NAG M . 28.86 18.44 16.92
C3 NAG M . 29.14 19.38 18.09
C4 NAG M . 29.20 20.83 17.64
C5 NAG M . 27.93 21.16 16.85
C6 NAG M . 27.91 22.53 16.20
C7 NAG M . 27.82 16.53 18.16
C8 NAG M . 28.00 15.05 18.43
N2 NAG M . 28.76 17.07 17.37
O3 NAG M . 30.35 18.97 18.68
O4 NAG M . 29.29 21.59 18.83
O5 NAG M . 27.74 20.23 15.79
O6 NAG M . 29.11 22.74 15.50
O7 NAG M . 26.88 17.13 18.66
C1 NAG M . 30.39 22.56 18.85
C2 NAG M . 31.68 21.91 18.32
C3 NAG M . 32.80 22.95 18.25
C4 NAG M . 32.34 24.17 17.45
C5 NAG M . 31.03 24.71 18.03
C6 NAG M . 30.47 25.86 17.22
C7 NAG M . 32.30 20.72 20.45
C8 NAG M . 32.76 19.38 20.96
N2 NAG M . 32.11 20.78 19.12
O3 NAG M . 33.92 22.35 17.67
O4 NAG M . 33.37 25.13 17.54
O5 NAG M . 30.06 23.68 18.06
O6 NAG M . 30.66 27.06 17.92
O7 NAG M . 32.13 21.66 21.22
C1 NAG N . 3.84 -13.51 29.69
C2 NAG N . 4.37 -14.18 30.95
C3 NAG N . 5.88 -14.03 31.03
C4 NAG N . 6.53 -14.52 29.75
C5 NAG N . 5.92 -13.79 28.54
C6 NAG N . 6.40 -14.34 27.22
C7 NAG N . 2.59 -13.96 32.65
C8 NAG N . 2.17 -13.19 33.87
N2 NAG N . 3.77 -13.59 32.12
O3 NAG N . 6.30 -14.81 32.12
O4 NAG N . 7.89 -14.19 29.87
O5 NAG N . 4.52 -13.96 28.55
O6 NAG N . 6.01 -15.69 27.09
O7 NAG N . 1.90 -14.87 32.19
C1 NAG N . 8.67 -15.40 29.72
C2 NAG N . 10.16 -15.06 29.88
C3 NAG N . 10.98 -16.33 29.75
C4 NAG N . 10.50 -17.37 30.75
C5 NAG N . 8.99 -17.59 30.57
C6 NAG N . 8.42 -18.54 31.59
C7 NAG N . 10.40 -12.77 29.01
C8 NAG N . 10.87 -11.95 27.85
N2 NAG N . 10.55 -14.09 28.88
O3 NAG N . 12.31 -15.98 30.00
O4 NAG N . 11.20 -18.56 30.47
O5 NAG N . 8.30 -16.37 30.68
O6 NAG N . 8.91 -19.84 31.37
O7 NAG N . 9.91 -12.24 30.00
C1 BMA N . 12.10 -18.86 31.56
C2 BMA N . 12.66 -20.26 31.31
C3 BMA N . 13.68 -20.59 32.41
C4 BMA N . 14.76 -19.49 32.48
C5 BMA N . 14.13 -18.11 32.62
C6 BMA N . 15.15 -16.99 32.56
O2 BMA N . 13.24 -20.28 30.03
O3 BMA N . 14.22 -21.85 32.13
O4 BMA N . 15.62 -19.79 33.56
O5 BMA N . 13.15 -17.92 31.62
O6 BMA N . 16.17 -17.38 31.65
C1 MAN N . 16.27 -16.39 30.61
C2 MAN N . 15.41 -16.85 29.44
C3 MAN N . 15.96 -18.16 28.87
C4 MAN N . 17.41 -17.99 28.48
C5 MAN N . 18.21 -17.45 29.66
C6 MAN N . 19.62 -17.08 29.26
O2 MAN N . 15.44 -15.82 28.48
O3 MAN N . 15.14 -18.52 27.78
O4 MAN N . 17.88 -19.26 28.06
O5 MAN N . 17.60 -16.27 30.18
O6 MAN N . 19.56 -16.03 28.33
C1 NAG O . 3.13 -36.22 2.22
C2 NAG O . 3.84 -37.58 2.25
C3 NAG O . 5.21 -37.40 1.61
C4 NAG O . 5.06 -36.82 0.21
C5 NAG O . 4.25 -35.53 0.27
C6 NAG O . 3.97 -34.93 -1.09
C7 NAG O . 3.15 -38.82 4.32
C8 NAG O . 1.88 -39.28 3.61
N2 NAG O . 4.00 -38.05 3.60
O3 NAG O . 5.79 -38.68 1.62
O4 NAG O . 6.34 -36.48 -0.30
O5 NAG O . 3.00 -35.77 0.89
O6 NAG O . 2.81 -34.14 -1.02
O7 NAG O . 3.38 -39.16 5.47
C1 NAG O . 6.97 -37.59 -0.95
C2 NAG O . 7.85 -37.06 -2.09
C3 NAG O . 8.62 -38.22 -2.71
C4 NAG O . 9.40 -38.95 -1.63
C5 NAG O . 8.44 -39.41 -0.53
C6 NAG O . 9.13 -40.09 0.63
C7 NAG O . 6.69 -35.14 -3.12
C8 NAG O . 5.83 -34.72 -4.28
N2 NAG O . 7.03 -36.44 -3.10
O3 NAG O . 9.48 -37.67 -3.66
O4 NAG O . 10.00 -40.07 -2.24
O5 NAG O . 7.77 -38.28 -0.02
O6 NAG O . 8.22 -40.26 1.69
O7 NAG O . 7.06 -34.34 -2.28
C1 BMA O . 11.42 -39.86 -2.25
C2 BMA O . 12.10 -41.20 -2.49
C3 BMA O . 13.62 -40.96 -2.52
C4 BMA O . 13.94 -39.93 -3.61
C5 BMA O . 13.15 -38.65 -3.40
C6 BMA O . 13.34 -37.64 -4.52
O2 BMA O . 11.64 -41.70 -3.71
O3 BMA O . 14.23 -42.20 -2.74
O4 BMA O . 15.33 -39.68 -3.59
O5 BMA O . 11.77 -38.97 -3.29
O6 BMA O . 13.00 -38.32 -5.70
C1 MAN O . 13.18 -37.45 -6.83
C2 MAN O . 12.51 -38.12 -8.02
C3 MAN O . 13.22 -39.44 -8.30
C4 MAN O . 14.69 -39.18 -8.58
C5 MAN O . 15.30 -38.42 -7.39
C6 MAN O . 16.72 -37.96 -7.66
O2 MAN O . 12.61 -37.23 -9.10
O3 MAN O . 12.56 -40.09 -9.36
O4 MAN O . 15.30 -40.44 -8.77
O5 MAN O . 14.54 -37.26 -7.10
O6 MAN O . 17.37 -38.88 -8.51
C1 MAN O . 11.34 -40.67 -8.87
C2 MAN O . 11.52 -42.18 -8.84
C3 MAN O . 11.64 -42.73 -10.26
C4 MAN O . 10.49 -42.25 -11.12
C5 MAN O . 10.37 -40.73 -11.05
C6 MAN O . 9.15 -40.21 -11.77
O2 MAN O . 10.38 -42.71 -8.18
O3 MAN O . 11.71 -44.13 -10.17
O4 MAN O . 10.75 -42.70 -12.44
O5 MAN O . 10.26 -40.32 -9.69
O6 MAN O . 8.38 -39.45 -10.88
C1 MAN O . 18.01 -38.14 -9.57
C2 MAN O . 19.27 -37.47 -8.99
C3 MAN O . 19.47 -36.10 -9.61
C4 MAN O . 19.10 -36.10 -11.09
C5 MAN O . 17.61 -36.46 -11.23
C6 MAN O . 17.36 -37.35 -12.42
O2 MAN O . 20.35 -38.34 -9.26
O3 MAN O . 20.83 -35.74 -9.42
O4 MAN O . 19.38 -34.81 -11.60
O5 MAN O . 17.16 -37.15 -10.08
O6 MAN O . 15.97 -37.39 -12.69
C1 MAN O . 14.45 -42.88 -1.49
C2 MAN O . 15.77 -43.63 -1.58
C3 MAN O . 15.69 -44.65 -2.71
C4 MAN O . 14.49 -45.58 -2.52
C5 MAN O . 13.22 -44.76 -2.28
C6 MAN O . 12.05 -45.64 -1.88
O2 MAN O . 15.97 -44.25 -0.34
O3 MAN O . 16.91 -45.37 -2.72
O4 MAN O . 14.39 -46.36 -3.69
O5 MAN O . 13.42 -43.82 -1.26
O6 MAN O . 11.04 -44.83 -1.31
N1 ACH P . 1.51 13.56 18.23
C2 ACH P . 2.39 12.40 17.88
C3 ACH P . 3.25 12.57 16.66
O4 ACH P . 4.34 13.48 16.92
C5 ACH P . 5.32 13.53 16.01
O7 ACH P . 5.32 12.85 15.03
C6 ACH P . 6.37 14.52 16.40
C8 ACH P . 0.32 13.07 19.00
C9 ACH P . 2.25 14.55 19.08
C10 ACH P . 1.02 14.25 16.99
C1 NAG Q . 29.25 -22.73 -30.53
C2 NAG Q . 30.75 -22.48 -30.31
C3 NAG Q . 31.53 -23.07 -31.49
C4 NAG Q . 31.18 -24.54 -31.64
C5 NAG Q . 29.67 -24.68 -31.80
C6 NAG Q . 29.22 -26.13 -31.92
C7 NAG Q . 31.13 -20.39 -29.06
C8 NAG Q . 31.41 -18.91 -29.22
N2 NAG Q . 31.02 -21.07 -30.21
O3 NAG Q . 32.90 -22.89 -31.22
O4 NAG Q . 31.88 -25.04 -32.75
O5 NAG Q . 29.01 -24.11 -30.70
O6 NAG Q . 27.81 -26.19 -31.99
O7 NAG Q . 31.03 -20.90 -27.96
N1 ACH R . 6.83 -24.14 -15.47
C2 ACH R . 6.12 -23.02 -16.21
C3 ACH R . 6.93 -21.76 -16.43
O4 ACH R . 7.82 -21.92 -17.56
C5 ACH R . 8.28 -20.81 -18.12
O7 ACH R . 7.99 -19.71 -17.71
C6 ACH R . 9.18 -21.09 -19.28
C8 ACH R . 5.81 -25.10 -14.94
C9 ACH R . 7.75 -24.87 -16.40
C10 ACH R . 7.62 -23.60 -14.33
CU CU S . 32.97 5.72 4.80
#